data_8RXT
#
_entry.id   8RXT
#
_cell.length_a   1.00
_cell.length_b   1.00
_cell.length_c   1.00
_cell.angle_alpha   90.00
_cell.angle_beta   90.00
_cell.angle_gamma   90.00
#
_symmetry.space_group_name_H-M   'P 1'
#
loop_
_entity.id
_entity.type
_entity.pdbx_description
1 polymer 'Competence related protein ComM'
2 non-polymer 'PHOSPHOAMINOPHOSPHONIC ACID-ADENYLATE ESTER'
#
_entity_poly.entity_id   1
_entity_poly.type   'polypeptide(L)'
_entity_poly.pdbx_seq_one_letter_code
;MSLAFTKTRSTIGIVAQPVSVEVHLSNGLPSFTMVGLAETAVKESKDRVRSAIINSQFEFPCRKITVNLGPANLPKTGSG
FDLPIALGILAASEQIPLTNLANHEFIGELALSGELRGVSAIIPAVLAAHKDNQHLIIANANAAEASLTGHQKVFTANNL
REVCDYLCQGTSLQSLPPKPDLLLNNYELDWSDIKGQQHAKNAMVIAACGGHSILLSGAPGSGKTMMAKRFSTLLPELSE
TQALECAAINSIRGKLPDFREWRLPPFRAPHHTASPVALVGGGNPPKPGEISLAHHGVLFLDELPEFNRQVLETLREPLE
SGHICISRAAAQIEFPAKFQLIAAMNPCPCGQWGNSQANCMCTPDRISRYLAKLSAPLLDRIDMQVTIHALSQEELIKPN
THLEKQSLAIREKVTKMHEIQMARQDSLNANLNSKTCEMVCELGSEEQLFLREVMSKLKLSARGYHRLLKVSRTIADMNS
SKKVLLNHLQQALSYKQNLHLPKHHHHHH
;
_entity_poly.pdbx_strand_id   A,B,C,D,E,F
#
loop_
_chem_comp.id
_chem_comp.type
_chem_comp.name
_chem_comp.formula
ANP non-polymer 'PHOSPHOAMINOPHOSPHONIC ACID-ADENYLATE ESTER' 'C10 H17 N6 O12 P3'
#
# COMPACT_ATOMS: atom_id res chain seq x y z
N MET A 1 -47.11 -4.88 28.01
CA MET A 1 -46.08 -4.08 27.35
C MET A 1 -45.67 -4.73 26.04
N SER A 2 -45.60 -3.92 24.98
CA SER A 2 -45.30 -4.41 23.64
C SER A 2 -43.78 -4.58 23.46
N LEU A 3 -43.22 -5.49 24.23
CA LEU A 3 -41.80 -5.82 24.14
C LEU A 3 -41.64 -7.32 24.22
N ALA A 4 -40.66 -7.84 23.48
CA ALA A 4 -40.38 -9.27 23.48
C ALA A 4 -38.89 -9.49 23.28
N PHE A 5 -38.40 -10.62 23.77
CA PHE A 5 -37.00 -11.01 23.66
C PHE A 5 -36.88 -12.28 22.85
N THR A 6 -35.78 -12.41 22.12
CA THR A 6 -35.52 -13.59 21.32
C THR A 6 -34.01 -13.79 21.22
N LYS A 7 -33.58 -15.04 21.23
CA LYS A 7 -32.16 -15.38 21.27
C LYS A 7 -31.72 -15.99 19.93
N THR A 8 -30.47 -15.72 19.58
CA THR A 8 -29.88 -16.25 18.36
C THR A 8 -28.36 -16.24 18.53
N ARG A 9 -27.67 -16.86 17.58
CA ARG A 9 -26.22 -16.97 17.60
C ARG A 9 -25.62 -16.29 16.39
N SER A 10 -24.64 -15.42 16.64
CA SER A 10 -23.87 -14.79 15.58
C SER A 10 -22.61 -15.62 15.32
N THR A 11 -21.67 -15.07 14.55
CA THR A 11 -20.45 -15.78 14.24
C THR A 11 -19.31 -14.78 14.06
N ILE A 12 -18.42 -14.72 15.04
CA ILE A 12 -17.17 -13.97 14.94
C ILE A 12 -16.06 -14.88 15.45
N GLY A 13 -15.28 -15.43 14.53
CA GLY A 13 -14.52 -16.63 14.83
C GLY A 13 -15.45 -17.83 14.76
N ILE A 14 -14.90 -19.00 15.05
CA ILE A 14 -15.73 -20.20 14.95
C ILE A 14 -16.66 -20.35 16.15
N VAL A 15 -16.37 -19.72 17.28
CA VAL A 15 -17.24 -19.82 18.44
C VAL A 15 -18.35 -18.77 18.31
N ALA A 16 -19.60 -19.23 18.49
CA ALA A 16 -20.79 -18.43 18.22
C ALA A 16 -21.25 -17.72 19.49
N GLN A 17 -20.98 -16.43 19.56
CA GLN A 17 -21.45 -15.62 20.68
C GLN A 17 -22.97 -15.48 20.62
N PRO A 18 -23.66 -15.54 21.76
CA PRO A 18 -25.11 -15.37 21.76
C PRO A 18 -25.50 -13.93 21.43
N VAL A 19 -26.71 -13.78 20.90
CA VAL A 19 -27.26 -12.49 20.52
C VAL A 19 -28.68 -12.38 21.04
N SER A 20 -28.98 -11.27 21.71
CA SER A 20 -30.31 -11.01 22.25
C SER A 20 -31.04 -10.07 21.30
N VAL A 21 -31.95 -10.61 20.52
CA VAL A 21 -32.78 -9.77 19.63
C VAL A 21 -33.92 -9.19 20.46
N GLU A 22 -34.09 -7.88 20.36
CA GLU A 22 -35.07 -7.16 21.16
C GLU A 22 -35.94 -6.33 20.23
N VAL A 23 -37.25 -6.39 20.43
CA VAL A 23 -38.20 -5.65 19.61
C VAL A 23 -39.14 -4.89 20.55
N HIS A 24 -39.29 -3.59 20.30
CA HIS A 24 -40.18 -2.75 21.09
C HIS A 24 -41.05 -1.94 20.13
N LEU A 25 -42.34 -1.88 20.40
CA LEU A 25 -43.29 -1.16 19.57
C LEU A 25 -43.68 0.14 20.26
N SER A 26 -43.63 1.24 19.53
CA SER A 26 -43.98 2.55 20.04
C SER A 26 -45.23 3.05 19.34
N ASN A 27 -45.90 4.02 19.98
CA ASN A 27 -47.16 4.53 19.45
C ASN A 27 -46.94 5.74 18.54
N GLY A 28 -45.73 5.88 18.00
CA GLY A 28 -45.44 6.94 17.06
C GLY A 28 -45.89 6.60 15.65
N LEU A 29 -45.46 7.43 14.72
CA LEU A 29 -45.73 7.18 13.32
C LEU A 29 -44.98 5.93 12.85
N PRO A 30 -45.54 5.17 11.90
CA PRO A 30 -44.92 3.90 11.51
C PRO A 30 -43.53 4.10 10.93
N SER A 31 -42.57 3.33 11.44
CA SER A 31 -41.19 3.38 10.98
C SER A 31 -40.49 2.13 11.47
N PHE A 32 -39.35 1.83 10.87
CA PHE A 32 -38.58 0.65 11.21
C PHE A 32 -37.11 1.04 11.30
N THR A 33 -36.42 0.52 12.31
CA THR A 33 -35.04 0.92 12.56
C THR A 33 -34.27 -0.22 13.23
N MET A 34 -33.09 -0.51 12.71
CA MET A 34 -32.17 -1.43 13.37
C MET A 34 -31.25 -0.66 14.31
N VAL A 35 -30.84 -1.33 15.38
CA VAL A 35 -29.98 -0.73 16.38
C VAL A 35 -28.87 -1.72 16.71
N GLY A 36 -27.64 -1.22 16.79
CA GLY A 36 -26.48 -2.07 16.97
C GLY A 36 -25.75 -2.29 15.66
N LEU A 37 -24.43 -2.48 15.76
CA LEU A 37 -23.63 -2.65 14.56
C LEU A 37 -24.09 -3.87 13.77
N ALA A 38 -24.51 -3.64 12.54
CA ALA A 38 -24.99 -4.70 11.67
C ALA A 38 -24.64 -4.35 10.23
N GLU A 39 -24.16 -5.34 9.49
CA GLU A 39 -23.79 -5.11 8.10
C GLU A 39 -25.02 -4.77 7.27
N THR A 40 -24.78 -4.41 6.00
CA THR A 40 -25.86 -4.02 5.11
C THR A 40 -26.87 -5.16 4.93
N ALA A 41 -26.36 -6.39 4.80
CA ALA A 41 -27.25 -7.54 4.63
C ALA A 41 -28.19 -7.69 5.81
N VAL A 42 -27.78 -7.27 6.99
CA VAL A 42 -28.65 -7.36 8.16
C VAL A 42 -29.65 -6.22 8.19
N LYS A 43 -29.18 -4.99 7.97
CA LYS A 43 -30.08 -3.85 8.06
C LYS A 43 -31.11 -3.84 6.93
N GLU A 44 -30.83 -4.51 5.81
CA GLU A 44 -31.83 -4.62 4.76
C GLU A 44 -32.93 -5.63 5.07
N SER A 45 -32.91 -6.22 6.26
CA SER A 45 -33.89 -7.27 6.59
C SER A 45 -35.31 -6.74 6.62
N LYS A 46 -35.49 -5.46 6.95
CA LYS A 46 -36.80 -4.87 7.21
C LYS A 46 -37.87 -5.34 6.24
N ASP A 47 -37.62 -5.16 4.94
CA ASP A 47 -38.63 -5.42 3.94
C ASP A 47 -38.97 -6.90 3.85
N ARG A 48 -37.95 -7.77 3.88
CA ARG A 48 -38.21 -9.20 3.81
C ARG A 48 -38.97 -9.69 5.03
N VAL A 49 -38.61 -9.21 6.23
CA VAL A 49 -39.34 -9.60 7.43
C VAL A 49 -40.78 -9.12 7.34
N ARG A 50 -40.99 -7.89 6.88
CA ARG A 50 -42.34 -7.33 6.77
C ARG A 50 -43.19 -8.17 5.82
N SER A 51 -42.65 -8.45 4.63
CA SER A 51 -43.39 -9.23 3.65
C SER A 51 -43.67 -10.64 4.15
N ALA A 52 -42.69 -11.26 4.82
CA ALA A 52 -42.88 -12.60 5.34
C ALA A 52 -43.99 -12.63 6.37
N ILE A 53 -44.04 -11.64 7.26
CA ILE A 53 -45.12 -11.58 8.23
C ILE A 53 -46.46 -11.37 7.53
N ILE A 54 -46.49 -10.48 6.54
CA ILE A 54 -47.75 -10.14 5.88
C ILE A 54 -48.32 -11.33 5.12
N ASN A 55 -47.46 -12.03 4.36
CA ASN A 55 -47.95 -13.07 3.46
C ASN A 55 -48.34 -14.34 4.20
N SER A 56 -47.84 -14.55 5.42
CA SER A 56 -48.20 -15.72 6.20
C SER A 56 -49.51 -15.55 6.95
N GLN A 57 -50.35 -14.61 6.53
CA GLN A 57 -51.67 -14.33 7.07
C GLN A 57 -51.62 -13.73 8.47
N PHE A 58 -50.46 -13.24 8.92
CA PHE A 58 -50.39 -12.46 10.14
C PHE A 58 -50.66 -10.99 9.83
N GLU A 59 -50.65 -10.17 10.87
CA GLU A 59 -50.84 -8.73 10.73
C GLU A 59 -49.57 -8.01 11.18
N PHE A 60 -48.97 -7.26 10.26
CA PHE A 60 -47.81 -6.46 10.61
C PHE A 60 -48.25 -5.17 11.30
N PRO A 61 -47.69 -4.86 12.47
CA PRO A 61 -48.15 -3.68 13.21
C PRO A 61 -47.92 -2.39 12.43
N CYS A 62 -48.89 -1.48 12.53
CA CYS A 62 -48.78 -0.14 11.98
C CYS A 62 -48.27 0.84 13.03
N ARG A 63 -47.12 0.53 13.62
CA ARG A 63 -46.58 1.29 14.72
C ARG A 63 -45.07 1.43 14.56
N LYS A 64 -44.50 2.39 15.27
CA LYS A 64 -43.05 2.54 15.29
C LYS A 64 -42.41 1.32 15.93
N ILE A 65 -41.54 0.66 15.20
CA ILE A 65 -40.86 -0.55 15.65
C ILE A 65 -39.39 -0.24 15.87
N THR A 66 -38.90 -0.49 17.08
CA THR A 66 -37.49 -0.35 17.40
C THR A 66 -36.92 -1.74 17.63
N VAL A 67 -35.93 -2.12 16.83
CA VAL A 67 -35.34 -3.44 16.89
C VAL A 67 -33.88 -3.29 17.29
N ASN A 68 -33.56 -3.76 18.49
CA ASN A 68 -32.18 -3.81 18.97
C ASN A 68 -31.74 -5.26 19.09
N LEU A 69 -30.65 -5.61 18.43
CA LEU A 69 -30.08 -6.94 18.49
C LEU A 69 -28.70 -6.84 19.11
N GLY A 70 -28.67 -6.80 20.44
CA GLY A 70 -27.45 -6.62 21.18
C GLY A 70 -26.66 -7.91 21.29
N PRO A 71 -25.48 -7.82 21.95
CA PRO A 71 -24.88 -6.64 22.57
C PRO A 71 -24.43 -5.58 21.57
N ALA A 72 -24.29 -4.33 22.01
CA ALA A 72 -24.06 -3.23 21.09
C ALA A 72 -22.68 -3.24 20.45
N ASN A 73 -21.71 -3.95 21.04
CA ASN A 73 -20.34 -3.87 20.56
C ASN A 73 -19.98 -4.93 19.52
N LEU A 74 -20.59 -6.11 19.58
CA LEU A 74 -20.25 -7.17 18.62
C LEU A 74 -20.89 -6.90 17.27
N PRO A 75 -20.11 -6.82 16.18
CA PRO A 75 -20.72 -6.65 14.86
C PRO A 75 -21.52 -7.88 14.45
N LYS A 76 -22.59 -7.65 13.70
CA LYS A 76 -23.49 -8.70 13.23
C LYS A 76 -23.33 -8.81 11.72
N THR A 77 -22.99 -10.00 11.22
CA THR A 77 -22.67 -10.19 9.82
C THR A 77 -23.65 -11.11 9.11
N GLY A 78 -24.04 -12.22 9.73
CA GLY A 78 -24.84 -13.21 9.03
C GLY A 78 -26.22 -12.71 8.67
N SER A 79 -26.81 -13.36 7.68
CA SER A 79 -28.14 -13.01 7.21
C SER A 79 -29.25 -13.77 7.95
N GLY A 80 -28.89 -14.64 8.87
CA GLY A 80 -29.85 -15.50 9.52
C GLY A 80 -30.71 -14.85 10.59
N PHE A 81 -30.58 -13.54 10.79
CA PHE A 81 -31.33 -12.87 11.86
C PHE A 81 -32.80 -12.66 11.54
N ASP A 82 -33.25 -12.92 10.31
CA ASP A 82 -34.60 -12.55 9.93
C ASP A 82 -35.65 -13.27 10.79
N LEU A 83 -35.47 -14.56 11.02
CA LEU A 83 -36.44 -15.31 11.80
C LEU A 83 -36.54 -14.81 13.24
N PRO A 84 -35.44 -14.56 13.96
CA PRO A 84 -35.59 -13.96 15.30
C PRO A 84 -36.36 -12.65 15.31
N ILE A 85 -36.13 -11.77 14.33
CA ILE A 85 -36.84 -10.49 14.32
C ILE A 85 -38.32 -10.71 14.01
N ALA A 86 -38.63 -11.59 13.07
CA ALA A 86 -40.03 -11.85 12.74
C ALA A 86 -40.76 -12.42 13.95
N LEU A 87 -40.14 -13.38 14.63
CA LEU A 87 -40.78 -13.97 15.81
C LEU A 87 -40.89 -12.97 16.94
N GLY A 88 -39.89 -12.11 17.11
CA GLY A 88 -39.98 -11.08 18.14
C GLY A 88 -41.10 -10.09 17.85
N ILE A 89 -41.25 -9.70 16.59
CA ILE A 89 -42.34 -8.80 16.22
C ILE A 89 -43.68 -9.46 16.47
N LEU A 90 -43.81 -10.73 16.10
CA LEU A 90 -45.07 -11.43 16.34
C LEU A 90 -45.36 -11.55 17.83
N ALA A 91 -44.35 -11.86 18.63
CA ALA A 91 -44.54 -11.97 20.08
C ALA A 91 -44.94 -10.63 20.68
N ALA A 92 -44.31 -9.55 20.21
CA ALA A 92 -44.60 -8.23 20.74
C ALA A 92 -46.05 -7.84 20.47
N SER A 93 -46.56 -8.16 19.29
CA SER A 93 -47.91 -7.77 18.89
C SER A 93 -48.98 -8.72 19.43
N GLU A 94 -48.65 -9.52 20.45
CA GLU A 94 -49.58 -10.43 21.12
C GLU A 94 -50.11 -11.53 20.22
N GLN A 95 -49.55 -11.70 19.02
CA GLN A 95 -49.97 -12.77 18.13
C GLN A 95 -49.38 -14.12 18.50
N ILE A 96 -48.38 -14.15 19.37
CA ILE A 96 -47.76 -15.39 19.83
C ILE A 96 -47.57 -15.32 21.33
N PRO A 97 -47.91 -16.37 22.08
CA PRO A 97 -47.59 -16.38 23.53
C PRO A 97 -46.09 -16.42 23.75
N LEU A 98 -45.59 -15.47 24.54
CA LEU A 98 -44.16 -15.25 24.66
C LEU A 98 -43.48 -16.38 25.44
N THR A 99 -44.20 -17.01 26.37
CA THR A 99 -43.58 -17.95 27.30
C THR A 99 -42.86 -19.09 26.58
N ASN A 100 -43.39 -19.54 25.44
CA ASN A 100 -42.79 -20.67 24.73
C ASN A 100 -41.39 -20.36 24.20
N LEU A 101 -41.02 -19.08 24.10
CA LEU A 101 -39.73 -18.71 23.54
C LEU A 101 -38.58 -18.86 24.54
N ALA A 102 -38.87 -19.33 25.76
CA ALA A 102 -37.87 -19.27 26.82
C ALA A 102 -36.61 -20.06 26.50
N ASN A 103 -36.75 -21.27 25.97
CA ASN A 103 -35.62 -22.17 25.80
C ASN A 103 -35.30 -22.45 24.33
N HIS A 104 -35.72 -21.58 23.42
CA HIS A 104 -35.56 -21.81 21.99
C HIS A 104 -34.68 -20.74 21.36
N GLU A 105 -33.80 -21.17 20.46
CA GLU A 105 -33.01 -20.28 19.63
C GLU A 105 -33.45 -20.44 18.18
N PHE A 106 -33.50 -19.33 17.45
CA PHE A 106 -33.98 -19.32 16.08
C PHE A 106 -32.93 -18.77 15.15
N ILE A 107 -32.70 -19.46 14.03
CA ILE A 107 -31.77 -19.02 12.99
C ILE A 107 -32.39 -19.31 11.64
N GLY A 108 -32.36 -18.32 10.75
CA GLY A 108 -32.84 -18.52 9.39
C GLY A 108 -33.17 -17.23 8.68
N GLU A 109 -33.09 -17.23 7.35
CA GLU A 109 -33.49 -16.10 6.54
C GLU A 109 -34.78 -16.44 5.80
N LEU A 110 -35.61 -15.43 5.58
CA LEU A 110 -36.96 -15.63 5.08
C LEU A 110 -37.12 -15.07 3.68
N ALA A 111 -37.66 -15.88 2.79
CA ALA A 111 -38.11 -15.41 1.49
C ALA A 111 -39.39 -14.60 1.65
N LEU A 112 -39.78 -13.90 0.59
CA LEU A 112 -40.95 -13.04 0.67
C LEU A 112 -42.22 -13.83 0.93
N SER A 113 -42.29 -15.07 0.45
CA SER A 113 -43.47 -15.90 0.67
C SER A 113 -43.54 -16.47 2.07
N GLY A 114 -42.50 -16.31 2.88
CA GLY A 114 -42.46 -16.84 4.21
C GLY A 114 -41.75 -18.16 4.37
N GLU A 115 -41.28 -18.76 3.28
CA GLU A 115 -40.52 -19.99 3.39
C GLU A 115 -39.11 -19.69 3.89
N LEU A 116 -38.58 -20.62 4.69
CA LEU A 116 -37.28 -20.43 5.32
C LEU A 116 -36.17 -20.93 4.39
N ARG A 117 -35.27 -20.03 4.04
CA ARG A 117 -34.09 -20.40 3.27
C ARG A 117 -32.96 -20.80 4.20
N GLY A 118 -32.11 -21.70 3.74
CA GLY A 118 -30.95 -22.09 4.52
C GLY A 118 -29.90 -21.00 4.54
N VAL A 119 -29.08 -21.02 5.58
CA VAL A 119 -28.00 -20.05 5.74
C VAL A 119 -26.70 -20.81 5.97
N SER A 120 -25.60 -20.19 5.53
CA SER A 120 -24.30 -20.82 5.68
C SER A 120 -23.84 -20.76 7.13
N ALA A 121 -22.86 -21.62 7.46
CA ALA A 121 -22.21 -21.63 8.76
C ALA A 121 -23.21 -21.92 9.88
N ILE A 122 -23.90 -23.05 9.77
CA ILE A 122 -24.86 -23.44 10.79
C ILE A 122 -24.24 -24.36 11.84
N ILE A 123 -23.10 -24.99 11.52
CA ILE A 123 -22.49 -25.92 12.47
C ILE A 123 -22.04 -25.22 13.75
N PRO A 124 -21.28 -24.11 13.71
CA PRO A 124 -20.92 -23.47 14.98
C PRO A 124 -22.13 -23.10 15.81
N ALA A 125 -23.20 -22.67 15.15
CA ALA A 125 -24.41 -22.30 15.87
C ALA A 125 -25.02 -23.49 16.62
N VAL A 126 -25.07 -24.65 15.97
CA VAL A 126 -25.69 -25.79 16.63
C VAL A 126 -24.80 -26.30 17.78
N LEU A 127 -23.48 -26.30 17.60
CA LEU A 127 -22.63 -26.66 18.73
C LEU A 127 -22.77 -25.69 19.90
N ALA A 128 -22.89 -24.38 19.61
CA ALA A 128 -23.11 -23.44 20.70
C ALA A 128 -24.46 -23.67 21.38
N ALA A 129 -25.50 -23.93 20.60
CA ALA A 129 -26.83 -24.12 21.16
C ALA A 129 -26.88 -25.37 22.04
N HIS A 130 -26.21 -26.44 21.62
CA HIS A 130 -26.20 -27.65 22.44
C HIS A 130 -25.51 -27.39 23.78
N LYS A 131 -24.43 -26.62 23.77
CA LYS A 131 -23.76 -26.27 25.01
C LYS A 131 -24.68 -25.44 25.90
N ASP A 132 -25.39 -24.47 25.33
CA ASP A 132 -26.35 -23.73 26.15
C ASP A 132 -27.65 -24.48 26.38
N ASN A 133 -27.70 -25.76 26.00
CA ASN A 133 -28.82 -26.68 26.22
C ASN A 133 -30.17 -26.09 25.79
N GLN A 134 -30.15 -25.03 24.98
CA GLN A 134 -31.37 -24.43 24.47
C GLN A 134 -31.80 -25.12 23.18
N HIS A 135 -33.12 -25.25 23.00
CA HIS A 135 -33.64 -25.81 21.76
C HIS A 135 -33.32 -24.88 20.60
N LEU A 136 -33.18 -25.46 19.41
CA LEU A 136 -32.78 -24.74 18.22
C LEU A 136 -33.72 -25.07 17.08
N ILE A 137 -34.24 -24.03 16.42
CA ILE A 137 -35.11 -24.19 15.26
C ILE A 137 -34.43 -23.53 14.07
N ILE A 138 -34.16 -24.31 13.03
CA ILE A 138 -33.41 -23.85 11.87
C ILE A 138 -34.22 -24.13 10.60
N ALA A 139 -33.75 -23.56 9.50
CA ALA A 139 -34.40 -23.75 8.21
C ALA A 139 -34.33 -25.20 7.76
N ASN A 140 -35.39 -25.66 7.10
CA ASN A 140 -35.43 -27.04 6.62
C ASN A 140 -34.30 -27.32 5.65
N ALA A 141 -33.98 -26.35 4.79
CA ALA A 141 -32.93 -26.55 3.79
C ALA A 141 -31.56 -26.75 4.42
N ASN A 142 -31.40 -26.39 5.69
CA ASN A 142 -30.13 -26.54 6.38
C ASN A 142 -30.00 -27.86 7.11
N ALA A 143 -30.97 -28.76 6.97
CA ALA A 143 -30.99 -30.00 7.76
C ALA A 143 -29.75 -30.85 7.49
N ALA A 144 -29.29 -30.89 6.24
CA ALA A 144 -28.20 -31.79 5.88
C ALA A 144 -26.92 -31.44 6.63
N GLU A 145 -26.68 -30.16 6.91
CA GLU A 145 -25.46 -29.78 7.62
C GLU A 145 -25.55 -30.13 9.10
N ALA A 146 -26.70 -29.88 9.73
CA ALA A 146 -26.84 -30.15 11.16
C ALA A 146 -26.81 -31.64 11.47
N SER A 147 -27.17 -32.49 10.50
CA SER A 147 -27.14 -33.93 10.72
C SER A 147 -25.72 -34.44 10.95
N LEU A 148 -24.70 -33.68 10.54
CA LEU A 148 -23.32 -34.16 10.67
C LEU A 148 -22.96 -34.37 12.14
N THR A 149 -23.32 -33.42 13.00
CA THR A 149 -23.02 -33.57 14.42
C THR A 149 -23.95 -34.57 15.09
N GLY A 150 -25.18 -34.71 14.60
CA GLY A 150 -26.11 -35.69 15.15
C GLY A 150 -26.69 -35.34 16.50
N HIS A 151 -26.67 -34.07 16.89
CA HIS A 151 -27.17 -33.69 18.20
C HIS A 151 -28.69 -33.59 18.21
N GLN A 152 -29.29 -33.88 19.36
CA GLN A 152 -30.73 -33.83 19.53
C GLN A 152 -31.17 -32.39 19.76
N LYS A 153 -32.48 -32.18 19.91
CA LYS A 153 -33.10 -30.90 20.20
C LYS A 153 -33.02 -29.96 19.00
N VAL A 154 -32.51 -30.45 17.88
CA VAL A 154 -32.51 -29.67 16.64
C VAL A 154 -33.83 -29.91 15.91
N PHE A 155 -34.46 -28.82 15.48
CA PHE A 155 -35.74 -28.91 14.79
C PHE A 155 -35.69 -28.02 13.56
N THR A 156 -36.23 -28.52 12.45
CA THR A 156 -36.15 -27.83 11.17
C THR A 156 -37.55 -27.55 10.62
N ALA A 157 -37.72 -26.39 10.01
CA ALA A 157 -39.01 -25.96 9.47
C ALA A 157 -38.80 -25.34 8.10
N ASN A 158 -39.86 -25.37 7.29
CA ASN A 158 -39.84 -24.82 5.95
C ASN A 158 -40.74 -23.60 5.77
N ASN A 159 -41.60 -23.30 6.74
CA ASN A 159 -42.48 -22.14 6.66
C ASN A 159 -42.62 -21.55 8.05
N LEU A 160 -42.71 -20.21 8.12
CA LEU A 160 -42.85 -19.55 9.41
C LEU A 160 -44.17 -19.90 10.07
N ARG A 161 -45.21 -20.17 9.28
CA ARG A 161 -46.48 -20.61 9.86
C ARG A 161 -46.29 -21.91 10.64
N GLU A 162 -45.41 -22.79 10.16
CA GLU A 162 -45.12 -24.02 10.90
C GLU A 162 -44.50 -23.71 12.26
N VAL A 163 -43.56 -22.77 12.30
CA VAL A 163 -42.94 -22.41 13.57
C VAL A 163 -43.95 -21.78 14.51
N CYS A 164 -44.81 -20.91 13.98
CA CYS A 164 -45.84 -20.30 14.81
C CYS A 164 -46.79 -21.35 15.38
N ASP A 165 -47.20 -22.32 14.56
CA ASP A 165 -48.05 -23.39 15.03
C ASP A 165 -47.36 -24.25 16.08
N TYR A 166 -46.07 -24.54 15.89
CA TYR A 166 -45.36 -25.32 16.89
C TYR A 166 -45.28 -24.57 18.22
N LEU A 167 -45.00 -23.26 18.16
CA LEU A 167 -44.91 -22.48 19.38
C LEU A 167 -46.26 -22.42 20.10
N CYS A 168 -47.33 -22.12 19.37
CA CYS A 168 -48.61 -21.89 20.02
C CYS A 168 -49.31 -23.18 20.43
N GLN A 169 -49.19 -24.25 19.64
CA GLN A 169 -50.03 -25.42 19.83
C GLN A 169 -49.27 -26.73 19.83
N GLY A 170 -47.95 -26.72 19.74
CA GLY A 170 -47.19 -27.96 19.78
C GLY A 170 -47.42 -28.90 18.62
N THR A 171 -47.54 -28.36 17.40
CA THR A 171 -47.85 -29.13 16.19
C THR A 171 -46.62 -29.98 15.70
N SER A 172 -45.57 -30.04 16.52
CA SER A 172 -44.35 -30.81 16.25
C SER A 172 -43.58 -30.29 15.05
N LEU A 173 -42.33 -30.74 14.92
CA LEU A 173 -41.42 -30.25 13.89
C LEU A 173 -40.64 -31.42 13.32
N GLN A 174 -40.11 -31.24 12.11
CA GLN A 174 -39.33 -32.29 11.48
C GLN A 174 -38.09 -32.59 12.31
N SER A 175 -37.85 -33.87 12.57
CA SER A 175 -36.88 -34.30 13.57
C SER A 175 -35.46 -34.41 13.03
N LEU A 176 -35.21 -34.06 11.77
CA LEU A 176 -33.89 -34.12 11.12
C LEU A 176 -33.43 -35.56 10.94
N PRO A 177 -33.04 -35.94 9.73
CA PRO A 177 -32.63 -37.33 9.46
C PRO A 177 -31.25 -37.62 10.02
N PRO A 178 -30.97 -38.87 10.38
CA PRO A 178 -29.65 -39.22 10.90
C PRO A 178 -28.67 -39.55 9.80
N LYS A 179 -27.39 -39.61 10.19
CA LYS A 179 -26.32 -39.97 9.29
C LYS A 179 -25.35 -40.91 10.00
N PRO A 180 -24.73 -41.85 9.27
CA PRO A 180 -23.76 -42.79 9.83
C PRO A 180 -22.42 -42.14 10.16
N ASP A 190 -1.34 -45.86 2.42
CA ASP A 190 -0.77 -46.66 3.49
C ASP A 190 0.73 -46.40 3.62
N TRP A 191 1.26 -46.65 4.82
CA TRP A 191 2.68 -46.41 5.11
C TRP A 191 3.60 -47.28 4.28
N SER A 192 3.11 -48.37 3.70
CA SER A 192 3.97 -49.32 3.01
C SER A 192 4.56 -48.76 1.72
N ASP A 193 3.95 -47.73 1.13
CA ASP A 193 4.42 -47.24 -0.16
C ASP A 193 5.78 -46.56 -0.07
N ILE A 194 6.23 -46.19 1.13
CA ILE A 194 7.51 -45.55 1.32
C ILE A 194 8.57 -46.65 1.42
N LYS A 195 9.33 -46.83 0.35
CA LYS A 195 10.37 -47.86 0.31
C LYS A 195 11.69 -47.31 0.82
N GLY A 196 12.56 -48.23 1.25
CA GLY A 196 13.95 -47.93 1.50
C GLY A 196 14.30 -47.19 2.78
N GLN A 197 13.67 -46.04 3.01
CA GLN A 197 14.05 -45.14 4.10
C GLN A 197 13.51 -45.65 5.45
N GLN A 198 14.13 -46.72 5.93
CA GLN A 198 13.73 -47.29 7.22
C GLN A 198 13.98 -46.32 8.37
N HIS A 199 15.14 -45.64 8.36
CA HIS A 199 15.47 -44.72 9.45
C HIS A 199 14.46 -43.59 9.54
N ALA A 200 14.18 -42.93 8.41
CA ALA A 200 13.26 -41.80 8.41
C ALA A 200 11.85 -42.24 8.77
N LYS A 201 11.43 -43.41 8.27
CA LYS A 201 10.10 -43.91 8.59
C LYS A 201 9.93 -44.14 10.10
N ASN A 202 10.90 -44.80 10.72
CA ASN A 202 10.83 -45.05 12.16
C ASN A 202 10.89 -43.74 12.93
N ALA A 203 11.72 -42.79 12.46
CA ALA A 203 11.82 -41.51 13.14
C ALA A 203 10.51 -40.73 13.09
N MET A 204 9.86 -40.70 11.93
CA MET A 204 8.56 -40.04 11.86
C MET A 204 7.51 -40.80 12.65
N VAL A 205 7.68 -42.12 12.78
CA VAL A 205 6.77 -42.91 13.62
C VAL A 205 6.88 -42.47 15.07
N ILE A 206 8.11 -42.33 15.58
CA ILE A 206 8.27 -41.92 16.97
C ILE A 206 7.81 -40.48 17.15
N ALA A 207 8.00 -39.64 16.11
CA ALA A 207 7.49 -38.27 16.18
C ALA A 207 5.98 -38.25 16.28
N ALA A 208 5.29 -39.08 15.50
CA ALA A 208 3.84 -39.17 15.59
C ALA A 208 3.40 -39.69 16.95
N CYS A 209 4.09 -40.69 17.48
CA CYS A 209 3.71 -41.26 18.76
C CYS A 209 3.88 -40.24 19.89
N GLY A 210 4.99 -39.51 19.88
CA GLY A 210 5.22 -38.51 20.91
C GLY A 210 4.65 -37.14 20.62
N GLY A 211 4.10 -36.92 19.43
CA GLY A 211 3.56 -35.63 19.09
C GLY A 211 4.58 -34.57 18.81
N HIS A 212 5.84 -34.95 18.59
CA HIS A 212 6.89 -33.98 18.30
C HIS A 212 6.72 -33.39 16.91
N SER A 213 7.39 -32.27 16.68
CA SER A 213 7.48 -31.66 15.37
C SER A 213 8.84 -31.99 14.75
N ILE A 214 8.83 -32.35 13.47
CA ILE A 214 10.01 -32.90 12.82
C ILE A 214 10.36 -32.06 11.60
N LEU A 215 11.65 -31.80 11.42
CA LEU A 215 12.17 -31.10 10.25
C LEU A 215 12.89 -32.12 9.36
N LEU A 216 12.51 -32.13 8.08
CA LEU A 216 13.10 -33.07 7.12
C LEU A 216 14.23 -32.40 6.34
N SER A 217 15.25 -33.19 6.02
CA SER A 217 16.40 -32.69 5.27
C SER A 217 16.82 -33.73 4.24
N GLY A 218 17.36 -33.23 3.13
CA GLY A 218 17.81 -34.11 2.06
C GLY A 218 17.52 -33.57 0.67
N ALA A 219 17.93 -34.30 -0.36
CA ALA A 219 17.73 -33.84 -1.72
C ALA A 219 16.26 -33.93 -2.11
N PRO A 220 15.78 -33.02 -2.96
CA PRO A 220 14.39 -33.09 -3.41
C PRO A 220 14.10 -34.36 -4.18
N GLY A 221 12.83 -34.74 -4.19
CA GLY A 221 12.39 -35.91 -4.90
C GLY A 221 12.63 -37.23 -4.20
N SER A 222 13.06 -37.22 -2.94
CA SER A 222 13.27 -38.43 -2.17
C SER A 222 12.04 -38.84 -1.39
N GLY A 223 10.90 -38.18 -1.61
CA GLY A 223 9.64 -38.56 -1.03
C GLY A 223 9.07 -37.63 0.01
N LYS A 224 9.68 -36.46 0.23
CA LYS A 224 9.32 -35.62 1.37
C LYS A 224 7.83 -35.33 1.39
N THR A 225 7.27 -34.87 0.27
CA THR A 225 5.84 -34.61 0.21
C THR A 225 5.05 -35.91 0.32
N MET A 226 5.58 -36.99 -0.25
CA MET A 226 4.90 -38.29 -0.17
C MET A 226 4.82 -38.77 1.28
N MET A 227 5.94 -38.72 2.01
CA MET A 227 5.92 -39.10 3.42
C MET A 227 4.99 -38.19 4.21
N ALA A 228 5.07 -36.89 3.96
CA ALA A 228 4.25 -35.94 4.72
C ALA A 228 2.77 -36.18 4.49
N LYS A 229 2.38 -36.40 3.24
CA LYS A 229 0.97 -36.64 2.91
C LYS A 229 0.48 -37.92 3.57
N ARG A 230 1.27 -39.00 3.48
CA ARG A 230 0.78 -40.26 4.05
C ARG A 230 0.91 -40.28 5.57
N PHE A 231 1.69 -39.38 6.15
CA PHE A 231 1.86 -39.33 7.60
C PHE A 231 0.56 -38.99 8.32
N SER A 232 -0.34 -38.27 7.65
CA SER A 232 -1.58 -37.84 8.29
C SER A 232 -2.44 -39.02 8.74
N THR A 233 -2.33 -40.16 8.05
CA THR A 233 -3.12 -41.32 8.40
C THR A 233 -2.62 -42.04 9.65
N LEU A 234 -1.39 -41.77 10.09
CA LEU A 234 -0.86 -42.40 11.29
C LEU A 234 -1.48 -41.83 12.56
N LEU A 235 -2.01 -40.62 12.51
CA LEU A 235 -2.60 -40.02 13.69
C LEU A 235 -3.85 -40.80 14.10
N PRO A 236 -4.17 -40.83 15.39
CA PRO A 236 -5.39 -41.51 15.82
C PRO A 236 -6.64 -40.82 15.31
N GLU A 237 -7.70 -41.60 15.16
CA GLU A 237 -8.98 -41.04 14.74
C GLU A 237 -9.45 -40.01 15.76
N LEU A 238 -9.88 -38.86 15.26
CA LEU A 238 -10.24 -37.75 16.13
C LEU A 238 -11.47 -38.09 16.97
N SER A 239 -11.44 -37.67 18.23
CA SER A 239 -12.64 -37.76 19.06
C SER A 239 -13.70 -36.79 18.54
N GLU A 240 -14.96 -37.06 18.89
CA GLU A 240 -16.04 -36.22 18.42
C GLU A 240 -15.84 -34.77 18.83
N THR A 241 -15.35 -34.54 20.05
CA THR A 241 -15.12 -33.17 20.52
C THR A 241 -14.10 -32.44 19.66
N GLN A 242 -13.21 -33.15 18.97
CA GLN A 242 -12.26 -32.52 18.07
C GLN A 242 -12.75 -32.49 16.62
N ALA A 243 -13.41 -33.56 16.20
CA ALA A 243 -13.93 -33.61 14.83
C ALA A 243 -14.98 -32.54 14.61
N LEU A 244 -15.84 -32.31 15.61
CA LEU A 244 -16.83 -31.25 15.49
C LEU A 244 -16.18 -29.87 15.40
N GLU A 245 -15.10 -29.64 16.17
CA GLU A 245 -14.41 -28.36 16.08
C GLU A 245 -13.77 -28.17 14.71
N CYS A 246 -13.18 -29.23 14.16
CA CYS A 246 -12.65 -29.14 12.80
C CYS A 246 -13.76 -28.89 11.77
N ALA A 247 -14.92 -29.52 11.96
CA ALA A 247 -16.05 -29.25 11.09
C ALA A 247 -16.49 -27.79 11.19
N ALA A 248 -16.45 -27.23 12.40
CA ALA A 248 -16.77 -25.82 12.59
C ALA A 248 -15.77 -24.93 11.85
N ILE A 249 -14.49 -25.29 11.92
CA ILE A 249 -13.47 -24.52 11.19
C ILE A 249 -13.75 -24.56 9.70
N ASN A 250 -14.04 -25.74 9.16
CA ASN A 250 -14.26 -25.87 7.73
C ASN A 250 -15.57 -25.19 7.30
N SER A 251 -16.58 -25.20 8.17
CA SER A 251 -17.89 -24.69 7.80
C SER A 251 -17.88 -23.20 7.49
N ILE A 252 -16.95 -22.43 8.05
CA ILE A 252 -16.92 -21.00 7.78
C ILE A 252 -16.51 -20.75 6.34
N ARG A 253 -15.53 -21.50 5.84
CA ARG A 253 -15.04 -21.30 4.48
C ARG A 253 -16.02 -21.83 3.43
N GLY A 254 -16.87 -22.77 3.79
CA GLY A 254 -17.88 -23.25 2.89
C GLY A 254 -17.61 -24.66 2.38
N LYS A 255 -18.69 -25.39 2.08
CA LYS A 255 -18.74 -26.77 1.59
C LYS A 255 -17.98 -27.77 2.46
N LEU A 256 -18.59 -28.94 2.68
CA LEU A 256 -18.08 -29.95 3.59
C LEU A 256 -17.98 -31.29 2.88
N PRO A 257 -16.81 -31.65 2.35
CA PRO A 257 -16.64 -32.99 1.78
C PRO A 257 -16.61 -34.04 2.89
N ASP A 258 -17.77 -34.29 3.49
CA ASP A 258 -17.83 -34.92 4.80
C ASP A 258 -18.72 -36.16 4.83
N PHE A 259 -19.03 -36.60 6.05
CA PHE A 259 -19.89 -37.73 6.40
C PHE A 259 -19.18 -39.08 6.25
N ARG A 260 -18.04 -39.11 5.57
CA ARG A 260 -17.25 -40.34 5.53
C ARG A 260 -15.82 -40.13 5.99
N GLU A 261 -15.14 -39.11 5.47
CA GLU A 261 -13.73 -38.88 5.77
C GLU A 261 -13.52 -37.80 6.82
N TRP A 262 -14.57 -37.32 7.47
CA TRP A 262 -14.46 -36.16 8.35
C TRP A 262 -13.60 -36.45 9.57
N ARG A 263 -13.65 -37.67 10.10
CA ARG A 263 -12.91 -37.97 11.33
C ARG A 263 -11.41 -38.15 11.09
N LEU A 264 -10.99 -38.28 9.84
CA LEU A 264 -9.57 -38.34 9.53
C LEU A 264 -8.96 -36.97 9.82
N PRO A 265 -7.89 -36.87 10.61
CA PRO A 265 -7.37 -35.56 10.99
C PRO A 265 -6.90 -34.76 9.80
N PRO A 266 -7.08 -33.45 9.80
CA PRO A 266 -6.83 -32.65 8.60
C PRO A 266 -5.35 -32.57 8.26
N PHE A 267 -5.09 -32.24 7.00
CA PHE A 267 -3.75 -32.02 6.48
C PHE A 267 -3.74 -30.73 5.67
N ARG A 268 -2.65 -29.97 5.79
CA ARG A 268 -2.48 -28.74 5.06
C ARG A 268 -1.04 -28.63 4.59
N ALA A 269 -0.85 -28.05 3.41
CA ALA A 269 0.48 -27.83 2.84
C ALA A 269 0.47 -26.53 2.05
N PRO A 270 0.52 -25.39 2.74
CA PRO A 270 0.56 -24.10 2.05
C PRO A 270 1.83 -23.93 1.24
N HIS A 271 1.70 -23.27 0.10
CA HIS A 271 2.86 -22.95 -0.71
C HIS A 271 3.64 -21.79 -0.09
N HIS A 272 4.94 -21.72 -0.41
CA HIS A 272 5.78 -20.70 0.19
C HIS A 272 5.42 -19.29 -0.26
N THR A 273 4.69 -19.14 -1.36
CA THR A 273 4.28 -17.81 -1.79
C THR A 273 3.18 -17.28 -0.88
N ALA A 274 2.01 -17.92 -0.94
CA ALA A 274 0.87 -17.64 -0.07
C ALA A 274 0.61 -16.16 0.13
N SER A 275 0.15 -15.80 1.31
CA SER A 275 0.06 -14.42 1.76
C SER A 275 -0.19 -14.44 3.26
N PRO A 276 0.54 -13.62 4.02
CA PRO A 276 0.32 -13.56 5.46
C PRO A 276 -1.14 -13.47 5.87
N VAL A 277 -1.96 -12.69 5.15
CA VAL A 277 -3.34 -12.50 5.55
C VAL A 277 -4.17 -13.75 5.30
N ALA A 278 -3.85 -14.55 4.29
CA ALA A 278 -4.60 -15.78 4.02
C ALA A 278 -4.01 -16.98 4.74
N LEU A 279 -2.70 -16.99 4.95
CA LEU A 279 -2.09 -18.08 5.71
C LEU A 279 -2.50 -18.01 7.18
N VAL A 280 -2.54 -16.81 7.76
CA VAL A 280 -2.95 -16.61 9.14
C VAL A 280 -4.03 -15.54 9.17
N GLY A 281 -5.12 -15.84 9.88
CA GLY A 281 -6.19 -14.87 10.05
C GLY A 281 -6.92 -14.58 8.76
N GLY A 282 -7.50 -13.39 8.70
CA GLY A 282 -8.26 -12.96 7.54
C GLY A 282 -8.62 -11.50 7.57
N GLY A 283 -8.45 -10.82 6.44
CA GLY A 283 -8.70 -9.39 6.39
C GLY A 283 -10.18 -9.05 6.41
N ASN A 284 -10.48 -7.86 6.95
CA ASN A 284 -11.79 -7.23 7.10
C ASN A 284 -12.82 -8.25 7.62
N PRO A 285 -13.61 -8.99 6.82
CA PRO A 285 -14.42 -10.04 7.45
C PRO A 285 -13.54 -11.18 7.93
N PRO A 286 -13.58 -11.50 9.23
CA PRO A 286 -12.72 -12.55 9.76
C PRO A 286 -13.00 -13.89 9.09
N LYS A 287 -11.92 -14.64 8.82
CA LYS A 287 -12.00 -15.93 8.19
C LYS A 287 -10.80 -16.73 8.65
N PRO A 288 -10.98 -18.00 9.03
CA PRO A 288 -9.86 -18.81 9.52
C PRO A 288 -8.80 -18.97 8.45
N GLY A 289 -7.55 -18.72 8.82
CA GLY A 289 -6.45 -18.82 7.88
C GLY A 289 -6.08 -20.26 7.60
N GLU A 290 -5.17 -20.43 6.64
CA GLU A 290 -4.72 -21.77 6.26
C GLU A 290 -4.01 -22.47 7.41
N ILE A 291 -3.46 -21.70 8.36
CA ILE A 291 -2.88 -22.30 9.56
C ILE A 291 -3.97 -22.96 10.40
N SER A 292 -5.16 -22.38 10.42
CA SER A 292 -6.23 -22.89 11.28
C SER A 292 -6.78 -24.22 10.79
N LEU A 293 -6.72 -24.47 9.48
CA LEU A 293 -7.28 -25.71 8.95
C LEU A 293 -6.51 -26.94 9.42
N ALA A 294 -5.23 -26.79 9.75
CA ALA A 294 -4.44 -27.91 10.26
C ALA A 294 -4.73 -28.23 11.71
N HIS A 295 -5.76 -27.61 12.29
CA HIS A 295 -6.09 -27.82 13.69
C HIS A 295 -6.35 -29.30 13.97
N HIS A 296 -5.74 -29.79 15.05
CA HIS A 296 -5.81 -31.19 15.45
C HIS A 296 -5.23 -32.10 14.38
N GLY A 297 -4.53 -31.52 13.40
CA GLY A 297 -3.97 -32.27 12.28
C GLY A 297 -2.49 -32.01 12.13
N VAL A 298 -2.04 -31.94 10.88
CA VAL A 298 -0.65 -31.74 10.54
C VAL A 298 -0.53 -30.55 9.60
N LEU A 299 0.44 -29.69 9.86
CA LEU A 299 0.80 -28.59 8.97
C LEU A 299 2.18 -28.88 8.40
N PHE A 300 2.29 -28.88 7.08
CA PHE A 300 3.52 -29.22 6.38
C PHE A 300 4.08 -27.96 5.71
N LEU A 301 5.34 -27.66 6.00
CA LEU A 301 6.03 -26.49 5.45
C LEU A 301 7.22 -26.96 4.63
N ASP A 302 6.98 -27.24 3.35
CA ASP A 302 8.07 -27.57 2.44
C ASP A 302 8.83 -26.31 2.06
N GLU A 303 10.15 -26.46 1.91
CA GLU A 303 11.05 -25.36 1.59
C GLU A 303 10.90 -24.23 2.60
N LEU A 304 11.17 -24.56 3.86
CA LEU A 304 11.01 -23.60 4.95
C LEU A 304 11.76 -22.29 4.77
N PRO A 305 13.03 -22.26 4.36
CA PRO A 305 13.74 -20.97 4.30
C PRO A 305 13.11 -19.96 3.35
N GLU A 306 12.36 -20.40 2.35
CA GLU A 306 11.79 -19.48 1.37
C GLU A 306 10.62 -18.67 1.92
N PHE A 307 10.15 -18.96 3.12
CA PHE A 307 9.11 -18.16 3.74
C PHE A 307 9.68 -16.83 4.24
N ASN A 308 8.80 -15.84 4.36
CA ASN A 308 9.22 -14.54 4.84
C ASN A 308 9.31 -14.53 6.37
N ARG A 309 10.04 -13.54 6.89
CA ARG A 309 10.34 -13.51 8.32
C ARG A 309 9.10 -13.26 9.17
N GLN A 310 8.20 -12.39 8.71
CA GLN A 310 7.07 -11.98 9.55
C GLN A 310 6.15 -13.16 9.87
N VAL A 311 5.85 -13.99 8.87
CA VAL A 311 4.98 -15.14 9.09
C VAL A 311 5.61 -16.11 10.08
N LEU A 312 6.90 -16.40 9.89
CA LEU A 312 7.58 -17.32 10.80
C LEU A 312 7.66 -16.75 12.22
N GLU A 313 7.79 -15.42 12.34
CA GLU A 313 7.73 -14.80 13.65
C GLU A 313 6.36 -14.99 14.30
N THR A 314 5.30 -14.79 13.52
CA THR A 314 3.95 -14.99 14.04
C THR A 314 3.62 -16.45 14.31
N LEU A 315 4.38 -17.39 13.74
CA LEU A 315 4.12 -18.80 13.98
C LEU A 315 4.37 -19.20 15.43
N ARG A 316 5.15 -18.40 16.18
CA ARG A 316 5.45 -18.77 17.56
C ARG A 316 4.19 -18.79 18.41
N GLU A 317 3.31 -17.81 18.23
CA GLU A 317 2.12 -17.64 19.07
C GLU A 317 1.21 -18.86 19.02
N PRO A 318 0.82 -19.38 17.85
CA PRO A 318 -0.02 -20.59 17.85
C PRO A 318 0.71 -21.83 18.32
N LEU A 319 2.02 -21.93 18.08
CA LEU A 319 2.75 -23.12 18.49
C LEU A 319 2.71 -23.33 20.00
N GLU A 320 2.87 -22.24 20.75
CA GLU A 320 2.89 -22.36 22.21
C GLU A 320 1.50 -22.20 22.81
N SER A 321 0.72 -21.22 22.36
CA SER A 321 -0.59 -20.96 22.94
C SER A 321 -1.68 -21.87 22.39
N GLY A 322 -1.41 -22.59 21.30
CA GLY A 322 -2.45 -23.39 20.68
C GLY A 322 -3.51 -22.59 19.97
N HIS A 323 -3.33 -21.28 19.84
CA HIS A 323 -4.31 -20.40 19.25
C HIS A 323 -3.63 -19.20 18.62
N ILE A 324 -4.33 -18.57 17.69
CA ILE A 324 -3.92 -17.30 17.10
C ILE A 324 -5.05 -16.29 17.29
N CYS A 325 -4.69 -15.11 17.77
CA CYS A 325 -5.65 -14.02 17.96
C CYS A 325 -5.37 -12.92 16.94
N ILE A 326 -6.38 -12.58 16.15
CA ILE A 326 -6.28 -11.54 15.13
C ILE A 326 -7.08 -10.33 15.60
N SER A 327 -6.47 -9.15 15.49
CA SER A 327 -7.06 -7.91 15.99
C SER A 327 -7.37 -6.98 14.83
N ARG A 328 -8.61 -6.47 14.80
CA ARG A 328 -9.04 -5.48 13.82
C ARG A 328 -9.09 -4.07 14.41
N ALA A 329 -8.60 -3.91 15.64
CA ALA A 329 -8.53 -2.65 16.37
C ALA A 329 -9.91 -2.20 16.83
N ALA A 330 -10.95 -2.90 16.39
CA ALA A 330 -12.28 -2.73 16.96
C ALA A 330 -12.64 -3.85 17.91
N ALA A 331 -12.15 -5.05 17.65
CA ALA A 331 -12.36 -6.20 18.52
C ALA A 331 -11.26 -7.22 18.23
N GLN A 332 -11.07 -8.15 19.16
CA GLN A 332 -10.08 -9.20 19.03
C GLN A 332 -10.79 -10.54 18.89
N ILE A 333 -10.33 -11.36 17.94
CA ILE A 333 -11.00 -12.60 17.56
C ILE A 333 -10.00 -13.74 17.69
N GLU A 334 -10.43 -14.83 18.31
CA GLU A 334 -9.56 -15.98 18.57
C GLU A 334 -9.89 -17.12 17.60
N PHE A 335 -8.86 -17.63 16.94
CA PHE A 335 -8.96 -18.83 16.11
C PHE A 335 -8.05 -19.91 16.65
N PRO A 336 -8.59 -21.06 17.06
CA PRO A 336 -7.73 -22.15 17.54
C PRO A 336 -6.77 -22.62 16.45
N ALA A 337 -5.53 -22.88 16.86
CA ALA A 337 -4.49 -23.27 15.91
C ALA A 337 -3.55 -24.32 16.48
N LYS A 338 -4.07 -25.24 17.29
CA LYS A 338 -3.24 -26.33 17.82
C LYS A 338 -3.03 -27.35 16.70
N PHE A 339 -1.78 -27.50 16.27
CA PHE A 339 -1.46 -28.41 15.18
C PHE A 339 -0.09 -29.02 15.39
N GLN A 340 0.21 -30.03 14.59
CA GLN A 340 1.53 -30.65 14.56
C GLN A 340 2.28 -30.20 13.32
N LEU A 341 3.56 -29.89 13.49
CA LEU A 341 4.35 -29.25 12.44
C LEU A 341 5.35 -30.22 11.84
N ILE A 342 5.37 -30.30 10.50
CA ILE A 342 6.41 -31.00 9.76
C ILE A 342 7.05 -30.02 8.79
N ALA A 343 8.38 -30.01 8.74
CA ALA A 343 9.11 -29.05 7.93
C ALA A 343 10.13 -29.78 7.08
N ALA A 344 10.53 -29.11 5.98
CA ALA A 344 11.51 -29.66 5.06
C ALA A 344 12.41 -28.54 4.55
N MET A 345 13.70 -28.86 4.41
CA MET A 345 14.68 -27.92 3.87
C MET A 345 15.84 -28.72 3.30
N ASN A 346 16.65 -28.07 2.48
CA ASN A 346 17.75 -28.72 1.81
C ASN A 346 18.92 -27.77 1.63
N PRO A 347 20.15 -28.24 1.85
CA PRO A 347 21.32 -27.42 1.54
C PRO A 347 21.62 -27.45 0.04
N CYS A 348 22.46 -26.52 -0.38
CA CYS A 348 22.87 -26.42 -1.77
C CYS A 348 24.37 -26.15 -1.82
N PRO A 349 25.05 -26.61 -2.87
CA PRO A 349 26.50 -26.40 -3.02
C PRO A 349 26.90 -24.92 -3.04
N PRO A 364 30.69 -24.35 0.35
CA PRO A 364 31.19 -23.00 0.61
C PRO A 364 30.43 -22.31 1.73
N ASP A 365 30.86 -21.11 2.12
CA ASP A 365 30.20 -20.32 3.15
C ASP A 365 28.84 -19.79 2.69
N ARG A 366 28.56 -19.86 1.38
CA ARG A 366 27.20 -19.58 0.92
C ARG A 366 26.21 -20.51 1.60
N ILE A 367 26.65 -21.72 1.96
CA ILE A 367 25.84 -22.61 2.79
C ILE A 367 25.56 -21.95 4.14
N SER A 368 26.58 -21.31 4.72
CA SER A 368 26.39 -20.67 6.02
C SER A 368 25.37 -19.54 5.94
N ARG A 369 25.52 -18.63 4.98
CA ARG A 369 24.54 -17.56 4.87
C ARG A 369 23.17 -18.07 4.42
N TYR A 370 23.13 -19.20 3.71
CA TYR A 370 21.84 -19.76 3.32
C TYR A 370 21.10 -20.30 4.52
N LEU A 371 21.79 -21.07 5.36
CA LEU A 371 21.16 -21.59 6.58
C LEU A 371 20.86 -20.47 7.57
N ALA A 372 21.60 -19.36 7.51
CA ALA A 372 21.32 -18.23 8.39
C ALA A 372 19.95 -17.62 8.12
N LYS A 373 19.39 -17.83 6.92
CA LYS A 373 18.05 -17.33 6.63
C LYS A 373 16.98 -18.02 7.45
N LEU A 374 17.23 -19.24 7.92
CA LEU A 374 16.25 -19.97 8.72
C LEU A 374 15.89 -19.17 9.97
N SER A 375 14.59 -19.05 10.23
CA SER A 375 14.09 -18.26 11.35
C SER A 375 14.53 -18.91 12.65
N ALA A 376 15.29 -18.17 13.46
CA ALA A 376 15.86 -18.75 14.68
C ALA A 376 14.82 -19.23 15.69
N PRO A 377 13.82 -18.46 16.11
CA PRO A 377 12.91 -18.98 17.11
C PRO A 377 11.78 -19.91 16.62
N LEU A 378 11.60 -20.09 15.32
CA LEU A 378 10.78 -21.21 14.84
C LEU A 378 11.58 -22.51 14.85
N LEU A 379 12.85 -22.44 14.45
CA LEU A 379 13.68 -23.64 14.34
C LEU A 379 13.89 -24.31 15.68
N ASP A 380 14.15 -23.54 16.74
CA ASP A 380 14.35 -24.13 18.05
C ASP A 380 13.08 -24.74 18.62
N ARG A 381 11.91 -24.38 18.10
CA ARG A 381 10.66 -24.99 18.51
C ARG A 381 10.34 -26.25 17.72
N ILE A 382 11.18 -26.62 16.76
CA ILE A 382 11.05 -27.89 16.06
C ILE A 382 11.84 -28.94 16.83
N ASP A 383 11.16 -30.04 17.15
CA ASP A 383 11.71 -31.03 18.07
C ASP A 383 12.62 -32.04 17.37
N MET A 384 12.25 -32.47 16.17
CA MET A 384 12.91 -33.58 15.51
C MET A 384 13.55 -33.13 14.20
N GLN A 385 14.68 -33.77 13.86
CA GLN A 385 15.38 -33.52 12.61
C GLN A 385 15.98 -34.82 12.09
N VAL A 386 15.79 -35.09 10.81
CA VAL A 386 16.28 -36.32 10.20
C VAL A 386 16.89 -36.01 8.83
N THR A 387 17.69 -36.94 8.34
CA THR A 387 18.34 -36.83 7.04
C THR A 387 17.87 -37.98 6.15
N ILE A 388 17.38 -37.65 4.96
CA ILE A 388 16.94 -38.63 3.99
C ILE A 388 17.99 -38.73 2.89
N HIS A 389 18.51 -39.93 2.67
CA HIS A 389 19.47 -40.17 1.61
C HIS A 389 18.76 -40.44 0.30
N ALA A 390 19.52 -40.42 -0.79
CA ALA A 390 18.98 -40.82 -2.09
C ALA A 390 18.67 -42.31 -2.08
N LEU A 391 17.54 -42.67 -2.68
CA LEU A 391 17.12 -44.07 -2.68
C LEU A 391 18.10 -44.92 -3.47
N SER A 392 18.52 -46.03 -2.86
CA SER A 392 19.44 -46.95 -3.51
C SER A 392 18.74 -47.68 -4.66
N GLN A 393 19.47 -47.93 -5.74
CA GLN A 393 18.85 -48.47 -6.95
C GLN A 393 18.28 -49.86 -6.73
N GLU A 394 18.97 -50.70 -5.94
CA GLU A 394 18.53 -52.08 -5.80
C GLU A 394 17.30 -52.22 -4.92
N GLU A 395 16.91 -51.18 -4.18
CA GLU A 395 15.60 -51.15 -3.54
C GLU A 395 14.58 -50.35 -4.35
N LEU A 396 15.04 -49.40 -5.16
CA LEU A 396 14.13 -48.67 -6.04
C LEU A 396 13.52 -49.59 -7.09
N ILE A 397 14.34 -50.44 -7.69
CA ILE A 397 13.85 -51.40 -8.69
C ILE A 397 12.94 -52.43 -8.05
N LYS A 398 13.25 -52.85 -6.81
CA LYS A 398 12.56 -53.98 -6.21
C LYS A 398 11.08 -53.65 -6.05
N PRO A 399 10.17 -54.38 -6.69
CA PRO A 399 8.75 -54.09 -6.54
C PRO A 399 8.25 -54.35 -5.14
N ASN A 400 7.22 -53.59 -4.75
CA ASN A 400 6.64 -53.68 -3.41
C ASN A 400 5.84 -54.97 -3.26
N THR A 401 6.57 -56.09 -3.18
CA THR A 401 5.95 -57.39 -2.98
C THR A 401 5.29 -57.51 -1.61
N HIS A 402 5.72 -56.73 -0.62
CA HIS A 402 5.08 -56.69 0.69
C HIS A 402 3.90 -55.72 0.66
N LEU A 403 2.93 -56.05 -0.19
CA LEU A 403 1.82 -55.15 -0.49
C LEU A 403 0.80 -55.05 0.64
N GLU A 404 0.90 -55.89 1.67
CA GLU A 404 -0.07 -55.84 2.76
C GLU A 404 0.02 -54.51 3.51
N LYS A 405 -1.14 -53.97 3.86
CA LYS A 405 -1.18 -52.72 4.61
C LYS A 405 -0.57 -52.90 5.99
N GLN A 406 0.13 -51.87 6.45
CA GLN A 406 0.77 -51.89 7.76
C GLN A 406 0.49 -50.65 8.60
N SER A 407 -0.26 -49.67 8.08
CA SER A 407 -0.51 -48.45 8.84
C SER A 407 -1.45 -48.70 10.02
N LEU A 408 -2.29 -49.74 9.95
CA LEU A 408 -3.24 -49.99 11.02
C LEU A 408 -2.54 -50.37 12.32
N ALA A 409 -1.52 -51.23 12.23
CA ALA A 409 -0.77 -51.60 13.42
C ALA A 409 -0.05 -50.41 14.02
N ILE A 410 0.55 -49.57 13.18
CA ILE A 410 1.22 -48.38 13.67
C ILE A 410 0.22 -47.42 14.31
N ARG A 411 -0.98 -47.34 13.75
CA ARG A 411 -2.00 -46.45 14.29
C ARG A 411 -2.49 -46.94 15.66
N GLU A 412 -2.71 -48.25 15.81
CA GLU A 412 -3.11 -48.76 17.12
C GLU A 412 -1.98 -48.59 18.13
N LYS A 413 -0.73 -48.73 17.67
CA LYS A 413 0.42 -48.45 18.51
C LYS A 413 0.42 -46.99 18.96
N VAL A 414 0.05 -46.09 18.06
CA VAL A 414 -0.01 -44.67 18.40
C VAL A 414 -1.09 -44.42 19.45
N THR A 415 -2.26 -45.05 19.28
CA THR A 415 -3.32 -44.85 20.27
C THR A 415 -2.91 -45.36 21.64
N LYS A 416 -2.29 -46.55 21.68
CA LYS A 416 -1.81 -47.07 22.95
C LYS A 416 -0.73 -46.18 23.56
N MET A 417 0.17 -45.66 22.71
CA MET A 417 1.24 -44.81 23.20
C MET A 417 0.67 -43.50 23.75
N HIS A 418 -0.32 -42.94 23.08
CA HIS A 418 -0.97 -41.73 23.56
C HIS A 418 -1.65 -41.96 24.90
N GLU A 419 -2.33 -43.10 25.05
CA GLU A 419 -2.97 -43.35 26.35
C GLU A 419 -1.92 -43.55 27.44
N ILE A 420 -0.78 -44.17 27.12
CA ILE A 420 0.30 -44.29 28.10
C ILE A 420 0.84 -42.93 28.49
N GLN A 421 1.04 -42.05 27.51
CA GLN A 421 1.50 -40.70 27.80
C GLN A 421 0.50 -39.94 28.67
N MET A 422 -0.79 -40.10 28.36
CA MET A 422 -1.83 -39.48 29.18
C MET A 422 -1.83 -40.03 30.60
N ALA A 423 -1.50 -41.30 30.77
CA ALA A 423 -1.43 -41.87 32.12
C ALA A 423 -0.22 -41.34 32.88
N ARG A 424 0.94 -41.21 32.22
CA ARG A 424 2.12 -40.70 32.90
C ARG A 424 1.92 -39.27 33.37
N GLN A 425 1.39 -38.41 32.51
CA GLN A 425 1.16 -37.01 32.85
C GLN A 425 0.05 -36.47 31.95
N ASP A 426 -0.33 -35.23 32.21
CA ASP A 426 -1.53 -34.66 31.61
C ASP A 426 -1.30 -34.11 30.21
N SER A 427 -0.18 -34.46 29.58
CA SER A 427 0.09 -34.02 28.22
C SER A 427 1.11 -34.95 27.58
N LEU A 428 1.15 -34.93 26.26
CA LEU A 428 2.17 -35.69 25.54
C LEU A 428 3.55 -35.09 25.82
N ASN A 429 4.58 -35.93 25.63
CA ASN A 429 5.94 -35.50 25.90
C ASN A 429 6.32 -34.25 25.14
N ALA A 430 5.77 -34.06 23.94
CA ALA A 430 6.13 -32.88 23.15
C ALA A 430 5.70 -31.59 23.86
N ASN A 431 4.48 -31.57 24.41
CA ASN A 431 3.91 -30.37 24.99
C ASN A 431 4.12 -30.29 26.51
N LEU A 432 5.15 -30.96 27.04
CA LEU A 432 5.43 -30.86 28.46
C LEU A 432 6.28 -29.64 28.78
N ASN A 433 6.01 -29.06 29.94
CA ASN A 433 6.85 -28.00 30.47
C ASN A 433 8.12 -28.60 31.08
N SER A 434 9.09 -27.72 31.36
CA SER A 434 10.38 -28.18 31.85
C SER A 434 10.24 -28.89 33.19
N LYS A 435 9.44 -28.32 34.10
CA LYS A 435 9.35 -28.85 35.46
C LYS A 435 8.84 -30.28 35.47
N THR A 436 7.78 -30.55 34.69
CA THR A 436 7.29 -31.92 34.57
C THR A 436 8.32 -32.80 33.88
N CYS A 437 9.07 -32.24 32.93
CA CYS A 437 10.07 -33.03 32.21
C CYS A 437 11.15 -33.54 33.14
N GLU A 438 11.62 -32.70 34.07
CA GLU A 438 12.72 -33.12 34.94
C GLU A 438 12.34 -34.23 35.91
N MET A 439 11.05 -34.52 36.11
CA MET A 439 10.66 -35.59 37.01
C MET A 439 9.95 -36.75 36.32
N VAL A 440 9.42 -36.57 35.12
CA VAL A 440 8.86 -37.70 34.39
C VAL A 440 9.96 -38.69 34.03
N CYS A 441 11.09 -38.20 33.54
CA CYS A 441 12.25 -39.05 33.29
C CYS A 441 13.14 -39.05 34.52
N GLU A 442 13.46 -40.24 35.01
CA GLU A 442 14.08 -40.37 36.33
C GLU A 442 15.51 -39.83 36.35
N LEU A 443 16.25 -39.98 35.25
CA LEU A 443 17.64 -39.49 35.15
C LEU A 443 18.52 -40.08 36.24
N GLY A 444 18.65 -41.40 36.23
CA GLY A 444 19.59 -42.05 37.12
C GLY A 444 21.03 -41.74 36.76
N SER A 445 21.93 -42.10 37.69
CA SER A 445 23.35 -41.87 37.46
C SER A 445 23.83 -42.55 36.19
N GLU A 446 23.29 -43.72 35.89
CA GLU A 446 23.65 -44.42 34.65
C GLU A 446 23.32 -43.56 33.43
N GLU A 447 22.11 -43.02 33.38
CA GLU A 447 21.74 -42.11 32.30
C GLU A 447 22.54 -40.81 32.39
N GLN A 448 22.69 -40.28 33.61
CA GLN A 448 23.19 -38.92 33.79
C GLN A 448 24.66 -38.80 33.41
N LEU A 449 25.45 -39.85 33.67
CA LEU A 449 26.87 -39.79 33.33
C LEU A 449 27.07 -39.64 31.82
N PHE A 450 26.42 -40.50 31.04
CA PHE A 450 26.52 -40.40 29.59
C PHE A 450 25.91 -39.10 29.08
N LEU A 451 24.81 -38.66 29.69
CA LEU A 451 24.18 -37.42 29.28
C LEU A 451 25.13 -36.24 29.45
N ARG A 452 25.75 -36.12 30.63
CA ARG A 452 26.68 -35.02 30.84
C ARG A 452 27.93 -35.18 29.99
N GLU A 453 28.32 -36.41 29.67
CA GLU A 453 29.45 -36.61 28.77
C GLU A 453 29.13 -36.04 27.39
N VAL A 454 27.92 -36.27 26.90
CA VAL A 454 27.59 -35.75 25.58
C VAL A 454 27.35 -34.24 25.63
N MET A 455 26.96 -33.71 26.80
CA MET A 455 27.00 -32.25 26.95
C MET A 455 28.42 -31.71 26.87
N SER A 456 29.39 -32.45 27.39
CA SER A 456 30.79 -32.03 27.30
C SER A 456 31.32 -32.14 25.88
N LYS A 457 30.92 -33.18 25.15
CA LYS A 457 31.46 -33.40 23.80
C LYS A 457 31.02 -32.32 22.83
N LEU A 458 29.75 -31.92 22.88
CA LEU A 458 29.16 -31.07 21.86
C LEU A 458 28.67 -29.76 22.47
N LYS A 459 28.66 -28.70 21.66
CA LYS A 459 28.17 -27.39 22.08
C LYS A 459 26.66 -27.27 21.97
N LEU A 460 25.93 -28.25 22.50
CA LEU A 460 24.47 -28.17 22.49
C LEU A 460 23.94 -27.47 23.73
N SER A 461 22.82 -26.78 23.56
CA SER A 461 22.27 -25.89 24.58
C SER A 461 21.37 -26.65 25.55
N ALA A 462 20.92 -25.91 26.58
CA ALA A 462 19.97 -26.47 27.53
C ALA A 462 18.62 -26.74 26.90
N ARG A 463 18.22 -25.94 25.92
CA ARG A 463 17.07 -26.29 25.10
C ARG A 463 17.31 -27.62 24.38
N GLY A 464 18.53 -27.83 23.90
CA GLY A 464 18.88 -29.14 23.37
C GLY A 464 18.80 -30.24 24.41
N TYR A 465 19.20 -29.93 25.64
CA TYR A 465 19.06 -30.87 26.75
C TYR A 465 17.60 -31.28 26.93
N HIS A 466 16.71 -30.28 27.01
CA HIS A 466 15.30 -30.59 27.20
C HIS A 466 14.75 -31.40 26.05
N ARG A 467 15.08 -31.03 24.81
CA ARG A 467 14.57 -31.77 23.66
C ARG A 467 15.10 -33.20 23.64
N LEU A 468 16.37 -33.38 24.00
CA LEU A 468 16.88 -34.73 24.23
C LEU A 468 16.01 -35.49 25.21
N LEU A 469 15.64 -34.83 26.31
CA LEU A 469 14.80 -35.50 27.31
C LEU A 469 13.46 -35.91 26.72
N LYS A 470 12.79 -34.99 26.01
CA LYS A 470 11.45 -35.29 25.48
C LYS A 470 11.52 -36.45 24.49
N VAL A 471 12.46 -36.38 23.55
CA VAL A 471 12.55 -37.40 22.51
C VAL A 471 12.97 -38.73 23.10
N SER A 472 13.92 -38.73 24.04
CA SER A 472 14.32 -39.98 24.67
C SER A 472 13.19 -40.59 25.46
N ARG A 473 12.39 -39.78 26.16
CA ARG A 473 11.23 -40.33 26.85
C ARG A 473 10.26 -40.97 25.88
N THR A 474 10.01 -40.30 24.75
CA THR A 474 9.10 -40.87 23.76
C THR A 474 9.63 -42.21 23.22
N ILE A 475 10.91 -42.25 22.85
CA ILE A 475 11.45 -43.49 22.28
C ILE A 475 11.52 -44.60 23.32
N ALA A 476 11.77 -44.26 24.59
CA ALA A 476 11.73 -45.26 25.65
C ALA A 476 10.32 -45.80 25.81
N ASP A 477 9.32 -44.92 25.78
CA ASP A 477 7.94 -45.36 25.91
C ASP A 477 7.49 -46.18 24.71
N MET A 478 8.13 -46.01 23.55
CA MET A 478 7.84 -46.91 22.43
C MET A 478 8.23 -48.34 22.75
N ASN A 479 9.39 -48.54 23.39
CA ASN A 479 9.87 -49.86 23.73
C ASN A 479 9.12 -50.47 24.90
N SER A 480 8.03 -49.84 25.35
CA SER A 480 7.23 -50.28 26.49
C SER A 480 8.03 -50.37 27.77
N SER A 481 9.20 -49.73 27.80
CA SER A 481 10.06 -49.79 28.96
C SER A 481 9.45 -49.00 30.13
N LYS A 482 9.78 -49.45 31.34
CA LYS A 482 9.32 -48.75 32.54
C LYS A 482 9.93 -47.36 32.64
N LYS A 483 11.20 -47.23 32.25
CA LYS A 483 11.92 -45.98 32.42
C LYS A 483 13.03 -45.91 31.37
N VAL A 484 13.64 -44.72 31.26
CA VAL A 484 14.62 -44.46 30.22
C VAL A 484 15.96 -45.08 30.57
N LEU A 485 16.68 -45.55 29.55
CA LEU A 485 18.04 -46.05 29.69
C LEU A 485 18.94 -45.34 28.69
N LEU A 486 20.25 -45.52 28.89
CA LEU A 486 21.23 -44.84 28.02
C LEU A 486 21.14 -45.30 26.57
N ASN A 487 20.68 -46.54 26.35
CA ASN A 487 20.47 -47.02 24.98
C ASN A 487 19.50 -46.12 24.23
N HIS A 488 18.41 -45.73 24.89
CA HIS A 488 17.48 -44.78 24.29
C HIS A 488 18.08 -43.40 24.13
N LEU A 489 19.05 -43.04 24.99
CA LEU A 489 19.73 -41.76 24.82
C LEU A 489 20.54 -41.75 23.53
N GLN A 490 21.33 -42.81 23.30
CA GLN A 490 22.10 -42.86 22.06
C GLN A 490 21.18 -42.98 20.84
N GLN A 491 20.04 -43.65 20.98
CA GLN A 491 19.06 -43.66 19.91
C GLN A 491 18.56 -42.25 19.60
N ALA A 492 18.18 -41.50 20.65
CA ALA A 492 17.66 -40.15 20.45
C ALA A 492 18.73 -39.20 19.93
N LEU A 493 20.00 -39.49 20.20
CA LEU A 493 21.08 -38.61 19.76
C LEU A 493 21.08 -38.46 18.24
N SER A 494 20.88 -39.56 17.51
CA SER A 494 20.96 -39.51 16.06
C SER A 494 19.86 -38.61 15.49
N TYR A 495 18.64 -38.72 16.00
CA TYR A 495 17.54 -37.90 15.51
C TYR A 495 17.57 -36.49 16.08
N LYS A 496 18.44 -36.23 17.05
CA LYS A 496 18.66 -34.90 17.58
C LYS A 496 19.81 -34.26 16.80
N GLN A 497 20.45 -33.23 17.36
CA GLN A 497 21.26 -32.23 16.67
C GLN A 497 20.35 -31.40 15.77
N ASN A 498 20.93 -30.49 15.00
CA ASN A 498 20.13 -29.57 14.20
C ASN A 498 20.97 -29.03 13.06
N LEU A 499 20.63 -29.41 11.83
CA LEU A 499 21.28 -28.95 10.61
C LEU A 499 22.80 -29.06 10.68
N HIS A 500 23.50 -28.34 9.82
CA HIS A 500 24.97 -28.39 9.80
C HIS A 500 25.55 -27.52 10.90
N MET B 1 -53.35 -13.99 -4.57
CA MET B 1 -52.65 -13.00 -3.76
C MET B 1 -51.49 -12.40 -4.55
N SER B 2 -51.02 -11.23 -4.11
CA SER B 2 -50.03 -10.47 -4.86
C SER B 2 -48.59 -10.85 -4.51
N LEU B 3 -48.21 -12.10 -4.74
CA LEU B 3 -46.81 -12.51 -4.62
C LEU B 3 -46.43 -13.31 -5.85
N ALA B 4 -45.17 -13.21 -6.25
CA ALA B 4 -44.72 -13.87 -7.48
C ALA B 4 -43.32 -14.39 -7.30
N PHE B 5 -42.98 -15.37 -8.12
CA PHE B 5 -41.66 -15.98 -8.16
C PHE B 5 -41.13 -15.99 -9.58
N THR B 6 -39.81 -15.94 -9.72
CA THR B 6 -39.18 -16.01 -11.03
C THR B 6 -37.73 -16.43 -10.83
N LYS B 7 -37.35 -17.54 -11.45
CA LYS B 7 -35.97 -17.98 -11.36
C LYS B 7 -35.11 -17.31 -12.42
N THR B 8 -33.83 -17.15 -12.11
CA THR B 8 -32.87 -16.57 -13.03
C THR B 8 -31.49 -17.11 -12.67
N ARG B 9 -30.46 -16.50 -13.24
CA ARG B 9 -29.09 -16.93 -13.00
C ARG B 9 -28.19 -15.71 -12.80
N SER B 10 -27.16 -15.89 -11.99
CA SER B 10 -26.10 -14.91 -11.81
C SER B 10 -24.76 -15.59 -11.99
N THR B 11 -23.80 -14.87 -12.57
CA THR B 11 -22.51 -15.43 -12.94
C THR B 11 -21.44 -14.94 -12.00
N ILE B 12 -20.71 -15.89 -11.40
CA ILE B 12 -19.49 -15.60 -10.66
C ILE B 12 -18.48 -16.69 -11.00
N GLY B 13 -17.49 -16.34 -11.80
CA GLY B 13 -16.62 -17.38 -12.32
C GLY B 13 -17.38 -18.28 -13.28
N ILE B 14 -16.98 -19.54 -13.32
CA ILE B 14 -17.62 -20.49 -14.24
C ILE B 14 -19.04 -20.81 -13.79
N VAL B 15 -19.27 -20.96 -12.48
CA VAL B 15 -20.56 -21.41 -11.98
C VAL B 15 -21.59 -20.31 -12.14
N ALA B 16 -22.79 -20.68 -12.61
CA ALA B 16 -23.92 -19.77 -12.69
C ALA B 16 -24.86 -20.08 -11.53
N GLN B 17 -24.64 -19.40 -10.41
CA GLN B 17 -25.39 -19.66 -9.21
C GLN B 17 -26.87 -19.33 -9.41
N PRO B 18 -27.78 -20.16 -8.91
CA PRO B 18 -29.20 -19.84 -9.03
C PRO B 18 -29.56 -18.61 -8.23
N VAL B 19 -30.53 -17.85 -8.73
CA VAL B 19 -31.02 -16.64 -8.07
C VAL B 19 -32.54 -16.62 -8.21
N SER B 20 -33.23 -16.40 -7.10
CA SER B 20 -34.68 -16.31 -7.09
C SER B 20 -35.09 -14.88 -6.79
N VAL B 21 -35.59 -14.18 -7.81
CA VAL B 21 -36.15 -12.84 -7.60
C VAL B 21 -37.57 -13.01 -7.10
N GLU B 22 -37.94 -12.20 -6.11
CA GLU B 22 -39.23 -12.32 -5.44
C GLU B 22 -39.89 -10.96 -5.40
N VAL B 23 -41.13 -10.88 -5.87
CA VAL B 23 -41.85 -9.61 -5.97
C VAL B 23 -43.11 -9.72 -5.12
N HIS B 24 -43.23 -8.82 -4.14
CA HIS B 24 -44.42 -8.73 -3.31
C HIS B 24 -44.99 -7.32 -3.42
N LEU B 25 -46.27 -7.23 -3.73
CA LEU B 25 -46.95 -5.94 -3.87
C LEU B 25 -47.72 -5.66 -2.59
N SER B 26 -47.36 -4.59 -1.90
CA SER B 26 -48.05 -4.17 -0.69
C SER B 26 -49.13 -3.16 -1.06
N ASN B 27 -49.69 -2.48 -0.05
CA ASN B 27 -50.80 -1.58 -0.26
C ASN B 27 -50.53 -0.13 0.11
N GLY B 28 -49.33 0.19 0.59
CA GLY B 28 -49.02 1.52 1.05
C GLY B 28 -48.74 2.50 -0.08
N LEU B 29 -48.14 3.62 0.29
CA LEU B 29 -47.78 4.64 -0.68
C LEU B 29 -46.76 4.08 -1.67
N PRO B 30 -46.91 4.34 -2.97
CA PRO B 30 -46.07 3.66 -3.96
C PRO B 30 -44.59 3.92 -3.75
N SER B 31 -43.80 2.86 -3.90
CA SER B 31 -42.35 2.95 -3.81
C SER B 31 -41.76 1.72 -4.47
N PHE B 32 -40.48 1.79 -4.81
CA PHE B 32 -39.78 0.70 -5.47
C PHE B 32 -38.51 0.43 -4.67
N THR B 33 -38.60 -0.52 -3.74
CA THR B 33 -37.48 -0.90 -2.89
C THR B 33 -36.91 -2.22 -3.37
N MET B 34 -35.59 -2.32 -3.37
CA MET B 34 -34.89 -3.54 -3.76
C MET B 34 -33.96 -3.94 -2.63
N VAL B 35 -33.98 -5.22 -2.26
CA VAL B 35 -33.20 -5.73 -1.14
C VAL B 35 -32.36 -6.91 -1.62
N GLY B 36 -31.35 -7.24 -0.83
CA GLY B 36 -30.36 -8.21 -1.24
C GLY B 36 -29.14 -7.53 -1.80
N LEU B 37 -27.95 -8.07 -1.55
CA LEU B 37 -26.72 -7.43 -1.96
C LEU B 37 -26.69 -7.27 -3.48
N ALA B 38 -26.72 -6.02 -3.94
CA ALA B 38 -26.78 -5.74 -5.37
C ALA B 38 -25.80 -4.63 -5.73
N GLU B 39 -25.00 -4.87 -6.76
CA GLU B 39 -24.16 -3.85 -7.35
C GLU B 39 -25.04 -2.80 -8.00
N THR B 40 -24.58 -1.54 -8.01
CA THR B 40 -25.50 -0.44 -8.34
C THR B 40 -26.09 -0.59 -9.74
N ALA B 41 -25.42 -1.32 -10.63
CA ALA B 41 -26.00 -1.62 -11.92
C ALA B 41 -27.29 -2.42 -11.78
N VAL B 42 -27.47 -3.11 -10.67
CA VAL B 42 -28.68 -3.90 -10.44
C VAL B 42 -29.77 -3.07 -9.80
N LYS B 43 -29.46 -2.27 -8.78
CA LYS B 43 -30.47 -1.43 -8.17
C LYS B 43 -30.90 -0.28 -9.07
N GLU B 44 -30.11 0.03 -10.11
CA GLU B 44 -30.55 1.00 -11.10
C GLU B 44 -31.61 0.44 -12.04
N SER B 45 -31.94 -0.86 -11.93
CA SER B 45 -32.90 -1.46 -12.83
C SER B 45 -34.32 -0.97 -12.61
N LYS B 46 -34.57 -0.21 -11.54
CA LYS B 46 -35.94 0.24 -11.26
C LYS B 46 -36.50 1.04 -12.43
N ASP B 47 -35.76 2.06 -12.87
CA ASP B 47 -36.25 2.92 -13.94
C ASP B 47 -36.39 2.17 -15.24
N ARG B 48 -35.40 1.31 -15.57
CA ARG B 48 -35.47 0.55 -16.81
C ARG B 48 -36.70 -0.36 -16.82
N VAL B 49 -36.96 -1.04 -15.70
CA VAL B 49 -38.09 -1.95 -15.63
C VAL B 49 -39.40 -1.17 -15.73
N ARG B 50 -39.50 -0.06 -15.01
CA ARG B 50 -40.73 0.72 -15.05
C ARG B 50 -41.02 1.22 -16.47
N SER B 51 -39.99 1.76 -17.13
CA SER B 51 -40.17 2.25 -18.49
C SER B 51 -40.50 1.11 -19.45
N ALA B 52 -39.87 -0.05 -19.29
CA ALA B 52 -40.14 -1.16 -20.18
C ALA B 52 -41.57 -1.65 -20.02
N ILE B 53 -42.05 -1.73 -18.78
CA ILE B 53 -43.45 -2.14 -18.55
C ILE B 53 -44.39 -1.11 -19.13
N ILE B 54 -44.10 0.18 -18.95
CA ILE B 54 -45.00 1.23 -19.41
C ILE B 54 -45.08 1.24 -20.92
N ASN B 55 -43.93 1.20 -21.60
CA ASN B 55 -43.90 1.28 -23.05
C ASN B 55 -44.41 0.02 -23.74
N SER B 56 -44.53 -1.10 -23.02
CA SER B 56 -45.10 -2.31 -23.59
C SER B 56 -46.60 -2.39 -23.39
N GLN B 57 -47.23 -1.29 -22.99
CA GLN B 57 -48.69 -1.16 -22.88
C GLN B 57 -49.27 -2.04 -21.78
N PHE B 58 -48.45 -2.47 -20.82
CA PHE B 58 -48.98 -3.03 -19.59
C PHE B 58 -49.32 -1.90 -18.62
N GLU B 59 -49.80 -2.28 -17.44
CA GLU B 59 -50.10 -1.32 -16.38
C GLU B 59 -49.08 -1.48 -15.26
N PHE B 60 -48.30 -0.43 -15.04
CA PHE B 60 -47.35 -0.48 -13.93
C PHE B 60 -48.09 -0.23 -12.62
N PRO B 61 -47.98 -1.13 -11.65
CA PRO B 61 -48.78 -1.00 -10.42
C PRO B 61 -48.43 0.26 -9.66
N CYS B 62 -49.47 0.91 -9.11
CA CYS B 62 -49.30 2.06 -8.23
C CYS B 62 -49.29 1.61 -6.77
N ARG B 63 -48.39 0.68 -6.45
CA ARG B 63 -48.37 0.05 -5.14
C ARG B 63 -46.93 -0.09 -4.68
N LYS B 64 -46.78 -0.43 -3.40
CA LYS B 64 -45.44 -0.73 -2.87
C LYS B 64 -44.90 -1.98 -3.54
N ILE B 65 -43.76 -1.85 -4.22
CA ILE B 65 -43.12 -2.97 -4.89
C ILE B 65 -41.86 -3.31 -4.12
N THR B 66 -41.81 -4.53 -3.58
CA THR B 66 -40.65 -5.01 -2.85
C THR B 66 -40.04 -6.16 -3.64
N VAL B 67 -38.79 -5.99 -4.07
CA VAL B 67 -38.10 -6.97 -4.89
C VAL B 67 -36.97 -7.56 -4.07
N ASN B 68 -37.04 -8.87 -3.84
CA ASN B 68 -36.01 -9.61 -3.13
C ASN B 68 -35.39 -10.59 -4.12
N LEU B 69 -34.13 -10.34 -4.48
CA LEU B 69 -33.39 -11.24 -5.35
C LEU B 69 -32.39 -12.00 -4.49
N GLY B 70 -32.85 -13.13 -3.97
CA GLY B 70 -32.06 -13.90 -3.04
C GLY B 70 -31.20 -14.95 -3.72
N PRO B 71 -30.41 -15.69 -2.94
CA PRO B 71 -30.22 -15.60 -1.48
C PRO B 71 -29.58 -14.29 -1.06
N ALA B 72 -29.77 -13.86 0.18
CA ALA B 72 -29.33 -12.54 0.61
C ALA B 72 -27.82 -12.43 0.68
N ASN B 73 -27.12 -13.52 1.00
CA ASN B 73 -25.68 -13.45 1.22
C ASN B 73 -24.89 -13.33 -0.08
N LEU B 74 -25.44 -13.81 -1.19
CA LEU B 74 -24.72 -13.82 -2.46
C LEU B 74 -24.88 -12.49 -3.17
N PRO B 75 -23.80 -11.73 -3.39
CA PRO B 75 -23.94 -10.46 -4.11
C PRO B 75 -24.31 -10.67 -5.56
N LYS B 76 -25.17 -9.79 -6.06
CA LYS B 76 -25.62 -9.83 -7.45
C LYS B 76 -24.96 -8.70 -8.23
N THR B 77 -24.35 -9.04 -9.37
CA THR B 77 -23.59 -8.06 -10.13
C THR B 77 -24.07 -7.94 -11.57
N GLY B 78 -24.63 -9.02 -12.11
CA GLY B 78 -25.02 -9.02 -13.51
C GLY B 78 -26.12 -8.02 -13.81
N SER B 79 -26.15 -7.58 -15.07
CA SER B 79 -27.18 -6.65 -15.52
C SER B 79 -28.44 -7.33 -16.00
N GLY B 80 -28.47 -8.66 -16.03
CA GLY B 80 -29.55 -9.40 -16.65
C GLY B 80 -30.83 -9.49 -15.85
N PHE B 81 -30.89 -8.93 -14.64
CA PHE B 81 -32.04 -9.10 -13.77
C PHE B 81 -33.25 -8.29 -14.20
N ASP B 82 -33.12 -7.40 -15.20
CA ASP B 82 -34.24 -6.55 -15.59
C ASP B 82 -35.43 -7.39 -16.05
N LEU B 83 -35.19 -8.35 -16.94
CA LEU B 83 -36.28 -9.20 -17.42
C LEU B 83 -36.91 -10.05 -16.32
N PRO B 84 -36.13 -10.72 -15.45
CA PRO B 84 -36.78 -11.42 -14.31
C PRO B 84 -37.62 -10.52 -13.45
N ILE B 85 -37.16 -9.29 -13.18
CA ILE B 85 -37.92 -8.39 -12.33
C ILE B 85 -39.21 -7.95 -13.03
N ALA B 86 -39.13 -7.67 -14.34
CA ALA B 86 -40.32 -7.29 -15.07
C ALA B 86 -41.35 -8.41 -15.08
N LEU B 87 -40.89 -9.64 -15.32
CA LEU B 87 -41.81 -10.77 -15.29
C LEU B 87 -42.38 -11.00 -13.90
N GLY B 88 -41.56 -10.79 -12.86
CA GLY B 88 -42.07 -10.91 -11.49
C GLY B 88 -43.14 -9.89 -11.18
N ILE B 89 -42.93 -8.65 -11.63
CA ILE B 89 -43.93 -7.61 -11.40
C ILE B 89 -45.21 -7.93 -12.15
N LEU B 90 -45.09 -8.40 -13.39
CA LEU B 90 -46.29 -8.74 -14.15
C LEU B 90 -47.03 -9.91 -13.52
N ALA B 91 -46.30 -10.91 -13.03
CA ALA B 91 -46.95 -12.06 -12.39
C ALA B 91 -47.61 -11.66 -11.08
N ALA B 92 -46.96 -10.79 -10.31
CA ALA B 92 -47.53 -10.38 -9.02
C ALA B 92 -48.82 -9.59 -9.21
N SER B 93 -48.91 -8.80 -10.27
CA SER B 93 -50.14 -8.07 -10.55
C SER B 93 -51.18 -8.94 -11.24
N GLU B 94 -50.88 -10.21 -11.46
CA GLU B 94 -51.79 -11.17 -12.09
C GLU B 94 -52.17 -10.78 -13.51
N GLN B 95 -51.39 -9.89 -14.13
CA GLN B 95 -51.57 -9.65 -15.56
C GLN B 95 -51.11 -10.85 -16.38
N ILE B 96 -50.14 -11.59 -15.88
CA ILE B 96 -49.67 -12.83 -16.49
C ILE B 96 -50.00 -13.97 -15.54
N PRO B 97 -50.59 -15.07 -16.02
CA PRO B 97 -50.87 -16.20 -15.12
C PRO B 97 -49.59 -16.81 -14.58
N LEU B 98 -49.61 -17.14 -13.29
CA LEU B 98 -48.39 -17.54 -12.60
C LEU B 98 -47.91 -18.92 -13.03
N THR B 99 -48.85 -19.84 -13.30
CA THR B 99 -48.48 -21.23 -13.51
C THR B 99 -47.60 -21.43 -14.74
N ASN B 100 -47.66 -20.51 -15.70
CA ASN B 100 -46.96 -20.70 -16.96
C ASN B 100 -45.45 -20.61 -16.80
N LEU B 101 -44.97 -19.89 -15.79
CA LEU B 101 -43.55 -19.62 -15.64
C LEU B 101 -42.87 -20.52 -14.61
N ALA B 102 -43.48 -21.66 -14.27
CA ALA B 102 -42.93 -22.52 -13.21
C ALA B 102 -41.54 -23.03 -13.56
N ASN B 103 -41.39 -23.63 -14.74
CA ASN B 103 -40.15 -24.31 -15.12
C ASN B 103 -39.29 -23.48 -16.07
N HIS B 104 -39.32 -22.16 -15.96
CA HIS B 104 -38.62 -21.29 -16.89
C HIS B 104 -37.59 -20.44 -16.17
N GLU B 105 -36.59 -19.98 -16.92
CA GLU B 105 -35.63 -19.00 -16.45
C GLU B 105 -35.59 -17.84 -17.42
N PHE B 106 -35.41 -16.63 -16.89
CA PHE B 106 -35.38 -15.41 -17.68
C PHE B 106 -34.04 -14.72 -17.49
N ILE B 107 -33.43 -14.31 -18.60
CA ILE B 107 -32.15 -13.61 -18.58
C ILE B 107 -32.16 -12.55 -19.67
N GLY B 108 -31.89 -11.31 -19.30
CA GLY B 108 -31.79 -10.23 -20.27
C GLY B 108 -31.99 -8.87 -19.66
N GLU B 109 -31.29 -7.86 -20.20
CA GLU B 109 -31.47 -6.49 -19.77
C GLU B 109 -32.39 -5.75 -20.74
N LEU B 110 -33.08 -4.73 -20.23
CA LEU B 110 -34.14 -4.06 -20.96
C LEU B 110 -33.72 -2.66 -21.35
N ALA B 111 -33.91 -2.33 -22.63
CA ALA B 111 -33.91 -0.94 -23.06
C ALA B 111 -35.27 -0.32 -22.76
N LEU B 112 -35.32 1.02 -22.81
CA LEU B 112 -36.55 1.72 -22.45
C LEU B 112 -37.72 1.32 -23.34
N SER B 113 -37.45 0.99 -24.61
CA SER B 113 -38.52 0.64 -25.53
C SER B 113 -39.12 -0.73 -25.24
N GLY B 114 -38.63 -1.45 -24.24
CA GLY B 114 -39.08 -2.80 -24.00
C GLY B 114 -38.37 -3.84 -24.83
N GLU B 115 -37.45 -3.44 -25.70
CA GLU B 115 -36.66 -4.41 -26.45
C GLU B 115 -35.69 -5.11 -25.52
N LEU B 116 -35.51 -6.41 -25.75
CA LEU B 116 -34.51 -7.17 -25.01
C LEU B 116 -33.12 -6.86 -25.58
N ARG B 117 -32.15 -6.74 -24.68
CA ARG B 117 -30.79 -6.43 -25.06
C ARG B 117 -29.88 -7.57 -24.60
N GLY B 118 -28.86 -7.85 -25.41
CA GLY B 118 -27.97 -8.97 -25.13
C GLY B 118 -27.05 -8.67 -23.96
N VAL B 119 -27.00 -9.59 -23.00
CA VAL B 119 -26.07 -9.46 -21.89
C VAL B 119 -24.78 -10.22 -22.21
N SER B 120 -23.73 -9.92 -21.44
CA SER B 120 -22.44 -10.55 -21.65
C SER B 120 -22.30 -11.80 -20.80
N ALA B 121 -21.49 -12.75 -21.30
CA ALA B 121 -21.18 -13.99 -20.60
C ALA B 121 -22.45 -14.78 -20.26
N ILE B 122 -23.15 -15.20 -21.32
CA ILE B 122 -24.43 -15.88 -21.13
C ILE B 122 -24.24 -17.40 -21.08
N ILE B 123 -23.22 -17.92 -21.75
CA ILE B 123 -23.12 -19.37 -21.97
C ILE B 123 -23.14 -20.18 -20.67
N PRO B 124 -22.40 -19.80 -19.61
CA PRO B 124 -22.48 -20.59 -18.37
C PRO B 124 -23.90 -20.71 -17.83
N ALA B 125 -24.68 -19.63 -17.95
CA ALA B 125 -26.08 -19.70 -17.56
C ALA B 125 -26.86 -20.68 -18.41
N VAL B 126 -26.55 -20.74 -19.71
CA VAL B 126 -27.22 -21.71 -20.58
C VAL B 126 -26.90 -23.14 -20.13
N LEU B 127 -25.63 -23.40 -19.82
CA LEU B 127 -25.25 -24.73 -19.37
C LEU B 127 -25.95 -25.09 -18.07
N ALA B 128 -26.01 -24.15 -17.13
CA ALA B 128 -26.67 -24.41 -15.86
C ALA B 128 -28.16 -24.66 -16.05
N ALA B 129 -28.80 -23.88 -16.92
CA ALA B 129 -30.23 -24.07 -17.17
C ALA B 129 -30.49 -25.43 -17.81
N HIS B 130 -29.62 -25.86 -18.73
CA HIS B 130 -29.77 -27.19 -19.31
C HIS B 130 -29.61 -28.27 -18.26
N LYS B 131 -28.61 -28.12 -17.37
CA LYS B 131 -28.39 -29.13 -16.34
C LYS B 131 -29.58 -29.22 -15.39
N ASP B 132 -30.15 -28.08 -15.02
CA ASP B 132 -31.27 -28.06 -14.09
C ASP B 132 -32.60 -28.35 -14.76
N ASN B 133 -32.61 -28.64 -16.07
CA ASN B 133 -33.81 -28.97 -16.82
C ASN B 133 -34.85 -27.85 -16.70
N GLN B 134 -34.45 -26.67 -17.18
CA GLN B 134 -35.30 -25.49 -17.16
C GLN B 134 -35.29 -24.82 -18.52
N HIS B 135 -36.46 -24.32 -18.93
CA HIS B 135 -36.52 -23.48 -20.12
C HIS B 135 -35.81 -22.17 -19.88
N LEU B 136 -35.09 -21.68 -20.89
CA LEU B 136 -34.28 -20.48 -20.77
C LEU B 136 -34.68 -19.51 -21.88
N ILE B 137 -35.22 -18.36 -21.50
CA ILE B 137 -35.60 -17.32 -22.44
C ILE B 137 -34.57 -16.20 -22.36
N ILE B 138 -33.98 -15.87 -23.50
CA ILE B 138 -32.87 -14.92 -23.56
C ILE B 138 -33.14 -13.90 -24.65
N ALA B 139 -32.40 -12.80 -24.59
CA ALA B 139 -32.50 -11.76 -25.60
C ALA B 139 -32.03 -12.27 -26.95
N ASN B 140 -32.59 -11.71 -28.03
CA ASN B 140 -32.23 -12.16 -29.37
C ASN B 140 -30.78 -11.88 -29.70
N ALA B 141 -30.22 -10.80 -29.15
CA ALA B 141 -28.83 -10.46 -29.44
C ALA B 141 -27.86 -11.54 -28.98
N ASN B 142 -28.22 -12.31 -27.97
CA ASN B 142 -27.36 -13.38 -27.48
C ASN B 142 -27.52 -14.69 -28.25
N ALA B 143 -28.39 -14.72 -29.26
CA ALA B 143 -28.63 -15.97 -29.98
C ALA B 143 -27.37 -16.50 -30.64
N ALA B 144 -26.50 -15.61 -31.13
CA ALA B 144 -25.28 -16.06 -31.79
C ALA B 144 -24.38 -16.82 -30.82
N GLU B 145 -24.19 -16.29 -29.62
CA GLU B 145 -23.30 -16.95 -28.65
C GLU B 145 -23.92 -18.24 -28.13
N ALA B 146 -25.21 -18.21 -27.80
CA ALA B 146 -25.89 -19.40 -27.33
C ALA B 146 -26.03 -20.45 -28.43
N SER B 147 -25.76 -20.09 -29.68
CA SER B 147 -25.89 -21.03 -30.78
C SER B 147 -24.90 -22.19 -30.69
N LEU B 148 -23.80 -22.02 -29.95
CA LEU B 148 -22.83 -23.09 -29.82
C LEU B 148 -23.20 -24.04 -28.70
N THR B 149 -24.47 -24.46 -28.65
CA THR B 149 -24.90 -25.53 -27.76
C THR B 149 -25.81 -26.57 -28.41
N GLY B 150 -26.60 -26.21 -29.41
CA GLY B 150 -27.53 -27.14 -30.03
C GLY B 150 -28.67 -27.53 -29.11
N HIS B 151 -28.81 -26.85 -27.99
CA HIS B 151 -29.83 -27.20 -27.02
C HIS B 151 -31.21 -26.73 -27.47
N GLN B 152 -32.23 -27.45 -27.02
CA GLN B 152 -33.60 -27.02 -27.18
C GLN B 152 -34.04 -26.19 -25.96
N LYS B 153 -35.30 -25.76 -25.96
CA LYS B 153 -35.90 -25.09 -24.82
C LYS B 153 -35.25 -23.74 -24.52
N VAL B 154 -34.41 -23.27 -25.45
CA VAL B 154 -33.65 -22.04 -25.28
C VAL B 154 -34.29 -20.91 -26.06
N PHE B 155 -35.62 -21.00 -26.26
CA PHE B 155 -36.37 -20.01 -27.01
C PHE B 155 -35.94 -18.59 -26.66
N THR B 156 -35.72 -17.79 -27.69
CA THR B 156 -35.27 -16.41 -27.54
C THR B 156 -36.28 -15.46 -28.14
N ALA B 157 -36.37 -14.26 -27.57
CA ALA B 157 -37.35 -13.27 -27.99
C ALA B 157 -36.66 -11.93 -28.22
N ASN B 158 -37.31 -11.07 -29.01
CA ASN B 158 -36.77 -9.76 -29.29
C ASN B 158 -37.20 -8.72 -28.27
N ASN B 159 -38.46 -8.76 -27.85
CA ASN B 159 -39.01 -7.75 -26.95
C ASN B 159 -39.98 -8.39 -25.98
N LEU B 160 -40.29 -7.66 -24.91
CA LEU B 160 -41.04 -8.21 -23.79
C LEU B 160 -42.43 -8.68 -24.19
N ARG B 161 -43.09 -7.97 -25.12
CA ARG B 161 -44.44 -8.35 -25.51
C ARG B 161 -44.48 -9.75 -26.10
N GLU B 162 -43.43 -10.18 -26.79
CA GLU B 162 -43.37 -11.55 -27.29
C GLU B 162 -43.43 -12.54 -26.14
N VAL B 163 -42.66 -12.30 -25.08
CA VAL B 163 -42.64 -13.21 -23.94
C VAL B 163 -44.00 -13.20 -23.22
N CYS B 164 -44.62 -12.03 -23.12
CA CYS B 164 -45.92 -11.94 -22.47
C CYS B 164 -46.97 -12.74 -23.24
N ASP B 165 -46.98 -12.60 -24.57
CA ASP B 165 -47.91 -13.39 -25.37
C ASP B 165 -47.58 -14.88 -25.31
N TYR B 166 -46.30 -15.22 -25.25
CA TYR B 166 -45.90 -16.63 -25.16
C TYR B 166 -46.42 -17.25 -23.87
N LEU B 167 -46.32 -16.53 -22.75
CA LEU B 167 -46.81 -17.06 -21.49
C LEU B 167 -48.34 -17.08 -21.45
N CYS B 168 -48.99 -16.04 -21.97
CA CYS B 168 -50.44 -15.91 -21.81
C CYS B 168 -51.20 -16.79 -22.78
N GLN B 169 -50.90 -16.70 -24.08
CA GLN B 169 -51.63 -17.44 -25.09
C GLN B 169 -50.79 -18.48 -25.83
N GLY B 170 -49.51 -18.63 -25.49
CA GLY B 170 -48.72 -19.70 -26.04
C GLY B 170 -48.16 -19.47 -27.44
N THR B 171 -48.18 -18.23 -27.93
CA THR B 171 -47.59 -17.94 -29.22
C THR B 171 -46.11 -18.28 -29.21
N SER B 172 -45.66 -18.99 -30.25
CA SER B 172 -44.32 -19.56 -30.26
C SER B 172 -43.26 -18.48 -30.40
N LEU B 173 -42.26 -18.54 -29.52
CA LEU B 173 -41.07 -17.72 -29.66
C LEU B 173 -40.15 -18.28 -30.74
N GLN B 174 -39.14 -17.49 -31.08
CA GLN B 174 -38.17 -17.93 -32.07
C GLN B 174 -37.23 -18.98 -31.46
N SER B 175 -37.12 -20.12 -32.14
CA SER B 175 -36.17 -21.13 -31.72
C SER B 175 -34.75 -20.67 -32.03
N LEU B 176 -33.79 -21.22 -31.30
CA LEU B 176 -32.40 -20.84 -31.50
C LEU B 176 -31.93 -21.26 -32.88
N PRO B 177 -31.28 -20.38 -33.63
CA PRO B 177 -30.87 -20.69 -35.02
C PRO B 177 -29.87 -21.82 -35.06
N PRO B 178 -29.88 -22.64 -36.12
CA PRO B 178 -28.97 -23.79 -36.17
C PRO B 178 -27.52 -23.35 -36.37
N LYS B 179 -26.62 -24.29 -36.09
CA LYS B 179 -25.20 -24.02 -36.24
C LYS B 179 -24.87 -23.78 -37.71
N PRO B 180 -23.96 -22.83 -38.02
CA PRO B 180 -23.54 -22.50 -39.38
C PRO B 180 -22.99 -23.70 -40.15
N ASP B 190 -2.24 -28.05 -40.27
CA ASP B 190 -2.45 -29.49 -40.32
C ASP B 190 -1.13 -30.24 -40.16
N TRP B 191 -1.22 -31.49 -39.72
CA TRP B 191 -0.05 -32.33 -39.41
C TRP B 191 0.89 -32.48 -40.60
N SER B 192 0.50 -32.04 -41.80
CA SER B 192 1.33 -32.15 -42.99
C SER B 192 2.65 -31.41 -42.86
N ASP B 193 3.57 -31.66 -43.78
CA ASP B 193 4.92 -31.06 -43.83
C ASP B 193 5.70 -31.54 -42.59
N ILE B 194 6.52 -30.68 -41.97
CA ILE B 194 7.52 -31.08 -41.01
C ILE B 194 8.39 -32.13 -41.72
N LYS B 195 9.14 -31.67 -42.73
CA LYS B 195 9.84 -32.58 -43.62
C LYS B 195 10.95 -33.33 -42.90
N GLY B 196 10.88 -34.66 -42.93
CA GLY B 196 11.99 -35.51 -42.54
C GLY B 196 12.49 -35.36 -41.12
N GLN B 197 11.67 -34.84 -40.22
CA GLN B 197 12.12 -34.68 -38.85
C GLN B 197 12.19 -36.01 -38.11
N GLN B 198 11.41 -36.99 -38.55
CA GLN B 198 11.49 -38.36 -38.04
C GLN B 198 11.27 -38.46 -36.54
N HIS B 199 12.36 -38.46 -35.77
CA HIS B 199 12.29 -38.82 -34.35
C HIS B 199 11.37 -37.90 -33.57
N ALA B 200 11.38 -36.60 -33.88
CA ALA B 200 10.60 -35.64 -33.10
C ALA B 200 9.11 -35.93 -33.20
N LYS B 201 8.58 -36.08 -34.42
CA LYS B 201 7.17 -36.38 -34.58
C LYS B 201 6.84 -37.78 -34.06
N ASN B 202 7.80 -38.71 -34.18
CA ASN B 202 7.60 -40.04 -33.60
C ASN B 202 7.36 -39.96 -32.10
N ALA B 203 8.15 -39.13 -31.41
CA ALA B 203 7.96 -38.95 -29.98
C ALA B 203 6.66 -38.21 -29.68
N MET B 204 6.36 -37.18 -30.47
CA MET B 204 5.17 -36.37 -30.20
C MET B 204 3.90 -37.18 -30.39
N VAL B 205 3.91 -38.18 -31.28
CA VAL B 205 2.73 -39.01 -31.48
C VAL B 205 2.38 -39.74 -30.18
N ILE B 206 3.36 -40.39 -29.57
CA ILE B 206 3.09 -41.10 -28.33
C ILE B 206 2.87 -40.14 -27.18
N ALA B 207 3.44 -38.93 -27.27
CA ALA B 207 3.14 -37.92 -26.26
C ALA B 207 1.67 -37.55 -26.30
N ALA B 208 1.10 -37.38 -27.49
CA ALA B 208 -0.33 -37.15 -27.63
C ALA B 208 -1.13 -38.37 -27.16
N CYS B 209 -0.65 -39.56 -27.49
CA CYS B 209 -1.36 -40.78 -27.10
C CYS B 209 -1.47 -40.90 -25.59
N GLY B 210 -0.39 -40.65 -24.86
CA GLY B 210 -0.35 -40.83 -23.43
C GLY B 210 -0.59 -39.60 -22.59
N GLY B 211 -0.92 -38.47 -23.19
CA GLY B 211 -1.13 -37.26 -22.40
C GLY B 211 0.10 -36.78 -21.67
N HIS B 212 1.28 -37.12 -22.15
CA HIS B 212 2.51 -36.77 -21.45
C HIS B 212 2.95 -35.35 -21.76
N SER B 213 3.54 -34.70 -20.76
CA SER B 213 4.20 -33.42 -20.99
C SER B 213 5.54 -33.65 -21.66
N ILE B 214 5.87 -32.76 -22.61
CA ILE B 214 7.06 -32.94 -23.45
C ILE B 214 7.87 -31.65 -23.46
N LEU B 215 9.19 -31.81 -23.45
CA LEU B 215 10.13 -30.71 -23.60
C LEU B 215 10.96 -30.92 -24.86
N LEU B 216 11.01 -29.93 -25.73
CA LEU B 216 11.77 -30.01 -26.97
C LEU B 216 13.03 -29.14 -26.85
N SER B 217 14.17 -29.72 -27.23
CA SER B 217 15.45 -29.01 -27.20
C SER B 217 16.03 -28.95 -28.61
N GLY B 218 16.68 -27.84 -28.91
CA GLY B 218 17.25 -27.63 -30.23
C GLY B 218 17.36 -26.16 -30.54
N ALA B 219 18.03 -25.87 -31.65
CA ALA B 219 18.23 -24.49 -32.06
C ALA B 219 16.90 -23.84 -32.42
N PRO B 220 16.72 -22.57 -32.09
CA PRO B 220 15.47 -21.87 -32.45
C PRO B 220 15.39 -21.68 -33.96
N GLY B 221 14.17 -21.45 -34.42
CA GLY B 221 13.94 -21.35 -35.85
C GLY B 221 14.22 -22.63 -36.59
N SER B 222 13.76 -23.76 -36.06
CA SER B 222 14.00 -25.05 -36.68
C SER B 222 12.78 -25.96 -36.65
N GLY B 223 11.58 -25.39 -36.58
CA GLY B 223 10.36 -26.17 -36.58
C GLY B 223 9.75 -26.43 -35.22
N LYS B 224 10.36 -25.91 -34.15
CA LYS B 224 9.84 -26.15 -32.81
C LYS B 224 8.43 -25.58 -32.66
N THR B 225 8.25 -24.30 -32.99
CA THR B 225 6.93 -23.69 -32.90
C THR B 225 5.98 -24.29 -33.91
N MET B 226 6.48 -24.64 -35.10
CA MET B 226 5.63 -25.23 -36.13
C MET B 226 5.05 -26.56 -35.65
N MET B 227 5.91 -27.43 -35.12
CA MET B 227 5.45 -28.72 -34.61
C MET B 227 4.56 -28.54 -33.38
N ALA B 228 4.89 -27.56 -32.53
CA ALA B 228 4.05 -27.30 -31.37
C ALA B 228 2.64 -26.91 -31.78
N LYS B 229 2.52 -26.04 -32.78
CA LYS B 229 1.20 -25.67 -33.28
C LYS B 229 0.51 -26.87 -33.92
N ARG B 230 1.26 -27.70 -34.65
CA ARG B 230 0.67 -28.90 -35.24
C ARG B 230 0.18 -29.88 -34.19
N PHE B 231 0.77 -29.85 -32.99
CA PHE B 231 0.41 -30.81 -31.95
C PHE B 231 -1.06 -30.76 -31.60
N SER B 232 -1.72 -29.62 -31.86
CA SER B 232 -3.10 -29.45 -31.45
C SER B 232 -4.04 -30.45 -32.13
N THR B 233 -3.84 -30.71 -33.43
CA THR B 233 -4.76 -31.57 -34.15
C THR B 233 -4.52 -33.06 -33.90
N LEU B 234 -3.43 -33.40 -33.20
CA LEU B 234 -3.19 -34.80 -32.85
C LEU B 234 -4.18 -35.28 -31.79
N LEU B 235 -4.54 -34.40 -30.85
CA LEU B 235 -5.45 -34.77 -29.79
C LEU B 235 -6.85 -35.02 -30.36
N PRO B 236 -7.65 -35.84 -29.69
CA PRO B 236 -9.00 -36.13 -30.20
C PRO B 236 -9.93 -34.94 -30.01
N GLU B 237 -11.05 -34.98 -30.74
CA GLU B 237 -12.05 -33.93 -30.61
C GLU B 237 -12.67 -33.98 -29.21
N LEU B 238 -13.02 -32.81 -28.71
CA LEU B 238 -13.63 -32.72 -27.38
C LEU B 238 -15.05 -33.26 -27.40
N SER B 239 -15.43 -33.93 -26.32
CA SER B 239 -16.80 -34.40 -26.17
C SER B 239 -17.74 -33.21 -26.05
N GLU B 240 -19.04 -33.52 -26.04
CA GLU B 240 -20.05 -32.47 -25.95
C GLU B 240 -19.89 -31.65 -24.67
N THR B 241 -19.75 -32.34 -23.54
CA THR B 241 -19.62 -31.64 -22.26
C THR B 241 -18.32 -30.82 -22.21
N GLN B 242 -17.22 -31.40 -22.68
CA GLN B 242 -15.95 -30.68 -22.67
C GLN B 242 -16.00 -29.45 -23.57
N ALA B 243 -16.60 -29.60 -24.77
CA ALA B 243 -16.74 -28.46 -25.66
C ALA B 243 -17.62 -27.38 -25.05
N LEU B 244 -18.70 -27.80 -24.38
CA LEU B 244 -19.57 -26.83 -23.71
C LEU B 244 -18.82 -26.07 -22.63
N GLU B 245 -18.01 -26.79 -21.83
CA GLU B 245 -17.26 -26.13 -20.77
C GLU B 245 -16.22 -25.18 -21.34
N CYS B 246 -15.58 -25.57 -22.45
CA CYS B 246 -14.64 -24.66 -23.09
C CYS B 246 -15.34 -23.41 -23.61
N ALA B 247 -16.52 -23.58 -24.21
CA ALA B 247 -17.28 -22.40 -24.63
C ALA B 247 -17.67 -21.54 -23.44
N ALA B 248 -17.97 -22.16 -22.31
CA ALA B 248 -18.32 -21.42 -21.11
C ALA B 248 -17.14 -20.57 -20.62
N ILE B 249 -15.96 -21.17 -20.54
CA ILE B 249 -14.80 -20.42 -20.06
C ILE B 249 -14.42 -19.33 -21.07
N ASN B 250 -14.60 -19.60 -22.36
CA ASN B 250 -14.36 -18.57 -23.37
C ASN B 250 -15.35 -17.41 -23.23
N SER B 251 -16.61 -17.72 -22.93
CA SER B 251 -17.64 -16.68 -22.89
C SER B 251 -17.38 -15.65 -21.81
N ILE B 252 -16.61 -16.00 -20.77
CA ILE B 252 -16.33 -15.03 -19.72
C ILE B 252 -15.52 -13.86 -20.26
N ARG B 253 -14.60 -14.12 -21.19
CA ARG B 253 -13.82 -13.07 -21.82
C ARG B 253 -14.49 -12.48 -23.06
N GLY B 254 -15.79 -12.73 -23.22
CA GLY B 254 -16.60 -11.99 -24.18
C GLY B 254 -16.28 -12.17 -25.64
N LYS B 255 -16.05 -13.41 -26.09
CA LYS B 255 -15.89 -13.64 -27.52
C LYS B 255 -16.21 -15.10 -27.85
N LEU B 256 -16.87 -15.27 -28.99
CA LEU B 256 -17.03 -16.59 -29.63
C LEU B 256 -17.15 -16.39 -31.13
N PRO B 257 -16.08 -15.92 -31.78
CA PRO B 257 -16.19 -15.48 -33.17
C PRO B 257 -15.81 -16.50 -34.23
N ASP B 258 -15.44 -17.72 -33.86
CA ASP B 258 -14.83 -18.65 -34.80
C ASP B 258 -15.83 -19.64 -35.41
N PHE B 259 -16.49 -20.44 -34.59
CA PHE B 259 -17.24 -21.61 -35.02
C PHE B 259 -16.33 -22.59 -35.76
N ARG B 260 -16.86 -23.76 -36.12
CA ARG B 260 -16.15 -24.74 -36.92
C ARG B 260 -14.92 -25.28 -36.19
N GLU B 261 -14.67 -24.80 -34.97
CA GLU B 261 -13.45 -25.11 -34.25
C GLU B 261 -13.67 -25.38 -32.77
N TRP B 262 -14.89 -25.19 -32.26
CA TRP B 262 -15.15 -25.41 -30.84
C TRP B 262 -14.87 -26.85 -30.43
N ARG B 263 -14.97 -27.79 -31.36
CA ARG B 263 -14.73 -29.20 -31.04
C ARG B 263 -13.24 -29.50 -30.88
N LEU B 264 -12.37 -28.72 -31.54
CA LEU B 264 -10.93 -28.96 -31.45
C LEU B 264 -10.38 -28.43 -30.13
N PRO B 265 -9.37 -29.08 -29.56
CA PRO B 265 -8.78 -28.61 -28.31
C PRO B 265 -8.14 -27.25 -28.48
N PRO B 266 -8.23 -26.39 -27.47
CA PRO B 266 -7.62 -25.05 -27.59
C PRO B 266 -6.11 -25.12 -27.63
N PHE B 267 -5.51 -24.10 -28.23
CA PHE B 267 -4.07 -23.93 -28.25
C PHE B 267 -3.72 -22.50 -27.86
N ARG B 268 -2.87 -22.35 -26.85
CA ARG B 268 -2.44 -21.04 -26.36
C ARG B 268 -0.92 -21.02 -26.27
N ALA B 269 -0.33 -19.89 -26.67
CA ALA B 269 1.11 -19.70 -26.62
C ALA B 269 1.40 -18.41 -25.85
N PRO B 270 1.52 -18.50 -24.53
CA PRO B 270 1.74 -17.29 -23.72
C PRO B 270 3.09 -16.66 -24.03
N HIS B 271 3.14 -15.33 -23.92
CA HIS B 271 4.38 -14.60 -24.12
C HIS B 271 5.27 -14.74 -22.89
N HIS B 272 6.58 -14.66 -23.10
CA HIS B 272 7.51 -14.79 -21.98
C HIS B 272 7.52 -13.57 -21.06
N THR B 273 6.73 -12.54 -21.36
CA THR B 273 6.58 -11.43 -20.43
C THR B 273 5.99 -11.90 -19.11
N ALA B 274 4.98 -12.75 -19.17
CA ALA B 274 4.47 -13.49 -18.00
C ALA B 274 3.99 -12.55 -16.90
N SER B 275 3.09 -11.64 -17.25
CA SER B 275 2.39 -10.87 -16.23
C SER B 275 1.52 -11.81 -15.40
N PRO B 276 1.71 -11.90 -14.09
CA PRO B 276 1.02 -12.95 -13.31
C PRO B 276 -0.50 -12.92 -13.43
N VAL B 277 -1.11 -11.74 -13.26
CA VAL B 277 -2.57 -11.67 -13.26
C VAL B 277 -3.17 -12.02 -14.61
N ALA B 278 -2.41 -11.89 -15.70
CA ALA B 278 -2.93 -12.22 -17.02
C ALA B 278 -2.65 -13.68 -17.39
N LEU B 279 -1.49 -14.20 -17.00
CA LEU B 279 -1.19 -15.61 -17.30
C LEU B 279 -2.05 -16.53 -16.45
N VAL B 280 -2.17 -16.26 -15.15
CA VAL B 280 -2.93 -17.08 -14.23
C VAL B 280 -3.93 -16.19 -13.49
N GLY B 281 -5.13 -16.72 -13.28
CA GLY B 281 -6.13 -16.05 -12.47
C GLY B 281 -6.59 -14.72 -13.06
N GLY B 282 -7.10 -13.87 -12.17
CA GLY B 282 -7.56 -12.55 -12.56
C GLY B 282 -8.04 -11.71 -11.40
N GLY B 283 -7.73 -10.42 -11.42
CA GLY B 283 -8.16 -9.51 -10.37
C GLY B 283 -9.62 -9.15 -10.50
N ASN B 284 -10.04 -8.19 -9.63
CA ASN B 284 -11.40 -7.66 -9.56
C ASN B 284 -12.38 -8.84 -9.54
N PRO B 285 -13.61 -8.75 -10.04
CA PRO B 285 -14.33 -9.99 -10.37
C PRO B 285 -13.49 -10.86 -11.30
N PRO B 286 -13.11 -12.05 -10.85
CA PRO B 286 -12.02 -12.78 -11.49
C PRO B 286 -12.30 -13.11 -12.95
N LYS B 287 -11.22 -13.16 -13.73
CA LYS B 287 -11.27 -13.49 -15.14
C LYS B 287 -10.35 -14.66 -15.43
N PRO B 288 -10.73 -15.52 -16.39
CA PRO B 288 -9.89 -16.67 -16.74
C PRO B 288 -8.54 -16.21 -17.28
N GLY B 289 -7.47 -16.82 -16.78
CA GLY B 289 -6.14 -16.51 -17.26
C GLY B 289 -5.79 -17.25 -18.54
N GLU B 290 -4.54 -17.08 -18.96
CA GLU B 290 -4.05 -17.82 -20.13
C GLU B 290 -4.03 -19.31 -19.87
N ILE B 291 -3.65 -19.73 -18.67
CA ILE B 291 -3.57 -21.15 -18.34
C ILE B 291 -4.94 -21.80 -18.45
N SER B 292 -5.98 -21.12 -17.96
CA SER B 292 -7.32 -21.70 -17.95
C SER B 292 -7.96 -21.73 -19.34
N LEU B 293 -7.56 -20.81 -20.22
CA LEU B 293 -8.06 -20.87 -21.59
C LEU B 293 -7.59 -22.12 -22.32
N ALA B 294 -6.50 -22.73 -21.86
CA ALA B 294 -6.01 -23.98 -22.42
C ALA B 294 -6.71 -25.20 -21.83
N HIS B 295 -7.90 -25.03 -21.26
CA HIS B 295 -8.60 -26.14 -20.64
C HIS B 295 -8.88 -27.24 -21.65
N HIS B 296 -8.54 -28.47 -21.28
CA HIS B 296 -8.65 -29.64 -22.15
C HIS B 296 -7.77 -29.52 -23.39
N GLY B 297 -6.91 -28.50 -23.43
CA GLY B 297 -6.12 -28.25 -24.61
C GLY B 297 -4.62 -28.39 -24.41
N VAL B 298 -3.84 -27.51 -25.06
CA VAL B 298 -2.39 -27.56 -25.02
C VAL B 298 -1.87 -26.20 -24.60
N LEU B 299 -0.94 -26.18 -23.65
CA LEU B 299 -0.28 -24.96 -23.20
C LEU B 299 1.19 -25.04 -23.61
N PHE B 300 1.60 -24.12 -24.47
CA PHE B 300 2.95 -24.13 -25.04
C PHE B 300 3.78 -23.05 -24.36
N LEU B 301 4.65 -23.46 -23.44
CA LEU B 301 5.56 -22.52 -22.80
C LEU B 301 6.75 -22.25 -23.71
N ASP B 302 6.56 -21.39 -24.71
CA ASP B 302 7.64 -21.02 -25.62
C ASP B 302 8.76 -20.35 -24.84
N GLU B 303 9.99 -20.82 -25.05
CA GLU B 303 11.18 -20.32 -24.36
C GLU B 303 11.00 -20.41 -22.85
N LEU B 304 10.93 -21.65 -22.38
CA LEU B 304 10.75 -22.01 -20.97
C LEU B 304 11.73 -21.29 -20.04
N PRO B 305 13.04 -21.25 -20.33
CA PRO B 305 13.97 -20.59 -19.40
C PRO B 305 13.72 -19.11 -19.20
N GLU B 306 13.00 -18.46 -20.12
CA GLU B 306 12.78 -17.02 -20.03
C GLU B 306 11.70 -16.65 -19.01
N PHE B 307 10.85 -17.58 -18.62
CA PHE B 307 9.80 -17.28 -17.66
C PHE B 307 10.37 -17.00 -16.28
N ASN B 308 9.73 -16.09 -15.56
CA ASN B 308 10.10 -15.84 -14.18
C ASN B 308 9.67 -17.02 -13.31
N ARG B 309 10.33 -17.14 -12.15
CA ARG B 309 10.09 -18.28 -11.27
C ARG B 309 8.64 -18.33 -10.80
N GLN B 310 8.11 -17.18 -10.34
CA GLN B 310 6.88 -17.18 -9.55
C GLN B 310 5.70 -17.76 -10.32
N VAL B 311 5.54 -17.36 -11.58
CA VAL B 311 4.37 -17.77 -12.34
C VAL B 311 4.35 -19.29 -12.51
N LEU B 312 5.49 -19.87 -12.87
CA LEU B 312 5.55 -21.32 -13.03
C LEU B 312 5.43 -22.04 -11.69
N GLU B 313 5.93 -21.42 -10.61
CA GLU B 313 5.77 -22.03 -9.29
C GLU B 313 4.29 -22.12 -8.91
N THR B 314 3.51 -21.09 -9.22
CA THR B 314 2.06 -21.22 -9.05
C THR B 314 1.50 -22.28 -10.00
N LEU B 315 2.00 -22.32 -11.24
CA LEU B 315 1.44 -23.21 -12.25
C LEU B 315 1.67 -24.68 -11.93
N ARG B 316 2.66 -25.01 -11.10
CA ARG B 316 2.87 -26.42 -10.74
C ARG B 316 1.62 -27.02 -10.11
N GLU B 317 0.90 -26.24 -9.29
CA GLU B 317 -0.26 -26.79 -8.58
C GLU B 317 -1.37 -27.25 -9.51
N PRO B 318 -1.88 -26.43 -10.44
CA PRO B 318 -2.92 -26.94 -11.35
C PRO B 318 -2.44 -28.06 -12.25
N LEU B 319 -1.14 -28.12 -12.56
CA LEU B 319 -0.61 -29.22 -13.36
C LEU B 319 -0.85 -30.55 -12.66
N GLU B 320 -0.72 -30.57 -11.33
CA GLU B 320 -0.95 -31.79 -10.57
C GLU B 320 -2.40 -31.94 -10.11
N SER B 321 -3.19 -30.87 -10.14
CA SER B 321 -4.53 -30.89 -9.60
C SER B 321 -5.63 -30.61 -10.60
N GLY B 322 -5.34 -29.99 -11.75
CA GLY B 322 -6.35 -29.72 -12.75
C GLY B 322 -7.16 -28.47 -12.52
N HIS B 323 -6.92 -27.73 -11.43
CA HIS B 323 -7.66 -26.51 -11.16
C HIS B 323 -6.73 -25.52 -10.45
N ILE B 324 -7.06 -24.24 -10.56
CA ILE B 324 -6.27 -23.19 -9.92
C ILE B 324 -7.18 -22.33 -9.03
N CYS B 325 -7.18 -22.62 -7.74
CA CYS B 325 -8.03 -21.88 -6.81
C CYS B 325 -7.56 -20.44 -6.69
N ILE B 326 -8.51 -19.51 -6.84
CA ILE B 326 -8.26 -18.08 -6.66
C ILE B 326 -9.49 -17.50 -5.98
N SER B 327 -9.26 -16.53 -5.09
CA SER B 327 -10.35 -16.08 -4.24
C SER B 327 -10.17 -14.62 -3.85
N ARG B 328 -11.27 -13.87 -3.94
CA ARG B 328 -11.38 -12.61 -3.22
C ARG B 328 -11.51 -12.87 -1.73
N ALA B 329 -11.61 -11.78 -0.96
CA ALA B 329 -11.69 -11.90 0.49
C ALA B 329 -12.87 -12.74 0.93
N ALA B 330 -14.03 -12.52 0.32
CA ALA B 330 -15.27 -13.20 0.71
C ALA B 330 -15.75 -14.23 -0.30
N ALA B 331 -14.86 -14.75 -1.15
CA ALA B 331 -15.27 -15.67 -2.21
C ALA B 331 -14.29 -16.83 -2.29
N GLN B 332 -14.60 -17.76 -3.19
CA GLN B 332 -13.74 -18.92 -3.45
C GLN B 332 -14.09 -19.46 -4.83
N ILE B 333 -13.16 -19.35 -5.78
CA ILE B 333 -13.38 -19.71 -7.18
C ILE B 333 -12.40 -20.81 -7.55
N GLU B 334 -12.87 -21.77 -8.36
CA GLU B 334 -12.05 -22.91 -8.75
C GLU B 334 -11.33 -22.70 -10.08
N PHE B 335 -12.05 -22.23 -11.12
CA PHE B 335 -11.48 -21.98 -12.44
C PHE B 335 -10.75 -23.21 -12.98
N PRO B 336 -11.45 -24.22 -13.47
CA PRO B 336 -10.79 -25.47 -13.87
C PRO B 336 -9.74 -25.23 -14.95
N ALA B 337 -8.61 -25.93 -14.80
CA ALA B 337 -7.46 -25.70 -15.66
C ALA B 337 -6.75 -26.98 -16.08
N LYS B 338 -7.50 -27.99 -16.54
CA LYS B 338 -6.89 -29.21 -17.04
C LYS B 338 -6.26 -28.93 -18.40
N PHE B 339 -4.96 -29.18 -18.54
CA PHE B 339 -4.29 -28.88 -19.80
C PHE B 339 -3.08 -29.80 -19.96
N GLN B 340 -2.56 -29.83 -21.18
CA GLN B 340 -1.36 -30.58 -21.54
C GLN B 340 -0.21 -29.59 -21.75
N LEU B 341 0.96 -29.91 -21.19
CA LEU B 341 2.06 -28.97 -21.15
C LEU B 341 3.10 -29.28 -22.21
N ILE B 342 3.55 -28.26 -22.94
CA ILE B 342 4.64 -28.36 -23.89
C ILE B 342 5.59 -27.19 -23.65
N ALA B 343 6.90 -27.47 -23.67
CA ALA B 343 7.90 -26.46 -23.38
C ALA B 343 9.10 -26.64 -24.30
N ALA B 344 9.89 -25.58 -24.45
CA ALA B 344 11.04 -25.55 -25.34
C ALA B 344 12.23 -24.91 -24.64
N MET B 345 13.43 -25.34 -25.02
CA MET B 345 14.67 -24.85 -24.41
C MET B 345 15.80 -24.97 -25.43
N ASN B 346 16.93 -24.32 -25.13
CA ASN B 346 18.02 -24.15 -26.08
C ASN B 346 19.29 -24.81 -25.58
N PRO B 347 19.91 -25.67 -26.39
CA PRO B 347 21.09 -26.42 -25.91
C PRO B 347 22.29 -25.53 -25.55
N CYS B 348 22.42 -24.34 -26.15
CA CYS B 348 23.52 -23.40 -25.95
C CYS B 348 24.83 -23.97 -26.51
N PRO B 349 25.73 -23.12 -27.04
CA PRO B 349 26.98 -23.63 -27.64
C PRO B 349 27.97 -24.16 -26.62
N PRO B 364 31.17 -25.22 -20.00
CA PRO B 364 31.73 -23.99 -19.43
C PRO B 364 30.82 -23.37 -18.37
N ASP B 365 31.32 -22.33 -17.70
CA ASP B 365 30.54 -21.67 -16.66
C ASP B 365 29.31 -20.98 -17.24
N ARG B 366 29.39 -20.51 -18.48
CA ARG B 366 28.26 -19.83 -19.09
C ARG B 366 27.10 -20.79 -19.32
N ILE B 367 27.37 -21.97 -19.89
CA ILE B 367 26.33 -22.97 -20.04
C ILE B 367 25.86 -23.45 -18.67
N SER B 368 26.78 -23.52 -17.70
CA SER B 368 26.41 -23.94 -16.35
C SER B 368 25.39 -22.99 -15.74
N ARG B 369 25.63 -21.68 -15.84
CA ARG B 369 24.67 -20.73 -15.29
C ARG B 369 23.39 -20.70 -16.10
N TYR B 370 23.49 -20.93 -17.42
CA TYR B 370 22.29 -21.02 -18.23
C TYR B 370 21.38 -22.15 -17.75
N LEU B 371 21.96 -23.33 -17.52
CA LEU B 371 21.15 -24.46 -17.06
C LEU B 371 20.73 -24.29 -15.61
N ALA B 372 21.53 -23.58 -14.81
CA ALA B 372 21.11 -23.27 -13.44
C ALA B 372 19.91 -22.34 -13.42
N LYS B 373 19.82 -21.43 -14.40
CA LYS B 373 18.72 -20.47 -14.47
C LYS B 373 17.40 -21.08 -14.90
N LEU B 374 17.31 -22.41 -15.02
CA LEU B 374 16.08 -23.03 -15.47
C LEU B 374 14.97 -22.86 -14.43
N SER B 375 13.74 -23.09 -14.88
CA SER B 375 12.55 -22.70 -14.12
C SER B 375 12.12 -23.75 -13.10
N ALA B 376 12.90 -23.89 -12.02
CA ALA B 376 12.48 -24.60 -10.82
C ALA B 376 12.28 -26.09 -11.08
N PRO B 377 11.89 -26.91 -10.06
CA PRO B 377 11.51 -28.31 -10.33
C PRO B 377 10.11 -28.46 -10.94
N LEU B 378 9.84 -27.68 -11.99
CA LEU B 378 8.76 -27.99 -12.91
C LEU B 378 9.28 -28.76 -14.11
N LEU B 379 10.50 -28.46 -14.54
CA LEU B 379 11.13 -29.19 -15.63
C LEU B 379 11.36 -30.66 -15.27
N ASP B 380 11.73 -30.92 -14.01
CA ASP B 380 12.10 -32.28 -13.61
C ASP B 380 10.92 -33.25 -13.68
N ARG B 381 9.69 -32.76 -13.54
CA ARG B 381 8.52 -33.62 -13.64
C ARG B 381 7.87 -33.56 -15.01
N ILE B 382 8.51 -32.92 -15.98
CA ILE B 382 8.07 -33.03 -17.36
C ILE B 382 8.34 -34.45 -17.85
N ASP B 383 7.32 -35.09 -18.42
CA ASP B 383 7.37 -36.53 -18.65
C ASP B 383 8.44 -36.91 -19.67
N MET B 384 8.48 -36.23 -20.81
CA MET B 384 9.30 -36.65 -21.92
C MET B 384 10.13 -35.49 -22.47
N GLN B 385 11.26 -35.83 -23.07
CA GLN B 385 12.16 -34.85 -23.67
C GLN B 385 12.71 -35.40 -24.98
N VAL B 386 12.87 -34.53 -25.97
CA VAL B 386 13.34 -34.92 -27.29
C VAL B 386 14.25 -33.83 -27.83
N THR B 387 15.34 -34.23 -28.48
CA THR B 387 16.31 -33.31 -29.07
C THR B 387 16.08 -33.25 -30.57
N ILE B 388 15.79 -32.06 -31.08
CA ILE B 388 15.54 -31.87 -32.49
C ILE B 388 16.85 -31.55 -33.20
N HIS B 389 17.07 -32.21 -34.33
CA HIS B 389 18.23 -31.95 -35.18
C HIS B 389 17.79 -31.20 -36.43
N ALA B 390 18.68 -30.34 -36.94
CA ALA B 390 18.34 -29.52 -38.09
C ALA B 390 18.11 -30.38 -39.32
N LEU B 391 17.20 -29.94 -40.18
CA LEU B 391 16.86 -30.69 -41.38
C LEU B 391 18.07 -30.76 -42.31
N SER B 392 18.25 -31.91 -42.93
CA SER B 392 19.23 -32.02 -44.01
C SER B 392 18.66 -31.40 -45.28
N GLN B 393 19.56 -30.98 -46.16
CA GLN B 393 19.16 -30.19 -47.32
C GLN B 393 18.29 -30.98 -48.29
N GLU B 394 18.60 -32.26 -48.50
CA GLU B 394 17.90 -33.03 -49.54
C GLU B 394 16.42 -33.23 -49.19
N GLU B 395 16.11 -33.50 -47.92
CA GLU B 395 14.70 -33.58 -47.53
C GLU B 395 14.03 -32.22 -47.60
N LEU B 396 14.79 -31.13 -47.44
CA LEU B 396 14.22 -29.80 -47.62
C LEU B 396 13.80 -29.58 -49.07
N ILE B 397 14.57 -30.13 -50.03
CA ILE B 397 14.18 -30.02 -51.44
C ILE B 397 12.84 -30.70 -51.67
N LYS B 398 12.64 -31.89 -51.11
CA LYS B 398 11.56 -32.82 -51.48
C LYS B 398 10.21 -32.12 -51.55
N PRO B 399 9.66 -31.97 -52.75
CA PRO B 399 8.37 -31.29 -52.89
C PRO B 399 7.23 -32.09 -52.27
N ASN B 400 6.13 -31.40 -52.01
CA ASN B 400 5.02 -32.01 -51.29
C ASN B 400 4.19 -32.89 -52.21
N THR B 401 4.84 -33.80 -52.93
CA THR B 401 4.12 -34.83 -53.65
C THR B 401 3.73 -35.97 -52.72
N HIS B 402 4.28 -35.98 -51.50
CA HIS B 402 3.95 -36.97 -50.47
C HIS B 402 2.81 -36.50 -49.58
N LEU B 403 1.89 -35.71 -50.13
CA LEU B 403 0.83 -35.02 -49.41
C LEU B 403 -0.28 -35.94 -48.91
N GLU B 404 -0.11 -37.26 -48.93
CA GLU B 404 -1.14 -38.14 -48.40
C GLU B 404 -1.45 -37.81 -46.94
N LYS B 405 -2.73 -37.81 -46.61
CA LYS B 405 -3.17 -37.40 -45.28
C LYS B 405 -2.62 -38.33 -44.21
N GLN B 406 -2.30 -37.76 -43.05
CA GLN B 406 -1.70 -38.52 -41.96
C GLN B 406 -2.35 -38.19 -40.62
N SER B 407 -3.02 -37.04 -40.53
CA SER B 407 -3.59 -36.61 -39.27
C SER B 407 -4.71 -37.54 -38.81
N LEU B 408 -5.57 -37.95 -39.75
CA LEU B 408 -6.77 -38.71 -39.39
C LEU B 408 -6.41 -40.06 -38.76
N ALA B 409 -5.47 -40.79 -39.37
CA ALA B 409 -5.11 -42.10 -38.86
C ALA B 409 -4.51 -42.00 -37.46
N ILE B 410 -3.65 -41.01 -37.24
CA ILE B 410 -3.05 -40.84 -35.93
C ILE B 410 -4.11 -40.43 -34.92
N ARG B 411 -5.10 -39.64 -35.33
CA ARG B 411 -6.20 -39.30 -34.42
C ARG B 411 -7.01 -40.54 -34.06
N GLU B 412 -7.25 -41.44 -35.02
CA GLU B 412 -7.91 -42.69 -34.69
C GLU B 412 -7.11 -43.50 -33.68
N LYS B 413 -5.78 -43.57 -33.91
CA LYS B 413 -4.91 -44.23 -32.95
C LYS B 413 -5.06 -43.64 -31.56
N VAL B 414 -5.08 -42.31 -31.47
CA VAL B 414 -5.14 -41.63 -30.17
C VAL B 414 -6.49 -41.86 -29.52
N THR B 415 -7.57 -41.83 -30.30
CA THR B 415 -8.90 -42.07 -29.74
C THR B 415 -9.01 -43.47 -29.16
N LYS B 416 -8.61 -44.48 -29.94
CA LYS B 416 -8.60 -45.84 -29.41
C LYS B 416 -7.68 -45.96 -28.21
N MET B 417 -6.62 -45.14 -28.17
CA MET B 417 -5.64 -45.20 -27.10
C MET B 417 -6.22 -44.70 -25.79
N HIS B 418 -6.88 -43.55 -25.84
CA HIS B 418 -7.60 -43.06 -24.67
C HIS B 418 -8.69 -44.04 -24.27
N GLU B 419 -9.32 -44.69 -25.25
CA GLU B 419 -10.34 -45.69 -24.93
C GLU B 419 -9.75 -46.80 -24.06
N ILE B 420 -8.64 -47.40 -24.51
CA ILE B 420 -8.08 -48.53 -23.76
C ILE B 420 -7.52 -48.07 -22.43
N GLN B 421 -6.88 -46.90 -22.40
CA GLN B 421 -6.31 -46.37 -21.17
C GLN B 421 -7.41 -46.12 -20.14
N MET B 422 -8.54 -45.57 -20.57
CA MET B 422 -9.67 -45.36 -19.67
C MET B 422 -10.29 -46.68 -19.24
N ALA B 423 -10.29 -47.68 -20.13
CA ALA B 423 -10.82 -48.99 -19.75
C ALA B 423 -9.97 -49.63 -18.66
N ARG B 424 -8.65 -49.44 -18.70
CA ARG B 424 -7.80 -50.03 -17.68
C ARG B 424 -7.95 -49.33 -16.33
N GLN B 425 -7.97 -48.01 -16.33
CA GLN B 425 -8.24 -47.24 -15.12
C GLN B 425 -8.78 -45.88 -15.52
N ASP B 426 -9.35 -45.17 -14.56
CA ASP B 426 -9.98 -43.89 -14.84
C ASP B 426 -8.98 -42.75 -14.89
N SER B 427 -7.91 -42.92 -15.68
CA SER B 427 -6.91 -41.87 -15.86
C SER B 427 -5.99 -42.26 -17.01
N LEU B 428 -5.30 -41.26 -17.54
CA LEU B 428 -4.27 -41.52 -18.54
C LEU B 428 -2.98 -41.96 -17.84
N ASN B 429 -2.04 -42.46 -18.65
CA ASN B 429 -0.78 -42.95 -18.09
C ASN B 429 0.01 -41.82 -17.44
N ALA B 430 -0.20 -40.57 -17.88
CA ALA B 430 0.51 -39.46 -17.28
C ALA B 430 0.05 -39.19 -15.85
N ASN B 431 -1.25 -39.37 -15.59
CA ASN B 431 -1.83 -39.06 -14.29
C ASN B 431 -1.84 -40.24 -13.34
N LEU B 432 -1.05 -41.28 -13.60
CA LEU B 432 -1.03 -42.45 -12.73
C LEU B 432 -0.32 -42.12 -11.42
N ASN B 433 -0.92 -42.53 -10.31
CA ASN B 433 -0.30 -42.36 -9.01
C ASN B 433 0.83 -43.36 -8.82
N SER B 434 1.50 -43.26 -7.67
CA SER B 434 2.72 -44.02 -7.43
C SER B 434 2.45 -45.53 -7.47
N LYS B 435 1.47 -46.00 -6.71
CA LYS B 435 1.21 -47.43 -6.63
C LYS B 435 0.62 -47.98 -7.93
N THR B 436 -0.23 -47.19 -8.58
CA THR B 436 -0.96 -47.68 -9.74
C THR B 436 -0.02 -48.01 -10.89
N CYS B 437 0.99 -47.17 -11.13
CA CYS B 437 1.91 -47.42 -12.24
C CYS B 437 2.70 -48.71 -12.01
N GLU B 438 3.17 -48.93 -10.78
CA GLU B 438 3.90 -50.16 -10.49
C GLU B 438 2.99 -51.37 -10.55
N MET B 439 1.70 -51.19 -10.25
CA MET B 439 0.75 -52.30 -10.36
C MET B 439 0.46 -52.64 -11.81
N VAL B 440 0.40 -51.64 -12.68
CA VAL B 440 0.08 -51.88 -14.09
C VAL B 440 1.32 -52.31 -14.87
N CYS B 441 2.45 -51.63 -14.66
CA CYS B 441 3.70 -52.00 -15.32
C CYS B 441 4.27 -53.21 -14.58
N GLU B 442 3.96 -54.39 -15.13
CA GLU B 442 4.30 -55.63 -14.43
C GLU B 442 5.80 -55.82 -14.29
N LEU B 443 6.58 -55.43 -15.30
CA LEU B 443 8.04 -55.53 -15.25
C LEU B 443 8.51 -56.92 -14.85
N GLY B 444 8.33 -57.90 -15.73
CA GLY B 444 8.75 -59.26 -15.46
C GLY B 444 10.23 -59.37 -15.17
N SER B 445 10.65 -60.59 -14.84
CA SER B 445 12.04 -60.84 -14.47
C SER B 445 13.00 -60.41 -15.57
N GLU B 446 12.61 -60.61 -16.84
CA GLU B 446 13.47 -60.21 -17.93
C GLU B 446 13.72 -58.70 -17.92
N GLU B 447 12.68 -57.91 -17.64
CA GLU B 447 12.83 -56.46 -17.67
C GLU B 447 13.57 -55.96 -16.43
N GLN B 448 13.34 -56.61 -15.29
CA GLN B 448 14.07 -56.26 -14.08
C GLN B 448 15.55 -56.55 -14.24
N LEU B 449 15.89 -57.63 -14.94
CA LEU B 449 17.28 -57.95 -15.21
C LEU B 449 17.98 -56.85 -16.02
N PHE B 450 17.22 -56.05 -16.78
CA PHE B 450 17.80 -54.99 -17.58
C PHE B 450 17.82 -53.65 -16.85
N LEU B 451 16.75 -53.34 -16.10
CA LEU B 451 16.61 -52.01 -15.51
C LEU B 451 17.78 -51.68 -14.59
N ARG B 452 18.35 -52.67 -13.91
CA ARG B 452 19.43 -52.38 -12.96
C ARG B 452 20.69 -51.92 -13.67
N GLU B 453 20.98 -52.45 -14.85
CA GLU B 453 22.20 -52.05 -15.55
C GLU B 453 22.15 -50.58 -15.98
N VAL B 454 20.99 -50.12 -16.45
CA VAL B 454 20.88 -48.70 -16.79
C VAL B 454 20.72 -47.86 -15.55
N MET B 455 20.25 -48.45 -14.45
CA MET B 455 20.28 -47.71 -13.19
C MET B 455 21.67 -47.64 -12.59
N SER B 456 22.58 -48.41 -13.19
CA SER B 456 24.01 -48.29 -12.93
C SER B 456 24.70 -47.30 -13.88
N LYS B 457 24.29 -47.27 -15.15
CA LYS B 457 24.84 -46.28 -16.07
C LYS B 457 24.31 -44.88 -15.76
N LEU B 458 23.14 -44.78 -15.14
CA LEU B 458 22.51 -43.50 -14.84
C LEU B 458 22.12 -43.46 -13.38
N LYS B 459 21.71 -42.29 -12.93
CA LYS B 459 21.37 -42.07 -11.52
C LYS B 459 20.02 -41.33 -11.43
N LEU B 460 19.03 -41.87 -12.14
CA LEU B 460 17.70 -41.27 -12.16
C LEU B 460 17.07 -41.28 -10.76
N SER B 461 16.31 -40.24 -10.47
CA SER B 461 15.58 -40.16 -9.22
C SER B 461 14.39 -41.12 -9.25
N ALA B 462 13.67 -41.19 -8.13
CA ALA B 462 12.46 -42.00 -8.07
C ALA B 462 11.43 -41.50 -9.07
N ARG B 463 11.24 -40.19 -9.16
CA ARG B 463 10.26 -39.66 -10.12
C ARG B 463 10.73 -39.89 -11.55
N GLY B 464 12.03 -39.81 -11.80
CA GLY B 464 12.53 -40.15 -13.12
C GLY B 464 12.21 -41.59 -13.51
N TYR B 465 12.43 -42.51 -12.58
CA TYR B 465 12.07 -43.91 -12.82
C TYR B 465 10.58 -44.06 -13.08
N HIS B 466 9.76 -43.36 -12.30
CA HIS B 466 8.32 -43.51 -12.44
C HIS B 466 7.83 -42.96 -13.78
N ARG B 467 8.36 -41.81 -14.20
CA ARG B 467 7.96 -41.27 -15.50
C ARG B 467 8.50 -42.11 -16.65
N LEU B 468 9.67 -42.72 -16.47
CA LEU B 468 10.15 -43.69 -17.46
C LEU B 468 9.16 -44.85 -17.56
N LEU B 469 8.63 -45.30 -16.42
CA LEU B 469 7.65 -46.37 -16.44
C LEU B 469 6.37 -45.95 -17.16
N LYS B 470 5.91 -44.72 -16.92
CA LYS B 470 4.70 -44.27 -17.62
C LYS B 470 4.94 -44.22 -19.13
N VAL B 471 6.08 -43.69 -19.55
CA VAL B 471 6.38 -43.61 -20.98
C VAL B 471 6.48 -45.02 -21.57
N SER B 472 7.10 -45.94 -20.84
CA SER B 472 7.20 -47.31 -21.30
C SER B 472 5.83 -47.95 -21.44
N ARG B 473 4.93 -47.68 -20.49
CA ARG B 473 3.58 -48.21 -20.59
C ARG B 473 2.85 -47.65 -21.80
N THR B 474 3.02 -46.36 -22.06
CA THR B 474 2.38 -45.76 -23.23
C THR B 474 2.89 -46.40 -24.52
N ILE B 475 4.21 -46.58 -24.61
CA ILE B 475 4.77 -47.21 -25.80
C ILE B 475 4.32 -48.66 -25.92
N ALA B 476 4.20 -49.35 -24.79
CA ALA B 476 3.74 -50.73 -24.80
C ALA B 476 2.32 -50.82 -25.33
N ASP B 477 1.47 -49.89 -24.93
CA ASP B 477 0.16 -49.80 -25.57
C ASP B 477 0.30 -49.50 -27.06
N MET B 478 1.29 -48.68 -27.43
CA MET B 478 1.44 -48.29 -28.84
C MET B 478 1.64 -49.52 -29.72
N ASN B 479 2.33 -50.54 -29.20
CA ASN B 479 2.48 -51.81 -29.87
C ASN B 479 1.31 -52.75 -29.64
N SER B 480 0.21 -52.26 -29.06
CA SER B 480 -0.96 -53.07 -28.76
C SER B 480 -0.62 -54.26 -27.87
N SER B 481 0.26 -54.04 -26.89
CA SER B 481 0.75 -55.09 -26.01
C SER B 481 0.01 -55.07 -24.69
N LYS B 482 -0.45 -56.25 -24.26
CA LYS B 482 -1.04 -56.37 -22.93
C LYS B 482 0.01 -56.20 -21.84
N LYS B 483 1.28 -56.40 -22.17
CA LYS B 483 2.36 -56.38 -21.20
C LYS B 483 3.53 -55.56 -21.72
N VAL B 484 4.35 -55.07 -20.79
CA VAL B 484 5.55 -54.31 -21.12
C VAL B 484 6.71 -55.26 -21.37
N LEU B 485 7.57 -54.90 -22.34
CA LEU B 485 8.67 -55.75 -22.74
C LEU B 485 9.96 -54.94 -22.77
N LEU B 486 11.08 -55.66 -22.88
CA LEU B 486 12.39 -55.04 -22.82
C LEU B 486 12.61 -54.07 -23.97
N ASN B 487 12.20 -54.45 -25.18
CA ASN B 487 12.36 -53.57 -26.32
C ASN B 487 11.65 -52.24 -26.12
N HIS B 488 10.46 -52.29 -25.52
CA HIS B 488 9.70 -51.07 -25.28
C HIS B 488 10.40 -50.16 -24.29
N LEU B 489 10.96 -50.72 -23.22
CA LEU B 489 11.75 -49.92 -22.29
C LEU B 489 12.99 -49.33 -22.96
N GLN B 490 13.64 -50.12 -23.82
CA GLN B 490 14.81 -49.61 -24.53
C GLN B 490 14.44 -48.44 -25.42
N GLN B 491 13.31 -48.53 -26.12
CA GLN B 491 12.82 -47.42 -26.92
C GLN B 491 12.49 -46.22 -26.04
N ALA B 492 11.86 -46.47 -24.89
CA ALA B 492 11.47 -45.38 -23.99
C ALA B 492 12.68 -44.66 -23.42
N LEU B 493 13.79 -45.36 -23.21
CA LEU B 493 14.96 -44.75 -22.59
C LEU B 493 15.53 -43.61 -23.42
N SER B 494 15.30 -43.64 -24.74
CA SER B 494 15.83 -42.58 -25.60
C SER B 494 15.21 -41.23 -25.26
N TYR B 495 13.92 -41.22 -24.96
CA TYR B 495 13.18 -39.98 -24.69
C TYR B 495 13.27 -39.56 -23.24
N LYS B 496 14.50 -39.44 -22.71
CA LYS B 496 14.76 -39.08 -21.33
C LYS B 496 16.08 -38.33 -21.27
N GLN B 497 16.70 -38.28 -20.09
CA GLN B 497 18.01 -37.64 -19.90
C GLN B 497 17.92 -36.14 -20.14
N ASN B 498 17.04 -35.48 -19.39
CA ASN B 498 16.89 -34.04 -19.47
C ASN B 498 18.22 -33.35 -19.18
N LEU B 499 18.52 -32.32 -19.96
CA LEU B 499 19.72 -31.50 -19.76
C LEU B 499 20.99 -32.35 -19.84
N HIS B 500 22.10 -31.80 -19.37
CA HIS B 500 23.37 -32.51 -19.36
C HIS B 500 24.34 -31.89 -18.35
N MET C 1 -48.18 9.58 -25.23
CA MET C 1 -47.15 8.60 -24.98
C MET C 1 -46.08 8.66 -26.05
N SER C 2 -44.84 8.92 -25.65
CA SER C 2 -43.75 9.02 -26.60
C SER C 2 -42.43 8.69 -25.92
N LEU C 3 -41.47 8.26 -26.73
CA LEU C 3 -40.10 8.03 -26.30
C LEU C 3 -39.18 8.24 -27.48
N ALA C 4 -37.91 8.49 -27.19
CA ALA C 4 -36.95 8.81 -28.24
C ALA C 4 -35.69 7.98 -28.06
N PHE C 5 -35.05 7.68 -29.19
CA PHE C 5 -33.80 6.94 -29.21
C PHE C 5 -32.75 7.75 -29.96
N THR C 6 -31.55 7.82 -29.39
CA THR C 6 -30.48 8.62 -29.96
C THR C 6 -29.18 7.87 -29.76
N LYS C 7 -28.28 7.98 -30.74
CA LYS C 7 -27.05 7.21 -30.75
C LYS C 7 -25.85 8.13 -30.57
N THR C 8 -24.87 7.67 -29.80
CA THR C 8 -23.65 8.42 -29.56
C THR C 8 -22.53 7.42 -29.27
N ARG C 9 -21.31 7.93 -29.15
CA ARG C 9 -20.12 7.13 -28.95
C ARG C 9 -19.41 7.54 -27.67
N SER C 10 -18.90 6.55 -26.95
CA SER C 10 -18.05 6.80 -25.79
C SER C 10 -16.62 6.42 -26.15
N THR C 11 -15.72 7.39 -26.07
CA THR C 11 -14.33 7.19 -26.47
C THR C 11 -13.48 6.87 -25.24
N ILE C 12 -13.57 5.61 -24.81
CA ILE C 12 -12.76 5.13 -23.70
C ILE C 12 -11.29 4.99 -24.05
N GLY C 13 -10.95 5.05 -25.35
CA GLY C 13 -9.58 4.91 -25.79
C GLY C 13 -9.49 4.90 -27.30
N ILE C 14 -8.72 3.96 -27.85
CA ILE C 14 -8.68 3.80 -29.30
C ILE C 14 -10.03 3.34 -29.83
N VAL C 15 -10.73 2.49 -29.08
CA VAL C 15 -12.04 1.99 -29.49
C VAL C 15 -13.10 3.03 -29.12
N ALA C 16 -14.19 3.04 -29.90
CA ALA C 16 -15.32 3.94 -29.69
C ALA C 16 -16.57 3.07 -29.51
N GLN C 17 -16.88 2.74 -28.27
CA GLN C 17 -18.00 1.86 -27.98
C GLN C 17 -19.31 2.57 -28.28
N PRO C 18 -20.18 1.98 -29.11
CA PRO C 18 -21.48 2.62 -29.37
C PRO C 18 -22.32 2.65 -28.11
N VAL C 19 -23.07 3.73 -27.95
CA VAL C 19 -23.90 3.96 -26.77
C VAL C 19 -25.26 4.46 -27.22
N SER C 20 -26.32 3.88 -26.68
CA SER C 20 -27.69 4.26 -27.01
C SER C 20 -28.26 5.12 -25.89
N VAL C 21 -28.83 6.26 -26.26
CA VAL C 21 -29.47 7.17 -25.31
C VAL C 21 -30.97 7.07 -25.50
N GLU C 22 -31.69 6.82 -24.42
CA GLU C 22 -33.13 6.58 -24.46
C GLU C 22 -33.81 7.49 -23.45
N VAL C 23 -34.90 8.13 -23.87
CA VAL C 23 -35.66 9.05 -23.02
C VAL C 23 -37.11 8.64 -23.02
N HIS C 24 -37.70 8.57 -21.82
CA HIS C 24 -39.11 8.26 -21.67
C HIS C 24 -39.73 9.29 -20.72
N LEU C 25 -40.91 9.79 -21.08
CA LEU C 25 -41.54 10.90 -20.38
C LEU C 25 -42.81 10.40 -19.69
N SER C 26 -42.69 10.02 -18.43
CA SER C 26 -43.85 9.61 -17.65
C SER C 26 -44.69 10.81 -17.25
N ASN C 27 -45.95 10.56 -16.90
CA ASN C 27 -46.85 11.63 -16.48
C ASN C 27 -46.77 11.86 -14.97
N GLY C 28 -45.66 11.46 -14.35
CA GLY C 28 -45.46 11.64 -12.93
C GLY C 28 -44.93 13.03 -12.61
N LEU C 29 -44.48 13.16 -11.36
CA LEU C 29 -43.89 14.42 -10.91
C LEU C 29 -42.57 14.67 -11.65
N PRO C 30 -42.26 15.93 -11.94
CA PRO C 30 -41.12 16.24 -12.83
C PRO C 30 -39.75 16.05 -12.19
N SER C 31 -39.35 14.79 -12.05
CA SER C 31 -37.97 14.48 -11.68
C SER C 31 -37.13 14.26 -12.94
N PHE C 32 -35.83 14.04 -12.73
CA PHE C 32 -34.91 13.77 -13.82
C PHE C 32 -33.92 12.73 -13.33
N THR C 33 -34.11 11.48 -13.76
CA THR C 33 -33.33 10.35 -13.27
C THR C 33 -32.48 9.78 -14.40
N MET C 34 -31.26 9.37 -14.06
CA MET C 34 -30.32 8.83 -15.03
C MET C 34 -29.83 7.47 -14.56
N VAL C 35 -29.76 6.52 -15.50
CA VAL C 35 -29.29 5.17 -15.22
C VAL C 35 -28.27 4.77 -16.26
N GLY C 36 -27.48 3.75 -15.93
CA GLY C 36 -26.49 3.24 -16.86
C GLY C 36 -25.06 3.53 -16.45
N LEU C 37 -24.79 3.54 -15.15
CA LEU C 37 -23.44 3.75 -14.61
C LEU C 37 -22.88 5.09 -15.10
N ALA C 38 -23.67 6.13 -14.92
CA ALA C 38 -23.26 7.47 -15.33
C ALA C 38 -22.32 8.07 -14.29
N GLU C 39 -21.12 8.44 -14.72
CA GLU C 39 -20.16 9.08 -13.83
C GLU C 39 -20.65 10.47 -13.42
N THR C 40 -19.91 11.07 -12.48
CA THR C 40 -20.28 12.41 -12.01
C THR C 40 -20.23 13.43 -13.14
N ALA C 41 -19.24 13.30 -14.03
CA ALA C 41 -19.11 14.26 -15.12
C ALA C 41 -20.33 14.27 -16.02
N VAL C 42 -21.07 13.16 -16.10
CA VAL C 42 -22.25 13.08 -16.93
C VAL C 42 -23.55 13.08 -16.12
N LYS C 43 -23.52 12.59 -14.88
CA LYS C 43 -24.72 12.63 -14.05
C LYS C 43 -25.18 14.05 -13.78
N GLU C 44 -24.27 15.01 -13.89
CA GLU C 44 -24.58 16.42 -13.73
C GLU C 44 -25.01 17.07 -15.03
N SER C 45 -25.27 16.28 -16.09
CA SER C 45 -25.76 16.84 -17.34
C SER C 45 -27.16 17.41 -17.20
N LYS C 46 -27.86 17.06 -16.12
CA LYS C 46 -29.26 17.44 -15.96
C LYS C 46 -29.47 18.95 -16.14
N ASP C 47 -28.82 19.74 -15.28
CA ASP C 47 -29.09 21.17 -15.23
C ASP C 47 -28.60 21.88 -16.49
N ARG C 48 -27.42 21.50 -16.99
CA ARG C 48 -26.90 22.13 -18.20
C ARG C 48 -27.79 21.86 -19.40
N VAL C 49 -28.25 20.61 -19.54
CA VAL C 49 -29.16 20.28 -20.63
C VAL C 49 -30.47 21.05 -20.48
N ARG C 50 -30.98 21.13 -19.24
CA ARG C 50 -32.22 21.86 -19.00
C ARG C 50 -32.10 23.31 -19.43
N SER C 51 -31.04 23.98 -19.00
CA SER C 51 -30.85 25.39 -19.35
C SER C 51 -30.63 25.56 -20.85
N ALA C 52 -29.85 24.66 -21.46
CA ALA C 52 -29.61 24.76 -22.90
C ALA C 52 -30.91 24.66 -23.68
N ILE C 53 -31.78 23.73 -23.30
CA ILE C 53 -33.07 23.61 -23.97
C ILE C 53 -33.91 24.86 -23.72
N ILE C 54 -33.92 25.35 -22.48
CA ILE C 54 -34.74 26.52 -22.16
C ILE C 54 -34.24 27.75 -22.90
N ASN C 55 -32.91 27.95 -22.91
CA ASN C 55 -32.35 29.15 -23.52
C ASN C 55 -32.36 29.11 -25.04
N SER C 56 -32.73 28.00 -25.65
CA SER C 56 -32.88 27.90 -27.09
C SER C 56 -34.32 28.10 -27.54
N GLN C 57 -35.16 28.66 -26.67
CA GLN C 57 -36.58 28.91 -26.95
C GLN C 57 -37.36 27.65 -27.24
N PHE C 58 -36.84 26.48 -26.88
CA PHE C 58 -37.64 25.27 -26.91
C PHE C 58 -38.50 25.19 -25.65
N GLU C 59 -39.27 24.11 -25.55
CA GLU C 59 -40.09 23.85 -24.37
C GLU C 59 -39.51 22.68 -23.59
N PHE C 60 -39.26 22.90 -22.30
CA PHE C 60 -38.78 21.80 -21.46
C PHE C 60 -39.97 21.10 -20.84
N PRO C 61 -40.06 19.79 -20.97
CA PRO C 61 -41.26 19.09 -20.46
C PRO C 61 -41.38 19.18 -18.95
N CYS C 62 -42.60 19.43 -18.49
CA CYS C 62 -42.90 19.40 -17.07
C CYS C 62 -43.34 18.00 -16.67
N ARG C 63 -42.50 17.01 -16.98
CA ARG C 63 -42.85 15.61 -16.81
C ARG C 63 -41.65 14.85 -16.28
N LYS C 64 -41.90 13.61 -15.84
CA LYS C 64 -40.86 12.77 -15.27
C LYS C 64 -39.96 12.27 -16.40
N ILE C 65 -38.77 12.86 -16.51
CA ILE C 65 -37.83 12.50 -17.56
C ILE C 65 -36.99 11.32 -17.07
N THR C 66 -36.99 10.22 -17.82
CA THR C 66 -36.16 9.07 -17.54
C THR C 66 -35.16 8.89 -18.66
N VAL C 67 -33.89 8.79 -18.30
CA VAL C 67 -32.80 8.70 -19.29
C VAL C 67 -32.02 7.42 -19.01
N ASN C 68 -31.76 6.66 -20.08
CA ASN C 68 -31.01 5.41 -19.99
C ASN C 68 -29.84 5.45 -20.97
N LEU C 69 -28.62 5.28 -20.45
CA LEU C 69 -27.42 5.26 -21.27
C LEU C 69 -26.98 3.80 -21.42
N GLY C 70 -27.57 3.12 -22.39
CA GLY C 70 -27.23 1.76 -22.67
C GLY C 70 -25.90 1.62 -23.39
N PRO C 71 -25.23 0.47 -23.22
CA PRO C 71 -25.56 -0.66 -22.34
C PRO C 71 -25.32 -0.34 -20.87
N ALA C 72 -25.96 -1.05 -19.96
CA ALA C 72 -25.82 -0.76 -18.54
C ALA C 72 -24.56 -1.33 -17.91
N ASN C 73 -23.89 -2.25 -18.59
CA ASN C 73 -22.74 -2.93 -17.98
C ASN C 73 -21.45 -2.12 -18.06
N LEU C 74 -21.39 -1.09 -18.89
CA LEU C 74 -20.16 -0.33 -19.09
C LEU C 74 -20.34 1.11 -18.62
N PRO C 75 -19.44 1.63 -17.79
CA PRO C 75 -19.56 3.01 -17.33
C PRO C 75 -19.35 4.01 -18.46
N LYS C 76 -20.01 5.15 -18.34
CA LYS C 76 -19.91 6.23 -19.33
C LYS C 76 -18.91 7.26 -18.83
N THR C 77 -17.65 7.09 -19.22
CA THR C 77 -16.60 8.02 -18.81
C THR C 77 -16.58 9.31 -19.63
N GLY C 78 -17.27 9.34 -20.77
CA GLY C 78 -17.23 10.50 -21.64
C GLY C 78 -17.98 11.68 -21.07
N SER C 79 -17.86 12.80 -21.78
CA SER C 79 -18.54 14.04 -21.42
C SER C 79 -19.46 14.57 -22.50
N GLY C 80 -19.38 14.06 -23.72
CA GLY C 80 -20.15 14.58 -24.83
C GLY C 80 -21.56 14.05 -24.94
N PHE C 81 -22.06 13.40 -23.89
CA PHE C 81 -23.40 12.82 -23.93
C PHE C 81 -24.50 13.88 -23.87
N ASP C 82 -24.15 15.13 -23.58
CA ASP C 82 -25.17 16.14 -23.29
C ASP C 82 -26.06 16.42 -24.50
N LEU C 83 -25.45 16.63 -25.66
CA LEU C 83 -26.22 16.95 -26.86
C LEU C 83 -27.14 15.80 -27.27
N PRO C 84 -26.66 14.55 -27.28
CA PRO C 84 -27.60 13.44 -27.51
C PRO C 84 -28.77 13.43 -26.55
N ILE C 85 -28.53 13.74 -25.27
CA ILE C 85 -29.62 13.74 -24.29
C ILE C 85 -30.62 14.86 -24.60
N ALA C 86 -30.12 16.05 -24.92
CA ALA C 86 -31.01 17.17 -25.23
C ALA C 86 -31.84 16.87 -26.47
N LEU C 87 -31.20 16.32 -27.51
CA LEU C 87 -31.94 15.96 -28.71
C LEU C 87 -32.95 14.87 -28.43
N GLY C 88 -32.60 13.89 -27.60
CA GLY C 88 -33.56 12.86 -27.22
C GLY C 88 -34.77 13.44 -26.51
N ILE C 89 -34.53 14.37 -25.59
CA ILE C 89 -35.64 15.01 -24.88
C ILE C 89 -36.53 15.76 -25.85
N LEU C 90 -35.93 16.54 -26.77
CA LEU C 90 -36.74 17.29 -27.71
C LEU C 90 -37.51 16.37 -28.65
N ALA C 91 -36.90 15.26 -29.06
CA ALA C 91 -37.61 14.29 -29.90
C ALA C 91 -38.77 13.67 -29.15
N ALA C 92 -38.56 13.33 -27.88
CA ALA C 92 -39.62 12.75 -27.07
C ALA C 92 -40.77 13.74 -26.87
N SER C 93 -40.47 15.03 -26.85
CA SER C 93 -41.52 16.03 -26.77
C SER C 93 -42.18 16.33 -28.11
N GLU C 94 -41.83 15.58 -29.16
CA GLU C 94 -42.39 15.73 -30.51
C GLU C 94 -42.14 17.11 -31.09
N GLN C 95 -41.06 17.78 -30.66
CA GLN C 95 -40.65 19.03 -31.29
C GLN C 95 -39.71 18.82 -32.46
N ILE C 96 -39.30 17.58 -32.72
CA ILE C 96 -38.32 17.26 -33.77
C ILE C 96 -38.88 16.11 -34.61
N PRO C 97 -38.60 16.06 -35.92
CA PRO C 97 -38.96 14.87 -36.70
C PRO C 97 -38.13 13.66 -36.32
N LEU C 98 -38.78 12.68 -35.69
CA LEU C 98 -38.09 11.49 -35.20
C LEU C 98 -37.52 10.67 -36.35
N THR C 99 -38.10 10.79 -37.55
CA THR C 99 -37.69 9.95 -38.67
C THR C 99 -36.23 10.17 -39.04
N ASN C 100 -35.74 11.40 -38.97
CA ASN C 100 -34.39 11.69 -39.43
C ASN C 100 -33.33 11.20 -38.46
N LEU C 101 -33.68 11.04 -37.17
CA LEU C 101 -32.69 10.70 -36.16
C LEU C 101 -32.10 9.31 -36.38
N ALA C 102 -32.81 8.43 -37.07
CA ALA C 102 -32.37 7.04 -37.19
C ALA C 102 -31.01 6.90 -37.88
N ASN C 103 -30.64 7.87 -38.72
CA ASN C 103 -29.42 7.76 -39.51
C ASN C 103 -28.27 8.59 -38.96
N HIS C 104 -28.43 9.24 -37.81
CA HIS C 104 -27.46 10.22 -37.34
C HIS C 104 -26.88 9.83 -35.99
N GLU C 105 -25.61 10.18 -35.80
CA GLU C 105 -24.89 9.99 -34.55
C GLU C 105 -24.42 11.35 -34.05
N PHE C 106 -24.58 11.60 -32.75
CA PHE C 106 -24.36 12.92 -32.20
C PHE C 106 -23.34 12.88 -31.08
N ILE C 107 -22.47 13.90 -31.06
CA ILE C 107 -21.54 14.15 -29.95
C ILE C 107 -21.50 15.66 -29.73
N GLY C 108 -21.61 16.08 -28.47
CA GLY C 108 -21.57 17.50 -28.19
C GLY C 108 -21.75 17.88 -26.74
N GLU C 109 -20.96 18.86 -26.30
CA GLU C 109 -21.09 19.45 -24.98
C GLU C 109 -21.63 20.86 -25.11
N LEU C 110 -22.68 21.16 -24.35
CA LEU C 110 -23.36 22.44 -24.43
C LEU C 110 -23.13 23.23 -23.15
N ALA C 111 -22.69 24.48 -23.30
CA ALA C 111 -22.66 25.42 -22.20
C ALA C 111 -24.09 25.80 -21.81
N LEU C 112 -24.22 26.52 -20.70
CA LEU C 112 -25.53 26.89 -20.20
C LEU C 112 -26.35 27.67 -21.21
N SER C 113 -25.69 28.37 -22.14
CA SER C 113 -26.39 29.21 -23.10
C SER C 113 -27.11 28.43 -24.17
N GLY C 114 -26.78 27.14 -24.33
CA GLY C 114 -27.24 26.38 -25.48
C GLY C 114 -26.25 26.32 -26.61
N GLU C 115 -25.19 27.12 -26.57
CA GLU C 115 -24.12 27.01 -27.54
C GLU C 115 -23.28 25.78 -27.25
N LEU C 116 -22.66 25.25 -28.30
CA LEU C 116 -21.91 24.00 -28.20
C LEU C 116 -20.46 24.26 -27.78
N ARG C 117 -19.87 23.24 -27.18
CA ARG C 117 -18.46 23.25 -26.81
C ARG C 117 -17.82 21.96 -27.30
N GLY C 118 -16.55 22.04 -27.70
CA GLY C 118 -15.89 20.89 -28.28
C GLY C 118 -15.30 19.97 -27.23
N VAL C 119 -15.66 18.69 -27.31
CA VAL C 119 -15.08 17.70 -26.40
C VAL C 119 -13.75 17.20 -26.93
N SER C 120 -13.04 16.46 -26.09
CA SER C 120 -11.78 15.86 -26.51
C SER C 120 -12.01 14.46 -27.07
N ALA C 121 -10.97 13.93 -27.72
CA ALA C 121 -10.96 12.56 -28.24
C ALA C 121 -12.08 12.32 -29.24
N ILE C 122 -12.03 13.03 -30.36
CA ILE C 122 -13.09 12.94 -31.36
C ILE C 122 -12.68 12.09 -32.56
N ILE C 123 -11.38 11.86 -32.77
CA ILE C 123 -10.94 11.08 -33.94
C ILE C 123 -11.45 9.65 -33.90
N PRO C 124 -11.33 8.89 -32.81
CA PRO C 124 -11.92 7.55 -32.81
C PRO C 124 -13.42 7.58 -33.05
N ALA C 125 -14.10 8.63 -32.60
CA ALA C 125 -15.53 8.74 -32.81
C ALA C 125 -15.87 8.86 -34.28
N VAL C 126 -15.16 9.73 -35.01
CA VAL C 126 -15.45 9.88 -36.43
C VAL C 126 -15.04 8.64 -37.19
N LEU C 127 -13.96 7.98 -36.78
CA LEU C 127 -13.58 6.71 -37.42
C LEU C 127 -14.70 5.68 -37.29
N ALA C 128 -15.20 5.49 -36.07
CA ALA C 128 -16.25 4.51 -35.85
C ALA C 128 -17.53 4.89 -36.60
N ALA C 129 -17.86 6.19 -36.61
CA ALA C 129 -19.05 6.63 -37.31
C ALA C 129 -18.95 6.39 -38.81
N HIS C 130 -17.78 6.60 -39.39
CA HIS C 130 -17.60 6.31 -40.80
C HIS C 130 -17.71 4.82 -41.08
N LYS C 131 -17.09 4.00 -40.21
CA LYS C 131 -17.16 2.56 -40.41
C LYS C 131 -18.59 2.05 -40.31
N ASP C 132 -19.41 2.71 -39.49
CA ASP C 132 -20.82 2.38 -39.39
C ASP C 132 -21.68 3.15 -40.39
N ASN C 133 -21.07 3.97 -41.24
CA ASN C 133 -21.78 4.74 -42.27
C ASN C 133 -22.90 5.59 -41.66
N GLN C 134 -22.58 6.27 -40.57
CA GLN C 134 -23.54 7.11 -39.87
C GLN C 134 -23.17 8.58 -40.02
N HIS C 135 -24.17 9.41 -40.31
CA HIS C 135 -23.96 10.85 -40.36
C HIS C 135 -23.66 11.38 -38.96
N LEU C 136 -22.50 12.01 -38.80
CA LEU C 136 -22.03 12.46 -37.51
C LEU C 136 -22.15 13.97 -37.41
N ILE C 137 -22.68 14.45 -36.28
CA ILE C 137 -22.80 15.88 -36.00
C ILE C 137 -22.06 16.17 -34.71
N ILE C 138 -21.13 17.12 -34.76
CA ILE C 138 -20.26 17.43 -33.64
C ILE C 138 -20.20 18.94 -33.42
N ALA C 139 -19.63 19.32 -32.29
CA ALA C 139 -19.44 20.74 -31.99
C ALA C 139 -18.46 21.37 -32.97
N ASN C 140 -18.72 22.63 -33.34
CA ASN C 140 -17.89 23.30 -34.33
C ASN C 140 -16.45 23.46 -33.84
N ALA C 141 -16.24 23.50 -32.53
CA ALA C 141 -14.89 23.69 -32.00
C ALA C 141 -13.95 22.56 -32.37
N ASN C 142 -14.48 21.38 -32.70
CA ASN C 142 -13.67 20.24 -33.10
C ASN C 142 -13.54 20.11 -34.61
N ALA C 143 -14.05 21.07 -35.37
CA ALA C 143 -13.97 20.98 -36.83
C ALA C 143 -12.52 21.00 -37.31
N ALA C 144 -11.66 21.75 -36.62
CA ALA C 144 -10.25 21.79 -37.02
C ALA C 144 -9.61 20.42 -36.92
N GLU C 145 -9.88 19.69 -35.84
CA GLU C 145 -9.34 18.34 -35.70
C GLU C 145 -10.02 17.37 -36.66
N ALA C 146 -11.32 17.57 -36.90
CA ALA C 146 -12.04 16.68 -37.80
C ALA C 146 -11.59 16.85 -39.25
N SER C 147 -11.03 18.02 -39.58
CA SER C 147 -10.64 18.30 -40.95
C SER C 147 -9.56 17.34 -41.46
N LEU C 148 -8.61 16.95 -40.59
CA LEU C 148 -7.52 16.11 -41.04
C LEU C 148 -7.99 14.74 -41.50
N THR C 149 -9.22 14.34 -41.16
CA THR C 149 -9.73 13.06 -41.63
C THR C 149 -10.08 13.07 -43.10
N GLY C 150 -10.24 14.24 -43.71
CA GLY C 150 -10.58 14.32 -45.11
C GLY C 150 -11.98 13.87 -45.45
N HIS C 151 -12.90 13.88 -44.49
CA HIS C 151 -14.25 13.40 -44.71
C HIS C 151 -15.06 14.37 -45.56
N GLN C 152 -16.19 13.85 -46.05
CA GLN C 152 -17.25 14.65 -46.67
C GLN C 152 -18.62 14.28 -46.09
N LYS C 153 -18.63 13.68 -44.89
CA LYS C 153 -19.85 13.13 -44.31
C LYS C 153 -19.97 13.49 -42.83
N VAL C 154 -19.36 14.60 -42.41
CA VAL C 154 -19.43 15.05 -41.02
C VAL C 154 -19.83 16.52 -41.01
N PHE C 155 -20.73 16.86 -40.10
CA PHE C 155 -21.29 18.20 -40.00
C PHE C 155 -21.00 18.79 -38.63
N THR C 156 -20.84 20.10 -38.58
CA THR C 156 -20.54 20.82 -37.35
C THR C 156 -21.56 21.93 -37.15
N ALA C 157 -21.82 22.26 -35.88
CA ALA C 157 -22.80 23.25 -35.54
C ALA C 157 -22.27 24.15 -34.42
N ASN C 158 -22.83 25.35 -34.34
CA ASN C 158 -22.45 26.29 -33.29
C ASN C 158 -23.40 26.26 -32.10
N ASN C 159 -24.66 25.89 -32.32
CA ASN C 159 -25.64 25.89 -31.26
C ASN C 159 -26.69 24.82 -31.53
N LEU C 160 -27.43 24.46 -30.47
CA LEU C 160 -28.43 23.40 -30.58
C LEU C 160 -29.53 23.79 -31.56
N ARG C 161 -29.88 25.07 -31.62
CA ARG C 161 -30.90 25.53 -32.55
C ARG C 161 -30.50 25.24 -33.99
N GLU C 162 -29.21 25.35 -34.30
CA GLU C 162 -28.75 25.04 -35.65
C GLU C 162 -28.95 23.57 -35.98
N VAL C 163 -28.68 22.68 -35.02
CA VAL C 163 -28.92 21.25 -35.24
C VAL C 163 -30.41 20.99 -35.44
N CYS C 164 -31.25 21.63 -34.62
CA CYS C 164 -32.69 21.46 -34.78
C CYS C 164 -33.15 21.92 -36.15
N ASP C 165 -32.60 23.03 -36.64
CA ASP C 165 -32.98 23.55 -37.94
C ASP C 165 -32.40 22.73 -39.10
N TYR C 166 -31.26 22.07 -38.91
CA TYR C 166 -30.81 21.12 -39.91
C TYR C 166 -31.72 19.91 -39.96
N LEU C 167 -32.18 19.46 -38.79
CA LEU C 167 -33.10 18.33 -38.74
C LEU C 167 -34.43 18.67 -39.42
N CYS C 168 -34.99 19.84 -39.10
CA CYS C 168 -36.31 20.19 -39.62
C CYS C 168 -36.21 20.81 -41.02
N GLN C 169 -35.56 21.98 -41.11
CA GLN C 169 -35.54 22.78 -42.33
C GLN C 169 -34.39 22.44 -43.26
N GLY C 170 -33.50 21.53 -42.85
CA GLY C 170 -32.39 21.14 -43.71
C GLY C 170 -31.41 22.25 -44.03
N THR C 171 -30.98 23.01 -43.02
CA THR C 171 -30.05 24.12 -43.22
C THR C 171 -28.63 23.67 -43.59
N SER C 172 -28.34 22.38 -43.40
CA SER C 172 -27.13 21.72 -43.86
C SER C 172 -25.89 22.08 -43.04
N LEU C 173 -26.01 23.06 -42.14
CA LEU C 173 -24.97 23.42 -41.17
C LEU C 173 -23.65 23.82 -41.83
N GLN C 174 -22.68 24.24 -41.02
CA GLN C 174 -21.33 24.50 -41.49
C GLN C 174 -20.58 23.17 -41.59
N SER C 175 -20.21 22.77 -42.80
CA SER C 175 -19.39 21.58 -42.96
C SER C 175 -17.96 21.85 -42.46
N LEU C 176 -17.19 20.77 -42.30
CA LEU C 176 -15.79 20.92 -41.91
C LEU C 176 -15.01 21.60 -43.05
N PRO C 177 -13.93 22.34 -42.72
CA PRO C 177 -13.19 23.17 -43.69
C PRO C 177 -12.58 22.50 -44.92
N PRO C 178 -11.83 23.24 -45.77
CA PRO C 178 -11.35 22.66 -47.02
C PRO C 178 -10.15 21.74 -46.81
N LYS C 179 -9.68 21.22 -47.95
CA LYS C 179 -8.53 20.31 -47.99
C LYS C 179 -7.29 21.03 -47.46
N PRO C 180 -6.40 20.33 -46.76
CA PRO C 180 -5.12 20.94 -46.39
C PRO C 180 -4.19 21.11 -47.58
N ASP C 181 -4.62 21.87 -48.58
CA ASP C 181 -3.85 22.07 -49.80
C ASP C 181 -2.57 22.87 -49.56
N LEU C 182 -2.43 23.50 -48.39
CA LEU C 182 -1.25 24.30 -48.07
C LEU C 182 -0.07 23.39 -47.70
N LEU C 183 0.49 22.77 -48.74
CA LEU C 183 1.60 21.85 -48.58
C LEU C 183 2.44 21.83 -49.85
N LEU C 184 3.64 21.28 -49.74
CA LEU C 184 4.50 21.05 -50.90
C LEU C 184 4.10 19.74 -51.56
N ASN C 185 3.73 19.80 -52.83
CA ASN C 185 3.19 18.64 -53.53
C ASN C 185 4.29 17.60 -53.81
N ASN C 186 3.85 16.42 -54.23
CA ASN C 186 4.69 15.27 -54.55
C ASN C 186 5.50 14.77 -53.36
N TYR C 187 5.21 15.28 -52.16
CA TYR C 187 6.04 15.01 -50.96
C TYR C 187 7.50 15.34 -51.21
N GLU C 188 7.76 16.20 -52.20
CA GLU C 188 9.10 16.63 -52.58
C GLU C 188 9.99 15.46 -52.99
N LEU C 189 9.41 14.27 -53.12
CA LEU C 189 10.18 13.08 -53.46
C LEU C 189 9.71 12.44 -54.75
N ASP C 190 8.43 12.09 -54.80
CA ASP C 190 7.83 11.29 -55.86
C ASP C 190 8.70 10.07 -56.18
N TRP C 191 9.41 10.12 -57.30
CA TRP C 191 10.35 9.06 -57.69
C TRP C 191 11.22 9.61 -58.81
N SER C 192 11.98 8.74 -59.47
CA SER C 192 12.87 9.06 -60.58
C SER C 192 14.07 9.88 -60.11
N ASP C 193 14.11 10.22 -58.83
CA ASP C 193 15.31 10.80 -58.23
C ASP C 193 16.29 9.69 -57.89
N ILE C 194 17.32 10.04 -57.12
CA ILE C 194 18.45 9.15 -56.83
C ILE C 194 19.09 8.71 -58.13
N LYS C 195 20.10 9.46 -58.58
CA LYS C 195 20.64 9.28 -59.92
C LYS C 195 21.23 7.89 -60.11
N GLY C 196 21.97 7.39 -59.14
CA GLY C 196 22.66 6.12 -59.25
C GLY C 196 21.93 4.98 -58.59
N GLN C 197 22.66 3.87 -58.42
CA GLN C 197 22.19 2.68 -57.70
C GLN C 197 20.94 2.07 -58.34
N GLN C 198 21.04 1.70 -59.62
CA GLN C 198 19.89 1.15 -60.34
C GLN C 198 19.41 -0.15 -59.70
N HIS C 199 20.34 -1.05 -59.35
CA HIS C 199 19.96 -2.35 -58.83
C HIS C 199 19.22 -2.22 -57.50
N ALA C 200 19.70 -1.34 -56.62
CA ALA C 200 19.00 -1.12 -55.36
C ALA C 200 17.59 -0.59 -55.59
N LYS C 201 17.43 0.26 -56.61
CA LYS C 201 16.12 0.85 -56.88
C LYS C 201 15.11 -0.21 -57.28
N ASN C 202 15.47 -1.11 -58.20
CA ASN C 202 14.48 -2.10 -58.62
C ASN C 202 14.30 -3.18 -57.55
N ALA C 203 15.32 -3.45 -56.74
CA ALA C 203 15.12 -4.32 -55.58
C ALA C 203 14.08 -3.72 -54.63
N MET C 204 14.21 -2.42 -54.37
CA MET C 204 13.21 -1.73 -53.55
C MET C 204 11.83 -1.76 -54.21
N VAL C 205 11.79 -1.64 -55.53
CA VAL C 205 10.51 -1.66 -56.25
C VAL C 205 9.82 -3.00 -56.05
N ILE C 206 10.56 -4.10 -56.22
CA ILE C 206 9.94 -5.41 -56.07
C ILE C 206 9.56 -5.66 -54.61
N ALA C 207 10.37 -5.20 -53.67
CA ALA C 207 10.02 -5.35 -52.26
C ALA C 207 8.73 -4.58 -51.94
N ALA C 208 8.59 -3.37 -52.50
CA ALA C 208 7.38 -2.59 -52.28
C ALA C 208 6.17 -3.25 -52.91
N CYS C 209 6.32 -3.78 -54.13
CA CYS C 209 5.20 -4.44 -54.80
C CYS C 209 4.77 -5.68 -54.04
N GLY C 210 5.71 -6.41 -53.44
CA GLY C 210 5.33 -7.48 -52.54
C GLY C 210 4.99 -6.94 -51.17
N GLY C 211 5.47 -7.62 -50.13
CA GLY C 211 5.34 -7.14 -48.78
C GLY C 211 6.59 -7.45 -47.99
N HIS C 212 7.66 -7.76 -48.70
CA HIS C 212 8.87 -8.25 -48.06
C HIS C 212 9.57 -7.14 -47.29
N SER C 213 10.12 -7.50 -46.13
CA SER C 213 11.00 -6.60 -45.42
C SER C 213 12.40 -6.67 -46.03
N ILE C 214 13.05 -5.51 -46.16
CA ILE C 214 14.33 -5.42 -46.86
C ILE C 214 15.31 -4.65 -45.99
N LEU C 215 16.54 -5.15 -45.90
CA LEU C 215 17.59 -4.56 -45.08
C LEU C 215 18.62 -3.92 -46.00
N LEU C 216 18.87 -2.63 -45.80
CA LEU C 216 19.86 -1.91 -46.61
C LEU C 216 21.23 -1.95 -45.94
N SER C 217 22.27 -2.10 -46.75
CA SER C 217 23.64 -2.12 -46.27
C SER C 217 24.53 -1.31 -47.21
N GLY C 218 25.35 -0.44 -46.64
CA GLY C 218 26.23 0.37 -47.45
C GLY C 218 27.00 1.36 -46.60
N ALA C 219 27.84 2.13 -47.28
CA ALA C 219 28.67 3.14 -46.63
C ALA C 219 27.85 4.39 -46.31
N PRO C 220 28.28 5.16 -45.31
CA PRO C 220 27.55 6.38 -44.96
C PRO C 220 27.53 7.37 -46.12
N GLY C 221 26.39 8.04 -46.27
CA GLY C 221 26.22 9.07 -47.27
C GLY C 221 25.98 8.59 -48.68
N SER C 222 25.91 7.27 -48.90
CA SER C 222 25.73 6.74 -50.24
C SER C 222 24.27 6.42 -50.56
N GLY C 223 23.38 6.46 -49.59
CA GLY C 223 22.04 5.96 -49.79
C GLY C 223 21.24 5.84 -48.51
N LYS C 224 20.69 4.66 -48.26
CA LYS C 224 19.90 4.38 -47.06
C LYS C 224 18.76 5.36 -46.88
N THR C 225 18.97 6.40 -46.06
CA THR C 225 17.89 7.28 -45.65
C THR C 225 17.13 7.87 -46.84
N MET C 226 17.86 8.24 -47.90
CA MET C 226 17.20 8.84 -49.05
C MET C 226 16.22 7.88 -49.70
N MET C 227 16.68 6.65 -49.94
CA MET C 227 15.80 5.62 -50.50
C MET C 227 14.64 5.33 -49.56
N ALA C 228 14.91 5.35 -48.25
CA ALA C 228 13.85 5.08 -47.28
C ALA C 228 12.73 6.11 -47.38
N LYS C 229 13.08 7.40 -47.32
CA LYS C 229 12.05 8.43 -47.43
C LYS C 229 11.36 8.37 -48.79
N ARG C 230 12.08 7.97 -49.84
CA ARG C 230 11.45 7.86 -51.15
C ARG C 230 10.47 6.69 -51.24
N PHE C 231 10.71 5.63 -50.47
CA PHE C 231 9.88 4.42 -50.57
C PHE C 231 8.40 4.72 -50.33
N SER C 232 8.10 5.64 -49.42
CA SER C 232 6.71 5.90 -49.04
C SER C 232 5.84 6.28 -50.22
N THR C 233 6.43 6.84 -51.28
CA THR C 233 5.67 7.23 -52.46
C THR C 233 5.23 6.04 -53.30
N LEU C 234 5.92 4.90 -53.21
CA LEU C 234 5.59 3.75 -54.03
C LEU C 234 4.42 2.94 -53.49
N LEU C 235 4.19 2.99 -52.17
CA LEU C 235 3.06 2.27 -51.59
C LEU C 235 1.75 2.86 -52.11
N PRO C 236 0.72 2.03 -52.26
CA PRO C 236 -0.56 2.55 -52.78
C PRO C 236 -1.23 3.48 -51.77
N GLU C 237 -2.07 4.36 -52.31
CA GLU C 237 -2.76 5.32 -51.48
C GLU C 237 -3.66 4.61 -50.47
N LEU C 238 -3.72 5.17 -49.26
CA LEU C 238 -4.56 4.60 -48.22
C LEU C 238 -6.04 4.82 -48.54
N SER C 239 -6.84 3.82 -48.22
CA SER C 239 -8.29 3.98 -48.27
C SER C 239 -8.74 4.88 -47.13
N GLU C 240 -10.04 5.12 -47.06
CA GLU C 240 -10.60 5.92 -45.98
C GLU C 240 -10.31 5.27 -44.62
N THR C 241 -10.53 3.96 -44.52
CA THR C 241 -10.42 3.27 -43.24
C THR C 241 -8.99 3.31 -42.71
N GLN C 242 -8.00 3.06 -43.58
CA GLN C 242 -6.61 3.06 -43.11
C GLN C 242 -6.18 4.46 -42.67
N ALA C 243 -6.57 5.49 -43.41
CA ALA C 243 -6.22 6.85 -43.03
C ALA C 243 -6.87 7.21 -41.69
N LEU C 244 -8.13 6.84 -41.51
CA LEU C 244 -8.81 7.13 -40.25
C LEU C 244 -8.19 6.37 -39.10
N GLU C 245 -7.75 5.13 -39.33
CA GLU C 245 -7.09 4.38 -38.26
C GLU C 245 -5.75 5.01 -37.89
N CYS C 246 -4.98 5.45 -38.89
CA CYS C 246 -3.76 6.18 -38.59
C CYS C 246 -4.06 7.44 -37.80
N ALA C 247 -5.14 8.14 -38.14
CA ALA C 247 -5.53 9.32 -37.39
C ALA C 247 -5.89 8.97 -35.94
N ALA C 248 -6.57 7.85 -35.74
CA ALA C 248 -6.93 7.43 -34.39
C ALA C 248 -5.69 7.14 -33.56
N ILE C 249 -4.74 6.38 -34.12
CA ILE C 249 -3.52 6.09 -33.39
C ILE C 249 -2.71 7.36 -33.12
N ASN C 250 -2.72 8.31 -34.06
CA ASN C 250 -2.01 9.56 -33.81
C ASN C 250 -2.71 10.39 -32.73
N SER C 251 -4.04 10.33 -32.67
CA SER C 251 -4.79 11.25 -31.82
C SER C 251 -4.54 11.01 -30.33
N ILE C 252 -4.39 9.75 -29.92
CA ILE C 252 -4.23 9.44 -28.50
C ILE C 252 -2.96 10.03 -27.91
N ARG C 253 -1.99 10.39 -28.75
CA ARG C 253 -0.79 11.06 -28.26
C ARG C 253 -1.06 12.42 -27.64
N GLY C 254 -2.24 12.99 -27.85
CA GLY C 254 -2.58 14.28 -27.32
C GLY C 254 -2.29 15.41 -28.30
N LYS C 255 -2.87 16.57 -28.00
CA LYS C 255 -2.77 17.77 -28.84
C LYS C 255 -3.29 17.49 -30.25
N LEU C 256 -3.12 18.46 -31.15
CA LEU C 256 -3.15 18.12 -32.57
C LEU C 256 -1.87 17.35 -32.84
N PRO C 257 -1.93 16.03 -33.05
CA PRO C 257 -0.70 15.23 -32.97
C PRO C 257 0.39 15.68 -33.91
N ASP C 258 0.04 16.02 -35.14
CA ASP C 258 1.03 16.52 -36.11
C ASP C 258 0.28 17.14 -37.27
N PHE C 259 0.63 18.39 -37.60
CA PHE C 259 0.07 19.05 -38.76
C PHE C 259 1.01 18.84 -39.98
N ARG C 260 1.63 17.67 -40.06
CA ARG C 260 2.55 17.33 -41.14
C ARG C 260 1.79 16.68 -42.29
N GLU C 261 0.74 17.36 -42.76
CA GLU C 261 -0.12 16.87 -43.84
C GLU C 261 -0.70 15.50 -43.50
N TRP C 262 -1.29 14.81 -44.48
CA TRP C 262 -1.99 13.57 -44.16
C TRP C 262 -2.26 12.76 -45.41
N ARG C 263 -2.85 11.58 -45.18
CA ARG C 263 -3.43 10.69 -46.20
C ARG C 263 -2.37 9.93 -47.00
N LEU C 264 -1.10 10.27 -46.79
CA LEU C 264 -0.02 9.45 -47.32
C LEU C 264 0.33 8.36 -46.32
N PRO C 265 0.91 7.24 -46.77
CA PRO C 265 1.22 6.16 -45.84
C PRO C 265 2.38 6.54 -44.94
N PRO C 266 2.16 6.54 -43.63
CA PRO C 266 3.13 7.15 -42.71
C PRO C 266 4.50 6.51 -42.79
N PHE C 267 5.53 7.34 -42.62
CA PHE C 267 6.91 6.88 -42.47
C PHE C 267 7.37 7.29 -41.08
N ARG C 268 7.79 6.32 -40.28
CA ARG C 268 8.34 6.53 -38.96
C ARG C 268 9.74 5.93 -38.91
N ALA C 269 10.65 6.60 -38.20
CA ALA C 269 12.04 6.15 -38.09
C ALA C 269 12.60 6.55 -36.74
N PRO C 270 12.29 5.77 -35.70
CA PRO C 270 12.81 6.09 -34.37
C PRO C 270 14.34 6.00 -34.33
N HIS C 271 14.93 6.88 -33.52
CA HIS C 271 16.38 6.83 -33.33
C HIS C 271 16.76 5.57 -32.58
N HIS C 272 17.98 5.07 -32.84
CA HIS C 272 18.39 3.79 -32.28
C HIS C 272 18.51 3.84 -30.76
N THR C 273 18.66 5.02 -30.17
CA THR C 273 18.70 5.10 -28.71
C THR C 273 17.30 4.93 -28.15
N ALA C 274 16.43 5.90 -28.41
CA ALA C 274 15.01 5.87 -28.03
C ALA C 274 14.76 5.28 -26.64
N SER C 275 13.63 4.55 -26.55
CA SER C 275 13.20 3.96 -25.25
C SER C 275 12.21 2.83 -25.50
N PRO C 276 12.06 1.86 -24.57
CA PRO C 276 11.18 0.74 -24.80
C PRO C 276 9.75 1.21 -24.69
N VAL C 277 9.55 2.35 -24.06
CA VAL C 277 8.12 2.74 -23.86
C VAL C 277 7.69 3.62 -25.02
N ALA C 278 8.64 4.34 -25.61
CA ALA C 278 8.31 5.20 -26.74
C ALA C 278 8.18 4.42 -28.03
N LEU C 279 9.02 3.40 -28.23
CA LEU C 279 8.92 2.57 -29.43
C LEU C 279 7.73 1.63 -29.35
N VAL C 280 7.49 1.02 -28.20
CA VAL C 280 6.45 0.00 -28.01
C VAL C 280 5.62 0.37 -26.81
N GLY C 281 4.30 0.23 -26.95
CA GLY C 281 3.41 0.39 -25.80
C GLY C 281 3.33 1.81 -25.28
N GLY C 282 2.79 1.93 -24.06
CA GLY C 282 2.58 3.23 -23.46
C GLY C 282 2.98 3.32 -21.99
N GLY C 283 3.36 2.19 -21.41
CA GLY C 283 3.79 2.19 -20.02
C GLY C 283 2.60 2.17 -19.08
N ASN C 284 2.57 3.11 -18.13
CA ASN C 284 1.47 3.15 -17.17
C ASN C 284 0.13 3.47 -17.84
N PRO C 285 -0.03 4.57 -18.58
CA PRO C 285 -1.28 4.80 -19.27
C PRO C 285 -1.28 4.15 -20.65
N PRO C 286 -2.45 3.93 -21.25
CA PRO C 286 -2.48 3.34 -22.60
C PRO C 286 -2.05 4.36 -23.64
N LYS C 287 -0.90 4.12 -24.25
CA LYS C 287 -0.39 4.94 -25.35
C LYS C 287 0.22 4.03 -26.40
N PRO C 288 0.19 4.43 -27.66
CA PRO C 288 0.84 3.62 -28.70
C PRO C 288 2.28 4.07 -28.95
N GLY C 289 3.16 3.10 -29.15
CA GLY C 289 4.53 3.39 -29.50
C GLY C 289 4.70 3.69 -30.96
N GLU C 290 5.91 4.12 -31.32
CA GLU C 290 6.20 4.43 -32.72
C GLU C 290 6.01 3.22 -33.62
N ILE C 291 6.11 2.02 -33.06
CA ILE C 291 5.82 0.80 -33.81
C ILE C 291 4.39 0.82 -34.34
N SER C 292 3.48 1.51 -33.64
CA SER C 292 2.08 1.51 -34.00
C SER C 292 1.70 2.68 -34.92
N LEU C 293 2.41 3.80 -34.86
CA LEU C 293 2.17 4.86 -35.83
C LEU C 293 2.58 4.44 -37.24
N ALA C 294 3.43 3.41 -37.36
CA ALA C 294 3.78 2.88 -38.66
C ALA C 294 2.71 1.96 -39.23
N HIS C 295 1.56 1.84 -38.57
CA HIS C 295 0.52 0.94 -39.04
C HIS C 295 -0.01 1.40 -40.40
N HIS C 296 -0.12 0.44 -41.32
CA HIS C 296 -0.29 0.65 -42.76
C HIS C 296 0.84 1.46 -43.39
N GLY C 297 1.99 1.57 -42.71
CA GLY C 297 3.08 2.38 -43.23
C GLY C 297 4.38 1.59 -43.22
N VAL C 298 5.48 2.32 -43.01
CA VAL C 298 6.82 1.76 -43.02
C VAL C 298 7.52 2.12 -41.72
N LEU C 299 8.11 1.11 -41.08
CA LEU C 299 8.96 1.32 -39.92
C LEU C 299 10.42 1.20 -40.36
N PHE C 300 11.20 2.25 -40.14
CA PHE C 300 12.58 2.32 -40.58
C PHE C 300 13.49 2.21 -39.36
N LEU C 301 14.14 1.06 -39.20
CA LEU C 301 15.10 0.85 -38.13
C LEU C 301 16.42 1.44 -38.59
N ASP C 302 16.53 2.77 -38.47
CA ASP C 302 17.70 3.50 -38.92
C ASP C 302 18.91 3.07 -38.10
N GLU C 303 19.96 2.59 -38.78
CA GLU C 303 21.14 2.04 -38.13
C GLU C 303 20.74 0.89 -37.19
N LEU C 304 20.28 -0.21 -37.79
CA LEU C 304 19.69 -1.34 -37.07
C LEU C 304 20.54 -1.93 -35.94
N PRO C 305 21.84 -2.24 -36.13
CA PRO C 305 22.53 -3.02 -35.09
C PRO C 305 22.72 -2.30 -33.78
N GLU C 306 22.53 -0.98 -33.74
CA GLU C 306 22.63 -0.24 -32.49
C GLU C 306 21.37 -0.34 -31.63
N PHE C 307 20.31 -0.97 -32.13
CA PHE C 307 19.10 -1.13 -31.35
C PHE C 307 19.30 -2.14 -30.23
N ASN C 308 18.48 -2.01 -29.19
CA ASN C 308 18.51 -2.95 -28.09
C ASN C 308 17.89 -4.28 -28.52
N ARG C 309 18.53 -5.38 -28.11
CA ARG C 309 18.09 -6.70 -28.58
C ARG C 309 16.70 -7.06 -28.07
N GLN C 310 16.37 -6.66 -26.85
CA GLN C 310 15.06 -6.99 -26.30
C GLN C 310 13.93 -6.34 -27.09
N VAL C 311 14.11 -5.08 -27.52
CA VAL C 311 13.10 -4.42 -28.32
C VAL C 311 12.95 -5.13 -29.67
N LEU C 312 14.07 -5.55 -30.26
CA LEU C 312 14.01 -6.29 -31.52
C LEU C 312 13.26 -7.61 -31.35
N GLU C 313 13.49 -8.30 -30.22
CA GLU C 313 12.74 -9.52 -29.94
C GLU C 313 11.25 -9.22 -29.80
N THR C 314 10.90 -8.12 -29.13
CA THR C 314 9.50 -7.74 -29.02
C THR C 314 8.89 -7.46 -30.39
N LEU C 315 9.68 -6.88 -31.30
CA LEU C 315 9.18 -6.52 -32.63
C LEU C 315 8.66 -7.71 -33.41
N ARG C 316 9.08 -8.93 -33.05
CA ARG C 316 8.62 -10.11 -33.78
C ARG C 316 7.15 -10.45 -33.48
N GLU C 317 6.57 -9.88 -32.43
CA GLU C 317 5.21 -10.19 -32.05
C GLU C 317 4.21 -9.61 -33.06
N PRO C 318 4.07 -8.29 -33.15
CA PRO C 318 3.03 -7.74 -34.01
C PRO C 318 3.33 -7.82 -35.51
N LEU C 319 4.60 -7.97 -35.90
CA LEU C 319 4.92 -8.10 -37.32
C LEU C 319 4.19 -9.28 -37.94
N GLU C 320 3.94 -10.32 -37.14
CA GLU C 320 3.12 -11.45 -37.57
C GLU C 320 1.69 -11.38 -37.03
N SER C 321 1.50 -10.91 -35.80
CA SER C 321 0.16 -10.94 -35.22
C SER C 321 -0.74 -9.86 -35.83
N GLY C 322 -0.15 -8.72 -36.21
CA GLY C 322 -0.92 -7.58 -36.66
C GLY C 322 -1.28 -6.60 -35.56
N HIS C 323 -1.14 -7.00 -34.29
CA HIS C 323 -1.33 -6.11 -33.16
C HIS C 323 -0.46 -6.61 -32.02
N ILE C 324 -0.22 -5.73 -31.05
CA ILE C 324 0.62 -6.05 -29.89
C ILE C 324 -0.13 -5.60 -28.64
N CYS C 325 -0.72 -6.57 -27.93
CA CYS C 325 -1.42 -6.27 -26.70
C CYS C 325 -0.42 -5.85 -25.62
N ILE C 326 -0.78 -4.83 -24.85
CA ILE C 326 0.06 -4.32 -23.77
C ILE C 326 -0.54 -4.83 -22.46
N SER C 327 0.00 -5.93 -21.95
CA SER C 327 -0.49 -6.52 -20.71
C SER C 327 0.12 -5.84 -19.50
N ARG C 328 -0.18 -4.55 -19.31
CA ARG C 328 0.41 -3.81 -18.21
C ARG C 328 -0.08 -4.33 -16.86
N ALA C 329 -1.38 -4.20 -16.60
CA ALA C 329 -1.95 -4.66 -15.33
C ALA C 329 -3.47 -4.72 -15.39
N ALA C 330 -4.04 -5.90 -15.12
CA ALA C 330 -5.47 -6.10 -14.94
C ALA C 330 -6.26 -5.85 -16.22
N ALA C 331 -5.58 -5.43 -17.28
CA ALA C 331 -6.24 -5.10 -18.54
C ALA C 331 -5.16 -4.96 -19.62
N GLN C 332 -5.61 -4.90 -20.87
CA GLN C 332 -4.70 -4.73 -21.99
C GLN C 332 -5.46 -4.10 -23.16
N ILE C 333 -4.69 -3.51 -24.07
CA ILE C 333 -5.23 -2.86 -25.26
C ILE C 333 -4.49 -3.40 -26.47
N GLU C 334 -5.18 -3.42 -27.63
CA GLU C 334 -4.66 -4.11 -28.81
C GLU C 334 -3.61 -3.29 -29.53
N PHE C 335 -3.97 -2.07 -29.98
CA PHE C 335 -3.07 -1.18 -30.71
C PHE C 335 -2.46 -1.86 -31.93
N PRO C 336 -3.21 -1.99 -33.03
CA PRO C 336 -2.69 -2.69 -34.22
C PRO C 336 -1.39 -2.07 -34.72
N ALA C 337 -0.45 -2.94 -35.09
CA ALA C 337 0.91 -2.51 -35.46
C ALA C 337 1.48 -3.25 -36.66
N LYS C 338 0.70 -3.37 -37.74
CA LYS C 338 1.16 -4.02 -38.97
C LYS C 338 1.84 -2.97 -39.86
N PHE C 339 3.06 -3.27 -40.30
CA PHE C 339 3.85 -2.29 -41.03
C PHE C 339 4.81 -2.99 -41.98
N GLN C 340 5.29 -2.25 -42.98
CA GLN C 340 6.32 -2.72 -43.89
C GLN C 340 7.69 -2.37 -43.31
N LEU C 341 8.40 -3.38 -42.80
CA LEU C 341 9.67 -3.13 -42.14
C LEU C 341 10.79 -2.84 -43.14
N ILE C 342 11.64 -1.87 -42.80
CA ILE C 342 12.85 -1.58 -43.55
C ILE C 342 13.98 -1.31 -42.56
N ALA C 343 15.16 -1.86 -42.84
CA ALA C 343 16.29 -1.75 -41.93
C ALA C 343 17.53 -1.29 -42.68
N ALA C 344 18.44 -0.66 -41.94
CA ALA C 344 19.68 -0.15 -42.49
C ALA C 344 20.84 -0.54 -41.58
N MET C 345 21.95 -0.97 -42.18
CA MET C 345 23.10 -1.44 -41.44
C MET C 345 24.37 -1.00 -42.14
N ASN C 346 25.43 -0.81 -41.37
CA ASN C 346 26.73 -0.42 -41.87
C ASN C 346 27.73 -1.54 -41.65
N PRO C 347 28.41 -2.01 -42.70
CA PRO C 347 29.25 -3.20 -42.54
C PRO C 347 30.49 -3.00 -41.68
N CYS C 348 31.00 -1.76 -41.56
CA CYS C 348 32.21 -1.41 -40.81
C CYS C 348 33.45 -2.08 -41.42
N PRO C 349 34.66 -1.59 -41.13
CA PRO C 349 35.85 -2.24 -41.70
C PRO C 349 36.13 -3.60 -41.10
N PRO C 364 39.31 -9.64 -39.00
CA PRO C 364 39.76 -9.77 -37.60
C PRO C 364 38.64 -10.19 -36.66
N ASP C 365 38.97 -10.35 -35.38
CA ASP C 365 37.97 -10.71 -34.38
C ASP C 365 36.92 -9.61 -34.26
N ARG C 366 37.31 -8.36 -34.52
CA ARG C 366 36.43 -7.20 -34.40
C ARG C 366 35.12 -7.39 -35.15
N ILE C 367 35.17 -8.00 -36.33
CA ILE C 367 33.96 -8.16 -37.14
C ILE C 367 32.94 -9.01 -36.40
N SER C 368 33.37 -10.17 -35.89
CA SER C 368 32.46 -11.04 -35.15
C SER C 368 32.03 -10.39 -33.85
N ARG C 369 32.97 -9.72 -33.16
CA ARG C 369 32.64 -9.08 -31.89
C ARG C 369 31.56 -8.02 -32.07
N TYR C 370 31.58 -7.33 -33.21
CA TYR C 370 30.53 -6.34 -33.49
C TYR C 370 29.24 -7.02 -33.91
N LEU C 371 29.30 -7.93 -34.88
CA LEU C 371 28.09 -8.52 -35.42
C LEU C 371 27.38 -9.43 -34.42
N ALA C 372 28.03 -9.78 -33.31
CA ALA C 372 27.35 -10.55 -32.28
C ALA C 372 26.15 -9.81 -31.69
N LYS C 373 26.13 -8.49 -31.77
CA LYS C 373 25.00 -7.71 -31.27
C LYS C 373 23.78 -7.77 -32.18
N LEU C 374 23.92 -8.28 -33.40
CA LEU C 374 22.78 -8.42 -34.28
C LEU C 374 21.76 -9.40 -33.71
N SER C 375 20.50 -9.02 -33.74
CA SER C 375 19.42 -9.88 -33.26
C SER C 375 19.15 -10.95 -34.31
N ALA C 376 19.66 -12.16 -34.08
CA ALA C 376 19.46 -13.24 -35.03
C ALA C 376 17.99 -13.55 -35.31
N PRO C 377 17.09 -13.62 -34.33
CA PRO C 377 15.67 -13.87 -34.66
C PRO C 377 15.08 -12.82 -35.58
N LEU C 378 15.39 -11.54 -35.37
CA LEU C 378 14.86 -10.51 -36.27
C LEU C 378 15.60 -10.47 -37.59
N LEU C 379 16.91 -10.71 -37.58
CA LEU C 379 17.68 -10.74 -38.83
C LEU C 379 17.20 -11.87 -39.73
N ASP C 380 16.87 -13.02 -39.13
CA ASP C 380 16.35 -14.14 -39.92
C ASP C 380 14.95 -13.84 -40.46
N ARG C 381 14.17 -13.03 -39.76
CA ARG C 381 12.82 -12.72 -40.23
C ARG C 381 12.84 -11.74 -41.40
N ILE C 382 13.86 -10.90 -41.49
CA ILE C 382 13.94 -9.92 -42.57
C ILE C 382 14.17 -10.63 -43.89
N ASP C 383 13.36 -10.30 -44.89
CA ASP C 383 13.28 -11.10 -46.10
C ASP C 383 14.38 -10.75 -47.10
N MET C 384 14.62 -9.47 -47.33
CA MET C 384 15.51 -9.03 -48.41
C MET C 384 16.71 -8.27 -47.87
N GLN C 385 17.82 -8.38 -48.60
CA GLN C 385 19.05 -7.66 -48.28
C GLN C 385 19.72 -7.26 -49.59
N VAL C 386 20.25 -6.04 -49.63
CA VAL C 386 20.90 -5.51 -50.82
C VAL C 386 22.02 -4.58 -50.38
N THR C 387 23.06 -4.48 -51.21
CA THR C 387 24.26 -3.72 -50.90
C THR C 387 24.22 -2.38 -51.61
N ILE C 388 24.65 -1.33 -50.91
CA ILE C 388 24.66 0.03 -51.43
C ILE C 388 26.10 0.47 -51.61
N HIS C 389 26.49 0.78 -52.84
CA HIS C 389 27.82 1.27 -53.12
C HIS C 389 27.88 2.79 -53.07
N ALA C 390 29.04 3.32 -52.69
CA ALA C 390 29.26 4.75 -52.71
C ALA C 390 29.48 5.24 -54.13
N LEU C 391 28.94 6.42 -54.45
CA LEU C 391 29.06 6.99 -55.78
C LEU C 391 30.29 7.87 -55.95
N SER C 392 31.06 8.10 -54.87
CA SER C 392 32.27 8.92 -54.89
C SER C 392 31.96 10.39 -55.13
N GLN C 393 32.82 11.28 -54.62
CA GLN C 393 32.58 12.71 -54.72
C GLN C 393 32.55 13.21 -56.17
N GLU C 394 33.14 12.47 -57.10
CA GLU C 394 33.26 12.95 -58.47
C GLU C 394 31.95 12.85 -59.25
N GLU C 395 31.08 11.89 -58.91
CA GLU C 395 29.91 11.61 -59.72
C GLU C 395 28.68 12.45 -59.37
N LEU C 396 28.65 13.05 -58.19
CA LEU C 396 27.46 13.78 -57.75
C LEU C 396 27.32 15.16 -58.39
N ILE C 397 28.32 15.62 -59.13
CA ILE C 397 28.27 16.98 -59.67
C ILE C 397 27.18 17.11 -60.73
N LYS C 398 26.99 16.07 -61.54
CA LYS C 398 26.06 16.17 -62.67
C LYS C 398 24.62 16.09 -62.18
N PRO C 399 23.75 17.03 -62.56
CA PRO C 399 22.37 17.00 -62.09
C PRO C 399 21.56 15.86 -62.69
N ASN C 400 20.25 15.89 -62.41
CA ASN C 400 19.37 14.78 -62.72
C ASN C 400 19.25 14.54 -64.23
N THR C 401 19.28 15.60 -65.03
CA THR C 401 19.35 15.48 -66.48
C THR C 401 18.17 14.72 -67.07
N HIS C 402 17.00 15.35 -67.10
CA HIS C 402 15.79 14.80 -67.74
C HIS C 402 15.32 13.51 -67.05
N LEU C 403 14.92 13.65 -65.79
CA LEU C 403 14.47 12.53 -64.98
C LEU C 403 13.25 11.83 -65.59
N GLU C 404 12.36 12.57 -66.24
CA GLU C 404 11.13 12.01 -66.82
C GLU C 404 10.32 11.21 -65.82
N LYS C 405 9.75 11.88 -64.82
CA LYS C 405 8.96 11.25 -63.76
C LYS C 405 7.99 10.21 -64.31
N GLN C 406 8.07 9.00 -63.76
CA GLN C 406 7.22 7.88 -64.16
C GLN C 406 6.61 7.14 -62.98
N SER C 407 6.45 7.82 -61.84
CA SER C 407 6.06 7.13 -60.61
C SER C 407 4.68 6.50 -60.71
N LEU C 408 3.78 7.12 -61.48
CA LEU C 408 2.41 6.63 -61.53
C LEU C 408 2.33 5.22 -62.09
N ALA C 409 3.17 4.92 -63.09
CA ALA C 409 3.19 3.57 -63.65
C ALA C 409 3.59 2.55 -62.60
N ILE C 410 4.61 2.87 -61.80
CA ILE C 410 5.07 1.94 -60.77
C ILE C 410 4.01 1.78 -59.67
N ARG C 411 3.34 2.88 -59.30
CA ARG C 411 2.30 2.80 -58.29
C ARG C 411 1.13 1.94 -58.76
N GLU C 412 0.72 2.12 -60.03
CA GLU C 412 -0.36 1.29 -60.56
C GLU C 412 0.08 -0.16 -60.69
N LYS C 413 1.36 -0.38 -60.99
CA LYS C 413 1.91 -1.73 -60.96
C LYS C 413 1.79 -2.33 -59.56
N VAL C 414 2.06 -1.53 -58.54
CA VAL C 414 1.94 -1.99 -57.16
C VAL C 414 0.49 -2.39 -56.87
N THR C 415 -0.45 -1.54 -57.29
CA THR C 415 -1.87 -1.84 -57.06
C THR C 415 -2.29 -3.13 -57.76
N LYS C 416 -1.89 -3.28 -59.03
CA LYS C 416 -2.23 -4.49 -59.77
C LYS C 416 -1.58 -5.72 -59.15
N MET C 417 -0.34 -5.58 -58.67
CA MET C 417 0.34 -6.70 -58.04
C MET C 417 -0.38 -7.12 -56.76
N HIS C 418 -0.79 -6.15 -55.95
CA HIS C 418 -1.55 -6.46 -54.75
C HIS C 418 -2.88 -7.13 -55.08
N GLU C 419 -3.53 -6.68 -56.17
CA GLU C 419 -4.76 -7.34 -56.60
C GLU C 419 -4.48 -8.78 -57.01
N ILE C 420 -3.37 -9.02 -57.69
CA ILE C 420 -3.00 -10.38 -58.09
C ILE C 420 -2.77 -11.25 -56.85
N GLN C 421 -2.09 -10.71 -55.84
CA GLN C 421 -1.94 -11.45 -54.58
C GLN C 421 -3.29 -11.77 -53.98
N MET C 422 -4.16 -10.76 -53.86
CA MET C 422 -5.48 -10.97 -53.25
C MET C 422 -6.30 -11.99 -54.02
N ALA C 423 -6.05 -12.14 -55.32
CA ALA C 423 -6.76 -13.15 -56.10
C ALA C 423 -6.48 -14.55 -55.59
N ARG C 424 -5.27 -14.81 -55.10
CA ARG C 424 -4.93 -16.12 -54.55
C ARG C 424 -5.28 -16.22 -53.07
N GLN C 425 -4.82 -15.25 -52.27
CA GLN C 425 -5.16 -15.19 -50.85
C GLN C 425 -4.88 -13.78 -50.35
N ASP C 426 -5.48 -13.46 -49.20
CA ASP C 426 -5.30 -12.13 -48.62
C ASP C 426 -3.83 -11.87 -48.29
N SER C 427 -3.08 -12.91 -47.95
CA SER C 427 -1.69 -12.76 -47.58
C SER C 427 -0.84 -12.32 -48.77
N LEU C 428 -0.03 -11.30 -48.57
CA LEU C 428 1.04 -11.00 -49.51
C LEU C 428 2.10 -12.09 -49.45
N ASN C 429 2.97 -12.12 -50.46
CA ASN C 429 3.95 -13.19 -50.56
C ASN C 429 4.84 -13.26 -49.32
N ALA C 430 5.06 -12.14 -48.64
CA ALA C 430 5.93 -12.15 -47.47
C ALA C 430 5.29 -12.84 -46.28
N ASN C 431 3.97 -12.86 -46.20
CA ASN C 431 3.26 -13.47 -45.07
C ASN C 431 2.81 -14.89 -45.35
N LEU C 432 3.23 -15.49 -46.46
CA LEU C 432 2.82 -16.83 -46.81
C LEU C 432 3.47 -17.87 -45.90
N ASN C 433 2.68 -18.85 -45.46
CA ASN C 433 3.22 -19.99 -44.73
C ASN C 433 3.83 -20.99 -45.70
N SER C 434 4.50 -21.99 -45.14
CA SER C 434 5.23 -22.95 -45.97
C SER C 434 4.31 -23.70 -46.91
N LYS C 435 3.15 -24.16 -46.41
CA LYS C 435 2.24 -24.92 -47.24
C LYS C 435 1.71 -24.08 -48.40
N THR C 436 1.21 -22.89 -48.09
CA THR C 436 0.69 -22.02 -49.15
C THR C 436 1.81 -21.57 -50.08
N CYS C 437 2.98 -21.25 -49.54
CA CYS C 437 4.10 -20.85 -50.39
C CYS C 437 4.43 -21.94 -51.40
N GLU C 438 4.61 -23.18 -50.92
CA GLU C 438 4.94 -24.27 -51.82
C GLU C 438 3.82 -24.57 -52.79
N MET C 439 2.57 -24.41 -52.38
CA MET C 439 1.45 -24.64 -53.29
C MET C 439 1.39 -23.56 -54.38
N VAL C 440 1.85 -22.35 -54.06
CA VAL C 440 1.77 -21.26 -55.03
C VAL C 440 2.85 -21.34 -56.11
N CYS C 441 4.10 -21.60 -55.74
CA CYS C 441 5.18 -21.73 -56.71
C CYS C 441 5.10 -23.14 -57.28
N GLU C 442 4.77 -23.24 -58.57
CA GLU C 442 4.60 -24.56 -59.18
C GLU C 442 5.89 -25.37 -59.12
N LEU C 443 7.04 -24.71 -59.24
CA LEU C 443 8.35 -25.30 -58.99
C LEU C 443 8.56 -26.58 -59.82
N GLY C 444 8.65 -26.37 -61.13
CA GLY C 444 8.86 -27.45 -62.06
C GLY C 444 10.16 -28.21 -61.82
N SER C 445 10.38 -29.22 -62.66
CA SER C 445 11.51 -30.12 -62.47
C SER C 445 12.85 -29.39 -62.62
N GLU C 446 13.00 -28.59 -63.68
CA GLU C 446 14.26 -27.90 -63.90
C GLU C 446 14.55 -26.89 -62.80
N GLU C 447 13.53 -26.17 -62.35
CA GLU C 447 13.72 -25.24 -61.23
C GLU C 447 14.08 -25.98 -59.95
N GLN C 448 13.51 -27.16 -59.74
CA GLN C 448 13.87 -27.97 -58.58
C GLN C 448 15.33 -28.40 -58.64
N LEU C 449 15.78 -28.83 -59.82
CA LEU C 449 17.18 -29.23 -59.97
C LEU C 449 18.12 -28.04 -59.77
N PHE C 450 17.73 -26.87 -60.29
CA PHE C 450 18.51 -25.65 -60.08
C PHE C 450 18.59 -25.30 -58.60
N LEU C 451 17.47 -25.40 -57.90
CA LEU C 451 17.47 -25.14 -56.46
C LEU C 451 18.39 -26.09 -55.72
N ARG C 452 18.31 -27.39 -56.06
CA ARG C 452 19.19 -28.36 -55.42
C ARG C 452 20.65 -28.05 -55.70
N GLU C 453 20.98 -27.68 -56.94
CA GLU C 453 22.37 -27.35 -57.28
C GLU C 453 22.86 -26.15 -56.49
N VAL C 454 22.10 -25.04 -56.52
CA VAL C 454 22.57 -23.81 -55.89
C VAL C 454 22.64 -23.95 -54.37
N MET C 455 21.71 -24.71 -53.77
CA MET C 455 21.75 -24.88 -52.33
C MET C 455 22.71 -26.00 -51.91
N SER C 456 23.14 -26.85 -52.84
CA SER C 456 24.35 -27.62 -52.61
C SER C 456 25.57 -26.71 -52.60
N LYS C 457 25.59 -25.71 -53.47
CA LYS C 457 26.66 -24.72 -53.45
C LYS C 457 26.62 -23.90 -52.15
N LEU C 458 25.42 -23.45 -51.76
CA LEU C 458 25.24 -22.53 -50.64
C LEU C 458 24.47 -23.23 -49.54
N LYS C 459 25.06 -23.28 -48.34
CA LYS C 459 24.52 -24.06 -47.22
C LYS C 459 23.43 -23.25 -46.49
N LEU C 460 22.29 -23.11 -47.15
CA LEU C 460 21.16 -22.39 -46.57
C LEU C 460 20.44 -23.24 -45.53
N SER C 461 19.64 -22.57 -44.72
CA SER C 461 18.77 -23.21 -43.74
C SER C 461 17.32 -23.20 -44.24
N ALA C 462 16.43 -23.72 -43.40
CA ALA C 462 15.02 -23.83 -43.78
C ALA C 462 14.41 -22.46 -44.06
N ARG C 463 14.64 -21.50 -43.14
CA ARG C 463 14.09 -20.17 -43.34
C ARG C 463 14.71 -19.48 -44.54
N GLY C 464 16.01 -19.66 -44.74
CA GLY C 464 16.65 -19.11 -45.93
C GLY C 464 16.09 -19.70 -47.21
N TYR C 465 15.74 -20.99 -47.18
CA TYR C 465 15.13 -21.62 -48.35
C TYR C 465 13.74 -21.04 -48.61
N HIS C 466 12.92 -20.92 -47.56
CA HIS C 466 11.55 -20.46 -47.75
C HIS C 466 11.50 -18.99 -48.16
N ARG C 467 12.34 -18.15 -47.57
CA ARG C 467 12.35 -16.74 -47.98
C ARG C 467 12.80 -16.60 -49.42
N LEU C 468 13.75 -17.45 -49.85
CA LEU C 468 14.17 -17.46 -51.24
C LEU C 468 13.00 -17.82 -52.14
N LEU C 469 12.22 -18.83 -51.74
CA LEU C 469 11.04 -19.21 -52.53
C LEU C 469 10.05 -18.07 -52.64
N LYS C 470 9.80 -17.37 -51.52
CA LYS C 470 8.84 -16.26 -51.54
C LYS C 470 9.33 -15.12 -52.44
N VAL C 471 10.61 -14.75 -52.33
CA VAL C 471 11.14 -13.69 -53.18
C VAL C 471 11.09 -14.10 -54.65
N SER C 472 11.42 -15.36 -54.94
CA SER C 472 11.35 -15.85 -56.32
C SER C 472 9.93 -15.80 -56.85
N ARG C 473 8.95 -16.16 -56.03
CA ARG C 473 7.56 -16.05 -56.46
C ARG C 473 7.19 -14.61 -56.73
N THR C 474 7.67 -13.68 -55.90
CA THR C 474 7.37 -12.26 -56.13
C THR C 474 7.92 -11.79 -57.47
N ILE C 475 9.18 -12.11 -57.76
CA ILE C 475 9.74 -11.64 -59.03
C ILE C 475 9.12 -12.39 -60.19
N ALA C 476 8.61 -13.61 -59.96
CA ALA C 476 7.82 -14.27 -60.99
C ALA C 476 6.55 -13.50 -61.29
N ASP C 477 5.86 -13.00 -60.26
CA ASP C 477 4.70 -12.15 -60.50
C ASP C 477 5.10 -10.82 -61.11
N MET C 478 6.38 -10.45 -61.00
CA MET C 478 6.87 -9.23 -61.67
C MET C 478 6.66 -9.26 -63.18
N ASN C 479 6.57 -10.45 -63.79
CA ASN C 479 6.46 -10.56 -65.24
C ASN C 479 5.18 -11.29 -65.66
N SER C 480 4.17 -11.31 -64.80
CA SER C 480 2.87 -11.90 -65.10
C SER C 480 2.99 -13.37 -65.51
N SER C 481 3.84 -14.13 -64.82
CA SER C 481 4.02 -15.55 -65.09
C SER C 481 3.26 -16.38 -64.05
N LYS C 482 2.39 -17.26 -64.54
CA LYS C 482 1.67 -18.15 -63.63
C LYS C 482 2.59 -19.17 -62.98
N LYS C 483 3.69 -19.52 -63.67
CA LYS C 483 4.67 -20.46 -63.16
C LYS C 483 6.03 -19.78 -63.04
N VAL C 484 6.79 -20.19 -62.03
CA VAL C 484 8.14 -19.65 -61.85
C VAL C 484 9.07 -20.26 -62.90
N LEU C 485 10.14 -19.53 -63.20
CA LEU C 485 11.15 -19.99 -64.14
C LEU C 485 12.53 -19.82 -63.54
N LEU C 486 13.51 -20.50 -64.14
CA LEU C 486 14.87 -20.48 -63.61
C LEU C 486 15.45 -19.08 -63.54
N ASN C 487 15.12 -18.24 -64.52
CA ASN C 487 15.64 -16.87 -64.51
C ASN C 487 15.11 -16.09 -63.31
N HIS C 488 13.84 -16.29 -62.96
CA HIS C 488 13.26 -15.61 -61.82
C HIS C 488 14.03 -15.95 -60.54
N LEU C 489 14.24 -17.24 -60.30
CA LEU C 489 14.97 -17.66 -59.11
C LEU C 489 16.41 -17.16 -59.16
N GLN C 490 17.04 -17.19 -60.34
CA GLN C 490 18.41 -16.73 -60.45
C GLN C 490 18.54 -15.26 -60.07
N GLN C 491 17.63 -14.42 -60.57
CA GLN C 491 17.68 -13.01 -60.22
C GLN C 491 17.34 -12.79 -58.76
N ALA C 492 16.36 -13.53 -58.22
CA ALA C 492 16.00 -13.38 -56.81
C ALA C 492 17.14 -13.81 -55.91
N LEU C 493 18.00 -14.72 -56.40
CA LEU C 493 19.12 -15.21 -55.61
C LEU C 493 20.08 -14.09 -55.22
N SER C 494 20.10 -12.99 -55.97
CA SER C 494 21.01 -11.89 -55.70
C SER C 494 20.66 -11.10 -54.44
N TYR C 495 19.48 -11.32 -53.86
CA TYR C 495 19.01 -10.52 -52.73
C TYR C 495 19.17 -11.26 -51.40
N LYS C 496 20.23 -12.06 -51.24
CA LYS C 496 20.38 -12.89 -50.06
C LYS C 496 21.86 -13.10 -49.77
N GLN C 497 22.21 -14.16 -49.04
CA GLN C 497 23.58 -14.42 -48.59
C GLN C 497 24.06 -13.32 -47.65
N ASN C 498 23.41 -13.22 -46.49
CA ASN C 498 23.70 -12.17 -45.53
C ASN C 498 25.16 -12.17 -45.11
N LEU C 499 25.71 -10.98 -44.92
CA LEU C 499 27.05 -10.77 -44.37
C LEU C 499 28.13 -11.43 -45.22
N HIS C 500 29.32 -11.58 -44.66
CA HIS C 500 30.44 -12.18 -45.37
C HIS C 500 31.39 -12.90 -44.41
N MET D 1 -32.85 39.09 -20.89
CA MET D 1 -32.49 37.68 -20.79
C MET D 1 -31.73 37.40 -19.51
N SER D 2 -31.95 36.22 -18.94
CA SER D 2 -31.36 35.84 -17.66
C SER D 2 -30.06 35.08 -17.79
N LEU D 3 -29.24 35.42 -18.78
CA LEU D 3 -28.04 34.68 -19.10
C LEU D 3 -26.83 35.59 -19.03
N ALA D 4 -25.74 35.08 -18.46
CA ALA D 4 -24.52 35.87 -18.35
C ALA D 4 -23.31 34.96 -18.47
N PHE D 5 -22.19 35.55 -18.85
CA PHE D 5 -20.90 34.87 -18.96
C PHE D 5 -19.85 35.63 -18.16
N THR D 6 -18.86 34.90 -17.67
CA THR D 6 -17.76 35.50 -16.92
C THR D 6 -16.56 34.58 -17.00
N LYS D 7 -15.49 35.06 -17.61
CA LYS D 7 -14.31 34.24 -17.77
C LYS D 7 -13.37 34.38 -16.58
N THR D 8 -12.61 33.32 -16.32
CA THR D 8 -11.66 33.28 -15.22
C THR D 8 -10.60 32.25 -15.55
N ARG D 9 -9.69 32.03 -14.60
CA ARG D 9 -8.60 31.09 -14.80
C ARG D 9 -8.48 30.14 -13.62
N SER D 10 -8.15 28.90 -13.92
CA SER D 10 -7.84 27.90 -12.92
C SER D 10 -6.61 27.13 -13.38
N THR D 11 -5.87 26.59 -12.42
CA THR D 11 -4.57 26.01 -12.74
C THR D 11 -4.44 24.62 -12.15
N ILE D 12 -3.91 23.69 -12.96
CA ILE D 12 -3.37 22.43 -12.50
C ILE D 12 -1.97 22.30 -13.09
N GLY D 13 -1.00 22.01 -12.25
CA GLY D 13 0.38 22.15 -12.70
C GLY D 13 0.72 23.61 -12.93
N ILE D 14 1.42 23.87 -14.02
CA ILE D 14 1.84 25.24 -14.32
C ILE D 14 0.77 25.99 -15.11
N VAL D 15 0.12 25.32 -16.06
CA VAL D 15 -0.81 25.98 -16.97
C VAL D 15 -2.03 26.48 -16.21
N ALA D 16 -2.49 27.67 -16.55
CA ALA D 16 -3.71 28.26 -15.99
C ALA D 16 -4.78 28.17 -17.08
N GLN D 17 -5.49 27.04 -17.09
CA GLN D 17 -6.46 26.78 -18.14
C GLN D 17 -7.64 27.74 -18.00
N PRO D 18 -8.14 28.29 -19.12
CA PRO D 18 -9.28 29.21 -19.03
C PRO D 18 -10.54 28.48 -18.60
N VAL D 19 -11.40 29.20 -17.89
CA VAL D 19 -12.65 28.66 -17.38
C VAL D 19 -13.74 29.70 -17.58
N SER D 20 -14.90 29.27 -18.07
CA SER D 20 -16.01 30.16 -18.36
C SER D 20 -17.13 29.89 -17.37
N VAL D 21 -17.42 30.88 -16.52
CA VAL D 21 -18.50 30.76 -15.56
C VAL D 21 -19.81 31.17 -16.21
N GLU D 22 -20.83 30.32 -16.08
CA GLU D 22 -22.12 30.52 -16.72
C GLU D 22 -23.20 30.52 -15.66
N VAL D 23 -24.03 31.56 -15.65
CA VAL D 23 -25.09 31.72 -14.67
C VAL D 23 -26.41 31.90 -15.39
N HIS D 24 -27.41 31.11 -15.00
CA HIS D 24 -28.73 31.15 -15.62
C HIS D 24 -29.79 31.23 -14.54
N LEU D 25 -30.71 32.18 -14.68
CA LEU D 25 -31.79 32.38 -13.72
C LEU D 25 -33.07 31.75 -14.26
N SER D 26 -33.79 31.06 -13.37
CA SER D 26 -34.99 30.32 -13.75
C SER D 26 -36.11 30.66 -12.77
N ASN D 27 -37.34 30.44 -13.22
CA ASN D 27 -38.54 30.82 -12.47
C ASN D 27 -38.95 29.78 -11.43
N GLY D 28 -38.20 28.70 -11.27
CA GLY D 28 -38.58 27.65 -10.36
C GLY D 28 -38.35 28.03 -8.90
N LEU D 29 -38.43 27.01 -8.05
CA LEU D 29 -38.24 27.22 -6.62
C LEU D 29 -36.81 27.66 -6.34
N PRO D 30 -36.59 28.48 -5.31
CA PRO D 30 -35.23 28.97 -5.04
C PRO D 30 -34.27 27.84 -4.68
N SER D 31 -33.12 27.83 -5.36
CA SER D 31 -32.07 26.86 -5.10
C SER D 31 -30.80 27.36 -5.77
N PHE D 32 -29.67 26.77 -5.39
CA PHE D 32 -28.37 27.10 -5.97
C PHE D 32 -27.71 25.79 -6.42
N THR D 33 -28.04 25.36 -7.62
CA THR D 33 -27.49 24.11 -8.16
C THR D 33 -26.23 24.45 -8.96
N MET D 34 -25.06 24.20 -8.38
CA MET D 34 -23.81 24.37 -9.09
C MET D 34 -23.46 23.09 -9.82
N VAL D 35 -22.99 23.23 -11.06
CA VAL D 35 -22.64 22.09 -11.89
C VAL D 35 -21.24 22.30 -12.45
N GLY D 36 -20.61 21.19 -12.85
CA GLY D 36 -19.21 21.22 -13.19
C GLY D 36 -18.38 20.73 -12.02
N LEU D 37 -17.34 19.94 -12.30
CA LEU D 37 -16.58 19.30 -11.24
C LEU D 37 -15.92 20.32 -10.33
N ALA D 38 -16.43 20.44 -9.10
CA ALA D 38 -15.90 21.38 -8.11
C ALA D 38 -15.75 20.66 -6.78
N GLU D 39 -14.58 20.80 -6.16
CA GLU D 39 -14.28 20.10 -4.91
C GLU D 39 -14.56 20.95 -3.68
N THR D 40 -14.54 22.28 -3.78
CA THR D 40 -14.80 23.13 -2.63
C THR D 40 -15.88 24.15 -2.95
N ALA D 41 -15.88 24.66 -4.17
CA ALA D 41 -16.84 25.69 -4.55
C ALA D 41 -18.28 25.18 -4.45
N VAL D 42 -18.51 23.93 -4.89
CA VAL D 42 -19.86 23.39 -4.97
C VAL D 42 -20.53 23.35 -3.61
N LYS D 43 -19.75 23.33 -2.53
CA LYS D 43 -20.30 23.22 -1.18
C LYS D 43 -19.96 24.40 -0.29
N GLU D 44 -19.16 25.36 -0.75
CA GLU D 44 -18.76 26.46 0.12
C GLU D 44 -19.01 27.82 -0.55
N SER D 45 -18.78 27.90 -1.85
CA SER D 45 -18.87 29.19 -2.53
C SER D 45 -20.32 29.67 -2.66
N LYS D 46 -21.26 28.75 -2.83
CA LYS D 46 -22.66 29.12 -3.01
C LYS D 46 -23.22 29.81 -1.77
N ASP D 47 -22.56 29.64 -0.62
CA ASP D 47 -22.96 30.32 0.60
C ASP D 47 -22.30 31.68 0.73
N ARG D 48 -20.99 31.77 0.46
CA ARG D 48 -20.28 33.03 0.58
C ARG D 48 -20.79 34.06 -0.42
N VAL D 49 -21.08 33.63 -1.65
CA VAL D 49 -21.53 34.56 -2.67
C VAL D 49 -22.86 35.19 -2.30
N ARG D 50 -23.75 34.42 -1.67
CA ARG D 50 -25.05 34.96 -1.27
C ARG D 50 -24.88 36.14 -0.31
N SER D 51 -24.10 35.94 0.76
CA SER D 51 -23.89 37.02 1.72
C SER D 51 -23.14 38.19 1.08
N ALA D 52 -22.16 37.90 0.23
CA ALA D 52 -21.42 38.98 -0.41
C ALA D 52 -22.33 39.85 -1.26
N ILE D 53 -23.25 39.24 -2.00
CA ILE D 53 -24.18 40.01 -2.83
C ILE D 53 -25.14 40.78 -1.95
N ILE D 54 -25.67 40.14 -0.90
CA ILE D 54 -26.69 40.78 -0.08
C ILE D 54 -26.11 41.98 0.65
N ASN D 55 -24.98 41.80 1.33
CA ASN D 55 -24.47 42.84 2.22
C ASN D 55 -23.92 44.03 1.46
N SER D 56 -23.61 43.87 0.18
CA SER D 56 -23.18 44.98 -0.65
C SER D 56 -24.36 45.76 -1.21
N GLN D 57 -25.55 45.57 -0.63
CA GLN D 57 -26.77 46.28 -1.01
C GLN D 57 -27.23 45.97 -2.43
N PHE D 58 -26.71 44.90 -3.04
CA PHE D 58 -27.30 44.41 -4.27
C PHE D 58 -28.52 43.55 -3.98
N GLU D 59 -29.36 43.37 -4.99
CA GLU D 59 -30.50 42.47 -4.87
C GLU D 59 -30.06 41.04 -5.19
N PHE D 60 -30.15 40.16 -4.21
CA PHE D 60 -29.91 38.76 -4.55
C PHE D 60 -31.15 38.17 -5.24
N PRO D 61 -30.96 37.40 -6.30
CA PRO D 61 -32.11 36.90 -7.06
C PRO D 61 -32.96 35.96 -6.22
N CYS D 62 -34.26 36.23 -6.19
CA CYS D 62 -35.23 35.33 -5.56
C CYS D 62 -35.73 34.30 -6.56
N ARG D 63 -34.79 33.56 -7.16
CA ARG D 63 -35.08 32.65 -8.24
C ARG D 63 -34.08 31.52 -8.22
N LYS D 64 -34.39 30.45 -8.96
CA LYS D 64 -33.48 29.33 -9.09
C LYS D 64 -32.23 29.77 -9.82
N ILE D 65 -31.07 29.33 -9.33
CA ILE D 65 -29.78 29.71 -9.87
C ILE D 65 -29.03 28.45 -10.28
N THR D 66 -28.55 28.41 -11.52
CA THR D 66 -27.69 27.35 -12.00
C THR D 66 -26.36 27.94 -12.45
N VAL D 67 -25.27 27.39 -11.92
CA VAL D 67 -23.93 27.89 -12.21
C VAL D 67 -23.14 26.76 -12.86
N ASN D 68 -22.63 27.01 -14.06
CA ASN D 68 -21.85 26.03 -14.81
C ASN D 68 -20.41 26.51 -14.89
N LEU D 69 -19.49 25.68 -14.43
CA LEU D 69 -18.07 26.06 -14.34
C LEU D 69 -17.31 25.48 -15.54
N GLY D 70 -17.44 26.16 -16.68
CA GLY D 70 -16.58 25.94 -17.82
C GLY D 70 -16.56 24.51 -18.32
N PRO D 71 -15.38 24.03 -18.71
CA PRO D 71 -15.23 22.63 -19.14
C PRO D 71 -15.67 21.68 -18.03
N ALA D 72 -16.62 20.80 -18.35
CA ALA D 72 -17.16 19.90 -17.35
C ALA D 72 -16.23 18.72 -17.06
N ASN D 73 -15.31 18.42 -17.96
CA ASN D 73 -14.40 17.29 -17.77
C ASN D 73 -13.16 17.64 -16.96
N LEU D 74 -13.00 18.91 -16.57
CA LEU D 74 -11.79 19.38 -15.90
C LEU D 74 -12.09 19.65 -14.43
N PRO D 75 -11.54 18.86 -13.50
CA PRO D 75 -11.77 19.14 -12.08
C PRO D 75 -11.13 20.44 -11.66
N LYS D 76 -11.84 21.21 -10.83
CA LYS D 76 -11.44 22.55 -10.44
C LYS D 76 -11.36 22.65 -8.94
N THR D 77 -10.29 23.29 -8.45
CA THR D 77 -10.02 23.33 -7.02
C THR D 77 -9.70 24.71 -6.47
N GLY D 78 -9.29 25.68 -7.29
CA GLY D 78 -8.97 27.00 -6.76
C GLY D 78 -10.19 27.62 -6.09
N SER D 79 -9.93 28.27 -4.94
CA SER D 79 -11.02 28.86 -4.19
C SER D 79 -11.48 30.20 -4.76
N GLY D 80 -10.75 30.75 -5.72
CA GLY D 80 -11.03 32.11 -6.19
C GLY D 80 -12.19 32.26 -7.16
N PHE D 81 -13.10 31.30 -7.19
CA PHE D 81 -14.25 31.39 -8.09
C PHE D 81 -15.38 32.24 -7.54
N ASP D 82 -15.31 32.68 -6.28
CA ASP D 82 -16.43 33.39 -5.67
C ASP D 82 -16.73 34.69 -6.41
N LEU D 83 -15.70 35.46 -6.75
CA LEU D 83 -15.92 36.72 -7.46
C LEU D 83 -16.49 36.50 -8.85
N PRO D 84 -15.96 35.59 -9.69
CA PRO D 84 -16.63 35.35 -10.98
C PRO D 84 -18.08 34.93 -10.85
N ILE D 85 -18.41 34.08 -9.89
CA ILE D 85 -19.79 33.64 -9.73
C ILE D 85 -20.68 34.81 -9.30
N ALA D 86 -20.20 35.62 -8.37
CA ALA D 86 -20.98 36.77 -7.92
C ALA D 86 -21.23 37.74 -9.06
N LEU D 87 -20.19 38.02 -9.85
CA LEU D 87 -20.38 38.93 -10.98
C LEU D 87 -21.29 38.33 -12.04
N GLY D 88 -21.20 37.01 -12.26
CA GLY D 88 -22.12 36.37 -13.17
C GLY D 88 -23.56 36.51 -12.73
N ILE D 89 -23.81 36.31 -11.43
CA ILE D 89 -25.17 36.46 -10.90
C ILE D 89 -25.64 37.90 -11.08
N LEU D 90 -24.78 38.87 -10.75
CA LEU D 90 -25.17 40.27 -10.89
C LEU D 90 -25.48 40.62 -12.33
N ALA D 91 -24.65 40.16 -13.27
CA ALA D 91 -24.89 40.45 -14.68
C ALA D 91 -26.18 39.78 -15.16
N ALA D 92 -26.41 38.53 -14.72
CA ALA D 92 -27.63 37.83 -15.12
C ALA D 92 -28.88 38.51 -14.58
N SER D 93 -28.78 39.15 -13.42
CA SER D 93 -29.89 39.91 -12.87
C SER D 93 -29.93 41.35 -13.39
N GLU D 94 -29.02 41.70 -14.28
CA GLU D 94 -28.97 43.01 -14.93
C GLU D 94 -28.78 44.16 -13.94
N GLN D 95 -28.06 43.88 -12.84
CA GLN D 95 -27.55 44.95 -11.99
C GLN D 95 -26.16 45.39 -12.42
N ILE D 96 -25.59 44.76 -13.44
CA ILE D 96 -24.29 45.12 -14.00
C ILE D 96 -24.42 45.10 -15.51
N PRO D 97 -23.87 46.07 -16.23
CA PRO D 97 -23.94 46.02 -17.70
C PRO D 97 -23.09 44.90 -18.27
N LEU D 98 -23.74 43.85 -18.76
CA LEU D 98 -23.03 42.66 -19.20
C LEU D 98 -22.14 42.91 -20.41
N THR D 99 -22.37 43.99 -21.16
CA THR D 99 -21.54 44.27 -22.32
C THR D 99 -20.11 44.62 -21.91
N ASN D 100 -19.92 45.12 -20.68
CA ASN D 100 -18.59 45.54 -20.24
C ASN D 100 -17.69 44.38 -19.83
N LEU D 101 -18.23 43.17 -19.72
CA LEU D 101 -17.43 42.02 -19.31
C LEU D 101 -16.68 41.36 -20.46
N ALA D 102 -16.76 41.92 -21.66
CA ALA D 102 -16.25 41.22 -22.84
C ALA D 102 -14.75 40.98 -22.79
N ASN D 103 -14.01 41.80 -22.04
CA ASN D 103 -12.56 41.78 -22.14
C ASN D 103 -11.88 41.72 -20.78
N HIS D 104 -12.50 41.06 -19.80
CA HIS D 104 -11.98 41.03 -18.45
C HIS D 104 -11.97 39.62 -17.87
N GLU D 105 -11.07 39.41 -16.92
CA GLU D 105 -11.01 38.22 -16.08
C GLU D 105 -11.14 38.64 -14.63
N PHE D 106 -11.62 37.72 -13.79
CA PHE D 106 -11.72 37.98 -12.36
C PHE D 106 -11.18 36.80 -11.56
N ILE D 107 -10.48 37.12 -10.48
CA ILE D 107 -9.91 36.14 -9.57
C ILE D 107 -10.03 36.67 -8.14
N GLY D 108 -10.49 35.84 -7.24
CA GLY D 108 -10.56 36.21 -5.84
C GLY D 108 -11.68 35.51 -5.12
N GLU D 109 -11.55 35.44 -3.80
CA GLU D 109 -12.57 34.86 -2.94
C GLU D 109 -13.18 35.95 -2.06
N LEU D 110 -14.46 35.80 -1.76
CA LEU D 110 -15.26 36.83 -1.12
C LEU D 110 -15.49 36.49 0.35
N ALA D 111 -15.18 37.44 1.23
CA ALA D 111 -15.64 37.35 2.60
C ALA D 111 -17.12 37.73 2.68
N LEU D 112 -17.74 37.41 3.82
CA LEU D 112 -19.17 37.69 3.96
C LEU D 112 -19.48 39.18 3.96
N SER D 113 -18.49 40.03 4.24
CA SER D 113 -18.70 41.47 4.22
C SER D 113 -18.64 42.06 2.82
N GLY D 114 -18.48 41.23 1.79
CA GLY D 114 -18.25 41.72 0.45
C GLY D 114 -16.82 42.13 0.17
N GLU D 115 -15.92 41.98 1.14
CA GLU D 115 -14.53 42.33 0.95
C GLU D 115 -13.78 41.17 0.29
N LEU D 116 -12.84 41.49 -0.57
CA LEU D 116 -12.06 40.48 -1.27
C LEU D 116 -10.90 40.00 -0.41
N ARG D 117 -10.56 38.73 -0.56
CA ARG D 117 -9.46 38.12 0.16
C ARG D 117 -8.41 37.59 -0.81
N GLY D 118 -7.16 37.64 -0.39
CA GLY D 118 -6.06 37.22 -1.24
C GLY D 118 -6.11 35.73 -1.52
N VAL D 119 -6.10 35.35 -2.80
CA VAL D 119 -6.13 33.94 -3.17
C VAL D 119 -4.70 33.42 -3.32
N SER D 120 -4.54 32.12 -3.14
CA SER D 120 -3.24 31.48 -3.29
C SER D 120 -2.93 31.24 -4.77
N ALA D 121 -1.65 31.20 -5.09
CA ALA D 121 -1.16 30.80 -6.41
C ALA D 121 -1.73 31.69 -7.52
N ILE D 122 -1.36 32.96 -7.46
CA ILE D 122 -1.93 33.95 -8.37
C ILE D 122 -1.11 34.06 -9.66
N ILE D 123 0.20 33.83 -9.58
CA ILE D 123 1.10 34.17 -10.69
C ILE D 123 0.71 33.48 -12.01
N PRO D 124 0.46 32.17 -12.05
CA PRO D 124 0.08 31.56 -13.34
C PRO D 124 -1.14 32.21 -13.97
N ALA D 125 -2.12 32.62 -13.15
CA ALA D 125 -3.28 33.32 -13.67
C ALA D 125 -2.87 34.62 -14.34
N VAL D 126 -1.94 35.36 -13.73
CA VAL D 126 -1.47 36.61 -14.32
C VAL D 126 -0.79 36.34 -15.66
N LEU D 127 0.05 35.31 -15.71
CA LEU D 127 0.73 34.98 -16.96
C LEU D 127 -0.26 34.63 -18.06
N ALA D 128 -1.23 33.77 -17.75
CA ALA D 128 -2.23 33.38 -18.74
C ALA D 128 -3.05 34.58 -19.18
N ALA D 129 -3.41 35.44 -18.23
CA ALA D 129 -4.20 36.63 -18.57
C ALA D 129 -3.44 37.55 -19.50
N HIS D 130 -2.13 37.72 -19.28
CA HIS D 130 -1.35 38.57 -20.16
C HIS D 130 -1.24 37.96 -21.55
N LYS D 131 -0.85 36.69 -21.64
CA LYS D 131 -0.68 36.08 -22.96
C LYS D 131 -1.99 36.03 -23.72
N ASP D 132 -3.11 35.88 -23.02
CA ASP D 132 -4.42 35.97 -23.64
C ASP D 132 -4.87 37.41 -23.86
N ASN D 133 -4.07 38.38 -23.45
CA ASN D 133 -4.37 39.81 -23.64
C ASN D 133 -5.71 40.16 -23.01
N GLN D 134 -5.84 39.87 -21.72
CA GLN D 134 -7.09 40.04 -21.00
C GLN D 134 -6.86 40.87 -19.75
N HIS D 135 -7.77 41.81 -19.50
CA HIS D 135 -7.71 42.60 -18.26
C HIS D 135 -8.03 41.70 -17.07
N LEU D 136 -7.18 41.75 -16.05
CA LEU D 136 -7.30 40.89 -14.88
C LEU D 136 -7.56 41.72 -13.64
N ILE D 137 -8.60 41.37 -12.90
CA ILE D 137 -8.95 42.02 -11.65
C ILE D 137 -8.80 41.01 -10.52
N ILE D 138 -7.98 41.35 -9.53
CA ILE D 138 -7.64 40.42 -8.46
C ILE D 138 -7.82 41.10 -7.11
N ALA D 139 -7.73 40.30 -6.05
CA ALA D 139 -7.87 40.81 -4.70
C ALA D 139 -6.71 41.73 -4.36
N ASN D 140 -6.99 42.71 -3.49
CA ASN D 140 -5.97 43.69 -3.10
C ASN D 140 -4.76 43.00 -2.47
N ALA D 141 -5.00 42.00 -1.62
CA ALA D 141 -3.91 41.33 -0.93
C ALA D 141 -2.97 40.60 -1.88
N ASN D 142 -3.40 40.33 -3.11
CA ASN D 142 -2.55 39.65 -4.08
C ASN D 142 -1.67 40.61 -4.87
N ALA D 143 -1.75 41.92 -4.60
CA ALA D 143 -0.99 42.89 -5.37
C ALA D 143 0.52 42.66 -5.19
N ALA D 144 0.96 42.38 -3.98
CA ALA D 144 2.39 42.20 -3.74
C ALA D 144 2.93 41.00 -4.52
N GLU D 145 2.18 39.90 -4.56
CA GLU D 145 2.63 38.72 -5.29
C GLU D 145 2.56 38.93 -6.79
N ALA D 146 1.49 39.57 -7.28
CA ALA D 146 1.35 39.79 -8.72
C ALA D 146 2.33 40.85 -9.22
N SER D 147 2.88 41.65 -8.31
CA SER D 147 3.68 42.80 -8.72
C SER D 147 4.94 42.41 -9.47
N LEU D 148 5.53 41.25 -9.15
CA LEU D 148 6.78 40.86 -9.80
C LEU D 148 6.61 40.68 -11.30
N THR D 149 5.41 40.33 -11.75
CA THR D 149 5.16 40.27 -13.18
C THR D 149 5.28 41.64 -13.83
N GLY D 150 4.78 42.68 -13.16
CA GLY D 150 4.94 44.03 -13.64
C GLY D 150 4.08 44.39 -14.84
N HIS D 151 3.11 43.57 -15.19
CA HIS D 151 2.29 43.84 -16.37
C HIS D 151 1.24 44.89 -16.07
N GLN D 152 0.94 45.71 -17.07
CA GLN D 152 -0.15 46.67 -16.97
C GLN D 152 -1.49 45.93 -17.08
N LYS D 153 -2.57 46.72 -17.07
CA LYS D 153 -3.93 46.20 -17.22
C LYS D 153 -4.31 45.24 -16.11
N VAL D 154 -3.72 45.39 -14.93
CA VAL D 154 -4.03 44.58 -13.77
C VAL D 154 -4.57 45.50 -12.68
N PHE D 155 -5.71 45.14 -12.11
CA PHE D 155 -6.36 45.95 -11.09
C PHE D 155 -6.59 45.11 -9.84
N THR D 156 -6.37 45.71 -8.68
CA THR D 156 -6.51 45.03 -7.39
C THR D 156 -7.52 45.77 -6.53
N ALA D 157 -8.79 45.38 -6.63
CA ALA D 157 -9.85 46.05 -5.89
C ALA D 157 -9.90 45.59 -4.44
N ASN D 158 -10.62 46.35 -3.62
CA ASN D 158 -10.75 46.03 -2.20
C ASN D 158 -12.02 45.23 -1.92
N ASN D 159 -13.09 45.49 -2.65
CA ASN D 159 -14.38 44.86 -2.38
C ASN D 159 -15.18 44.76 -3.66
N LEU D 160 -16.23 43.93 -3.61
CA LEU D 160 -17.09 43.72 -4.77
C LEU D 160 -17.72 45.02 -5.26
N ARG D 161 -18.05 45.93 -4.34
CA ARG D 161 -18.66 47.19 -4.74
C ARG D 161 -17.72 48.02 -5.60
N GLU D 162 -16.41 47.95 -5.33
CA GLU D 162 -15.46 48.68 -6.16
C GLU D 162 -15.43 48.12 -7.59
N VAL D 163 -15.47 46.80 -7.72
CA VAL D 163 -15.50 46.19 -9.05
C VAL D 163 -16.78 46.56 -9.77
N CYS D 164 -17.91 46.54 -9.06
CA CYS D 164 -19.18 46.93 -9.67
C CYS D 164 -19.12 48.39 -10.15
N ASP D 165 -18.54 49.26 -9.34
CA ASP D 165 -18.40 50.66 -9.76
C ASP D 165 -17.51 50.79 -10.98
N TYR D 166 -16.40 50.04 -11.02
CA TYR D 166 -15.50 50.12 -12.16
C TYR D 166 -16.19 49.64 -13.42
N LEU D 167 -16.98 48.57 -13.33
CA LEU D 167 -17.70 48.08 -14.49
C LEU D 167 -18.80 49.05 -14.92
N CYS D 168 -19.47 49.68 -13.97
CA CYS D 168 -20.57 50.57 -14.28
C CYS D 168 -20.13 52.00 -14.57
N GLN D 169 -19.14 52.51 -13.84
CA GLN D 169 -18.74 53.91 -13.96
C GLN D 169 -17.32 54.11 -14.46
N GLY D 170 -16.50 53.06 -14.51
CA GLY D 170 -15.18 53.18 -15.10
C GLY D 170 -14.17 53.95 -14.30
N THR D 171 -14.35 54.08 -12.99
CA THR D 171 -13.37 54.76 -12.16
C THR D 171 -12.05 54.01 -12.18
N SER D 172 -10.94 54.75 -12.23
CA SER D 172 -9.62 54.13 -12.16
C SER D 172 -9.50 53.38 -10.84
N LEU D 173 -9.44 52.05 -10.91
CA LEU D 173 -9.66 51.24 -9.73
C LEU D 173 -8.42 51.16 -8.86
N GLN D 174 -7.33 50.57 -9.36
CA GLN D 174 -6.09 50.49 -8.60
C GLN D 174 -4.91 50.07 -9.46
N SER D 175 -3.85 50.87 -9.48
CA SER D 175 -2.64 50.51 -10.19
C SER D 175 -1.83 49.50 -9.38
N LEU D 176 -0.88 48.86 -10.07
CA LEU D 176 -0.04 47.85 -9.45
C LEU D 176 1.09 48.50 -8.63
N PRO D 177 1.56 47.82 -7.59
CA PRO D 177 2.72 48.27 -6.84
C PRO D 177 3.84 48.74 -7.74
N PRO D 178 4.75 49.58 -7.20
CA PRO D 178 5.77 50.22 -8.05
C PRO D 178 7.00 49.36 -8.30
N LYS D 179 6.77 48.17 -8.86
CA LYS D 179 7.78 47.34 -9.50
C LYS D 179 9.06 47.21 -8.66
N PRO D 180 9.05 46.42 -7.59
CA PRO D 180 10.27 46.20 -6.81
C PRO D 180 11.42 45.72 -7.69
N ASP D 181 12.59 46.31 -7.49
CA ASP D 181 13.76 46.09 -8.34
C ASP D 181 14.80 45.26 -7.61
N LEU D 182 15.55 44.47 -8.37
CA LEU D 182 16.50 43.52 -7.79
C LEU D 182 17.85 44.15 -7.48
N LEU D 183 18.49 44.77 -8.46
CA LEU D 183 19.87 45.24 -8.34
C LEU D 183 20.77 44.13 -7.82
N LEU D 184 20.91 43.10 -8.65
CA LEU D 184 21.52 41.83 -8.27
C LEU D 184 22.90 42.01 -7.68
N ASN D 185 23.11 41.40 -6.51
CA ASN D 185 24.40 41.27 -5.87
C ASN D 185 24.50 39.87 -5.29
N ASN D 186 25.45 39.07 -5.79
CA ASN D 186 25.54 37.67 -5.37
C ASN D 186 25.90 37.57 -3.89
N TYR D 187 27.04 38.12 -3.50
CA TYR D 187 27.43 38.26 -2.10
C TYR D 187 27.59 36.92 -1.38
N GLU D 188 27.78 35.83 -2.11
CA GLU D 188 27.89 34.52 -1.47
C GLU D 188 28.63 33.55 -2.38
N LEU D 189 29.06 32.45 -1.78
CA LEU D 189 29.60 31.29 -2.49
C LEU D 189 30.81 31.65 -3.34
N ASP D 190 30.57 31.90 -4.63
CA ASP D 190 31.59 32.31 -5.61
C ASP D 190 32.58 31.20 -5.92
N TRP D 191 33.07 31.18 -7.16
CA TRP D 191 33.93 30.11 -7.65
C TRP D 191 35.26 30.02 -6.92
N SER D 192 35.68 31.08 -6.23
CA SER D 192 37.00 31.10 -5.62
C SER D 192 37.18 30.07 -4.52
N ASP D 193 36.07 29.49 -4.03
CA ASP D 193 36.17 28.56 -2.92
C ASP D 193 36.86 27.25 -3.30
N ILE D 194 36.98 26.98 -4.59
CA ILE D 194 37.50 25.68 -5.06
C ILE D 194 39.02 25.83 -5.15
N LYS D 195 39.69 25.43 -4.09
CA LYS D 195 41.15 25.45 -4.07
C LYS D 195 41.74 24.24 -4.78
N GLY D 196 42.73 24.49 -5.63
CA GLY D 196 43.61 23.45 -6.12
C GLY D 196 43.10 22.53 -7.21
N GLN D 197 41.78 22.42 -7.37
CA GLN D 197 41.21 21.48 -8.33
C GLN D 197 41.12 22.11 -9.72
N GLN D 198 42.30 22.22 -10.36
CA GLN D 198 42.40 22.87 -11.66
C GLN D 198 41.62 22.13 -12.73
N HIS D 199 41.80 20.81 -12.81
CA HIS D 199 41.16 20.02 -13.87
C HIS D 199 39.64 20.04 -13.71
N ALA D 200 39.16 19.80 -12.49
CA ALA D 200 37.72 19.77 -12.26
C ALA D 200 37.09 21.12 -12.58
N LYS D 201 37.78 22.21 -12.26
CA LYS D 201 37.22 23.55 -12.53
C LYS D 201 37.06 23.79 -14.02
N ASN D 202 38.10 23.51 -14.81
CA ASN D 202 38.02 23.71 -16.25
C ASN D 202 36.95 22.81 -16.86
N ALA D 203 36.87 21.56 -16.40
CA ALA D 203 35.83 20.66 -16.89
C ALA D 203 34.45 21.19 -16.54
N MET D 204 34.27 21.68 -15.32
CA MET D 204 32.98 22.18 -14.87
C MET D 204 32.57 23.39 -15.69
N VAL D 205 33.53 24.28 -15.97
CA VAL D 205 33.26 25.50 -16.73
C VAL D 205 32.86 25.16 -18.17
N ILE D 206 33.61 24.26 -18.82
CA ILE D 206 33.26 23.97 -20.21
C ILE D 206 31.98 23.14 -20.29
N ALA D 207 31.68 22.37 -19.25
CA ALA D 207 30.37 21.70 -19.19
C ALA D 207 29.25 22.71 -19.09
N ALA D 208 29.46 23.77 -18.30
CA ALA D 208 28.48 24.86 -18.25
C ALA D 208 28.35 25.53 -19.61
N CYS D 209 29.48 25.72 -20.30
CA CYS D 209 29.46 26.35 -21.63
C CYS D 209 28.66 25.53 -22.61
N GLY D 210 28.84 24.21 -22.61
CA GLY D 210 28.13 23.35 -23.53
C GLY D 210 26.81 22.80 -23.03
N GLY D 211 26.42 23.11 -21.80
CA GLY D 211 25.20 22.58 -21.25
C GLY D 211 25.21 21.08 -21.04
N HIS D 212 26.38 20.45 -21.08
CA HIS D 212 26.47 19.00 -21.00
C HIS D 212 26.14 18.51 -19.59
N SER D 213 25.61 17.29 -19.51
CA SER D 213 25.51 16.60 -18.24
C SER D 213 26.90 16.13 -17.81
N ILE D 214 27.20 16.30 -16.52
CA ILE D 214 28.53 16.01 -16.01
C ILE D 214 28.41 15.13 -14.77
N LEU D 215 29.24 14.11 -14.69
CA LEU D 215 29.28 13.19 -13.56
C LEU D 215 30.60 13.37 -12.82
N LEU D 216 30.53 13.61 -11.52
CA LEU D 216 31.71 13.74 -10.69
C LEU D 216 32.01 12.43 -9.98
N SER D 217 33.29 12.06 -9.94
CA SER D 217 33.69 10.81 -9.32
C SER D 217 35.06 10.97 -8.66
N GLY D 218 35.33 10.10 -7.70
CA GLY D 218 36.59 10.14 -6.97
C GLY D 218 36.41 9.97 -5.48
N ALA D 219 37.42 10.39 -4.71
CA ALA D 219 37.37 10.21 -3.27
C ALA D 219 36.40 11.20 -2.63
N PRO D 220 35.72 10.81 -1.55
CA PRO D 220 34.86 11.76 -0.84
C PRO D 220 35.68 12.84 -0.16
N GLY D 221 35.04 13.99 0.06
CA GLY D 221 35.72 15.13 0.63
C GLY D 221 36.53 15.96 -0.34
N SER D 222 36.55 15.59 -1.63
CA SER D 222 37.25 16.38 -2.63
C SER D 222 36.51 17.66 -2.98
N GLY D 223 35.26 17.82 -2.54
CA GLY D 223 34.47 18.99 -2.84
C GLY D 223 33.27 18.76 -3.72
N LYS D 224 32.78 17.52 -3.83
CA LYS D 224 31.73 17.13 -4.76
C LYS D 224 30.52 18.06 -4.71
N THR D 225 29.84 18.14 -3.56
CA THR D 225 28.65 18.98 -3.48
C THR D 225 28.99 20.46 -3.54
N MET D 226 30.22 20.84 -3.18
CA MET D 226 30.63 22.23 -3.28
C MET D 226 30.65 22.68 -4.74
N MET D 227 31.14 21.80 -5.62
CA MET D 227 31.15 22.11 -7.05
C MET D 227 29.75 22.41 -7.55
N ALA D 228 28.79 21.54 -7.21
CA ALA D 228 27.42 21.73 -7.64
C ALA D 228 26.85 23.02 -7.06
N LYS D 229 27.07 23.26 -5.76
CA LYS D 229 26.53 24.45 -5.12
C LYS D 229 27.04 25.72 -5.79
N ARG D 230 28.29 25.70 -6.25
CA ARG D 230 28.85 26.88 -6.91
C ARG D 230 28.54 26.94 -8.40
N PHE D 231 28.11 25.82 -8.99
CA PHE D 231 27.85 25.78 -10.43
C PHE D 231 26.75 26.76 -10.84
N SER D 232 25.71 26.91 -10.01
CA SER D 232 24.54 27.68 -10.42
C SER D 232 24.88 29.13 -10.76
N THR D 233 25.89 29.70 -10.09
CA THR D 233 26.21 31.11 -10.31
C THR D 233 26.84 31.36 -11.67
N LEU D 234 27.34 30.33 -12.36
CA LEU D 234 27.97 30.53 -13.66
C LEU D 234 26.97 30.56 -14.82
N LEU D 235 25.73 30.18 -14.58
CA LEU D 235 24.74 30.15 -15.66
C LEU D 235 24.31 31.58 -16.00
N PRO D 236 23.86 31.81 -17.24
CA PRO D 236 23.38 33.15 -17.60
C PRO D 236 22.13 33.54 -16.83
N GLU D 237 21.96 34.85 -16.67
CA GLU D 237 20.82 35.37 -15.94
C GLU D 237 19.52 35.07 -16.68
N LEU D 238 18.48 34.70 -15.93
CA LEU D 238 17.21 34.34 -16.53
C LEU D 238 16.47 35.57 -17.00
N SER D 239 15.97 35.54 -18.24
CA SER D 239 15.10 36.59 -18.73
C SER D 239 13.68 36.39 -18.20
N GLU D 240 12.85 37.41 -18.41
CA GLU D 240 11.47 37.34 -17.94
C GLU D 240 10.72 36.16 -18.56
N THR D 241 10.99 35.84 -19.83
CA THR D 241 10.37 34.68 -20.46
C THR D 241 10.67 33.41 -19.68
N GLN D 242 11.82 33.34 -19.02
CA GLN D 242 12.19 32.21 -18.18
C GLN D 242 11.90 32.45 -16.70
N ALA D 243 12.15 33.68 -16.24
CA ALA D 243 11.97 33.99 -14.82
C ALA D 243 10.51 33.88 -14.41
N LEU D 244 9.59 34.35 -15.25
CA LEU D 244 8.17 34.23 -14.92
C LEU D 244 7.73 32.77 -14.88
N GLU D 245 8.23 31.95 -15.79
CA GLU D 245 7.92 30.52 -15.76
C GLU D 245 8.44 29.87 -14.48
N CYS D 246 9.69 30.20 -14.09
CA CYS D 246 10.24 29.64 -12.88
C CYS D 246 9.47 30.10 -11.65
N ALA D 247 9.08 31.37 -11.61
CA ALA D 247 8.29 31.88 -10.49
C ALA D 247 6.92 31.21 -10.42
N ALA D 248 6.30 30.97 -11.58
CA ALA D 248 5.02 30.28 -11.61
C ALA D 248 5.16 28.86 -11.09
N ILE D 249 6.23 28.17 -11.49
CA ILE D 249 6.47 26.82 -10.98
C ILE D 249 6.67 26.83 -9.48
N ASN D 250 7.49 27.76 -8.98
CA ASN D 250 7.80 27.81 -7.56
C ASN D 250 6.56 28.16 -6.73
N SER D 251 5.73 29.07 -7.23
CA SER D 251 4.56 29.50 -6.47
C SER D 251 3.58 28.36 -6.24
N ILE D 252 3.63 27.32 -7.07
CA ILE D 252 2.71 26.20 -6.92
C ILE D 252 2.94 25.48 -5.60
N ARG D 253 4.21 25.31 -5.21
CA ARG D 253 4.51 24.69 -3.92
C ARG D 253 4.08 25.58 -2.77
N GLY D 254 4.67 26.76 -2.67
CA GLY D 254 4.36 27.67 -1.57
C GLY D 254 5.43 28.73 -1.37
N LYS D 255 4.99 29.94 -1.00
CA LYS D 255 5.78 31.15 -0.77
C LYS D 255 6.68 31.51 -1.94
N LEU D 256 7.20 32.74 -1.95
CA LEU D 256 8.03 33.18 -3.07
C LEU D 256 8.90 34.36 -2.64
N PRO D 257 9.88 34.14 -1.75
CA PRO D 257 10.71 35.25 -1.28
C PRO D 257 11.88 35.59 -2.19
N ASP D 258 11.90 35.13 -3.44
CA ASP D 258 13.08 35.24 -4.28
C ASP D 258 13.52 36.69 -4.45
N PHE D 259 12.59 37.56 -4.90
CA PHE D 259 12.83 38.98 -5.11
C PHE D 259 14.21 39.33 -5.67
N ARG D 260 15.22 39.39 -4.80
CA ARG D 260 16.54 39.80 -5.24
C ARG D 260 17.28 38.70 -5.99
N GLU D 261 17.10 37.44 -5.60
CA GLU D 261 17.63 36.31 -6.35
C GLU D 261 16.61 35.77 -7.36
N TRP D 262 15.54 36.51 -7.62
CA TRP D 262 14.45 36.05 -8.46
C TRP D 262 14.86 35.74 -9.88
N ARG D 263 15.92 36.38 -10.39
CA ARG D 263 16.38 36.12 -11.75
C ARG D 263 17.55 35.15 -11.81
N LEU D 264 18.03 34.65 -10.68
CA LEU D 264 19.10 33.67 -10.73
C LEU D 264 18.52 32.27 -10.97
N PRO D 265 19.27 31.41 -11.67
CA PRO D 265 18.82 30.04 -11.87
C PRO D 265 18.71 29.29 -10.55
N PRO D 266 17.71 28.43 -10.42
CA PRO D 266 17.57 27.67 -9.18
C PRO D 266 18.33 26.34 -9.15
N PHE D 267 18.57 25.87 -7.93
CA PHE D 267 19.38 24.69 -7.68
C PHE D 267 18.68 23.78 -6.68
N ARG D 268 18.59 22.50 -7.01
CA ARG D 268 18.02 21.49 -6.12
C ARG D 268 19.02 20.36 -5.96
N ALA D 269 19.12 19.84 -4.74
CA ALA D 269 19.99 18.71 -4.43
C ALA D 269 19.28 17.75 -3.50
N PRO D 270 18.33 16.97 -4.01
CA PRO D 270 17.61 16.02 -3.15
C PRO D 270 18.51 14.89 -2.69
N HIS D 271 18.21 14.36 -1.51
CA HIS D 271 18.89 13.18 -1.01
C HIS D 271 18.36 11.93 -1.69
N HIS D 272 19.20 10.90 -1.78
CA HIS D 272 18.85 9.73 -2.58
C HIS D 272 17.68 8.95 -1.97
N THR D 273 17.47 9.01 -0.66
CA THR D 273 16.36 8.29 -0.05
C THR D 273 15.04 8.82 -0.58
N ALA D 274 14.69 10.05 -0.19
CA ALA D 274 13.54 10.79 -0.71
C ALA D 274 12.29 9.92 -0.84
N SER D 275 11.48 10.20 -1.87
CA SER D 275 10.34 9.38 -2.25
C SER D 275 10.00 9.72 -3.68
N PRO D 276 9.65 8.73 -4.51
CA PRO D 276 9.38 9.01 -5.93
C PRO D 276 8.26 10.02 -6.15
N VAL D 277 7.21 9.98 -5.32
CA VAL D 277 6.09 10.88 -5.52
C VAL D 277 6.45 12.32 -5.19
N ALA D 278 7.32 12.56 -4.20
CA ALA D 278 7.73 13.92 -3.88
C ALA D 278 8.77 14.44 -4.86
N LEU D 279 9.67 13.57 -5.32
CA LEU D 279 10.73 14.01 -6.22
C LEU D 279 10.19 14.27 -7.62
N VAL D 280 9.26 13.43 -8.09
CA VAL D 280 8.61 13.60 -9.38
C VAL D 280 7.10 13.57 -9.17
N GLY D 281 6.41 14.53 -9.78
CA GLY D 281 4.97 14.57 -9.68
C GLY D 281 4.48 14.86 -8.26
N GLY D 282 3.24 14.43 -8.00
CA GLY D 282 2.67 14.59 -6.68
C GLY D 282 1.24 14.10 -6.66
N GLY D 283 0.77 13.82 -5.44
CA GLY D 283 -0.59 13.39 -5.22
C GLY D 283 -1.54 14.57 -5.11
N ASN D 284 -2.69 14.33 -4.47
CA ASN D 284 -3.72 15.35 -4.27
C ASN D 284 -4.13 15.85 -5.66
N PRO D 285 -4.58 17.09 -5.85
CA PRO D 285 -4.41 17.72 -7.17
C PRO D 285 -2.94 17.88 -7.48
N PRO D 286 -2.55 17.72 -8.74
CA PRO D 286 -1.12 17.59 -9.07
C PRO D 286 -0.28 18.75 -8.53
N LYS D 287 0.86 18.39 -7.95
CA LYS D 287 1.86 19.26 -7.35
C LYS D 287 3.22 18.94 -7.96
N PRO D 288 4.16 19.89 -7.99
CA PRO D 288 5.42 19.64 -8.67
C PRO D 288 6.50 18.92 -7.86
N GLY D 289 7.17 18.00 -8.53
CA GLY D 289 8.20 17.23 -7.87
C GLY D 289 9.49 18.02 -7.74
N GLU D 290 10.45 17.41 -7.04
CA GLU D 290 11.73 18.05 -6.82
C GLU D 290 12.44 18.31 -8.15
N ILE D 291 12.18 17.48 -9.15
CA ILE D 291 12.81 17.65 -10.46
C ILE D 291 12.36 18.96 -11.11
N SER D 292 11.06 19.26 -11.05
CA SER D 292 10.52 20.39 -11.80
C SER D 292 10.97 21.72 -11.23
N LEU D 293 11.42 21.76 -9.97
CA LEU D 293 11.91 23.00 -9.40
C LEU D 293 13.20 23.45 -10.07
N ALA D 294 14.00 22.51 -10.56
CA ALA D 294 15.24 22.83 -11.26
C ALA D 294 15.02 23.30 -12.69
N HIS D 295 13.79 23.68 -13.04
CA HIS D 295 13.49 24.12 -14.39
C HIS D 295 14.34 25.33 -14.77
N HIS D 296 14.86 25.31 -15.99
CA HIS D 296 15.82 26.30 -16.49
C HIS D 296 17.10 26.31 -15.67
N GLY D 297 17.23 25.37 -14.73
CA GLY D 297 18.34 25.40 -13.80
C GLY D 297 19.20 24.15 -13.77
N VAL D 298 19.58 23.72 -12.57
CA VAL D 298 20.54 22.66 -12.37
C VAL D 298 19.99 21.69 -11.32
N LEU D 299 20.17 20.40 -11.56
CA LEU D 299 19.79 19.35 -10.62
C LEU D 299 21.01 18.51 -10.29
N PHE D 300 21.25 18.31 -8.99
CA PHE D 300 22.43 17.58 -8.51
C PHE D 300 21.98 16.29 -7.83
N LEU D 301 22.56 15.18 -8.25
CA LEU D 301 22.23 13.85 -7.72
C LEU D 301 23.50 13.19 -7.21
N ASP D 302 23.83 13.45 -5.95
CA ASP D 302 24.91 12.73 -5.30
C ASP D 302 24.44 11.35 -4.85
N GLU D 303 25.39 10.43 -4.70
CA GLU D 303 25.09 9.04 -4.35
C GLU D 303 24.14 8.41 -5.35
N LEU D 304 24.46 8.58 -6.64
CA LEU D 304 23.61 8.06 -7.71
C LEU D 304 23.30 6.57 -7.60
N PRO D 305 24.23 5.67 -7.28
CA PRO D 305 23.88 4.25 -7.21
C PRO D 305 22.84 3.92 -6.14
N GLU D 306 22.63 4.79 -5.16
CA GLU D 306 21.71 4.50 -4.07
C GLU D 306 20.27 4.91 -4.37
N PHE D 307 20.01 5.56 -5.50
CA PHE D 307 18.65 5.90 -5.87
C PHE D 307 17.87 4.65 -6.25
N ASN D 308 16.59 4.63 -5.86
CA ASN D 308 15.70 3.57 -6.31
C ASN D 308 15.48 3.68 -7.82
N ARG D 309 15.46 2.53 -8.49
CA ARG D 309 15.59 2.51 -9.95
C ARG D 309 14.40 3.16 -10.66
N GLN D 310 13.25 3.27 -9.99
CA GLN D 310 12.10 3.93 -10.61
C GLN D 310 12.41 5.38 -10.97
N VAL D 311 13.08 6.10 -10.06
CA VAL D 311 13.39 7.51 -10.31
C VAL D 311 14.31 7.64 -11.53
N LEU D 312 15.35 6.82 -11.57
CA LEU D 312 16.32 6.91 -12.66
C LEU D 312 15.72 6.44 -13.98
N GLU D 313 14.74 5.54 -13.94
CA GLU D 313 14.03 5.18 -15.16
C GLU D 313 13.15 6.33 -15.65
N THR D 314 12.39 6.94 -14.73
CA THR D 314 11.44 7.96 -15.14
C THR D 314 12.13 9.27 -15.53
N LEU D 315 13.35 9.50 -15.03
CA LEU D 315 14.04 10.75 -15.33
C LEU D 315 14.39 10.88 -16.82
N ARG D 316 14.37 9.78 -17.56
CA ARG D 316 14.75 9.83 -18.97
C ARG D 316 13.85 10.75 -19.77
N GLU D 317 12.53 10.65 -19.55
CA GLU D 317 11.57 11.43 -20.34
C GLU D 317 11.82 12.93 -20.17
N PRO D 318 11.83 13.50 -18.96
CA PRO D 318 12.07 14.95 -18.87
C PRO D 318 13.48 15.36 -19.25
N LEU D 319 14.48 14.53 -18.94
CA LEU D 319 15.85 14.88 -19.31
C LEU D 319 16.01 14.94 -20.83
N GLU D 320 15.14 14.26 -21.56
CA GLU D 320 15.18 14.32 -23.02
C GLU D 320 14.33 15.47 -23.55
N SER D 321 13.08 15.56 -23.12
CA SER D 321 12.13 16.49 -23.70
C SER D 321 11.87 17.73 -22.85
N GLY D 322 12.40 17.80 -21.63
CA GLY D 322 12.12 18.92 -20.77
C GLY D 322 10.78 18.87 -20.08
N HIS D 323 10.04 17.78 -20.22
CA HIS D 323 8.73 17.65 -19.61
C HIS D 323 8.48 16.18 -19.29
N ILE D 324 7.59 15.93 -18.34
CA ILE D 324 7.34 14.59 -17.85
C ILE D 324 5.98 14.04 -18.28
N CYS D 325 4.97 14.90 -18.46
CA CYS D 325 3.62 14.47 -18.83
C CYS D 325 3.08 13.42 -17.86
N ILE D 326 3.25 13.70 -16.57
CA ILE D 326 2.76 12.78 -15.54
C ILE D 326 1.24 12.73 -15.60
N SER D 327 0.69 11.56 -15.28
CA SER D 327 -0.75 11.32 -15.41
C SER D 327 -1.29 10.62 -14.18
N ARG D 328 -2.56 10.88 -13.87
CA ARG D 328 -3.29 10.18 -12.82
C ARG D 328 -4.30 9.19 -13.41
N ALA D 329 -4.22 8.95 -14.73
CA ALA D 329 -5.12 8.11 -15.52
C ALA D 329 -6.46 8.81 -15.74
N ALA D 330 -6.65 9.96 -15.09
CA ALA D 330 -7.80 10.81 -15.40
C ALA D 330 -7.40 11.96 -16.30
N ALA D 331 -6.19 12.49 -16.13
CA ALA D 331 -5.65 13.54 -16.97
C ALA D 331 -4.14 13.52 -16.84
N GLN D 332 -3.47 14.22 -17.75
CA GLN D 332 -2.02 14.27 -17.77
C GLN D 332 -1.54 15.72 -17.69
N ILE D 333 -0.49 15.94 -16.92
CA ILE D 333 0.05 17.28 -16.66
C ILE D 333 1.46 17.31 -17.19
N GLU D 334 1.76 18.31 -18.04
CA GLU D 334 3.07 18.36 -18.71
C GLU D 334 4.19 18.59 -17.72
N PHE D 335 4.06 19.59 -16.84
CA PHE D 335 5.03 19.88 -15.78
C PHE D 335 6.45 20.00 -16.32
N PRO D 336 6.79 21.12 -16.97
CA PRO D 336 8.09 21.23 -17.63
C PRO D 336 9.25 21.02 -16.65
N ALA D 337 10.29 20.34 -17.12
CA ALA D 337 11.45 20.03 -16.31
C ALA D 337 12.75 20.19 -17.08
N LYS D 338 12.92 21.30 -17.79
CA LYS D 338 14.14 21.58 -18.53
C LYS D 338 15.24 21.95 -17.54
N PHE D 339 16.27 21.12 -17.44
CA PHE D 339 17.34 21.33 -16.48
C PHE D 339 18.66 20.82 -17.03
N GLN D 340 19.74 21.21 -16.36
CA GLN D 340 21.07 20.63 -16.57
C GLN D 340 21.38 19.71 -15.40
N LEU D 341 21.85 18.50 -15.71
CA LEU D 341 22.00 17.44 -14.72
C LEU D 341 23.47 17.25 -14.36
N ILE D 342 23.76 17.28 -13.06
CA ILE D 342 25.09 16.98 -12.54
C ILE D 342 24.98 15.79 -11.59
N ALA D 343 25.80 14.78 -11.82
CA ALA D 343 25.80 13.56 -11.01
C ALA D 343 27.10 13.42 -10.24
N ALA D 344 27.04 12.67 -9.14
CA ALA D 344 28.20 12.41 -8.30
C ALA D 344 28.14 10.99 -7.79
N MET D 345 29.29 10.33 -7.76
CA MET D 345 29.35 8.93 -7.36
C MET D 345 30.75 8.59 -6.85
N ASN D 346 30.84 7.53 -6.05
CA ASN D 346 32.09 6.96 -5.59
C ASN D 346 32.43 5.72 -6.38
N PRO D 347 33.57 5.68 -7.05
CA PRO D 347 33.88 4.54 -7.95
C PRO D 347 34.35 3.27 -7.23
N CYS D 348 33.37 2.57 -6.65
CA CYS D 348 33.53 1.25 -6.01
C CYS D 348 34.41 1.29 -4.77
N PRO D 349 34.17 0.42 -3.79
CA PRO D 349 35.02 0.31 -2.60
C PRO D 349 36.35 -0.37 -2.89
N PRO D 364 37.39 -8.40 -6.53
CA PRO D 364 36.24 -9.21 -6.08
C PRO D 364 34.98 -8.93 -6.89
N ASP D 365 34.01 -9.84 -6.82
CA ASP D 365 32.75 -9.66 -7.53
C ASP D 365 31.88 -8.56 -6.92
N ARG D 366 32.24 -8.04 -5.74
CA ARG D 366 31.54 -6.89 -5.20
C ARG D 366 31.65 -5.69 -6.13
N ILE D 367 32.80 -5.55 -6.80
CA ILE D 367 32.95 -4.50 -7.81
C ILE D 367 31.95 -4.72 -8.94
N SER D 368 31.79 -5.97 -9.38
CA SER D 368 30.85 -6.28 -10.44
C SER D 368 29.42 -5.95 -10.03
N ARG D 369 29.05 -6.29 -8.79
CA ARG D 369 27.71 -5.94 -8.29
C ARG D 369 27.53 -4.43 -8.24
N TYR D 370 28.55 -3.72 -7.75
CA TYR D 370 28.47 -2.27 -7.63
C TYR D 370 28.28 -1.61 -8.98
N LEU D 371 29.02 -2.08 -10.00
CA LEU D 371 28.85 -1.51 -11.33
C LEU D 371 27.55 -1.96 -11.99
N ALA D 372 27.05 -3.15 -11.62
CA ALA D 372 25.78 -3.62 -12.17
C ALA D 372 24.62 -2.82 -11.61
N LYS D 373 24.72 -2.33 -10.38
CA LYS D 373 23.65 -1.52 -9.81
C LYS D 373 23.57 -0.14 -10.43
N LEU D 374 24.46 0.21 -11.34
CA LEU D 374 24.40 1.49 -12.03
C LEU D 374 23.33 1.45 -13.11
N SER D 375 22.72 2.61 -13.37
CA SER D 375 21.66 2.73 -14.38
C SER D 375 22.29 3.07 -15.71
N ALA D 376 22.40 2.07 -16.58
CA ALA D 376 22.86 2.30 -17.94
C ALA D 376 22.01 3.28 -18.73
N PRO D 377 20.66 3.23 -18.70
CA PRO D 377 19.89 4.19 -19.50
C PRO D 377 20.14 5.64 -19.14
N LEU D 378 20.58 5.94 -17.91
CA LEU D 378 20.95 7.29 -17.53
C LEU D 378 22.41 7.57 -17.89
N LEU D 379 23.29 6.59 -17.65
CA LEU D 379 24.70 6.74 -18.01
C LEU D 379 24.87 6.91 -19.52
N ASP D 380 23.94 6.36 -20.31
CA ASP D 380 24.04 6.43 -21.76
C ASP D 380 24.10 7.84 -22.30
N ARG D 381 23.52 8.81 -21.59
CA ARG D 381 23.58 10.20 -22.01
C ARG D 381 24.25 11.07 -20.97
N ILE D 382 25.03 10.46 -20.08
CA ILE D 382 25.94 11.20 -19.21
C ILE D 382 27.16 11.55 -20.06
N ASP D 383 27.28 12.82 -20.43
CA ASP D 383 28.27 13.24 -21.42
C ASP D 383 29.65 13.47 -20.82
N MET D 384 29.72 14.11 -19.67
CA MET D 384 30.99 14.54 -19.10
C MET D 384 31.29 13.73 -17.84
N GLN D 385 32.52 13.25 -17.73
CA GLN D 385 32.96 12.50 -16.56
C GLN D 385 34.36 12.98 -16.17
N VAL D 386 34.55 13.27 -14.89
CA VAL D 386 35.81 13.78 -14.38
C VAL D 386 36.10 13.13 -13.03
N THR D 387 37.37 12.78 -12.81
CA THR D 387 37.82 12.22 -11.55
C THR D 387 38.50 13.32 -10.74
N ILE D 388 38.03 13.53 -9.51
CA ILE D 388 38.53 14.58 -8.63
C ILE D 388 39.26 13.91 -7.47
N HIS D 389 40.54 14.23 -7.32
CA HIS D 389 41.32 13.74 -6.21
C HIS D 389 41.14 14.63 -4.99
N ALA D 390 41.54 14.11 -3.83
CA ALA D 390 41.64 14.95 -2.64
C ALA D 390 42.79 15.93 -2.81
N LEU D 391 42.66 17.10 -2.17
CA LEU D 391 43.66 18.15 -2.34
C LEU D 391 45.00 17.72 -1.77
N SER D 392 46.07 18.13 -2.44
CA SER D 392 47.41 17.86 -1.95
C SER D 392 47.74 18.75 -0.76
N GLN D 393 48.69 18.30 0.05
CA GLN D 393 48.99 18.99 1.31
C GLN D 393 49.57 20.38 1.05
N GLU D 394 50.59 20.46 0.19
CA GLU D 394 51.23 21.75 -0.08
C GLU D 394 50.26 22.75 -0.70
N GLU D 395 49.36 22.27 -1.56
CA GLU D 395 48.31 23.16 -2.07
C GLU D 395 47.38 23.61 -0.95
N LEU D 396 47.08 22.71 -0.01
CA LEU D 396 46.22 23.05 1.11
C LEU D 396 46.86 24.05 2.07
N ILE D 397 48.19 24.12 2.09
CA ILE D 397 48.85 25.06 2.99
C ILE D 397 48.52 26.50 2.59
N LYS D 398 48.52 26.79 1.30
CA LYS D 398 48.37 28.17 0.83
C LYS D 398 46.96 28.68 1.08
N PRO D 399 46.80 29.90 1.61
CA PRO D 399 45.48 30.52 1.69
C PRO D 399 45.04 31.06 0.33
N ASN D 400 43.87 31.70 0.33
CA ASN D 400 43.29 32.21 -0.91
C ASN D 400 44.17 33.28 -1.55
N THR D 401 44.67 34.23 -0.75
CA THR D 401 45.69 35.20 -1.12
C THR D 401 45.32 36.13 -2.28
N HIS D 402 44.09 36.03 -2.80
CA HIS D 402 43.64 36.95 -3.84
C HIS D 402 42.12 36.98 -3.86
N LEU D 403 41.57 38.12 -4.28
CA LEU D 403 40.14 38.37 -4.15
C LEU D 403 39.48 38.76 -5.46
N GLU D 404 40.05 38.38 -6.60
CA GLU D 404 39.41 38.64 -7.88
C GLU D 404 38.20 37.72 -8.04
N LYS D 405 37.02 38.32 -8.15
CA LYS D 405 35.78 37.54 -8.33
C LYS D 405 35.66 37.07 -9.78
N GLN D 406 36.42 36.01 -10.09
CA GLN D 406 36.46 35.49 -11.44
C GLN D 406 35.15 34.83 -11.86
N SER D 407 34.21 34.64 -10.93
CA SER D 407 32.91 34.06 -11.29
C SER D 407 32.21 34.90 -12.35
N LEU D 408 32.30 36.24 -12.24
CA LEU D 408 31.65 37.10 -13.22
C LEU D 408 32.27 36.93 -14.59
N ALA D 409 33.60 36.79 -14.67
CA ALA D 409 34.26 36.58 -15.96
C ALA D 409 33.82 35.26 -16.59
N ILE D 410 33.72 34.20 -15.78
CA ILE D 410 33.29 32.91 -16.31
C ILE D 410 31.85 32.98 -16.76
N ARG D 411 31.00 33.70 -16.03
CA ARG D 411 29.61 33.88 -16.47
C ARG D 411 29.54 34.65 -17.78
N GLU D 412 30.40 35.66 -17.93
CA GLU D 412 30.45 36.40 -19.19
C GLU D 412 30.88 35.48 -20.35
N LYS D 413 31.87 34.62 -20.09
CA LYS D 413 32.30 33.65 -21.10
C LYS D 413 31.16 32.72 -21.48
N VAL D 414 30.41 32.25 -20.47
CA VAL D 414 29.29 31.35 -20.73
C VAL D 414 28.22 32.05 -21.57
N THR D 415 27.92 33.31 -21.23
CA THR D 415 26.94 34.05 -22.01
C THR D 415 27.40 34.23 -23.45
N LYS D 416 28.68 34.54 -23.64
CA LYS D 416 29.21 34.67 -25.00
C LYS D 416 29.07 33.37 -25.78
N MET D 417 29.46 32.26 -25.17
CA MET D 417 29.38 30.98 -25.87
C MET D 417 27.94 30.63 -26.21
N HIS D 418 27.02 30.82 -25.26
CA HIS D 418 25.62 30.49 -25.51
C HIS D 418 25.02 31.41 -26.58
N GLU D 419 25.41 32.69 -26.58
CA GLU D 419 24.93 33.61 -27.60
C GLU D 419 25.40 33.18 -28.98
N ILE D 420 26.66 32.76 -29.10
CA ILE D 420 27.15 32.30 -30.39
C ILE D 420 26.46 31.01 -30.81
N GLN D 421 26.24 30.10 -29.86
CA GLN D 421 25.57 28.84 -30.19
C GLN D 421 24.14 29.10 -30.66
N MET D 422 23.45 30.04 -30.02
CA MET D 422 22.10 30.40 -30.44
C MET D 422 22.10 31.18 -31.75
N ALA D 423 23.19 31.89 -32.07
CA ALA D 423 23.36 32.46 -33.39
C ALA D 423 23.58 31.38 -34.44
N ARG D 424 24.08 30.21 -34.03
CA ARG D 424 24.02 29.01 -34.84
C ARG D 424 22.65 28.36 -34.65
N GLN D 425 22.52 27.09 -35.00
CA GLN D 425 21.25 26.37 -34.89
C GLN D 425 20.66 26.52 -33.49
N ASP D 426 19.37 26.25 -33.38
CA ASP D 426 18.55 26.68 -32.25
C ASP D 426 18.77 25.84 -31.00
N SER D 427 19.84 25.05 -30.92
CA SER D 427 20.09 24.25 -29.73
C SER D 427 21.56 24.32 -29.37
N LEU D 428 21.85 24.17 -28.09
CA LEU D 428 23.22 24.09 -27.62
C LEU D 428 23.85 22.78 -28.05
N ASN D 429 25.16 22.66 -27.83
CA ASN D 429 25.87 21.43 -28.16
C ASN D 429 25.23 20.22 -27.48
N ALA D 430 24.74 20.41 -26.26
CA ALA D 430 24.16 19.30 -25.51
C ALA D 430 22.94 18.72 -26.22
N ASN D 431 22.12 19.58 -26.82
CA ASN D 431 20.88 19.14 -27.46
C ASN D 431 21.07 18.73 -28.92
N LEU D 432 22.29 18.82 -29.45
CA LEU D 432 22.52 18.44 -30.83
C LEU D 432 22.37 16.94 -31.02
N ASN D 433 21.69 16.54 -32.09
CA ASN D 433 21.57 15.13 -32.45
C ASN D 433 22.73 14.73 -33.36
N SER D 434 22.72 13.44 -33.76
CA SER D 434 23.85 12.88 -34.48
C SER D 434 24.08 13.59 -35.80
N LYS D 435 23.02 13.85 -36.57
CA LYS D 435 23.18 14.47 -37.88
C LYS D 435 23.56 15.95 -37.76
N THR D 436 22.92 16.67 -36.84
CA THR D 436 23.32 18.05 -36.59
C THR D 436 24.75 18.11 -36.06
N CYS D 437 25.10 17.22 -35.13
CA CYS D 437 26.48 17.19 -34.65
C CYS D 437 27.45 16.91 -35.79
N GLU D 438 27.04 16.07 -36.74
CA GLU D 438 27.90 15.80 -37.88
C GLU D 438 28.11 17.04 -38.74
N MET D 439 27.03 17.73 -39.12
CA MET D 439 27.21 18.82 -40.07
C MET D 439 27.71 20.09 -39.39
N VAL D 440 27.70 20.14 -38.05
CA VAL D 440 28.27 21.29 -37.34
C VAL D 440 29.80 21.32 -37.43
N CYS D 441 30.46 20.17 -37.35
CA CYS D 441 31.91 20.10 -37.19
C CYS D 441 32.57 19.79 -38.53
N GLU D 442 33.66 20.52 -38.83
CA GLU D 442 34.38 20.33 -40.08
C GLU D 442 35.12 18.99 -40.09
N LEU D 443 35.99 18.77 -39.10
CA LEU D 443 36.67 17.49 -38.91
C LEU D 443 37.45 17.03 -40.14
N GLY D 444 38.55 17.72 -40.47
CA GLY D 444 39.37 17.35 -41.60
C GLY D 444 39.89 15.92 -41.53
N SER D 445 40.58 15.53 -42.59
CA SER D 445 40.98 14.13 -42.77
C SER D 445 41.90 13.66 -41.64
N GLU D 446 42.86 14.48 -41.25
CA GLU D 446 43.77 14.11 -40.18
C GLU D 446 43.00 13.87 -38.88
N GLU D 447 42.05 14.76 -38.57
CA GLU D 447 41.23 14.60 -37.38
C GLU D 447 40.44 13.30 -37.44
N GLN D 448 39.82 13.02 -38.59
CA GLN D 448 39.02 11.81 -38.74
C GLN D 448 39.87 10.56 -38.56
N LEU D 449 41.06 10.53 -39.15
CA LEU D 449 41.90 9.35 -39.06
C LEU D 449 42.44 9.16 -37.65
N PHE D 450 42.87 10.24 -36.99
CA PHE D 450 43.35 10.11 -35.62
C PHE D 450 42.23 9.65 -34.68
N LEU D 451 41.02 10.19 -34.90
CA LEU D 451 39.87 9.78 -34.10
C LEU D 451 39.52 8.32 -34.34
N ARG D 452 39.62 7.86 -35.59
CA ARG D 452 39.39 6.44 -35.86
C ARG D 452 40.45 5.58 -35.18
N GLU D 453 41.70 6.03 -35.18
CA GLU D 453 42.76 5.28 -34.52
C GLU D 453 42.50 5.16 -33.02
N VAL D 454 42.13 6.27 -32.38
CA VAL D 454 41.90 6.21 -30.94
C VAL D 454 40.66 5.36 -30.62
N MET D 455 39.62 5.46 -31.46
CA MET D 455 38.48 4.57 -31.30
C MET D 455 38.87 3.10 -31.50
N SER D 456 39.88 2.83 -32.31
CA SER D 456 40.39 1.47 -32.41
C SER D 456 41.12 1.05 -31.14
N LYS D 457 41.84 1.98 -30.51
CA LYS D 457 42.61 1.63 -29.32
C LYS D 457 41.75 1.40 -28.09
N LEU D 458 40.58 2.01 -27.99
CA LEU D 458 39.66 1.73 -26.88
C LEU D 458 38.24 1.62 -27.40
N LYS D 459 37.49 0.67 -26.84
CA LYS D 459 36.22 0.23 -27.42
C LYS D 459 35.08 1.18 -27.11
N LEU D 460 35.14 2.40 -27.63
CA LEU D 460 34.02 3.33 -27.52
C LEU D 460 32.94 2.99 -28.54
N SER D 461 31.68 3.18 -28.15
CA SER D 461 30.57 2.96 -29.05
C SER D 461 30.32 4.20 -29.90
N ALA D 462 29.39 4.07 -30.85
CA ALA D 462 29.02 5.22 -31.68
C ALA D 462 28.39 6.32 -30.86
N ARG D 463 27.63 5.96 -29.82
CA ARG D 463 27.09 6.98 -28.92
C ARG D 463 28.21 7.68 -28.17
N GLY D 464 29.19 6.94 -27.67
CA GLY D 464 30.37 7.57 -27.08
C GLY D 464 31.16 8.37 -28.09
N TYR D 465 31.22 7.88 -29.33
CA TYR D 465 31.84 8.64 -30.42
C TYR D 465 31.20 10.01 -30.57
N HIS D 466 29.86 10.04 -30.65
CA HIS D 466 29.16 11.31 -30.79
C HIS D 466 29.34 12.19 -29.56
N ARG D 467 29.33 11.60 -28.37
CA ARG D 467 29.55 12.39 -27.16
C ARG D 467 30.93 13.03 -27.17
N LEU D 468 31.94 12.28 -27.59
CA LEU D 468 33.29 12.84 -27.70
C LEU D 468 33.33 13.96 -28.73
N LEU D 469 32.63 13.79 -29.85
CA LEU D 469 32.57 14.86 -30.85
C LEU D 469 31.92 16.12 -30.28
N LYS D 470 30.85 15.96 -29.52
CA LYS D 470 30.19 17.10 -28.88
C LYS D 470 31.12 17.82 -27.93
N VAL D 471 31.82 17.06 -27.08
CA VAL D 471 32.75 17.66 -26.13
C VAL D 471 33.88 18.37 -26.87
N SER D 472 34.36 17.76 -27.96
CA SER D 472 35.42 18.38 -28.76
C SER D 472 34.94 19.68 -29.38
N ARG D 473 33.71 19.72 -29.89
CA ARG D 473 33.19 20.96 -30.43
C ARG D 473 33.08 22.03 -29.36
N THR D 474 32.62 21.66 -28.17
CA THR D 474 32.54 22.63 -27.07
C THR D 474 33.91 23.19 -26.72
N ILE D 475 34.90 22.31 -26.56
CA ILE D 475 36.23 22.79 -26.15
C ILE D 475 36.88 23.59 -27.25
N ALA D 476 36.65 23.22 -28.52
CA ALA D 476 37.19 24.00 -29.63
C ALA D 476 36.57 25.39 -29.67
N ASP D 477 35.26 25.50 -29.44
CA ASP D 477 34.63 26.81 -29.39
C ASP D 477 35.17 27.61 -28.21
N MET D 478 35.46 26.94 -27.09
CA MET D 478 36.01 27.65 -25.93
C MET D 478 37.40 28.19 -26.25
N ASN D 479 38.17 27.48 -27.07
CA ASN D 479 39.51 27.89 -27.47
C ASN D 479 39.53 28.97 -28.55
N SER D 480 38.38 29.55 -28.87
CA SER D 480 38.24 30.56 -29.92
C SER D 480 38.60 30.02 -31.30
N SER D 481 38.64 28.69 -31.45
CA SER D 481 38.99 28.08 -32.72
C SER D 481 37.78 28.04 -33.67
N LYS D 482 38.04 28.29 -34.94
CA LYS D 482 36.98 28.25 -35.95
C LYS D 482 36.49 26.84 -36.22
N LYS D 483 37.39 25.86 -36.26
CA LYS D 483 37.01 24.47 -36.48
C LYS D 483 37.67 23.61 -35.40
N VAL D 484 37.15 22.39 -35.25
CA VAL D 484 37.74 21.43 -34.33
C VAL D 484 39.03 20.88 -34.91
N LEU D 485 40.09 20.90 -34.11
CA LEU D 485 41.39 20.38 -34.52
C LEU D 485 41.71 19.09 -33.77
N LEU D 486 42.81 18.46 -34.19
CA LEU D 486 43.27 17.25 -33.52
C LEU D 486 43.65 17.53 -32.07
N ASN D 487 44.16 18.74 -31.80
CA ASN D 487 44.51 19.12 -30.43
C ASN D 487 43.29 19.07 -29.53
N HIS D 488 42.16 19.57 -30.01
CA HIS D 488 40.94 19.56 -29.21
C HIS D 488 40.45 18.13 -28.94
N LEU D 489 40.56 17.24 -29.92
CA LEU D 489 40.21 15.85 -29.68
C LEU D 489 41.13 15.22 -28.64
N GLN D 490 42.42 15.51 -28.74
CA GLN D 490 43.38 15.00 -27.74
C GLN D 490 43.00 15.47 -26.35
N GLN D 491 42.66 16.76 -26.22
CA GLN D 491 42.27 17.28 -24.91
C GLN D 491 40.97 16.65 -24.42
N ALA D 492 40.00 16.48 -25.33
CA ALA D 492 38.70 15.95 -24.93
C ALA D 492 38.78 14.48 -24.53
N LEU D 493 39.76 13.74 -25.07
CA LEU D 493 39.87 12.32 -24.73
C LEU D 493 40.09 12.08 -23.24
N SER D 494 40.64 13.06 -22.52
CA SER D 494 40.95 12.86 -21.10
C SER D 494 39.68 12.71 -20.27
N TYR D 495 38.55 13.23 -20.75
CA TYR D 495 37.29 13.20 -20.00
C TYR D 495 36.49 11.94 -20.26
N LYS D 496 37.15 10.81 -20.50
CA LYS D 496 36.48 9.57 -20.90
C LYS D 496 37.16 8.41 -20.18
N GLN D 497 36.89 7.18 -20.66
CA GLN D 497 37.33 5.95 -20.04
C GLN D 497 36.67 5.76 -18.68
N ASN D 498 35.34 5.66 -18.67
CA ASN D 498 34.61 5.45 -17.44
C ASN D 498 34.87 4.05 -16.90
N LEU D 499 35.19 3.97 -15.60
CA LEU D 499 35.45 2.72 -14.89
C LEU D 499 36.70 2.01 -15.40
N HIS D 500 37.33 1.21 -14.55
CA HIS D 500 38.53 0.48 -14.92
C HIS D 500 38.19 -0.80 -15.68
N MET E 1 -25.05 46.96 10.03
CA MET E 1 -25.84 45.90 9.43
C MET E 1 -25.65 44.61 10.22
N SER E 2 -26.39 43.56 9.84
CA SER E 2 -26.42 42.31 10.59
C SER E 2 -25.25 41.40 10.24
N LEU E 3 -24.03 41.86 10.49
CA LEU E 3 -22.84 41.05 10.35
C LEU E 3 -21.89 41.33 11.49
N ALA E 4 -21.04 40.35 11.78
CA ALA E 4 -20.01 40.53 12.80
C ALA E 4 -18.78 39.74 12.38
N PHE E 5 -17.63 40.18 12.87
CA PHE E 5 -16.36 39.50 12.63
C PHE E 5 -15.69 39.24 13.97
N THR E 6 -14.97 38.13 14.04
CA THR E 6 -14.28 37.75 15.26
C THR E 6 -13.01 37.00 14.89
N LYS E 7 -11.89 37.45 15.42
CA LYS E 7 -10.61 36.82 15.12
C LYS E 7 -10.38 35.63 16.03
N THR E 8 -9.66 34.64 15.52
CA THR E 8 -9.30 33.45 16.28
C THR E 8 -8.08 32.82 15.61
N ARG E 9 -7.59 31.72 16.19
CA ARG E 9 -6.39 31.06 15.70
C ARG E 9 -6.63 29.57 15.55
N SER E 10 -6.32 29.04 14.38
CA SER E 10 -6.12 27.62 14.21
C SER E 10 -4.62 27.31 14.30
N THR E 11 -4.29 26.03 14.48
CA THR E 11 -2.90 25.64 14.60
C THR E 11 -2.60 24.47 13.69
N ILE E 12 -1.50 24.57 12.96
CA ILE E 12 -0.99 23.50 12.12
C ILE E 12 0.52 23.44 12.31
N GLY E 13 1.05 22.26 12.59
CA GLY E 13 2.45 22.14 12.91
C GLY E 13 2.82 22.96 14.11
N ILE E 14 3.51 24.08 13.88
CA ILE E 14 3.94 24.98 14.96
C ILE E 14 3.37 26.38 14.80
N VAL E 15 2.91 26.75 13.61
CA VAL E 15 2.42 28.09 13.35
C VAL E 15 0.94 28.15 13.70
N ALA E 16 0.49 29.33 14.12
CA ALA E 16 -0.91 29.59 14.45
C ALA E 16 -1.46 30.52 13.37
N GLN E 17 -2.04 29.94 12.33
CA GLN E 17 -2.58 30.72 11.23
C GLN E 17 -3.71 31.60 11.73
N PRO E 18 -3.67 32.91 11.45
CA PRO E 18 -4.82 33.76 11.78
C PRO E 18 -6.05 33.35 10.98
N VAL E 19 -7.18 33.25 11.67
CA VAL E 19 -8.41 32.78 11.07
C VAL E 19 -9.52 33.75 11.45
N SER E 20 -10.19 34.31 10.46
CA SER E 20 -11.33 35.17 10.72
C SER E 20 -12.61 34.35 10.79
N VAL E 21 -13.46 34.67 11.75
CA VAL E 21 -14.79 34.07 11.86
C VAL E 21 -15.79 35.13 11.45
N GLU E 22 -16.58 34.82 10.42
CA GLU E 22 -17.53 35.76 9.86
C GLU E 22 -18.93 35.19 10.03
N VAL E 23 -19.80 35.97 10.65
CA VAL E 23 -21.17 35.55 10.94
C VAL E 23 -22.11 36.53 10.26
N HIS E 24 -23.06 36.00 9.49
CA HIS E 24 -24.08 36.81 8.84
C HIS E 24 -25.46 36.25 9.18
N LEU E 25 -26.31 37.08 9.74
CA LEU E 25 -27.69 36.72 10.02
C LEU E 25 -28.58 37.31 8.93
N SER E 26 -29.30 36.46 8.22
CA SER E 26 -30.09 36.87 7.07
C SER E 26 -31.52 36.38 7.23
N ASN E 27 -32.45 37.14 6.64
CA ASN E 27 -33.86 36.79 6.74
C ASN E 27 -34.14 35.46 6.06
N GLY E 28 -35.01 34.67 6.67
CA GLY E 28 -35.33 33.35 6.18
C GLY E 28 -35.70 32.42 7.31
N LEU E 29 -36.06 31.20 6.93
CA LEU E 29 -36.46 30.21 7.91
C LEU E 29 -35.28 29.78 8.76
N PRO E 30 -35.52 29.42 10.02
CA PRO E 30 -34.45 28.95 10.90
C PRO E 30 -33.53 27.95 10.23
N SER E 31 -32.26 28.32 10.12
CA SER E 31 -31.26 27.43 9.56
C SER E 31 -29.88 27.87 10.03
N PHE E 32 -28.98 26.90 10.17
CA PHE E 32 -27.60 27.15 10.60
C PHE E 32 -26.67 26.51 9.57
N THR E 33 -25.69 27.29 9.12
CA THR E 33 -24.80 26.86 8.04
C THR E 33 -23.35 27.13 8.42
N MET E 34 -22.49 26.14 8.22
CA MET E 34 -21.06 26.27 8.41
C MET E 34 -20.37 26.20 7.05
N VAL E 35 -19.39 27.09 6.83
CA VAL E 35 -18.69 27.21 5.55
C VAL E 35 -17.20 27.28 5.83
N GLY E 36 -16.40 26.80 4.89
CA GLY E 36 -14.95 26.96 4.99
C GLY E 36 -14.15 25.73 5.36
N LEU E 37 -14.49 24.59 4.76
CA LEU E 37 -13.71 23.37 4.91
C LEU E 37 -13.62 22.93 6.37
N ALA E 38 -14.71 23.11 7.10
CA ALA E 38 -14.74 22.72 8.51
C ALA E 38 -14.69 21.20 8.65
N GLU E 39 -13.74 20.72 9.45
CA GLU E 39 -13.65 19.30 9.72
C GLU E 39 -14.79 18.87 10.66
N THR E 40 -14.87 17.56 10.88
CA THR E 40 -15.95 17.00 11.69
C THR E 40 -15.96 17.57 13.10
N ALA E 41 -14.78 17.78 13.67
CA ALA E 41 -14.72 18.31 15.04
C ALA E 41 -15.29 19.71 15.13
N VAL E 42 -15.20 20.49 14.06
CA VAL E 42 -15.73 21.85 14.09
C VAL E 42 -17.19 21.88 13.66
N LYS E 43 -17.54 21.09 12.65
CA LYS E 43 -18.88 21.15 12.08
C LYS E 43 -19.95 20.77 13.10
N GLU E 44 -19.58 20.05 14.15
CA GLU E 44 -20.51 19.67 15.21
C GLU E 44 -20.74 20.78 16.22
N SER E 45 -20.11 21.94 16.05
CA SER E 45 -20.20 23.01 17.04
C SER E 45 -21.56 23.69 17.06
N LYS E 46 -22.44 23.41 16.08
CA LYS E 46 -23.69 24.16 15.99
C LYS E 46 -24.55 23.98 17.23
N ASP E 47 -24.74 22.73 17.68
CA ASP E 47 -25.59 22.49 18.83
C ASP E 47 -24.94 22.95 20.12
N ARG E 48 -23.63 22.78 20.24
CA ARG E 48 -22.92 23.26 21.42
C ARG E 48 -23.07 24.78 21.56
N VAL E 49 -22.90 25.51 20.46
CA VAL E 49 -23.03 26.95 20.51
C VAL E 49 -24.47 27.36 20.80
N ARG E 50 -25.44 26.67 20.19
CA ARG E 50 -26.84 27.02 20.43
C ARG E 50 -27.20 26.85 21.90
N SER E 51 -26.81 25.71 22.49
CA SER E 51 -27.11 25.47 23.89
C SER E 51 -26.35 26.44 24.81
N ALA E 52 -25.09 26.73 24.48
CA ALA E 52 -24.32 27.65 25.29
C ALA E 52 -24.93 29.05 25.29
N ILE E 53 -25.42 29.50 24.14
CA ILE E 53 -26.07 30.80 24.07
C ILE E 53 -27.39 30.78 24.83
N ILE E 54 -28.18 29.70 24.66
CA ILE E 54 -29.49 29.64 25.29
C ILE E 54 -29.36 29.64 26.81
N ASN E 55 -28.45 28.82 27.33
CA ASN E 55 -28.34 28.70 28.79
C ASN E 55 -27.67 29.89 29.45
N SER E 56 -27.05 30.77 28.67
CA SER E 56 -26.52 32.02 29.22
C SER E 56 -27.55 33.14 29.21
N GLN E 57 -28.84 32.79 29.05
CA GLN E 57 -29.95 33.74 29.09
C GLN E 57 -29.91 34.75 27.95
N PHE E 58 -28.98 34.60 27.02
CA PHE E 58 -29.00 35.42 25.82
C PHE E 58 -30.00 34.87 24.81
N GLU E 59 -30.44 35.74 23.92
CA GLU E 59 -31.38 35.34 22.88
C GLU E 59 -30.65 34.71 21.71
N PHE E 60 -31.18 33.61 21.22
CA PHE E 60 -30.61 32.98 20.04
C PHE E 60 -31.42 33.34 18.82
N PRO E 61 -30.81 33.98 17.83
CA PRO E 61 -31.59 34.48 16.68
C PRO E 61 -32.29 33.35 15.95
N CYS E 62 -33.57 33.57 15.65
CA CYS E 62 -34.34 32.63 14.85
C CYS E 62 -34.05 32.77 13.37
N ARG E 63 -33.41 33.85 12.95
CA ARG E 63 -33.13 34.09 11.55
C ARG E 63 -31.99 33.19 11.07
N LYS E 64 -31.89 33.05 9.75
CA LYS E 64 -30.91 32.16 9.14
C LYS E 64 -29.49 32.62 9.45
N ILE E 65 -28.62 31.66 9.78
CA ILE E 65 -27.27 31.94 10.23
C ILE E 65 -26.29 31.38 9.19
N THR E 66 -25.36 32.22 8.75
CA THR E 66 -24.28 31.82 7.87
C THR E 66 -22.94 32.10 8.54
N VAL E 67 -22.09 31.09 8.62
CA VAL E 67 -20.81 31.19 9.32
C VAL E 67 -19.70 30.82 8.35
N ASN E 68 -18.71 31.69 8.23
CA ASN E 68 -17.54 31.47 7.38
C ASN E 68 -16.28 31.56 8.23
N LEU E 69 -15.31 30.69 7.94
CA LEU E 69 -14.10 30.57 8.75
C LEU E 69 -12.88 30.90 7.92
N GLY E 70 -12.39 32.13 8.03
CA GLY E 70 -11.09 32.51 7.54
C GLY E 70 -10.85 32.21 6.07
N PRO E 71 -9.61 31.87 5.73
CA PRO E 71 -9.30 31.47 4.35
C PRO E 71 -10.07 30.22 3.97
N ALA E 72 -10.72 30.26 2.81
CA ALA E 72 -11.53 29.13 2.37
C ALA E 72 -10.69 27.92 1.99
N ASN E 73 -9.39 28.09 1.76
CA ASN E 73 -8.54 27.01 1.30
C ASN E 73 -7.79 26.30 2.43
N LEU E 74 -7.95 26.75 3.68
CA LEU E 74 -7.22 26.17 4.80
C LEU E 74 -8.19 25.40 5.68
N PRO E 75 -8.04 24.09 5.82
CA PRO E 75 -8.95 23.32 6.67
C PRO E 75 -8.85 23.75 8.12
N LYS E 76 -10.00 23.71 8.81
CA LYS E 76 -10.09 24.09 10.22
C LYS E 76 -10.21 22.84 11.07
N THR E 77 -9.36 22.71 12.08
CA THR E 77 -9.28 21.46 12.81
C THR E 77 -9.54 21.59 14.31
N GLY E 78 -9.09 22.68 14.92
CA GLY E 78 -9.15 22.78 16.37
C GLY E 78 -10.56 22.84 16.91
N SER E 79 -10.71 22.44 18.16
CA SER E 79 -12.01 22.47 18.81
C SER E 79 -12.35 23.83 19.39
N GLY E 80 -11.41 24.76 19.40
CA GLY E 80 -11.58 26.03 20.08
C GLY E 80 -12.47 27.03 19.40
N PHE E 81 -13.04 26.72 18.23
CA PHE E 81 -13.79 27.70 17.47
C PHE E 81 -15.17 28.00 18.06
N ASP E 82 -15.59 27.27 19.10
CA ASP E 82 -16.94 27.48 19.63
C ASP E 82 -17.12 28.89 20.17
N LEU E 83 -16.17 29.35 20.99
CA LEU E 83 -16.29 30.68 21.57
C LEU E 83 -16.29 31.80 20.52
N PRO E 84 -15.40 31.81 19.53
CA PRO E 84 -15.50 32.86 18.50
C PRO E 84 -16.83 32.85 17.78
N ILE E 85 -17.38 31.67 17.48
CA ILE E 85 -18.65 31.60 16.77
C ILE E 85 -19.78 32.13 17.64
N ALA E 86 -19.80 31.76 18.92
CA ALA E 86 -20.85 32.24 19.82
C ALA E 86 -20.79 33.74 19.97
N LEU E 87 -19.59 34.29 20.15
CA LEU E 87 -19.45 35.74 20.25
C LEU E 87 -19.84 36.42 18.94
N GLY E 88 -19.53 35.79 17.81
CA GLY E 88 -19.95 36.35 16.54
C GLY E 88 -21.46 36.43 16.40
N ILE E 89 -22.15 35.37 16.78
CA ILE E 89 -23.61 35.39 16.73
C ILE E 89 -24.16 36.45 17.68
N LEU E 90 -23.61 36.54 18.88
CA LEU E 90 -24.09 37.54 19.83
C LEU E 90 -23.86 38.95 19.32
N ALA E 91 -22.70 39.20 18.70
CA ALA E 91 -22.41 40.53 18.18
C ALA E 91 -23.30 40.86 17.00
N ALA E 92 -23.50 39.91 16.09
CA ALA E 92 -24.37 40.15 14.94
C ALA E 92 -25.82 40.36 15.36
N SER E 93 -26.25 39.70 16.44
CA SER E 93 -27.61 39.85 16.92
C SER E 93 -27.80 41.07 17.81
N GLU E 94 -26.73 41.81 18.09
CA GLU E 94 -26.75 43.09 18.80
C GLU E 94 -27.00 42.96 20.30
N GLN E 95 -26.78 41.79 20.90
CA GLN E 95 -26.60 41.76 22.35
C GLN E 95 -25.26 42.37 22.76
N ILE E 96 -24.22 42.09 21.99
CA ILE E 96 -22.87 42.59 22.22
C ILE E 96 -22.57 43.61 21.13
N PRO E 97 -22.26 44.86 21.49
CA PRO E 97 -21.99 45.86 20.45
C PRO E 97 -20.60 45.76 19.80
N LEU E 98 -20.62 45.77 18.46
CA LEU E 98 -19.50 45.29 17.66
C LEU E 98 -18.22 46.09 17.86
N THR E 99 -18.30 47.31 18.41
CA THR E 99 -17.09 48.13 18.53
C THR E 99 -16.02 47.50 19.42
N ASN E 100 -16.41 46.66 20.39
CA ASN E 100 -15.44 46.09 21.32
C ASN E 100 -14.65 44.94 20.70
N LEU E 101 -15.10 44.41 19.56
CA LEU E 101 -14.32 43.40 18.84
C LEU E 101 -13.19 44.02 18.02
N ALA E 102 -12.36 44.85 18.65
CA ALA E 102 -11.32 45.55 17.91
C ALA E 102 -10.05 44.73 17.80
N ASN E 103 -9.51 44.30 18.93
CA ASN E 103 -8.18 43.69 18.93
C ASN E 103 -8.23 42.50 19.88
N HIS E 104 -9.29 41.72 19.84
CA HIS E 104 -9.50 40.61 20.77
C HIS E 104 -9.58 39.29 20.00
N GLU E 105 -8.95 38.26 20.55
CA GLU E 105 -8.96 36.93 19.96
C GLU E 105 -9.41 35.92 21.01
N PHE E 106 -10.23 34.95 20.58
CA PHE E 106 -10.86 34.02 21.51
C PHE E 106 -10.58 32.58 21.07
N ILE E 107 -10.23 31.74 22.04
CA ILE E 107 -10.11 30.30 21.83
C ILE E 107 -10.72 29.60 23.03
N GLY E 108 -11.54 28.58 22.76
CA GLY E 108 -12.11 27.78 23.83
C GLY E 108 -13.41 27.11 23.44
N GLU E 109 -13.58 25.83 23.81
CA GLU E 109 -14.80 25.12 23.52
C GLU E 109 -15.81 25.34 24.64
N LEU E 110 -17.08 25.18 24.32
CA LEU E 110 -18.17 25.56 25.20
C LEU E 110 -18.91 24.33 25.71
N ALA E 111 -19.07 24.25 27.03
CA ALA E 111 -20.03 23.32 27.60
C ALA E 111 -21.44 23.83 27.36
N LEU E 112 -22.42 22.94 27.52
CA LEU E 112 -23.80 23.33 27.28
C LEU E 112 -24.31 24.33 28.30
N SER E 113 -23.66 24.43 29.47
CA SER E 113 -24.02 25.43 30.45
C SER E 113 -23.36 26.78 30.19
N GLY E 114 -22.53 26.89 29.15
CA GLY E 114 -21.78 28.10 28.90
C GLY E 114 -20.43 28.14 29.55
N GLU E 115 -20.06 27.13 30.33
CA GLU E 115 -18.76 27.11 30.97
C GLU E 115 -17.66 26.91 29.94
N LEU E 116 -16.61 27.72 30.05
CA LEU E 116 -15.46 27.59 29.17
C LEU E 116 -14.65 26.36 29.56
N ARG E 117 -14.21 25.60 28.56
CA ARG E 117 -13.41 24.40 28.78
C ARG E 117 -12.17 24.48 27.92
N GLY E 118 -11.07 23.93 28.45
CA GLY E 118 -9.78 24.10 27.83
C GLY E 118 -9.60 23.28 26.56
N VAL E 119 -8.55 23.63 25.81
CA VAL E 119 -8.16 22.94 24.61
C VAL E 119 -6.65 22.74 24.62
N SER E 120 -6.17 21.82 23.78
CA SER E 120 -4.75 21.56 23.68
C SER E 120 -4.09 22.59 22.76
N ALA E 121 -2.75 22.58 22.78
CA ALA E 121 -1.92 23.42 21.91
C ALA E 121 -2.25 24.90 22.08
N ILE E 122 -2.49 25.33 23.31
CA ILE E 122 -2.88 26.72 23.54
C ILE E 122 -1.69 27.66 23.38
N ILE E 123 -0.48 27.20 23.71
CA ILE E 123 0.67 28.10 23.79
C ILE E 123 0.98 28.77 22.45
N PRO E 124 0.99 28.07 21.31
CA PRO E 124 1.21 28.76 20.03
C PRO E 124 0.25 29.91 19.78
N ALA E 125 -1.01 29.75 20.19
CA ALA E 125 -1.97 30.84 20.07
C ALA E 125 -1.55 32.04 20.91
N VAL E 126 -1.05 31.80 22.12
CA VAL E 126 -0.59 32.91 22.96
C VAL E 126 0.59 33.61 22.32
N LEU E 127 1.54 32.83 21.80
CA LEU E 127 2.71 33.42 21.15
C LEU E 127 2.30 34.28 19.95
N ALA E 128 1.40 33.75 19.11
CA ALA E 128 0.96 34.50 17.94
C ALA E 128 0.21 35.76 18.35
N ALA E 129 -0.64 35.67 19.38
CA ALA E 129 -1.38 36.84 19.82
C ALA E 129 -0.45 37.91 20.37
N HIS E 130 0.57 37.51 21.13
CA HIS E 130 1.52 38.48 21.67
C HIS E 130 2.34 39.12 20.56
N LYS E 131 2.74 38.32 19.57
CA LYS E 131 3.51 38.86 18.44
C LYS E 131 2.73 39.94 17.71
N ASP E 132 1.45 39.70 17.46
CA ASP E 132 0.61 40.63 16.71
C ASP E 132 -0.06 41.67 17.61
N ASN E 133 0.39 41.78 18.87
CA ASN E 133 -0.17 42.75 19.82
C ASN E 133 -1.68 42.57 19.98
N GLN E 134 -2.08 41.38 20.42
CA GLN E 134 -3.49 41.02 20.51
C GLN E 134 -3.86 40.62 21.93
N HIS E 135 -5.04 41.06 22.36
CA HIS E 135 -5.62 40.59 23.61
C HIS E 135 -6.18 39.19 23.40
N LEU E 136 -5.76 38.25 24.24
CA LEU E 136 -6.14 36.85 24.10
C LEU E 136 -7.01 36.46 25.29
N ILE E 137 -8.20 35.94 25.00
CA ILE E 137 -9.13 35.48 26.02
C ILE E 137 -9.29 33.98 25.85
N ILE E 138 -8.92 33.21 26.87
CA ILE E 138 -8.92 31.76 26.80
C ILE E 138 -9.64 31.20 28.02
N ALA E 139 -10.03 29.92 27.91
CA ALA E 139 -10.70 29.26 29.02
C ALA E 139 -9.77 29.17 30.23
N ASN E 140 -10.35 29.31 31.42
CA ASN E 140 -9.55 29.30 32.64
C ASN E 140 -8.83 27.97 32.85
N ALA E 141 -9.34 26.88 32.27
CA ALA E 141 -8.66 25.60 32.40
C ALA E 141 -7.27 25.63 31.76
N ASN E 142 -7.08 26.48 30.76
CA ASN E 142 -5.78 26.61 30.11
C ASN E 142 -4.84 27.56 30.82
N ALA E 143 -5.28 28.20 31.92
CA ALA E 143 -4.45 29.19 32.59
C ALA E 143 -3.16 28.57 33.11
N ALA E 144 -3.24 27.34 33.64
CA ALA E 144 -2.05 26.70 34.17
C ALA E 144 -0.99 26.53 33.10
N GLU E 145 -1.38 26.08 31.91
CA GLU E 145 -0.42 25.93 30.82
C GLU E 145 0.05 27.29 30.31
N ALA E 146 -0.85 28.27 30.24
CA ALA E 146 -0.51 29.54 29.62
C ALA E 146 0.35 30.42 30.53
N SER E 147 0.36 30.12 31.84
CA SER E 147 1.09 30.97 32.78
C SER E 147 2.59 30.96 32.51
N LEU E 148 3.10 29.94 31.83
CA LEU E 148 4.54 29.83 31.61
C LEU E 148 5.07 31.00 30.78
N THR E 149 4.23 31.63 29.96
CA THR E 149 4.69 32.78 29.17
C THR E 149 5.10 33.94 30.06
N GLY E 150 4.32 34.21 31.12
CA GLY E 150 4.50 35.42 31.88
C GLY E 150 4.10 36.63 31.09
N HIS E 151 3.41 36.39 29.97
CA HIS E 151 2.98 37.48 29.10
C HIS E 151 1.81 38.23 29.71
N GLN E 152 1.76 39.53 29.44
CA GLN E 152 0.61 40.34 29.78
C GLN E 152 -0.43 40.22 28.66
N LYS E 153 -1.52 40.97 28.82
CA LYS E 153 -2.61 41.04 27.84
C LYS E 153 -3.32 39.71 27.64
N VAL E 154 -3.02 38.70 28.45
CA VAL E 154 -3.67 37.39 28.36
C VAL E 154 -4.70 37.28 29.47
N PHE E 155 -5.92 36.88 29.10
CA PHE E 155 -7.04 36.86 30.03
C PHE E 155 -7.69 35.48 30.02
N THR E 156 -8.29 35.12 31.16
CA THR E 156 -8.91 33.80 31.33
C THR E 156 -10.27 33.97 32.00
N ALA E 157 -11.33 33.65 31.26
CA ALA E 157 -12.68 33.70 31.79
C ALA E 157 -13.20 32.29 32.07
N ASN E 158 -14.20 32.21 32.95
CA ASN E 158 -14.76 30.93 33.34
C ASN E 158 -15.96 30.52 32.52
N ASN E 159 -16.75 31.47 32.03
CA ASN E 159 -17.94 31.14 31.25
C ASN E 159 -18.23 32.26 30.26
N LEU E 160 -19.04 31.94 29.26
CA LEU E 160 -19.36 32.90 28.20
C LEU E 160 -20.00 34.15 28.75
N ARG E 161 -20.86 34.01 29.75
CA ARG E 161 -21.48 35.18 30.38
C ARG E 161 -20.42 36.12 30.93
N GLU E 162 -19.34 35.56 31.50
CA GLU E 162 -18.26 36.42 31.99
C GLU E 162 -17.56 37.15 30.86
N VAL E 163 -17.38 36.50 29.71
CA VAL E 163 -16.74 37.17 28.58
C VAL E 163 -17.61 38.31 28.07
N CYS E 164 -18.93 38.07 27.95
CA CYS E 164 -19.83 39.14 27.53
C CYS E 164 -19.84 40.27 28.55
N ASP E 165 -19.81 39.93 29.84
CA ASP E 165 -19.76 40.94 30.89
C ASP E 165 -18.51 41.79 30.73
N TYR E 166 -17.38 41.15 30.44
CA TYR E 166 -16.15 41.90 30.20
C TYR E 166 -16.30 42.83 28.99
N LEU E 167 -16.82 42.30 27.88
CA LEU E 167 -16.92 43.09 26.67
C LEU E 167 -17.84 44.30 26.86
N CYS E 168 -18.87 44.14 27.68
CA CYS E 168 -19.80 45.24 27.87
C CYS E 168 -19.33 46.23 28.94
N GLN E 169 -18.68 45.75 30.00
CA GLN E 169 -18.34 46.59 31.14
C GLN E 169 -16.91 46.44 31.65
N GLY E 170 -16.12 45.51 31.12
CA GLY E 170 -14.73 45.43 31.52
C GLY E 170 -14.48 45.02 32.97
N THR E 171 -15.12 43.96 33.45
CA THR E 171 -14.98 43.58 34.85
C THR E 171 -13.71 42.76 35.10
N SER E 172 -12.63 43.13 34.42
CA SER E 172 -11.26 42.72 34.71
C SER E 172 -10.95 41.24 34.40
N LEU E 173 -11.99 40.43 34.19
CA LEU E 173 -11.93 39.10 33.57
C LEU E 173 -10.76 38.25 34.11
N GLN E 174 -10.40 38.41 35.38
CA GLN E 174 -9.28 37.69 35.98
C GLN E 174 -7.97 37.95 35.26
N SER E 175 -6.97 37.11 35.47
CA SER E 175 -5.65 37.26 34.86
C SER E 175 -4.84 35.99 35.07
N LEU E 176 -3.74 35.89 34.35
CA LEU E 176 -2.89 34.72 34.47
C LEU E 176 -2.21 34.68 35.84
N PRO E 177 -2.18 33.53 36.49
CA PRO E 177 -1.51 33.43 37.79
C PRO E 177 0.00 33.53 37.65
N PRO E 178 0.69 34.06 38.66
CA PRO E 178 2.15 34.14 38.60
C PRO E 178 2.84 32.79 38.73
N LYS E 179 4.17 32.81 38.76
CA LYS E 179 4.95 31.61 39.03
C LYS E 179 4.63 31.11 40.45
N PRO E 180 4.54 29.79 40.64
CA PRO E 180 4.34 29.26 42.00
C PRO E 180 5.50 29.50 42.94
N ASP E 181 6.69 29.77 42.40
CA ASP E 181 7.90 30.16 43.10
C ASP E 181 8.56 29.00 43.85
N LEU E 182 7.83 27.89 44.02
CA LEU E 182 8.41 26.57 44.31
C LEU E 182 9.26 26.50 45.59
N LEU E 183 9.63 25.29 45.98
CA LEU E 183 10.69 25.09 46.96
C LEU E 183 12.02 25.03 46.21
N LEU E 184 13.10 24.70 46.91
CA LEU E 184 14.38 24.43 46.28
C LEU E 184 14.89 23.06 46.70
N ASN E 185 15.38 22.32 45.71
CA ASN E 185 15.92 20.98 45.88
C ASN E 185 17.41 21.02 46.23
N ASN E 186 18.10 19.90 46.04
CA ASN E 186 19.53 19.82 46.30
C ASN E 186 20.31 20.53 45.19
N TYR E 187 19.60 21.42 44.47
CA TYR E 187 20.09 22.29 43.41
C TYR E 187 20.33 21.51 42.12
N GLU E 188 20.32 20.18 42.20
CA GLU E 188 20.45 19.30 41.04
C GLU E 188 21.63 19.71 40.17
N LEU E 189 21.61 19.29 38.90
CA LEU E 189 22.46 19.86 37.84
C LEU E 189 23.91 19.82 38.31
N ASP E 190 24.66 20.91 38.17
CA ASP E 190 25.99 21.10 38.74
C ASP E 190 27.04 20.15 38.18
N TRP E 191 28.09 20.73 37.59
CA TRP E 191 29.26 20.00 37.14
C TRP E 191 30.13 19.50 38.30
N SER E 192 29.69 19.72 39.54
CA SER E 192 30.47 19.33 40.71
C SER E 192 30.76 17.83 40.74
N ASP E 193 29.89 17.02 40.14
CA ASP E 193 30.14 15.58 40.07
C ASP E 193 31.11 15.27 38.93
N ILE E 194 31.21 14.01 38.55
CA ILE E 194 32.13 13.55 37.51
C ILE E 194 33.53 13.92 37.99
N LYS E 195 33.79 13.65 39.26
CA LYS E 195 35.01 14.12 39.90
C LYS E 195 36.25 13.47 39.31
N GLY E 196 37.29 14.27 39.13
CA GLY E 196 38.62 13.76 38.86
C GLY E 196 38.88 13.24 37.46
N GLN E 197 38.08 13.62 36.47
CA GLN E 197 38.29 13.11 35.12
C GLN E 197 39.17 14.02 34.27
N GLN E 198 39.68 15.11 34.83
CA GLN E 198 40.69 15.96 34.20
C GLN E 198 40.33 16.40 32.78
N HIS E 199 41.02 15.82 31.78
CA HIS E 199 41.01 16.36 30.42
C HIS E 199 39.59 16.42 29.83
N ALA E 200 38.71 15.51 30.25
CA ALA E 200 37.35 15.53 29.74
C ALA E 200 36.64 16.83 30.10
N LYS E 201 36.96 17.40 31.26
CA LYS E 201 36.38 18.69 31.64
C LYS E 201 36.78 19.78 30.65
N ASN E 202 38.07 19.86 30.32
CA ASN E 202 38.53 20.84 29.35
C ASN E 202 37.88 20.62 28.00
N ALA E 203 37.81 19.36 27.56
CA ALA E 203 37.17 19.06 26.27
C ALA E 203 35.73 19.54 26.26
N MET E 204 34.97 19.21 27.31
CA MET E 204 33.56 19.61 27.36
C MET E 204 33.42 21.12 27.36
N VAL E 205 34.22 21.83 28.16
CA VAL E 205 34.01 23.28 28.27
C VAL E 205 34.40 23.98 26.97
N ILE E 206 35.51 23.56 26.34
CA ILE E 206 35.91 24.21 25.11
C ILE E 206 34.94 23.86 23.97
N ALA E 207 34.36 22.66 24.00
CA ALA E 207 33.33 22.33 23.03
C ALA E 207 32.08 23.17 23.23
N ALA E 208 31.67 23.37 24.48
CA ALA E 208 30.46 24.14 24.75
C ALA E 208 30.65 25.61 24.40
N CYS E 209 31.84 26.15 24.65
CA CYS E 209 32.08 27.57 24.40
C CYS E 209 31.91 27.95 22.93
N GLY E 210 32.07 26.99 22.01
CA GLY E 210 31.94 27.30 20.60
C GLY E 210 30.76 26.64 19.92
N GLY E 211 29.85 26.06 20.70
CA GLY E 211 28.70 25.39 20.13
C GLY E 211 29.05 24.18 19.28
N HIS E 212 30.15 23.50 19.60
CA HIS E 212 30.61 22.39 18.79
C HIS E 212 29.84 21.11 19.11
N SER E 213 30.14 20.06 18.35
CA SER E 213 29.61 18.73 18.59
C SER E 213 30.76 17.78 18.88
N ILE E 214 30.51 16.82 19.76
CA ILE E 214 31.57 15.94 20.26
C ILE E 214 31.11 14.49 20.22
N LEU E 215 32.03 13.60 19.87
CA LEU E 215 31.82 12.16 19.88
C LEU E 215 32.64 11.56 21.03
N LEU E 216 31.98 10.75 21.87
CA LEU E 216 32.60 10.21 23.06
C LEU E 216 33.02 8.76 22.84
N SER E 217 34.28 8.46 23.11
CA SER E 217 34.80 7.10 23.05
C SER E 217 35.28 6.69 24.44
N GLY E 218 34.81 5.54 24.91
CA GLY E 218 35.16 5.07 26.23
C GLY E 218 34.46 3.79 26.62
N ALA E 219 35.10 2.99 27.47
CA ALA E 219 34.53 1.72 27.89
C ALA E 219 33.26 1.98 28.72
N PRO E 220 32.33 1.02 28.74
CA PRO E 220 31.11 1.21 29.53
C PRO E 220 31.43 1.44 31.00
N GLY E 221 30.67 2.33 31.62
CA GLY E 221 30.89 2.69 33.00
C GLY E 221 31.97 3.74 33.22
N SER E 222 32.54 4.29 32.16
CA SER E 222 33.55 5.33 32.31
C SER E 222 32.97 6.71 32.62
N GLY E 223 31.70 6.93 32.31
CA GLY E 223 31.08 8.20 32.65
C GLY E 223 30.34 8.89 31.52
N LYS E 224 30.28 8.24 30.35
CA LYS E 224 29.72 8.87 29.15
C LYS E 224 28.33 9.44 29.40
N THR E 225 27.44 8.62 29.96
CA THR E 225 26.09 9.09 30.26
C THR E 225 26.11 10.21 31.29
N MET E 226 26.97 10.10 32.31
CA MET E 226 27.09 11.16 33.29
C MET E 226 27.74 12.40 32.67
N MET E 227 28.61 12.23 31.67
CA MET E 227 29.11 13.37 30.91
C MET E 227 27.96 14.11 30.25
N ALA E 228 27.13 13.37 29.50
CA ALA E 228 26.06 14.01 28.73
C ALA E 228 25.03 14.65 29.65
N LYS E 229 24.61 13.94 30.70
CA LYS E 229 23.56 14.45 31.58
C LYS E 229 23.96 15.72 32.29
N ARG E 230 25.27 15.95 32.48
CA ARG E 230 25.74 17.16 33.12
C ARG E 230 26.17 18.23 32.12
N PHE E 231 26.42 17.85 30.86
CA PHE E 231 26.84 18.83 29.87
C PHE E 231 25.76 19.88 29.63
N SER E 232 24.49 19.51 29.76
CA SER E 232 23.40 20.43 29.45
C SER E 232 23.40 21.66 30.34
N THR E 233 23.98 21.58 31.53
CA THR E 233 23.97 22.72 32.45
C THR E 233 24.95 23.81 32.03
N LEU E 234 25.90 23.51 31.14
CA LEU E 234 26.90 24.49 30.75
C LEU E 234 26.35 25.53 29.78
N LEU E 235 25.39 25.15 28.94
CA LEU E 235 24.83 26.10 28.00
C LEU E 235 24.11 27.22 28.75
N PRO E 236 24.11 28.43 28.19
CA PRO E 236 23.48 29.56 28.89
C PRO E 236 21.98 29.36 29.05
N GLU E 237 21.44 29.92 30.13
CA GLU E 237 20.01 29.88 30.36
C GLU E 237 19.31 30.62 29.21
N LEU E 238 18.37 29.95 28.56
CA LEU E 238 17.82 30.42 27.30
C LEU E 238 17.13 31.78 27.46
N SER E 239 17.32 32.63 26.47
CA SER E 239 16.57 33.88 26.40
C SER E 239 15.08 33.57 26.29
N GLU E 240 14.27 34.44 26.87
CA GLU E 240 12.83 34.19 26.94
C GLU E 240 12.22 34.01 25.56
N THR E 241 12.68 34.77 24.57
CA THR E 241 12.17 34.61 23.21
C THR E 241 12.43 33.20 22.68
N GLN E 242 13.54 32.57 23.09
CA GLN E 242 13.80 31.21 22.68
C GLN E 242 13.01 30.21 23.52
N ALA E 243 12.95 30.43 24.83
CA ALA E 243 12.24 29.51 25.71
C ALA E 243 10.77 29.40 25.34
N LEU E 244 10.19 30.52 24.87
CA LEU E 244 8.80 30.47 24.40
C LEU E 244 8.65 29.49 23.25
N GLU E 245 9.64 29.43 22.35
CA GLU E 245 9.57 28.47 21.26
C GLU E 245 9.51 27.04 21.79
N CYS E 246 10.46 26.69 22.68
CA CYS E 246 10.49 25.33 23.22
C CYS E 246 9.20 24.99 23.94
N ALA E 247 8.63 25.94 24.67
CA ALA E 247 7.30 25.74 25.24
C ALA E 247 6.27 25.48 24.14
N ALA E 248 6.40 26.15 23.00
CA ALA E 248 5.45 25.95 21.92
C ALA E 248 5.53 24.54 21.35
N ILE E 249 6.74 24.05 21.07
CA ILE E 249 6.85 22.69 20.55
C ILE E 249 6.38 21.68 21.60
N ASN E 250 6.77 21.88 22.86
CA ASN E 250 6.35 20.93 23.90
C ASN E 250 4.84 20.95 24.10
N SER E 251 4.19 22.09 23.83
CA SER E 251 2.75 22.20 24.02
C SER E 251 1.96 21.38 23.03
N ILE E 252 2.53 21.08 21.85
CA ILE E 252 1.83 20.24 20.90
C ILE E 252 1.75 18.81 21.42
N ARG E 253 2.71 18.38 22.23
CA ARG E 253 2.70 17.04 22.77
C ARG E 253 1.84 16.94 24.03
N GLY E 254 2.10 17.78 25.01
CA GLY E 254 1.25 17.85 26.19
C GLY E 254 2.02 18.22 27.43
N LYS E 255 1.27 18.71 28.43
CA LYS E 255 1.68 19.02 29.81
C LYS E 255 2.95 19.85 29.95
N LEU E 256 2.81 21.01 30.61
CA LEU E 256 3.94 21.87 30.93
C LEU E 256 3.93 22.22 32.43
N PRO E 257 4.21 21.24 33.29
CA PRO E 257 4.20 21.53 34.74
C PRO E 257 5.55 21.95 35.28
N ASP E 258 6.44 22.44 34.41
CA ASP E 258 7.85 22.51 34.82
C ASP E 258 8.13 23.65 35.79
N PHE E 259 8.07 24.89 35.31
CA PHE E 259 8.26 26.08 36.14
C PHE E 259 9.66 26.15 36.75
N ARG E 260 10.46 25.10 36.52
CA ARG E 260 11.86 25.12 36.95
C ARG E 260 12.79 25.17 35.75
N GLU E 261 12.55 24.32 34.76
CA GLU E 261 13.44 24.13 33.63
C GLU E 261 13.05 24.97 32.41
N TRP E 262 12.09 25.89 32.55
CA TRP E 262 11.58 26.61 31.40
C TRP E 262 12.66 27.40 30.68
N ARG E 263 13.75 27.76 31.37
CA ARG E 263 14.88 28.41 30.73
C ARG E 263 16.08 27.50 30.56
N LEU E 264 16.06 26.32 31.18
CA LEU E 264 17.16 25.37 30.97
C LEU E 264 17.06 24.77 29.58
N PRO E 265 18.17 24.51 28.91
CA PRO E 265 18.12 23.89 27.58
C PRO E 265 17.65 22.46 27.67
N PRO E 266 16.72 22.05 26.80
CA PRO E 266 16.24 20.66 26.84
C PRO E 266 17.37 19.68 26.53
N PHE E 267 17.33 18.53 27.18
CA PHE E 267 18.29 17.45 26.97
C PHE E 267 17.52 16.17 26.66
N ARG E 268 17.79 15.60 25.49
CA ARG E 268 17.15 14.36 25.05
C ARG E 268 18.23 13.35 24.70
N ALA E 269 18.07 12.13 25.18
CA ALA E 269 19.02 11.04 24.93
C ALA E 269 18.25 9.83 24.41
N PRO E 270 17.85 9.85 23.14
CA PRO E 270 17.07 8.72 22.60
C PRO E 270 17.88 7.43 22.59
N HIS E 271 17.19 6.33 22.86
CA HIS E 271 17.82 5.02 22.75
C HIS E 271 17.93 4.63 21.27
N HIS E 272 18.86 3.73 20.97
CA HIS E 272 19.20 3.44 19.59
C HIS E 272 18.09 2.73 18.83
N THR E 273 17.11 2.14 19.51
CA THR E 273 16.04 1.47 18.79
C THR E 273 15.00 2.47 18.30
N ALA E 274 14.26 3.08 19.24
CA ALA E 274 13.26 4.09 18.95
C ALA E 274 12.37 3.70 17.76
N SER E 275 11.98 4.69 16.96
CA SER E 275 11.29 4.49 15.70
C SER E 275 11.61 5.64 14.77
N PRO E 276 11.93 5.36 13.51
CA PRO E 276 12.32 6.44 12.59
C PRO E 276 11.27 7.52 12.43
N VAL E 277 9.98 7.15 12.41
CA VAL E 277 8.93 8.13 12.22
C VAL E 277 8.74 9.00 13.46
N ALA E 278 9.07 8.50 14.65
CA ALA E 278 8.91 9.28 15.86
C ALA E 278 10.12 10.13 16.19
N LEU E 279 11.33 9.62 15.95
CA LEU E 279 12.53 10.39 16.29
C LEU E 279 12.63 11.64 15.42
N VAL E 280 12.27 11.54 14.14
CA VAL E 280 12.21 12.68 13.23
C VAL E 280 10.77 12.90 12.82
N GLY E 281 10.24 14.09 13.11
CA GLY E 281 8.88 14.43 12.70
C GLY E 281 7.87 13.49 13.32
N GLY E 282 6.76 13.32 12.61
CA GLY E 282 5.72 12.41 13.05
C GLY E 282 4.57 12.30 12.06
N GLY E 283 4.16 11.08 11.75
CA GLY E 283 3.06 10.85 10.83
C GLY E 283 1.71 11.21 11.43
N ASN E 284 0.64 10.64 10.89
CA ASN E 284 -0.72 10.87 11.40
C ASN E 284 -0.95 12.38 11.22
N PRO E 285 -1.84 13.07 11.95
CA PRO E 285 -1.78 14.52 11.92
C PRO E 285 -0.50 15.01 12.56
N PRO E 286 -0.01 16.19 12.19
CA PRO E 286 1.37 16.57 12.49
C PRO E 286 1.68 16.51 13.99
N LYS E 287 2.84 15.93 14.30
CA LYS E 287 3.37 15.81 15.65
C LYS E 287 4.87 16.06 15.60
N PRO E 288 5.40 16.89 16.50
CA PRO E 288 6.84 17.12 16.52
C PRO E 288 7.60 15.87 16.94
N GLY E 289 8.80 15.71 16.38
CA GLY E 289 9.62 14.55 16.67
C GLY E 289 10.55 14.77 17.85
N GLU E 290 11.32 13.71 18.15
CA GLU E 290 12.34 13.80 19.20
C GLU E 290 13.35 14.87 18.87
N ILE E 291 13.65 15.06 17.58
CA ILE E 291 14.66 16.04 17.18
C ILE E 291 14.24 17.44 17.57
N SER E 292 12.99 17.81 17.33
CA SER E 292 12.52 19.15 17.64
C SER E 292 12.40 19.41 19.13
N LEU E 293 12.26 18.36 19.94
CA LEU E 293 12.28 18.55 21.39
C LEU E 293 13.67 18.94 21.89
N ALA E 294 14.71 18.75 21.08
CA ALA E 294 16.06 19.16 21.40
C ALA E 294 16.39 20.55 20.87
N HIS E 295 15.41 21.26 20.35
CA HIS E 295 15.64 22.59 19.78
C HIS E 295 16.21 23.52 20.83
N HIS E 296 17.23 24.30 20.44
CA HIS E 296 17.97 25.17 21.34
C HIS E 296 18.65 24.39 22.46
N GLY E 297 18.71 23.06 22.34
CA GLY E 297 19.17 22.20 23.42
C GLY E 297 20.26 21.26 22.96
N VAL E 298 20.39 20.16 23.70
CA VAL E 298 21.46 19.18 23.51
C VAL E 298 20.82 17.84 23.15
N LEU E 299 21.42 17.17 22.18
CA LEU E 299 21.02 15.83 21.78
C LEU E 299 22.15 14.84 22.05
N PHE E 300 21.82 13.76 22.74
CA PHE E 300 22.81 12.73 23.12
C PHE E 300 22.45 11.43 22.41
N LEU E 301 23.22 11.09 21.39
CA LEU E 301 23.04 9.82 20.66
C LEU E 301 23.92 8.77 21.34
N ASP E 302 23.36 8.09 22.33
CA ASP E 302 24.09 7.05 23.03
C ASP E 302 24.27 5.84 22.13
N GLU E 303 25.51 5.36 22.03
CA GLU E 303 25.87 4.22 21.18
C GLU E 303 25.41 4.46 19.74
N LEU E 304 26.02 5.47 19.12
CA LEU E 304 25.70 5.83 17.74
C LEU E 304 25.81 4.68 16.75
N PRO E 305 26.84 3.79 16.79
CA PRO E 305 26.92 2.72 15.78
C PRO E 305 25.69 1.80 15.76
N GLU E 306 24.97 1.73 16.88
CA GLU E 306 23.83 0.84 16.99
C GLU E 306 22.58 1.37 16.30
N PHE E 307 22.59 2.62 15.84
CA PHE E 307 21.44 3.16 15.12
C PHE E 307 21.36 2.58 13.71
N ASN E 308 20.20 2.77 13.09
CA ASN E 308 20.00 2.38 11.70
C ASN E 308 20.48 3.48 10.77
N ARG E 309 20.85 3.07 9.55
CA ARG E 309 21.50 3.99 8.61
C ARG E 309 20.57 5.12 8.20
N GLN E 310 19.30 4.82 7.93
CA GLN E 310 18.40 5.81 7.34
C GLN E 310 18.15 6.98 8.28
N VAL E 311 18.07 6.72 9.59
CA VAL E 311 17.88 7.80 10.55
C VAL E 311 19.05 8.77 10.50
N LEU E 312 20.28 8.24 10.44
CA LEU E 312 21.45 9.11 10.36
C LEU E 312 21.50 9.86 9.03
N GLU E 313 21.14 9.18 7.93
CA GLU E 313 21.12 9.84 6.63
C GLU E 313 20.06 10.94 6.57
N THR E 314 19.01 10.84 7.38
CA THR E 314 18.07 11.96 7.50
C THR E 314 18.64 13.02 8.44
N LEU E 315 19.34 12.58 9.48
CA LEU E 315 19.88 13.50 10.49
C LEU E 315 20.96 14.40 9.94
N ARG E 316 21.62 13.98 8.85
CA ARG E 316 22.66 14.81 8.27
C ARG E 316 22.14 16.18 7.85
N GLU E 317 20.85 16.27 7.51
CA GLU E 317 20.24 17.52 7.03
C GLU E 317 20.02 18.54 8.14
N PRO E 318 19.22 18.26 9.17
CA PRO E 318 18.84 19.34 10.10
C PRO E 318 20.00 19.94 10.85
N LEU E 319 21.08 19.18 11.08
CA LEU E 319 22.21 19.71 11.82
C LEU E 319 22.80 20.92 11.11
N GLU E 320 22.98 20.82 9.79
CA GLU E 320 23.41 21.97 9.01
C GLU E 320 22.30 22.96 8.76
N SER E 321 21.09 22.49 8.47
CA SER E 321 20.00 23.39 8.10
C SER E 321 19.40 24.11 9.31
N GLY E 322 19.29 23.41 10.44
CA GLY E 322 18.56 23.93 11.58
C GLY E 322 17.08 23.65 11.56
N HIS E 323 16.56 23.07 10.48
CA HIS E 323 15.16 22.70 10.39
C HIS E 323 15.02 21.57 9.38
N ILE E 324 13.92 20.84 9.49
CA ILE E 324 13.61 19.74 8.58
C ILE E 324 12.13 19.79 8.25
N CYS E 325 11.78 19.18 7.12
CA CYS E 325 10.41 19.11 6.65
C CYS E 325 10.00 17.65 6.49
N ILE E 326 8.75 17.36 6.83
CA ILE E 326 8.27 15.99 6.76
C ILE E 326 7.89 15.64 5.33
N SER E 327 7.85 14.34 5.04
CA SER E 327 7.60 13.84 3.70
C SER E 327 6.12 13.53 3.43
N ARG E 328 5.23 13.88 4.35
CA ARG E 328 3.80 13.62 4.14
C ARG E 328 3.30 14.36 2.91
N ALA E 329 2.58 13.62 2.05
CA ALA E 329 2.06 14.22 0.83
C ALA E 329 0.98 15.26 1.11
N ALA E 330 0.23 15.09 2.20
CA ALA E 330 -0.85 16.02 2.50
C ALA E 330 -0.33 17.42 2.80
N ALA E 331 0.80 17.53 3.51
CA ALA E 331 1.35 18.84 3.85
C ALA E 331 2.82 18.67 4.23
N GLN E 332 3.67 19.56 3.71
CA GLN E 332 5.08 19.57 4.04
C GLN E 332 5.29 20.42 5.30
N ILE E 333 5.09 19.77 6.44
CA ILE E 333 5.26 20.43 7.73
C ILE E 333 6.73 20.59 8.05
N GLU E 334 7.12 21.80 8.46
CA GLU E 334 8.49 22.12 8.80
C GLU E 334 8.60 22.42 10.29
N PHE E 335 9.61 21.84 10.95
CA PHE E 335 9.81 22.03 12.38
C PHE E 335 11.23 22.50 12.68
N PRO E 336 11.41 23.34 13.70
CA PRO E 336 12.76 23.79 14.05
C PRO E 336 13.60 22.67 14.62
N ALA E 337 14.86 22.61 14.19
CA ALA E 337 15.77 21.57 14.65
C ALA E 337 17.17 22.10 14.91
N LYS E 338 17.29 23.25 15.54
CA LYS E 338 18.61 23.85 15.83
C LYS E 338 19.28 23.20 17.05
N PHE E 339 19.53 21.91 16.99
CA PHE E 339 20.07 21.16 18.13
C PHE E 339 21.59 21.12 18.10
N GLN E 340 22.15 20.60 19.18
CA GLN E 340 23.59 20.34 19.30
C GLN E 340 23.79 18.85 19.51
N LEU E 341 24.80 18.28 18.86
CA LEU E 341 24.95 16.83 18.76
C LEU E 341 26.04 16.33 19.69
N ILE E 342 25.74 15.28 20.45
CA ILE E 342 26.70 14.54 21.25
C ILE E 342 26.44 13.06 21.03
N ALA E 343 27.52 12.28 20.87
CA ALA E 343 27.39 10.87 20.54
C ALA E 343 28.46 10.07 21.28
N ALA E 344 28.20 8.76 21.39
CA ALA E 344 29.09 7.85 22.09
C ALA E 344 29.41 6.66 21.20
N MET E 345 30.60 6.08 21.43
CA MET E 345 31.09 4.99 20.59
C MET E 345 32.05 4.14 21.41
N ASN E 346 32.06 2.83 21.13
CA ASN E 346 32.83 1.87 21.90
C ASN E 346 34.04 1.42 21.11
N PRO E 347 35.27 1.69 21.57
CA PRO E 347 36.45 1.35 20.78
C PRO E 347 36.66 -0.14 20.55
N CYS E 348 36.05 -1.02 21.36
CA CYS E 348 36.14 -2.47 21.26
C CYS E 348 37.54 -2.99 21.56
N PRO E 349 37.68 -4.23 22.05
CA PRO E 349 39.00 -4.80 22.37
C PRO E 349 39.85 -5.05 21.13
N PRO E 364 41.90 -6.69 14.95
CA PRO E 364 41.41 -7.71 14.02
C PRO E 364 40.46 -7.16 12.97
N ASP E 365 40.17 -7.96 11.94
CA ASP E 365 39.29 -7.53 10.86
C ASP E 365 37.88 -7.26 11.36
N ARG E 366 37.46 -7.95 12.43
CA ARG E 366 36.10 -7.76 12.92
C ARG E 366 35.87 -6.35 13.42
N ILE E 367 36.91 -5.68 13.94
CA ILE E 367 36.77 -4.28 14.32
C ILE E 367 36.60 -3.40 13.08
N SER E 368 37.30 -3.73 12.00
CA SER E 368 37.12 -3.00 10.75
C SER E 368 35.70 -3.16 10.21
N ARG E 369 35.12 -4.35 10.36
CA ARG E 369 33.73 -4.55 9.98
C ARG E 369 32.79 -3.83 10.95
N TYR E 370 33.16 -3.79 12.23
CA TYR E 370 32.35 -3.13 13.25
C TYR E 370 32.20 -1.65 12.95
N LEU E 371 33.30 -1.00 12.57
CA LEU E 371 33.26 0.44 12.30
C LEU E 371 32.49 0.77 11.04
N ALA E 372 32.15 -0.24 10.21
CA ALA E 372 31.58 -0.01 8.90
C ALA E 372 30.13 0.49 8.95
N LYS E 373 29.38 0.21 10.01
CA LYS E 373 27.98 0.62 10.02
C LYS E 373 27.80 2.11 10.27
N LEU E 374 28.87 2.82 10.63
CA LEU E 374 28.78 4.24 10.91
C LEU E 374 28.50 5.01 9.63
N SER E 375 27.60 5.98 9.72
CA SER E 375 27.22 6.80 8.58
C SER E 375 28.27 7.89 8.39
N ALA E 376 29.04 7.79 7.32
CA ALA E 376 30.10 8.77 7.06
C ALA E 376 29.59 10.20 6.94
N PRO E 377 28.49 10.50 6.23
CA PRO E 377 28.05 11.91 6.14
C PRO E 377 27.79 12.56 7.49
N LEU E 378 27.28 11.83 8.47
CA LEU E 378 27.00 12.40 9.78
C LEU E 378 28.22 12.39 10.68
N LEU E 379 28.94 11.26 10.73
CA LEU E 379 30.08 11.15 11.62
C LEU E 379 31.20 12.11 11.25
N ASP E 380 31.42 12.32 9.94
CA ASP E 380 32.54 13.15 9.53
C ASP E 380 32.41 14.59 9.99
N ARG E 381 31.18 15.09 10.13
CA ARG E 381 30.97 16.48 10.53
C ARG E 381 30.90 16.65 12.03
N ILE E 382 31.26 15.64 12.81
CA ILE E 382 31.38 15.79 14.25
C ILE E 382 32.72 16.46 14.55
N ASP E 383 32.66 17.57 15.30
CA ASP E 383 33.83 18.42 15.46
C ASP E 383 34.86 17.82 16.42
N MET E 384 34.42 17.19 17.50
CA MET E 384 35.27 16.90 18.64
C MET E 384 35.23 15.41 18.97
N GLN E 385 36.38 14.87 19.35
CA GLN E 385 36.50 13.46 19.74
C GLN E 385 37.56 13.33 20.82
N VAL E 386 37.26 12.51 21.84
CA VAL E 386 38.15 12.38 23.00
C VAL E 386 37.94 11.00 23.63
N THR E 387 39.00 10.50 24.25
CA THR E 387 38.97 9.21 24.95
C THR E 387 38.93 9.47 26.46
N ILE E 388 37.99 8.82 27.15
CA ILE E 388 37.87 8.94 28.59
C ILE E 388 38.56 7.73 29.21
N HIS E 389 39.67 7.98 29.90
CA HIS E 389 40.41 6.88 30.52
C HIS E 389 39.72 6.39 31.78
N ALA E 390 40.14 5.20 32.24
CA ALA E 390 39.57 4.63 33.45
C ALA E 390 39.94 5.48 34.66
N LEU E 391 39.02 5.57 35.61
CA LEU E 391 39.22 6.40 36.79
C LEU E 391 40.25 5.78 37.72
N SER E 392 41.03 6.64 38.37
CA SER E 392 41.91 6.21 39.43
C SER E 392 41.13 6.05 40.74
N GLN E 393 41.62 5.15 41.60
CA GLN E 393 40.96 4.94 42.89
C GLN E 393 41.07 6.17 43.76
N GLU E 394 42.21 6.85 43.72
CA GLU E 394 42.44 8.01 44.58
C GLU E 394 41.42 9.10 44.33
N GLU E 395 41.40 9.65 43.11
CA GLU E 395 40.53 10.79 42.81
C GLU E 395 39.06 10.43 42.80
N LEU E 396 38.71 9.13 42.85
CA LEU E 396 37.33 8.71 43.07
C LEU E 396 37.02 8.66 44.56
N ILE E 397 37.99 8.27 45.37
CA ILE E 397 37.75 8.05 46.80
C ILE E 397 37.82 9.33 47.62
N LYS E 398 38.49 10.37 47.14
CA LYS E 398 38.64 11.62 47.88
C LYS E 398 37.26 12.17 48.26
N PRO E 399 37.02 12.45 49.54
CA PRO E 399 35.71 12.94 49.95
C PRO E 399 35.35 14.25 49.24
N ASN E 400 34.07 14.62 49.39
CA ASN E 400 33.58 15.85 48.78
C ASN E 400 33.88 17.04 49.69
N THR E 401 35.13 17.15 50.13
CA THR E 401 35.55 18.34 50.87
C THR E 401 35.57 19.56 49.97
N HIS E 402 35.97 19.39 48.71
CA HIS E 402 35.96 20.47 47.72
C HIS E 402 34.52 20.70 47.27
N LEU E 403 33.78 21.40 48.13
CA LEU E 403 32.36 21.66 47.91
C LEU E 403 32.10 22.79 46.91
N GLU E 404 33.14 23.32 46.27
CA GLU E 404 32.97 24.45 45.37
C GLU E 404 32.16 24.06 44.14
N LYS E 405 31.22 24.92 43.78
CA LYS E 405 30.47 24.76 42.54
C LYS E 405 31.11 25.61 41.44
N GLN E 406 31.10 25.08 40.22
CA GLN E 406 31.66 25.81 39.09
C GLN E 406 30.72 25.91 37.90
N SER E 407 29.51 25.34 37.96
CA SER E 407 28.59 25.42 36.84
C SER E 407 28.24 26.87 36.51
N LEU E 408 28.01 27.70 37.54
CA LEU E 408 27.67 29.09 37.29
C LEU E 408 28.81 29.85 36.63
N ALA E 409 30.05 29.64 37.11
CA ALA E 409 31.19 30.32 36.51
C ALA E 409 31.40 29.89 35.06
N ILE E 410 31.29 28.60 34.79
CA ILE E 410 31.44 28.11 33.42
C ILE E 410 30.33 28.66 32.54
N ARG E 411 29.10 28.74 33.07
CA ARG E 411 27.99 29.33 32.32
C ARG E 411 28.25 30.80 32.00
N GLU E 412 28.80 31.54 32.96
CA GLU E 412 29.14 32.94 32.72
C GLU E 412 30.21 33.06 31.63
N LYS E 413 31.22 32.21 31.69
CA LYS E 413 32.23 32.22 30.63
C LYS E 413 31.62 31.90 29.28
N VAL E 414 30.70 30.93 29.24
CA VAL E 414 30.08 30.54 27.98
C VAL E 414 29.24 31.68 27.41
N THR E 415 28.45 32.34 28.26
CA THR E 415 27.59 33.41 27.75
C THR E 415 28.42 34.62 27.32
N LYS E 416 29.50 34.92 28.04
CA LYS E 416 30.42 35.96 27.59
C LYS E 416 31.00 35.62 26.23
N MET E 417 31.39 34.36 26.05
CA MET E 417 32.09 33.99 24.83
C MET E 417 31.12 33.95 23.64
N HIS E 418 29.88 33.54 23.88
CA HIS E 418 28.85 33.66 22.87
C HIS E 418 28.60 35.12 22.50
N GLU E 419 28.59 36.01 23.50
CA GLU E 419 28.39 37.42 23.20
C GLU E 419 29.52 37.95 22.31
N ILE E 420 30.76 37.58 22.61
CA ILE E 420 31.88 37.99 21.77
C ILE E 420 31.74 37.40 20.37
N GLN E 421 31.33 36.14 20.29
CA GLN E 421 31.21 35.48 18.99
C GLN E 421 30.14 36.15 18.13
N MET E 422 29.02 36.55 18.73
CA MET E 422 28.05 37.36 17.99
C MET E 422 28.63 38.72 17.62
N ALA E 423 29.45 39.30 18.52
CA ALA E 423 30.10 40.56 18.20
C ALA E 423 31.00 40.44 16.98
N ARG E 424 31.52 39.24 16.69
CA ARG E 424 32.14 39.03 15.38
C ARG E 424 31.07 38.94 14.29
N GLN E 425 30.20 37.94 14.38
CA GLN E 425 29.12 37.77 13.41
C GLN E 425 28.05 36.88 14.04
N ASP E 426 26.89 36.84 13.38
CA ASP E 426 25.77 36.03 13.86
C ASP E 426 25.97 34.57 13.50
N SER E 427 27.12 33.99 13.85
CA SER E 427 27.42 32.61 13.51
C SER E 427 28.55 32.13 14.39
N LEU E 428 28.33 31.04 15.12
CA LEU E 428 29.37 30.48 15.97
C LEU E 428 30.44 29.80 15.13
N ASN E 429 31.56 29.49 15.80
CA ASN E 429 32.71 28.89 15.12
C ASN E 429 32.37 27.52 14.52
N ALA E 430 31.40 26.82 15.11
CA ALA E 430 31.00 25.53 14.55
C ALA E 430 30.25 25.68 13.23
N ASN E 431 29.59 26.82 13.04
CA ASN E 431 28.74 27.05 11.87
C ASN E 431 29.54 27.57 10.68
N LEU E 432 30.71 28.16 10.91
CA LEU E 432 31.40 28.94 9.90
C LEU E 432 31.66 28.14 8.63
N ASN E 433 31.44 28.78 7.49
CA ASN E 433 31.86 28.26 6.21
C ASN E 433 33.36 28.47 6.03
N SER E 434 33.90 27.90 4.95
CA SER E 434 35.35 27.86 4.76
C SER E 434 35.95 29.27 4.69
N LYS E 435 35.33 30.14 3.88
CA LYS E 435 35.91 31.46 3.65
C LYS E 435 35.97 32.29 4.93
N THR E 436 34.84 32.38 5.65
CA THR E 436 34.85 33.09 6.93
C THR E 436 35.71 32.36 7.94
N CYS E 437 35.77 31.03 7.86
CA CYS E 437 36.64 30.24 8.73
C CYS E 437 38.09 30.71 8.63
N GLU E 438 38.60 30.82 7.40
CA GLU E 438 39.96 31.31 7.21
C GLU E 438 40.09 32.81 7.42
N MET E 439 39.00 33.55 7.29
CA MET E 439 39.08 35.00 7.48
C MET E 439 39.23 35.34 8.97
N VAL E 440 38.45 34.69 9.82
CA VAL E 440 38.49 35.03 11.25
C VAL E 440 39.84 34.67 11.87
N CYS E 441 40.34 33.47 11.63
CA CYS E 441 41.63 33.09 12.19
C CYS E 441 42.76 33.80 11.47
N GLU E 442 43.81 34.14 12.21
CA GLU E 442 44.85 35.01 11.68
C GLU E 442 45.75 34.31 10.67
N LEU E 443 45.98 33.00 10.82
CA LEU E 443 46.95 32.26 10.01
C LEU E 443 48.33 32.90 10.12
N GLY E 444 48.89 32.85 11.33
CA GLY E 444 50.20 33.44 11.56
C GLY E 444 51.29 32.72 10.79
N SER E 445 52.41 33.43 10.60
CA SER E 445 53.52 32.90 9.82
C SER E 445 54.07 31.61 10.42
N GLU E 446 54.60 31.70 11.64
CA GLU E 446 55.05 30.50 12.34
C GLU E 446 53.90 29.53 12.52
N GLU E 447 52.67 30.03 12.68
CA GLU E 447 51.51 29.16 12.78
C GLU E 447 51.30 28.39 11.48
N GLN E 448 51.44 29.07 10.34
CA GLN E 448 51.31 28.41 9.05
C GLN E 448 52.38 27.35 8.87
N LEU E 449 53.63 27.66 9.22
CA LEU E 449 54.70 26.67 9.13
C LEU E 449 54.44 25.47 10.04
N PHE E 450 53.97 25.73 11.26
CA PHE E 450 53.68 24.65 12.19
C PHE E 450 52.58 23.74 11.66
N LEU E 451 51.52 24.34 11.09
CA LEU E 451 50.42 23.55 10.54
C LEU E 451 50.92 22.71 9.36
N ARG E 452 51.75 23.31 8.50
CA ARG E 452 52.31 22.57 7.38
C ARG E 452 53.15 21.40 7.85
N GLU E 453 53.98 21.62 8.88
CA GLU E 453 54.82 20.53 9.39
C GLU E 453 54.00 19.42 10.00
N VAL E 454 52.97 19.76 10.80
CA VAL E 454 52.20 18.72 11.47
C VAL E 454 51.42 17.91 10.43
N MET E 455 50.95 18.54 9.36
CA MET E 455 50.35 17.73 8.30
C MET E 455 51.39 16.98 7.47
N SER E 456 52.63 17.48 7.40
CA SER E 456 53.68 16.72 6.74
C SER E 456 53.97 15.43 7.49
N LYS E 457 53.93 15.49 8.82
CA LYS E 457 54.14 14.28 9.62
C LYS E 457 53.03 13.27 9.39
N LEU E 458 51.78 13.72 9.36
CA LEU E 458 50.64 12.82 9.26
C LEU E 458 49.54 13.47 8.40
N LYS E 459 48.95 12.68 7.52
CA LYS E 459 48.03 13.20 6.52
C LYS E 459 46.65 13.46 7.10
N LEU E 460 45.98 14.50 6.57
CA LEU E 460 44.63 14.88 6.94
C LEU E 460 43.84 15.26 5.69
N SER E 461 42.53 15.13 5.78
CA SER E 461 41.62 15.60 4.75
C SER E 461 41.35 17.10 4.93
N ALA E 462 40.67 17.67 3.93
CA ALA E 462 40.32 19.09 4.00
C ALA E 462 39.38 19.37 5.16
N ARG E 463 38.39 18.50 5.37
CA ARG E 463 37.47 18.69 6.48
C ARG E 463 38.20 18.58 7.80
N GLY E 464 39.20 17.71 7.89
CA GLY E 464 40.05 17.68 9.07
C GLY E 464 40.75 19.00 9.31
N TYR E 465 41.28 19.60 8.24
CA TYR E 465 41.92 20.90 8.35
C TYR E 465 40.95 21.95 8.88
N HIS E 466 39.74 21.98 8.32
CA HIS E 466 38.77 22.97 8.77
C HIS E 466 38.31 22.73 10.20
N ARG E 467 38.14 21.47 10.60
CA ARG E 467 37.79 21.17 11.99
C ARG E 467 38.90 21.62 12.94
N LEU E 468 40.16 21.35 12.58
CA LEU E 468 41.28 21.83 13.38
C LEU E 468 41.23 23.34 13.53
N LEU E 469 40.97 24.06 12.44
CA LEU E 469 41.01 25.51 12.52
C LEU E 469 39.86 26.02 13.40
N LYS E 470 38.66 25.43 13.26
CA LYS E 470 37.55 25.85 14.14
C LYS E 470 37.90 25.64 15.61
N VAL E 471 38.43 24.47 15.95
CA VAL E 471 38.69 24.18 17.35
C VAL E 471 39.82 25.08 17.87
N SER E 472 40.82 25.36 17.03
CA SER E 472 41.88 26.26 17.43
C SER E 472 41.37 27.68 17.64
N ARG E 473 40.46 28.14 16.78
CA ARG E 473 39.81 29.43 16.96
C ARG E 473 39.04 29.48 18.28
N THR E 474 38.30 28.40 18.58
CA THR E 474 37.55 28.38 19.84
C THR E 474 38.48 28.42 21.04
N ILE E 475 39.57 27.66 21.00
CA ILE E 475 40.53 27.66 22.11
C ILE E 475 41.19 29.03 22.23
N ALA E 476 41.58 29.62 21.10
CA ALA E 476 42.24 30.92 21.11
C ALA E 476 41.31 31.99 21.68
N ASP E 477 40.04 31.96 21.29
CA ASP E 477 39.07 32.86 21.90
C ASP E 477 39.00 32.63 23.40
N MET E 478 38.79 31.38 23.82
CA MET E 478 38.58 31.08 25.23
C MET E 478 39.76 31.50 26.09
N ASN E 479 40.97 31.50 25.53
CA ASN E 479 42.14 31.99 26.24
C ASN E 479 42.30 33.51 26.12
N SER E 480 41.32 34.19 25.55
CA SER E 480 41.34 35.65 25.34
C SER E 480 42.51 36.08 24.49
N SER E 481 42.87 35.26 23.50
CA SER E 481 43.89 35.62 22.51
C SER E 481 43.22 35.78 21.15
N LYS E 482 43.37 36.96 20.56
CA LYS E 482 42.73 37.21 19.26
C LYS E 482 43.32 36.33 18.18
N LYS E 483 44.64 36.17 18.19
CA LYS E 483 45.31 35.37 17.18
C LYS E 483 45.51 33.94 17.65
N VAL E 484 45.64 33.02 16.70
CA VAL E 484 45.97 31.64 17.01
C VAL E 484 47.48 31.51 17.21
N LEU E 485 47.87 30.65 18.14
CA LEU E 485 49.28 30.41 18.42
C LEU E 485 49.55 28.92 18.34
N LEU E 486 50.85 28.57 18.25
CA LEU E 486 51.26 27.18 18.16
C LEU E 486 50.70 26.36 19.31
N ASN E 487 50.68 26.95 20.51
CA ASN E 487 50.05 26.30 21.66
C ASN E 487 48.63 25.89 21.34
N HIS E 488 47.86 26.79 20.74
CA HIS E 488 46.43 26.55 20.55
C HIS E 488 46.17 25.47 19.50
N LEU E 489 46.88 25.53 18.37
CA LEU E 489 46.73 24.47 17.36
C LEU E 489 47.21 23.13 17.90
N GLN E 490 48.30 23.12 18.67
CA GLN E 490 48.78 21.86 19.24
C GLN E 490 47.77 21.28 20.21
N GLN E 491 47.15 22.15 21.03
CA GLN E 491 46.08 21.69 21.92
C GLN E 491 44.90 21.15 21.12
N ALA E 492 44.54 21.84 20.02
CA ALA E 492 43.42 21.42 19.19
C ALA E 492 43.67 20.04 18.60
N LEU E 493 44.89 19.78 18.16
CA LEU E 493 45.21 18.50 17.52
C LEU E 493 44.98 17.32 18.47
N SER E 494 44.99 17.56 19.77
CA SER E 494 44.89 16.47 20.75
C SER E 494 43.51 15.82 20.76
N TYR E 495 42.47 16.50 20.30
CA TYR E 495 41.11 15.98 20.33
C TYR E 495 40.53 15.81 18.93
N LYS E 496 41.30 15.26 18.00
CA LYS E 496 40.87 15.15 16.63
C LYS E 496 40.93 13.69 16.20
N GLN E 497 40.79 13.47 14.88
CA GLN E 497 40.84 12.16 14.24
C GLN E 497 39.61 11.33 14.58
N ASN E 498 39.42 10.24 13.84
CA ASN E 498 38.31 9.32 14.05
C ASN E 498 38.84 7.90 13.91
N LEU E 499 38.04 6.94 14.42
CA LEU E 499 38.41 5.54 14.47
C LEU E 499 39.65 5.33 15.33
N HIS E 500 40.14 4.11 15.42
CA HIS E 500 41.31 3.82 16.25
C HIS E 500 42.59 4.32 15.59
N MET F 1 -34.09 25.04 35.55
CA MET F 1 -33.98 24.94 34.09
C MET F 1 -33.73 23.51 33.65
N SER F 2 -33.81 23.26 32.35
CA SER F 2 -33.70 21.92 31.78
C SER F 2 -32.29 21.57 31.34
N LEU F 3 -31.32 21.57 32.25
CA LEU F 3 -29.96 21.21 31.94
C LEU F 3 -29.45 20.24 33.01
N ALA F 4 -28.83 19.15 32.57
CA ALA F 4 -28.34 18.13 33.48
C ALA F 4 -26.90 17.78 33.15
N PHE F 5 -26.19 17.28 34.15
CA PHE F 5 -24.80 16.88 34.03
C PHE F 5 -24.62 15.44 34.50
N THR F 6 -23.76 14.70 33.82
CA THR F 6 -23.44 13.33 34.20
C THR F 6 -21.99 13.05 33.80
N LYS F 7 -21.37 12.11 34.51
CA LYS F 7 -19.97 11.79 34.30
C LYS F 7 -19.81 10.30 34.03
N THR F 8 -18.80 9.96 33.23
CA THR F 8 -18.51 8.59 32.84
C THR F 8 -17.03 8.48 32.50
N ARG F 9 -16.62 7.31 32.03
CA ARG F 9 -15.23 7.07 31.65
C ARG F 9 -15.16 6.44 30.27
N SER F 10 -14.10 6.76 29.54
CA SER F 10 -13.79 6.13 28.27
C SER F 10 -12.39 5.55 28.34
N THR F 11 -12.17 4.43 27.66
CA THR F 11 -10.97 3.64 27.86
C THR F 11 -10.19 3.46 26.57
N ILE F 12 -8.90 3.77 26.64
CA ILE F 12 -7.92 3.32 25.66
C ILE F 12 -6.67 2.91 26.42
N GLY F 13 -6.31 1.63 26.33
CA GLY F 13 -5.23 1.15 27.16
C GLY F 13 -5.60 1.15 28.63
N ILE F 14 -4.57 1.24 29.48
CA ILE F 14 -4.81 1.22 30.91
C ILE F 14 -5.48 2.51 31.38
N VAL F 15 -5.07 3.65 30.84
CA VAL F 15 -5.54 4.95 31.30
C VAL F 15 -6.94 5.20 30.75
N ALA F 16 -7.80 5.77 31.60
CA ALA F 16 -9.20 6.04 31.26
C ALA F 16 -9.50 7.50 31.58
N GLN F 17 -9.44 8.35 30.55
CA GLN F 17 -9.72 9.76 30.75
C GLN F 17 -11.21 9.97 31.08
N PRO F 18 -11.54 10.93 31.92
CA PRO F 18 -12.95 11.19 32.23
C PRO F 18 -13.67 11.80 31.03
N VAL F 19 -15.00 11.67 31.06
CA VAL F 19 -15.85 12.22 30.02
C VAL F 19 -17.05 12.87 30.69
N SER F 20 -17.35 14.10 30.29
CA SER F 20 -18.50 14.83 30.83
C SER F 20 -19.65 14.76 29.84
N VAL F 21 -20.80 14.26 30.31
CA VAL F 21 -21.98 14.09 29.47
C VAL F 21 -23.00 15.15 29.87
N GLU F 22 -23.55 15.83 28.87
CA GLU F 22 -24.48 16.93 29.08
C GLU F 22 -25.73 16.72 28.24
N VAL F 23 -26.88 17.06 28.81
CA VAL F 23 -28.17 16.94 28.13
C VAL F 23 -28.92 18.25 28.27
N HIS F 24 -29.41 18.79 27.16
CA HIS F 24 -30.16 20.04 27.14
C HIS F 24 -31.49 19.82 26.43
N LEU F 25 -32.57 20.26 27.03
CA LEU F 25 -33.90 20.15 26.45
C LEU F 25 -34.39 21.53 26.03
N SER F 26 -34.91 21.63 24.80
CA SER F 26 -35.31 22.90 24.23
C SER F 26 -36.68 22.75 23.58
N ASN F 27 -37.35 23.89 23.41
CA ASN F 27 -38.65 23.89 22.76
C ASN F 27 -38.50 23.59 21.27
N GLY F 28 -39.63 23.27 20.63
CA GLY F 28 -39.69 23.02 19.21
C GLY F 28 -40.21 21.63 18.92
N LEU F 29 -40.19 21.27 17.64
CA LEU F 29 -40.65 19.97 17.21
C LEU F 29 -39.71 18.88 17.73
N PRO F 30 -40.23 17.70 18.06
CA PRO F 30 -39.40 16.66 18.69
C PRO F 30 -38.30 16.18 17.75
N SER F 31 -37.09 16.09 18.29
CA SER F 31 -35.95 15.60 17.53
C SER F 31 -34.85 15.24 18.53
N PHE F 32 -33.88 14.47 18.05
CA PHE F 32 -32.78 14.00 18.89
C PHE F 32 -31.48 14.21 18.14
N THR F 33 -30.55 14.95 18.76
CA THR F 33 -29.25 15.23 18.16
C THR F 33 -28.15 14.92 19.16
N MET F 34 -27.02 14.43 18.65
CA MET F 34 -25.88 14.08 19.48
C MET F 34 -24.62 14.60 18.82
N VAL F 35 -23.75 15.24 19.60
CA VAL F 35 -22.50 15.81 19.11
C VAL F 35 -21.38 15.39 20.04
N GLY F 36 -20.15 15.46 19.54
CA GLY F 36 -19.01 15.13 20.37
C GLY F 36 -18.12 14.03 19.84
N LEU F 37 -18.09 13.86 18.52
CA LEU F 37 -17.27 12.85 17.86
C LEU F 37 -17.65 11.44 18.31
N ALA F 38 -18.97 11.19 18.35
CA ALA F 38 -19.47 9.89 18.75
C ALA F 38 -19.42 8.91 17.59
N GLU F 39 -18.80 7.76 17.81
CA GLU F 39 -18.81 6.69 16.82
C GLU F 39 -20.21 6.14 16.66
N THR F 40 -20.45 5.46 15.53
CA THR F 40 -21.80 4.98 15.21
C THR F 40 -22.38 4.12 16.32
N ALA F 41 -21.54 3.36 17.02
CA ALA F 41 -22.01 2.58 18.15
C ALA F 41 -22.63 3.48 19.21
N VAL F 42 -22.01 4.62 19.47
CA VAL F 42 -22.55 5.56 20.44
C VAL F 42 -23.70 6.36 19.85
N LYS F 43 -23.59 6.73 18.57
CA LYS F 43 -24.62 7.56 17.96
C LYS F 43 -25.94 6.81 17.80
N GLU F 44 -25.88 5.48 17.69
CA GLU F 44 -27.10 4.69 17.60
C GLU F 44 -27.79 4.53 18.95
N SER F 45 -27.22 5.08 20.02
CA SER F 45 -27.80 4.91 21.34
C SER F 45 -29.12 5.66 21.51
N LYS F 46 -29.49 6.51 20.55
CA LYS F 46 -30.72 7.29 20.68
C LYS F 46 -31.94 6.39 20.90
N ASP F 47 -32.13 5.41 20.01
CA ASP F 47 -33.29 4.54 20.11
C ASP F 47 -33.20 3.65 21.35
N ARG F 48 -32.00 3.17 21.66
CA ARG F 48 -31.81 2.35 22.85
C ARG F 48 -32.24 3.10 24.11
N VAL F 49 -31.79 4.35 24.23
CA VAL F 49 -32.12 5.15 25.41
C VAL F 49 -33.61 5.47 25.44
N ARG F 50 -34.19 5.80 24.28
CA ARG F 50 -35.62 6.08 24.23
C ARG F 50 -36.43 4.90 24.72
N SER F 51 -36.11 3.70 24.23
CA SER F 51 -36.83 2.51 24.66
C SER F 51 -36.60 2.22 26.14
N ALA F 52 -35.36 2.39 26.61
CA ALA F 52 -35.07 2.13 28.02
C ALA F 52 -35.85 3.06 28.93
N ILE F 53 -35.94 4.34 28.57
CA ILE F 53 -36.70 5.29 29.39
C ILE F 53 -38.18 4.95 29.36
N ILE F 54 -38.74 4.73 28.16
CA ILE F 54 -40.18 4.58 28.07
C ILE F 54 -40.64 3.24 28.63
N ASN F 55 -39.75 2.24 28.65
CA ASN F 55 -40.14 0.91 29.09
C ASN F 55 -40.18 0.79 30.61
N SER F 56 -39.44 1.63 31.33
CA SER F 56 -39.41 1.58 32.79
C SER F 56 -40.42 2.52 33.43
N GLN F 57 -41.51 2.84 32.71
CA GLN F 57 -42.63 3.64 33.18
C GLN F 57 -42.28 5.09 33.47
N PHE F 58 -41.07 5.54 33.11
CA PHE F 58 -40.78 6.96 33.17
C PHE F 58 -41.42 7.68 31.99
N GLU F 59 -41.44 9.01 32.08
CA GLU F 59 -41.84 9.83 30.94
C GLU F 59 -40.62 10.13 30.07
N PHE F 60 -40.83 10.08 28.76
CA PHE F 60 -39.79 10.51 27.84
C PHE F 60 -40.14 11.87 27.29
N PRO F 61 -39.21 12.83 27.33
CA PRO F 61 -39.55 14.20 26.94
C PRO F 61 -39.90 14.30 25.46
N CYS F 62 -41.03 14.93 25.17
CA CYS F 62 -41.39 15.23 23.80
C CYS F 62 -40.58 16.41 23.26
N ARG F 63 -39.85 17.11 24.13
CA ARG F 63 -39.07 18.27 23.75
C ARG F 63 -37.90 17.86 22.85
N LYS F 64 -37.19 18.87 22.37
CA LYS F 64 -35.97 18.65 21.59
C LYS F 64 -34.83 18.25 22.53
N ILE F 65 -34.12 17.19 22.17
CA ILE F 65 -33.02 16.68 22.98
C ILE F 65 -31.71 17.02 22.28
N THR F 66 -30.79 17.63 23.02
CA THR F 66 -29.43 17.89 22.54
C THR F 66 -28.46 17.28 23.54
N VAL F 67 -27.63 16.34 23.07
CA VAL F 67 -26.73 15.60 23.94
C VAL F 67 -25.30 15.91 23.52
N ASN F 68 -24.49 16.33 24.49
CA ASN F 68 -23.07 16.58 24.28
C ASN F 68 -22.26 15.78 25.30
N LEU F 69 -21.18 15.18 24.83
CA LEU F 69 -20.27 14.43 25.68
C LEU F 69 -18.84 14.87 25.36
N GLY F 70 -18.24 15.62 26.27
CA GLY F 70 -16.94 16.19 26.05
C GLY F 70 -15.81 15.40 26.67
N PRO F 71 -14.56 15.77 26.38
CA PRO F 71 -14.12 16.87 25.51
C PRO F 71 -14.43 16.62 24.04
N ALA F 72 -14.67 17.67 23.25
CA ALA F 72 -15.11 17.53 21.88
C ALA F 72 -14.01 17.04 20.95
N ASN F 73 -12.76 16.98 21.39
CA ASN F 73 -11.66 16.54 20.55
C ASN F 73 -11.25 15.10 20.82
N LEU F 74 -11.90 14.41 21.76
CA LEU F 74 -11.57 13.04 22.08
C LEU F 74 -12.61 12.12 21.47
N PRO F 75 -12.25 11.23 20.55
CA PRO F 75 -13.23 10.29 20.00
C PRO F 75 -13.73 9.33 21.07
N LYS F 76 -14.99 8.92 20.91
CA LYS F 76 -15.63 7.97 21.80
C LYS F 76 -15.80 6.64 21.07
N THR F 77 -15.26 5.57 21.64
CA THR F 77 -15.35 4.25 21.04
C THR F 77 -15.98 3.21 21.94
N GLY F 78 -16.30 3.54 23.18
CA GLY F 78 -16.95 2.59 24.07
C GLY F 78 -18.43 2.46 23.79
N SER F 79 -19.16 1.77 24.67
CA SER F 79 -20.60 1.65 24.53
C SER F 79 -21.33 1.80 25.85
N GLY F 80 -20.64 2.19 26.91
CA GLY F 80 -21.28 2.33 28.22
C GLY F 80 -22.00 3.64 28.44
N PHE F 81 -22.02 4.52 27.43
CA PHE F 81 -22.54 5.87 27.64
C PHE F 81 -24.05 5.90 27.83
N ASP F 82 -24.76 4.83 27.47
CA ASP F 82 -26.22 4.90 27.42
C ASP F 82 -26.83 5.16 28.80
N LEU F 83 -26.25 4.58 29.85
CA LEU F 83 -26.75 4.88 31.19
C LEU F 83 -26.52 6.35 31.55
N PRO F 84 -25.35 6.95 31.32
CA PRO F 84 -25.23 8.40 31.52
C PRO F 84 -26.24 9.24 30.75
N ILE F 85 -26.45 8.97 29.46
CA ILE F 85 -27.41 9.77 28.71
C ILE F 85 -28.82 9.55 29.24
N ALA F 86 -29.15 8.32 29.62
CA ALA F 86 -30.48 8.03 30.16
C ALA F 86 -30.72 8.82 31.43
N LEU F 87 -29.76 8.80 32.36
CA LEU F 87 -29.92 9.55 33.59
C LEU F 87 -29.92 11.05 33.33
N GLY F 88 -29.13 11.51 32.37
CA GLY F 88 -29.16 12.92 32.02
C GLY F 88 -30.51 13.36 31.50
N ILE F 89 -31.11 12.56 30.62
CA ILE F 89 -32.44 12.88 30.11
C ILE F 89 -33.46 12.86 31.23
N LEU F 90 -33.36 11.88 32.14
CA LEU F 90 -34.30 11.81 33.25
C LEU F 90 -34.17 13.03 34.15
N ALA F 91 -32.94 13.44 34.46
CA ALA F 91 -32.73 14.59 35.33
C ALA F 91 -33.19 15.88 34.67
N ALA F 92 -32.89 16.03 33.37
CA ALA F 92 -33.28 17.25 32.66
C ALA F 92 -34.78 17.42 32.62
N SER F 93 -35.53 16.32 32.64
CA SER F 93 -36.98 16.39 32.72
C SER F 93 -37.47 16.56 34.15
N GLU F 94 -36.56 16.66 35.12
CA GLU F 94 -36.84 16.83 36.53
C GLU F 94 -37.53 15.63 37.16
N GLN F 95 -37.58 14.50 36.46
CA GLN F 95 -38.09 13.28 37.07
C GLN F 95 -37.14 12.76 38.14
N ILE F 96 -35.84 12.91 37.94
CA ILE F 96 -34.83 12.53 38.91
C ILE F 96 -34.23 13.80 39.49
N PRO F 97 -34.36 14.06 40.80
CA PRO F 97 -33.69 15.22 41.40
C PRO F 97 -32.17 15.14 41.21
N LEU F 98 -31.62 16.14 40.54
CA LEU F 98 -30.22 16.12 40.13
C LEU F 98 -29.26 16.43 41.26
N THR F 99 -29.76 16.85 42.43
CA THR F 99 -28.86 17.24 43.51
C THR F 99 -27.99 16.09 44.00
N ASN F 100 -28.43 14.85 43.79
CA ASN F 100 -27.67 13.70 44.27
C ASN F 100 -26.53 13.32 43.33
N LEU F 101 -26.49 13.89 42.14
CA LEU F 101 -25.44 13.57 41.16
C LEU F 101 -24.14 14.30 41.44
N ALA F 102 -23.60 14.16 42.66
CA ALA F 102 -22.41 14.91 43.04
C ALA F 102 -21.14 14.19 42.58
N ASN F 103 -20.92 12.99 43.08
CA ASN F 103 -19.69 12.24 42.81
C ASN F 103 -20.00 10.83 42.34
N HIS F 104 -21.00 10.70 41.47
CA HIS F 104 -21.41 9.40 40.96
C HIS F 104 -21.08 9.29 39.48
N GLU F 105 -20.39 8.23 39.11
CA GLU F 105 -20.11 7.88 37.73
C GLU F 105 -20.92 6.66 37.34
N PHE F 106 -21.52 6.71 36.15
CA PHE F 106 -22.40 5.64 35.69
C PHE F 106 -21.85 5.04 34.40
N ILE F 107 -21.84 3.72 34.33
CA ILE F 107 -21.38 3.00 33.14
C ILE F 107 -22.32 1.82 32.91
N GLY F 108 -22.76 1.65 31.66
CA GLY F 108 -23.56 0.50 31.31
C GLY F 108 -24.52 0.72 30.16
N GLU F 109 -24.65 -0.27 29.29
CA GLU F 109 -25.63 -0.19 28.21
C GLU F 109 -26.97 -0.77 28.68
N LEU F 110 -28.05 -0.28 28.08
CA LEU F 110 -29.40 -0.59 28.52
C LEU F 110 -30.11 -1.40 27.45
N ALA F 111 -30.61 -2.57 27.83
CA ALA F 111 -31.49 -3.31 26.94
C ALA F 111 -32.84 -2.62 26.85
N LEU F 112 -33.60 -2.97 25.81
CA LEU F 112 -34.90 -2.33 25.61
C LEU F 112 -35.86 -2.60 26.75
N SER F 113 -35.60 -3.63 27.56
CA SER F 113 -36.36 -3.85 28.78
C SER F 113 -35.95 -2.91 29.90
N GLY F 114 -34.96 -2.06 29.69
CA GLY F 114 -34.41 -1.26 30.75
C GLY F 114 -33.39 -1.98 31.60
N GLU F 115 -33.06 -3.22 31.26
CA GLU F 115 -32.07 -3.97 32.00
C GLU F 115 -30.66 -3.47 31.67
N LEU F 116 -29.82 -3.39 32.70
CA LEU F 116 -28.42 -3.08 32.48
C LEU F 116 -27.66 -4.32 32.02
N ARG F 117 -26.70 -4.11 31.12
CA ARG F 117 -25.84 -5.18 30.65
C ARG F 117 -24.39 -4.71 30.71
N GLY F 118 -23.48 -5.67 30.86
CA GLY F 118 -22.10 -5.34 31.13
C GLY F 118 -21.38 -4.75 29.93
N VAL F 119 -20.17 -4.27 30.20
CA VAL F 119 -19.30 -3.71 29.18
C VAL F 119 -17.91 -4.32 29.35
N SER F 120 -17.09 -4.16 28.32
CA SER F 120 -15.74 -4.70 28.35
C SER F 120 -14.78 -3.74 29.04
N ALA F 121 -13.82 -4.31 29.77
CA ALA F 121 -12.75 -3.55 30.43
C ALA F 121 -13.31 -2.49 31.38
N ILE F 122 -14.02 -2.96 32.40
CA ILE F 122 -14.57 -2.06 33.40
C ILE F 122 -13.56 -1.72 34.49
N ILE F 123 -12.50 -2.53 34.62
CA ILE F 123 -11.59 -2.37 35.76
C ILE F 123 -10.88 -1.02 35.76
N PRO F 124 -10.33 -0.52 34.65
CA PRO F 124 -9.71 0.82 34.69
C PRO F 124 -10.66 1.91 35.13
N ALA F 125 -11.96 1.79 34.80
CA ALA F 125 -12.94 2.75 35.30
C ALA F 125 -13.03 2.69 36.82
N VAL F 126 -13.00 1.49 37.38
CA VAL F 126 -13.00 1.34 38.84
C VAL F 126 -11.75 2.01 39.43
N LEU F 127 -10.60 1.78 38.80
CA LEU F 127 -9.36 2.39 39.29
C LEU F 127 -9.44 3.91 39.27
N ALA F 128 -9.91 4.48 38.16
CA ALA F 128 -10.01 5.93 38.05
C ALA F 128 -11.00 6.49 39.07
N ALA F 129 -12.15 5.83 39.24
CA ALA F 129 -13.13 6.30 40.22
C ALA F 129 -12.56 6.25 41.63
N HIS F 130 -11.84 5.19 41.96
CA HIS F 130 -11.22 5.11 43.28
C HIS F 130 -10.20 6.22 43.48
N LYS F 131 -9.38 6.48 42.45
CA LYS F 131 -8.41 7.55 42.56
C LYS F 131 -9.08 8.92 42.64
N ASP F 132 -10.31 9.06 42.15
CA ASP F 132 -11.04 10.31 42.21
C ASP F 132 -12.11 10.33 43.30
N ASN F 133 -12.13 9.33 44.18
CA ASN F 133 -13.08 9.24 45.29
C ASN F 133 -14.53 9.26 44.83
N GLN F 134 -14.80 8.84 43.60
CA GLN F 134 -16.15 8.91 43.04
C GLN F 134 -16.89 7.59 43.26
N HIS F 135 -18.16 7.71 43.64
CA HIS F 135 -19.04 6.54 43.59
C HIS F 135 -19.24 6.11 42.15
N LEU F 136 -19.27 4.80 41.94
CA LEU F 136 -19.32 4.24 40.59
C LEU F 136 -20.40 3.18 40.53
N ILE F 137 -21.40 3.39 39.69
CA ILE F 137 -22.51 2.47 39.52
C ILE F 137 -22.37 1.79 38.16
N ILE F 138 -22.27 0.47 38.16
CA ILE F 138 -22.04 -0.30 36.95
C ILE F 138 -23.07 -1.42 36.87
N ALA F 139 -23.17 -2.02 35.68
CA ALA F 139 -24.11 -3.11 35.47
C ALA F 139 -23.70 -4.33 36.30
N ASN F 140 -24.70 -5.08 36.77
CA ASN F 140 -24.44 -6.24 37.61
C ASN F 140 -23.60 -7.28 36.89
N ALA F 141 -23.67 -7.33 35.57
CA ALA F 141 -22.88 -8.30 34.82
C ALA F 141 -21.38 -8.11 35.03
N ASN F 142 -20.94 -6.90 35.36
CA ASN F 142 -19.53 -6.63 35.59
C ASN F 142 -19.12 -6.84 37.04
N ALA F 143 -20.04 -7.29 37.89
CA ALA F 143 -19.70 -7.49 39.31
C ALA F 143 -18.64 -8.57 39.48
N ALA F 144 -18.70 -9.61 38.65
CA ALA F 144 -17.73 -10.69 38.76
C ALA F 144 -16.30 -10.19 38.52
N GLU F 145 -16.13 -9.23 37.62
CA GLU F 145 -14.81 -8.67 37.38
C GLU F 145 -14.45 -7.61 38.40
N ALA F 146 -15.45 -6.84 38.86
CA ALA F 146 -15.19 -5.78 39.83
C ALA F 146 -14.80 -6.33 41.19
N SER F 147 -15.34 -7.50 41.57
CA SER F 147 -15.06 -8.07 42.88
C SER F 147 -13.60 -8.48 43.03
N LEU F 148 -12.89 -8.67 41.91
CA LEU F 148 -11.51 -9.12 41.97
C LEU F 148 -10.63 -8.15 42.74
N THR F 149 -10.98 -6.87 42.74
CA THR F 149 -10.27 -5.89 43.57
C THR F 149 -10.69 -5.92 45.02
N GLY F 150 -11.95 -6.25 45.31
CA GLY F 150 -12.46 -6.14 46.67
C GLY F 150 -12.59 -4.70 47.11
N HIS F 151 -12.44 -3.78 46.16
CA HIS F 151 -12.51 -2.36 46.45
C HIS F 151 -13.96 -1.90 46.55
N GLN F 152 -14.22 -1.03 47.52
CA GLN F 152 -15.57 -0.71 47.96
C GLN F 152 -16.14 0.46 47.14
N LYS F 153 -17.29 0.98 47.58
CA LYS F 153 -17.95 2.14 46.97
C LYS F 153 -18.46 1.84 45.56
N VAL F 154 -18.20 0.62 45.07
CA VAL F 154 -18.72 0.21 43.78
C VAL F 154 -20.10 -0.41 43.95
N PHE F 155 -21.02 -0.07 43.05
CA PHE F 155 -22.39 -0.54 43.17
C PHE F 155 -22.90 -1.07 41.84
N THR F 156 -23.56 -2.23 41.90
CA THR F 156 -23.98 -2.96 40.70
C THR F 156 -25.49 -3.06 40.69
N ALA F 157 -26.11 -2.63 39.58
CA ALA F 157 -27.55 -2.61 39.46
C ALA F 157 -28.00 -3.49 38.30
N ASN F 158 -29.28 -3.85 38.30
CA ASN F 158 -29.85 -4.73 37.29
C ASN F 158 -30.81 -4.02 36.33
N ASN F 159 -31.67 -3.14 36.83
CA ASN F 159 -32.61 -2.43 35.98
C ASN F 159 -32.55 -0.95 36.30
N LEU F 160 -33.04 -0.13 35.36
CA LEU F 160 -32.90 1.32 35.48
C LEU F 160 -33.60 1.85 36.73
N ARG F 161 -34.72 1.25 37.12
CA ARG F 161 -35.42 1.76 38.30
C ARG F 161 -34.64 1.48 39.58
N GLU F 162 -33.76 0.47 39.58
CA GLU F 162 -32.91 0.25 40.73
C GLU F 162 -31.95 1.42 40.94
N VAL F 163 -31.42 1.97 39.85
CA VAL F 163 -30.58 3.16 39.95
C VAL F 163 -31.42 4.36 40.36
N CYS F 164 -32.62 4.49 39.79
CA CYS F 164 -33.50 5.60 40.19
C CYS F 164 -33.88 5.50 41.67
N ASP F 165 -34.18 4.29 42.15
CA ASP F 165 -34.46 4.13 43.57
C ASP F 165 -33.23 4.42 44.41
N TYR F 166 -32.04 4.03 43.93
CA TYR F 166 -30.81 4.34 44.66
C TYR F 166 -30.58 5.84 44.76
N LEU F 167 -30.90 6.58 43.70
CA LEU F 167 -30.63 8.02 43.70
C LEU F 167 -31.68 8.78 44.50
N CYS F 168 -32.94 8.71 44.07
CA CYS F 168 -33.96 9.59 44.62
C CYS F 168 -34.40 9.17 46.01
N GLN F 169 -34.13 7.93 46.41
CA GLN F 169 -34.64 7.46 47.69
C GLN F 169 -33.60 6.71 48.54
N GLY F 170 -32.40 6.47 48.03
CA GLY F 170 -31.41 5.74 48.79
C GLY F 170 -31.86 4.35 49.21
N THR F 171 -32.47 3.60 48.31
CA THR F 171 -33.20 2.38 48.67
C THR F 171 -32.20 1.22 48.74
N SER F 172 -30.91 1.57 48.80
CA SER F 172 -29.81 0.62 48.84
C SER F 172 -29.74 -0.22 47.57
N LEU F 173 -28.59 -0.83 47.31
CA LEU F 173 -28.40 -1.57 46.07
C LEU F 173 -27.27 -2.58 46.30
N GLN F 174 -27.63 -3.87 46.28
CA GLN F 174 -26.67 -4.92 46.59
C GLN F 174 -25.48 -4.86 45.64
N SER F 175 -24.29 -5.09 46.19
CA SER F 175 -23.08 -4.79 45.43
C SER F 175 -21.90 -5.61 45.92
N LEU F 176 -21.02 -5.99 44.98
CA LEU F 176 -19.65 -6.44 45.20
C LEU F 176 -19.55 -7.56 46.22
N PRO F 177 -19.87 -8.80 45.84
CA PRO F 177 -19.72 -9.93 46.77
C PRO F 177 -18.28 -10.08 47.24
N PRO F 178 -18.07 -10.42 48.52
CA PRO F 178 -16.71 -10.65 49.04
C PRO F 178 -16.15 -12.00 48.60
N LYS F 179 -15.56 -12.01 47.40
CA LYS F 179 -15.11 -13.23 46.74
C LYS F 179 -13.63 -13.11 46.39
N PRO F 180 -12.74 -13.30 47.37
CA PRO F 180 -11.29 -13.22 47.14
C PRO F 180 -10.77 -14.44 46.39
N GLU F 188 0.75 -18.36 54.35
CA GLU F 188 1.24 -19.30 53.36
C GLU F 188 2.66 -18.93 52.94
N LEU F 189 3.47 -19.95 52.69
CA LEU F 189 4.87 -19.78 52.29
C LEU F 189 5.62 -18.91 53.29
N ASP F 190 5.51 -19.28 54.56
CA ASP F 190 6.16 -18.51 55.63
C ASP F 190 7.68 -18.53 55.46
N TRP F 191 8.32 -17.46 55.91
CA TRP F 191 9.76 -17.32 55.75
C TRP F 191 10.53 -18.48 56.38
N SER F 192 9.97 -19.09 57.42
CA SER F 192 10.67 -20.17 58.13
C SER F 192 10.85 -21.41 57.26
N ASP F 193 10.09 -21.55 56.17
CA ASP F 193 10.20 -22.73 55.34
C ASP F 193 11.52 -22.79 54.57
N ILE F 194 12.31 -21.71 54.58
CA ILE F 194 13.66 -21.74 54.02
C ILE F 194 14.57 -22.30 55.10
N LYS F 195 14.69 -23.62 55.15
CA LYS F 195 15.31 -24.27 56.29
C LYS F 195 16.84 -24.20 56.20
N GLY F 196 17.45 -23.56 57.20
CA GLY F 196 18.88 -23.67 57.41
C GLY F 196 19.76 -22.89 56.46
N GLN F 197 19.21 -22.02 55.62
CA GLN F 197 20.04 -21.29 54.67
C GLN F 197 20.83 -20.15 55.31
N GLN F 198 20.39 -19.67 56.49
CA GLN F 198 21.14 -18.70 57.27
C GLN F 198 21.46 -17.42 56.50
N HIS F 199 22.74 -17.28 56.11
CA HIS F 199 23.27 -16.02 55.60
C HIS F 199 22.43 -15.47 54.44
N ALA F 200 22.05 -16.33 53.49
CA ALA F 200 21.29 -15.87 52.33
C ALA F 200 19.95 -15.29 52.73
N LYS F 201 19.35 -15.78 53.81
CA LYS F 201 18.08 -15.24 54.27
C LYS F 201 18.21 -13.78 54.68
N ASN F 202 19.25 -13.46 55.47
CA ASN F 202 19.46 -12.09 55.88
C ASN F 202 19.88 -11.21 54.71
N ALA F 203 20.65 -11.76 53.77
CA ALA F 203 20.97 -11.00 52.56
C ALA F 203 19.70 -10.63 51.79
N MET F 204 18.79 -11.59 51.66
CA MET F 204 17.51 -11.32 51.01
C MET F 204 16.71 -10.30 51.79
N VAL F 205 16.79 -10.34 53.13
CA VAL F 205 16.08 -9.38 53.94
C VAL F 205 16.58 -7.97 53.69
N ILE F 206 17.91 -7.79 53.69
CA ILE F 206 18.45 -6.44 53.48
C ILE F 206 18.15 -5.97 52.07
N ALA F 207 18.14 -6.89 51.09
CA ALA F 207 17.73 -6.53 49.75
C ALA F 207 16.28 -6.08 49.72
N ALA F 208 15.42 -6.75 50.50
CA ALA F 208 14.01 -6.37 50.54
C ALA F 208 13.81 -5.00 51.16
N CYS F 209 14.55 -4.67 52.23
CA CYS F 209 14.41 -3.35 52.82
C CYS F 209 15.05 -2.26 51.97
N GLY F 210 16.13 -2.56 51.26
CA GLY F 210 16.79 -1.56 50.46
C GLY F 210 16.28 -1.46 49.04
N GLY F 211 15.38 -2.35 48.65
CA GLY F 211 14.91 -2.38 47.28
C GLY F 211 15.95 -2.82 46.28
N HIS F 212 17.01 -3.47 46.75
CA HIS F 212 18.10 -3.88 45.87
C HIS F 212 17.67 -5.04 44.98
N SER F 213 18.12 -5.01 43.73
CA SER F 213 18.02 -6.18 42.88
C SER F 213 19.10 -7.18 43.27
N ILE F 214 18.73 -8.44 43.41
CA ILE F 214 19.60 -9.45 43.99
C ILE F 214 19.76 -10.60 43.01
N LEU F 215 21.01 -11.01 42.79
CA LEU F 215 21.34 -12.15 41.94
C LEU F 215 21.64 -13.36 42.81
N LEU F 216 21.07 -14.49 42.46
CA LEU F 216 21.24 -15.74 43.22
C LEU F 216 22.10 -16.70 42.41
N SER F 217 23.05 -17.35 43.08
CA SER F 217 23.94 -18.32 42.45
C SER F 217 23.91 -19.62 43.22
N GLY F 218 23.96 -20.73 42.50
CA GLY F 218 23.94 -22.04 43.12
C GLY F 218 23.54 -23.11 42.13
N ALA F 219 23.54 -24.35 42.61
CA ALA F 219 23.16 -25.47 41.78
C ALA F 219 21.67 -25.41 41.44
N PRO F 220 21.30 -25.80 40.22
CA PRO F 220 19.88 -25.75 39.83
C PRO F 220 19.05 -26.75 40.62
N GLY F 221 17.78 -26.39 40.84
CA GLY F 221 16.83 -27.28 41.48
C GLY F 221 16.97 -27.36 42.99
N SER F 222 18.22 -27.33 43.45
CA SER F 222 18.56 -27.47 44.86
C SER F 222 18.75 -26.13 45.56
N GLY F 223 17.98 -25.11 45.20
CA GLY F 223 18.39 -23.75 45.48
C GLY F 223 17.43 -22.68 45.03
N LYS F 224 17.95 -21.75 44.23
CA LYS F 224 17.36 -20.42 43.99
C LYS F 224 15.83 -20.39 43.97
N THR F 225 15.20 -21.36 43.30
CA THR F 225 13.75 -21.37 43.21
C THR F 225 13.09 -21.49 44.57
N MET F 226 13.72 -22.19 45.51
CA MET F 226 13.10 -22.41 46.82
C MET F 226 12.88 -21.10 47.57
N MET F 227 13.79 -20.14 47.43
CA MET F 227 13.72 -18.90 48.18
C MET F 227 13.24 -17.71 47.35
N ALA F 228 13.40 -17.76 46.03
CA ALA F 228 13.00 -16.64 45.19
C ALA F 228 11.49 -16.40 45.28
N LYS F 229 10.70 -17.49 45.27
CA LYS F 229 9.26 -17.33 45.42
C LYS F 229 8.91 -16.89 46.84
N ARG F 230 9.66 -17.38 47.83
CA ARG F 230 9.41 -16.99 49.22
C ARG F 230 9.68 -15.50 49.45
N PHE F 231 10.54 -14.91 48.62
CA PHE F 231 10.88 -13.50 48.78
C PHE F 231 9.65 -12.61 48.75
N SER F 232 8.60 -13.03 48.03
CA SER F 232 7.47 -12.16 47.76
C SER F 232 6.73 -11.69 49.02
N THR F 233 6.68 -12.52 50.07
CA THR F 233 5.88 -12.17 51.24
C THR F 233 6.54 -11.12 52.12
N LEU F 234 7.83 -10.85 51.93
CA LEU F 234 8.50 -9.86 52.77
C LEU F 234 8.03 -8.44 52.47
N LEU F 235 7.67 -8.14 51.23
CA LEU F 235 7.30 -6.79 50.86
C LEU F 235 5.99 -6.39 51.54
N PRO F 236 5.86 -5.12 51.93
CA PRO F 236 4.64 -4.67 52.58
C PRO F 236 3.46 -4.72 51.63
N GLU F 237 2.27 -4.92 52.20
CA GLU F 237 1.05 -4.88 51.42
C GLU F 237 0.87 -3.51 50.77
N LEU F 238 0.48 -3.51 49.50
CA LEU F 238 0.24 -2.26 48.80
C LEU F 238 -1.12 -1.68 49.18
N SER F 239 -1.23 -0.37 49.02
CA SER F 239 -2.50 0.31 49.26
C SER F 239 -3.51 -0.03 48.17
N GLU F 240 -4.73 0.49 48.34
CA GLU F 240 -5.80 0.19 47.39
C GLU F 240 -5.47 0.69 45.99
N THR F 241 -4.89 1.89 45.89
CA THR F 241 -4.55 2.44 44.57
C THR F 241 -3.54 1.56 43.86
N GLN F 242 -2.50 1.12 44.57
CA GLN F 242 -1.46 0.32 43.94
C GLN F 242 -1.97 -1.07 43.56
N ALA F 243 -2.84 -1.66 44.38
CA ALA F 243 -3.45 -2.94 44.03
C ALA F 243 -4.35 -2.79 42.81
N LEU F 244 -5.13 -1.71 42.76
CA LEU F 244 -6.02 -1.50 41.62
C LEU F 244 -5.23 -1.21 40.36
N GLU F 245 -4.03 -0.63 40.47
CA GLU F 245 -3.18 -0.50 39.29
C GLU F 245 -2.79 -1.86 38.74
N CYS F 246 -2.45 -2.81 39.62
CA CYS F 246 -2.16 -4.16 39.18
C CYS F 246 -3.39 -4.81 38.55
N ALA F 247 -4.57 -4.56 39.13
CA ALA F 247 -5.80 -5.07 38.56
C ALA F 247 -6.04 -4.51 37.16
N ALA F 248 -5.75 -3.21 36.97
CA ALA F 248 -5.92 -2.60 35.66
C ALA F 248 -4.95 -3.19 34.65
N ILE F 249 -3.70 -3.40 35.05
CA ILE F 249 -2.74 -3.99 34.12
C ILE F 249 -3.11 -5.44 33.83
N ASN F 250 -3.80 -6.10 34.76
CA ASN F 250 -4.33 -7.44 34.49
C ASN F 250 -5.48 -7.38 33.48
N SER F 251 -6.34 -6.36 33.60
CA SER F 251 -7.57 -6.33 32.83
C SER F 251 -7.32 -6.22 31.33
N ILE F 252 -6.22 -5.60 30.93
CA ILE F 252 -5.92 -5.48 29.50
C ILE F 252 -5.62 -6.85 28.90
N ARG F 253 -4.94 -7.71 29.64
CA ARG F 253 -4.70 -9.07 29.15
C ARG F 253 -6.00 -9.86 29.04
N GLY F 254 -6.87 -9.73 30.02
CA GLY F 254 -8.21 -10.29 29.92
C GLY F 254 -8.37 -11.58 30.71
N LYS F 255 -9.52 -11.70 31.37
CA LYS F 255 -9.99 -12.89 32.08
C LYS F 255 -9.10 -13.36 33.23
N LEU F 256 -9.74 -13.63 34.36
CA LEU F 256 -9.15 -14.36 35.47
C LEU F 256 -10.22 -15.25 36.09
N PRO F 257 -9.97 -16.57 36.19
CA PRO F 257 -10.94 -17.41 36.90
C PRO F 257 -11.10 -17.03 38.36
N ASP F 258 -10.03 -16.53 38.98
CA ASP F 258 -10.07 -15.90 40.29
C ASP F 258 -8.89 -14.96 40.36
N PHE F 259 -9.02 -13.91 41.15
CA PHE F 259 -7.91 -12.96 41.29
C PHE F 259 -6.71 -13.68 41.89
N ARG F 260 -5.52 -13.35 41.38
CA ARG F 260 -4.32 -14.11 41.73
C ARG F 260 -4.10 -14.15 43.23
N GLU F 261 -4.15 -12.99 43.89
CA GLU F 261 -4.00 -12.96 45.33
C GLU F 261 -4.86 -11.86 45.95
N TRP F 262 -4.20 -10.82 46.43
CA TRP F 262 -4.83 -9.76 47.22
C TRP F 262 -3.88 -8.57 47.11
N ARG F 263 -3.95 -7.63 48.04
CA ARG F 263 -3.00 -6.52 47.97
C ARG F 263 -1.54 -6.96 48.19
N LEU F 264 -1.30 -8.26 48.30
CA LEU F 264 0.05 -8.78 48.32
C LEU F 264 0.74 -8.50 46.98
N PRO F 265 2.05 -8.24 46.98
CA PRO F 265 2.74 -7.82 45.75
C PRO F 265 2.88 -8.96 44.77
N PRO F 266 2.54 -8.74 43.50
CA PRO F 266 2.57 -9.84 42.52
C PRO F 266 3.97 -10.38 42.31
N PHE F 267 4.03 -11.67 41.97
CA PHE F 267 5.26 -12.36 41.63
C PHE F 267 5.11 -12.93 40.23
N ARG F 268 6.05 -12.58 39.34
CA ARG F 268 6.03 -13.07 37.97
C ARG F 268 7.38 -13.67 37.65
N ALA F 269 7.39 -14.70 36.80
CA ALA F 269 8.61 -15.40 36.43
C ALA F 269 8.46 -15.99 35.04
N PRO F 270 8.70 -15.20 33.99
CA PRO F 270 8.70 -15.75 32.63
C PRO F 270 9.78 -16.81 32.49
N HIS F 271 9.45 -17.87 31.76
CA HIS F 271 10.37 -18.99 31.62
C HIS F 271 11.56 -18.60 30.75
N HIS F 272 12.66 -19.34 30.91
CA HIS F 272 13.97 -18.84 30.52
C HIS F 272 14.13 -18.62 29.00
N THR F 273 13.24 -19.14 28.17
CA THR F 273 13.29 -18.82 26.73
C THR F 273 12.35 -17.65 26.45
N ALA F 274 11.07 -17.84 26.70
CA ALA F 274 10.01 -16.85 26.50
C ALA F 274 10.12 -16.26 25.10
N SER F 275 9.63 -15.04 24.90
CA SER F 275 9.69 -14.36 23.62
C SER F 275 9.70 -12.86 23.90
N PRO F 276 10.49 -12.09 23.14
CA PRO F 276 10.61 -10.65 23.45
C PRO F 276 9.29 -9.90 23.42
N VAL F 277 8.39 -10.23 22.50
CA VAL F 277 7.12 -9.53 22.41
C VAL F 277 6.21 -9.84 23.60
N ALA F 278 6.37 -11.01 24.22
CA ALA F 278 5.55 -11.37 25.38
C ALA F 278 6.18 -10.92 26.69
N LEU F 279 7.50 -11.03 26.81
CA LEU F 279 8.18 -10.60 28.02
C LEU F 279 8.21 -9.08 28.13
N VAL F 280 8.51 -8.39 27.03
CA VAL F 280 8.68 -6.95 27.01
C VAL F 280 7.64 -6.35 26.08
N GLY F 281 6.84 -5.43 26.61
CA GLY F 281 5.90 -4.70 25.78
C GLY F 281 4.87 -5.60 25.12
N GLY F 282 4.49 -5.24 23.90
CA GLY F 282 3.52 -6.00 23.15
C GLY F 282 3.70 -5.78 21.66
N GLY F 283 2.92 -6.52 20.88
CA GLY F 283 2.98 -6.46 19.43
C GLY F 283 2.25 -5.26 18.87
N ASN F 284 1.69 -5.45 17.66
CA ASN F 284 0.93 -4.37 17.03
C ASN F 284 -0.25 -3.91 17.88
N PRO F 285 -1.10 -4.79 18.42
CA PRO F 285 -2.04 -4.36 19.44
C PRO F 285 -1.32 -4.15 20.76
N PRO F 286 -1.60 -3.06 21.47
CA PRO F 286 -0.93 -2.82 22.75
C PRO F 286 -1.24 -3.92 23.76
N LYS F 287 -0.19 -4.47 24.35
CA LYS F 287 -0.31 -5.54 25.34
C LYS F 287 0.70 -5.32 26.45
N PRO F 288 0.27 -5.38 27.71
CA PRO F 288 1.22 -5.26 28.82
C PRO F 288 2.13 -6.47 28.91
N GLY F 289 3.43 -6.26 28.70
CA GLY F 289 4.37 -7.36 28.74
C GLY F 289 4.55 -7.91 30.13
N GLU F 290 5.16 -9.10 30.19
CA GLU F 290 5.45 -9.73 31.48
C GLU F 290 6.32 -8.84 32.35
N ILE F 291 7.11 -7.96 31.72
CA ILE F 291 7.89 -6.97 32.44
C ILE F 291 6.99 -6.04 33.25
N SER F 292 5.77 -5.80 32.77
CA SER F 292 4.88 -4.84 33.40
C SER F 292 3.92 -5.47 34.40
N LEU F 293 3.64 -6.77 34.26
CA LEU F 293 2.76 -7.42 35.22
C LEU F 293 3.37 -7.47 36.62
N ALA F 294 4.69 -7.35 36.73
CA ALA F 294 5.37 -7.28 38.01
C ALA F 294 5.31 -5.89 38.64
N HIS F 295 4.44 -5.01 38.14
CA HIS F 295 4.29 -3.68 38.71
C HIS F 295 3.91 -3.78 40.18
N HIS F 296 4.56 -2.95 41.01
CA HIS F 296 4.43 -3.02 42.47
C HIS F 296 4.72 -4.43 42.98
N GLY F 297 5.70 -5.10 42.41
CA GLY F 297 5.98 -6.47 42.76
C GLY F 297 7.42 -6.86 42.54
N VAL F 298 7.64 -8.17 42.34
CA VAL F 298 8.96 -8.74 42.20
C VAL F 298 9.01 -9.55 40.91
N LEU F 299 10.14 -9.48 40.22
CA LEU F 299 10.36 -10.21 38.98
C LEU F 299 11.45 -11.25 39.20
N PHE F 300 11.23 -12.48 38.74
CA PHE F 300 12.20 -13.56 38.84
C PHE F 300 12.69 -13.93 37.45
N LEU F 301 13.99 -13.77 37.23
CA LEU F 301 14.64 -14.16 35.98
C LEU F 301 15.50 -15.39 36.27
N ASP F 302 14.90 -16.56 36.16
CA ASP F 302 15.61 -17.81 36.42
C ASP F 302 16.61 -18.10 35.31
N GLU F 303 17.81 -18.51 35.70
CA GLU F 303 18.89 -18.88 34.76
C GLU F 303 19.11 -17.78 33.72
N LEU F 304 19.60 -16.65 34.23
CA LEU F 304 19.77 -15.45 33.42
C LEU F 304 20.54 -15.66 32.11
N PRO F 305 21.65 -16.39 32.05
CA PRO F 305 22.40 -16.47 30.79
C PRO F 305 21.59 -16.99 29.61
N GLU F 306 20.55 -17.79 29.86
CA GLU F 306 19.75 -18.34 28.79
C GLU F 306 18.94 -17.28 28.04
N PHE F 307 18.69 -16.14 28.66
CA PHE F 307 17.90 -15.09 28.01
C PHE F 307 18.69 -14.45 26.88
N ASN F 308 17.96 -13.98 25.87
CA ASN F 308 18.58 -13.24 24.78
C ASN F 308 19.03 -11.87 25.27
N ARG F 309 20.14 -11.39 24.70
CA ARG F 309 20.77 -10.16 25.19
C ARG F 309 19.91 -8.94 24.93
N GLN F 310 19.15 -8.95 23.83
CA GLN F 310 18.39 -7.76 23.45
C GLN F 310 17.32 -7.44 24.49
N VAL F 311 16.66 -8.47 25.04
CA VAL F 311 15.62 -8.25 26.04
C VAL F 311 16.23 -7.62 27.30
N LEU F 312 17.34 -8.19 27.77
CA LEU F 312 17.97 -7.65 28.97
C LEU F 312 18.50 -6.24 28.75
N GLU F 313 18.97 -5.95 27.54
CA GLU F 313 19.36 -4.57 27.22
C GLU F 313 18.15 -3.65 27.26
N THR F 314 17.01 -4.10 26.74
CA THR F 314 15.79 -3.30 26.80
C THR F 314 15.29 -3.11 28.22
N LEU F 315 15.64 -4.01 29.13
CA LEU F 315 15.27 -3.86 30.53
C LEU F 315 15.91 -2.64 31.18
N ARG F 316 16.92 -2.04 30.55
CA ARG F 316 17.66 -0.95 31.19
C ARG F 316 16.74 0.22 31.53
N GLU F 317 15.99 0.72 30.55
CA GLU F 317 15.19 1.92 30.76
C GLU F 317 14.11 1.75 31.81
N PRO F 318 13.30 0.68 31.82
CA PRO F 318 12.31 0.56 32.89
C PRO F 318 12.92 0.45 34.27
N LEU F 319 14.10 -0.15 34.39
CA LEU F 319 14.74 -0.24 35.69
C LEU F 319 15.07 1.13 36.26
N GLU F 320 15.58 2.03 35.41
CA GLU F 320 15.95 3.35 35.87
C GLU F 320 14.73 4.25 36.08
N SER F 321 13.79 4.24 35.13
CA SER F 321 12.70 5.21 35.14
C SER F 321 11.41 4.68 35.74
N GLY F 322 11.32 3.38 36.03
CA GLY F 322 10.09 2.82 36.54
C GLY F 322 8.98 2.67 35.53
N HIS F 323 9.25 2.97 34.26
CA HIS F 323 8.25 2.85 33.21
C HIS F 323 8.95 2.47 31.91
N ILE F 324 8.19 1.81 31.03
CA ILE F 324 8.70 1.29 29.77
C ILE F 324 8.15 2.12 28.63
N CYS F 325 9.03 2.53 27.71
CA CYS F 325 8.66 3.27 26.53
C CYS F 325 8.74 2.34 25.32
N ILE F 326 7.60 2.07 24.69
CA ILE F 326 7.53 1.27 23.48
C ILE F 326 6.64 2.00 22.48
N SER F 327 7.07 2.00 21.22
CA SER F 327 6.38 2.82 20.22
C SER F 327 6.28 2.07 18.90
N ARG F 328 5.31 2.49 18.11
CA ARG F 328 5.07 2.02 16.75
C ARG F 328 5.03 3.23 15.83
N ALA F 329 4.52 3.07 14.61
CA ALA F 329 4.23 4.24 13.79
C ALA F 329 3.30 5.20 14.52
N ALA F 330 2.44 4.68 15.40
CA ALA F 330 1.62 5.52 16.26
C ALA F 330 2.41 5.99 17.48
N ALA F 331 1.73 6.73 18.36
CA ALA F 331 2.37 7.28 19.54
C ALA F 331 2.78 6.17 20.50
N GLN F 332 3.79 6.48 21.33
CA GLN F 332 4.30 5.51 22.29
C GLN F 332 3.32 5.31 23.44
N ILE F 333 3.53 4.22 24.19
CA ILE F 333 2.65 3.83 25.28
C ILE F 333 3.42 3.88 26.59
N GLU F 334 2.81 4.47 27.61
CA GLU F 334 3.43 4.67 28.92
C GLU F 334 3.04 3.58 29.92
N PHE F 335 3.40 2.33 29.65
CA PHE F 335 3.08 1.25 30.57
C PHE F 335 3.97 1.33 31.82
N PRO F 336 3.39 1.19 33.01
CA PRO F 336 4.21 1.22 34.24
C PRO F 336 5.12 0.01 34.35
N ALA F 337 6.29 0.21 34.96
CA ALA F 337 7.25 -0.88 35.13
C ALA F 337 7.91 -0.78 36.51
N LYS F 338 7.14 -0.51 37.55
CA LYS F 338 7.66 -0.40 38.91
C LYS F 338 7.81 -1.80 39.50
N PHE F 339 9.01 -2.36 39.39
CA PHE F 339 9.25 -3.73 39.83
C PHE F 339 10.64 -3.87 40.44
N GLN F 340 10.80 -4.94 41.21
CA GLN F 340 12.09 -5.35 41.75
C GLN F 340 12.56 -6.62 41.05
N LEU F 341 13.85 -6.72 40.79
CA LEU F 341 14.41 -7.77 39.94
C LEU F 341 15.19 -8.78 40.77
N ILE F 342 14.93 -10.07 40.53
CA ILE F 342 15.70 -11.16 41.07
C ILE F 342 16.15 -12.05 39.92
N ALA F 343 17.43 -12.44 39.93
CA ALA F 343 18.02 -13.23 38.86
C ALA F 343 18.72 -14.46 39.44
N ALA F 344 18.97 -15.43 38.58
CA ALA F 344 19.54 -16.70 38.99
C ALA F 344 20.70 -17.08 38.08
N MET F 345 21.65 -17.84 38.63
CA MET F 345 22.81 -18.28 37.88
C MET F 345 23.40 -19.52 38.54
N ASN F 346 24.18 -20.26 37.76
CA ASN F 346 24.88 -21.45 38.22
C ASN F 346 26.36 -21.38 37.89
N PRO F 347 27.23 -21.92 38.74
CA PRO F 347 28.67 -21.68 38.60
C PRO F 347 29.36 -22.52 37.55
N CYS F 348 28.63 -23.33 36.76
CA CYS F 348 29.20 -24.13 35.68
C CYS F 348 30.14 -25.14 36.36
N PRO F 349 30.97 -25.90 35.62
CA PRO F 349 31.98 -26.54 36.47
C PRO F 349 33.17 -25.63 36.73
N PRO F 364 38.38 -27.21 32.59
CA PRO F 364 38.17 -26.81 31.20
C PRO F 364 37.93 -25.31 31.05
N ASP F 365 38.33 -24.76 29.90
CA ASP F 365 38.17 -23.34 29.63
C ASP F 365 36.73 -22.95 29.31
N ARG F 366 35.78 -23.89 29.43
CA ARG F 366 34.38 -23.58 29.19
C ARG F 366 33.87 -22.46 30.10
N ILE F 367 34.46 -22.32 31.29
CA ILE F 367 34.06 -21.26 32.22
C ILE F 367 34.30 -19.89 31.60
N SER F 368 35.47 -19.73 30.97
CA SER F 368 35.84 -18.44 30.38
C SER F 368 34.85 -18.01 29.31
N ARG F 369 34.33 -18.96 28.54
CA ARG F 369 33.32 -18.64 27.54
C ARG F 369 31.96 -18.41 28.18
N TYR F 370 31.60 -19.25 29.16
CA TYR F 370 30.27 -19.20 29.74
C TYR F 370 30.03 -17.88 30.47
N LEU F 371 31.06 -17.36 31.14
CA LEU F 371 30.90 -16.10 31.85
C LEU F 371 30.56 -14.95 30.90
N ALA F 372 30.90 -15.09 29.62
CA ALA F 372 30.70 -14.01 28.67
C ALA F 372 29.24 -13.85 28.22
N LYS F 373 28.44 -14.92 28.25
CA LYS F 373 27.07 -14.82 27.74
C LYS F 373 26.22 -13.85 28.54
N LEU F 374 26.54 -13.62 29.80
CA LEU F 374 25.77 -12.68 30.61
C LEU F 374 25.83 -11.29 30.02
N SER F 375 24.70 -10.59 30.06
CA SER F 375 24.63 -9.21 29.57
C SER F 375 25.36 -8.31 30.54
N ALA F 376 26.51 -7.80 30.12
CA ALA F 376 27.30 -6.91 30.97
C ALA F 376 26.53 -5.69 31.47
N PRO F 377 25.72 -4.99 30.67
CA PRO F 377 24.99 -3.83 31.21
C PRO F 377 24.03 -4.18 32.34
N LEU F 378 23.53 -5.41 32.40
CA LEU F 378 22.64 -5.81 33.48
C LEU F 378 23.41 -6.31 34.70
N LEU F 379 24.49 -7.05 34.47
CA LEU F 379 25.33 -7.49 35.59
C LEU F 379 25.94 -6.29 36.30
N ASP F 380 26.40 -5.29 35.55
CA ASP F 380 26.93 -4.07 36.15
C ASP F 380 25.86 -3.28 36.91
N ARG F 381 24.58 -3.58 36.68
CA ARG F 381 23.49 -2.86 37.31
C ARG F 381 22.87 -3.60 38.49
N ILE F 382 22.99 -4.92 38.53
CA ILE F 382 22.41 -5.69 39.64
C ILE F 382 23.18 -5.37 40.91
N ASP F 383 22.43 -5.03 41.97
CA ASP F 383 23.07 -4.55 43.19
C ASP F 383 23.68 -5.67 44.02
N MET F 384 23.02 -6.82 44.09
CA MET F 384 23.30 -7.82 45.10
C MET F 384 23.57 -9.17 44.47
N GLN F 385 24.46 -9.95 45.10
CA GLN F 385 24.71 -11.33 44.71
C GLN F 385 25.15 -12.11 45.94
N VAL F 386 24.93 -13.42 45.90
CA VAL F 386 25.23 -14.28 47.04
C VAL F 386 25.32 -15.72 46.55
N THR F 387 26.26 -16.47 47.12
CA THR F 387 26.44 -17.88 46.78
C THR F 387 25.66 -18.73 47.77
N ILE F 388 24.88 -19.68 47.27
CA ILE F 388 24.03 -20.54 48.08
C ILE F 388 24.57 -21.96 47.94
N HIS F 389 25.15 -22.47 49.02
CA HIS F 389 25.50 -23.89 49.08
C HIS F 389 24.27 -24.70 49.47
N ALA F 390 24.14 -25.88 48.89
CA ALA F 390 23.01 -26.74 49.21
C ALA F 390 23.11 -27.27 50.65
N LEU F 391 21.95 -27.64 51.19
CA LEU F 391 21.90 -28.13 52.57
C LEU F 391 22.60 -29.48 52.69
N SER F 392 23.23 -29.70 53.83
CA SER F 392 23.78 -31.01 54.15
C SER F 392 22.65 -32.00 54.44
N GLN F 393 22.92 -33.28 54.22
CA GLN F 393 21.87 -34.29 54.30
C GLN F 393 21.27 -34.38 55.69
N GLU F 394 22.11 -34.31 56.73
CA GLU F 394 21.59 -34.35 58.09
C GLU F 394 20.72 -33.14 58.41
N GLU F 395 20.94 -32.01 57.72
CA GLU F 395 20.07 -30.85 57.86
C GLU F 395 18.95 -30.88 56.83
N LEU F 396 19.20 -31.47 55.65
CA LEU F 396 18.15 -31.60 54.65
C LEU F 396 17.00 -32.47 55.17
N ILE F 397 17.33 -33.55 55.87
CA ILE F 397 16.32 -34.47 56.38
C ILE F 397 15.58 -33.89 57.59
N LYS F 398 16.19 -32.95 58.31
CA LYS F 398 15.62 -32.47 59.56
C LYS F 398 14.23 -31.89 59.34
N PRO F 399 13.24 -32.30 60.12
CA PRO F 399 11.88 -31.79 59.91
C PRO F 399 11.72 -30.36 60.39
N ASN F 400 10.69 -29.70 59.86
CA ASN F 400 10.34 -28.34 60.25
C ASN F 400 9.52 -28.34 61.55
N THR F 401 10.20 -28.66 62.65
CA THR F 401 9.51 -28.79 63.93
C THR F 401 9.08 -27.44 64.50
N HIS F 402 9.76 -26.36 64.13
CA HIS F 402 9.41 -25.03 64.64
C HIS F 402 8.10 -24.57 64.01
N LEU F 403 7.12 -24.23 64.84
CA LEU F 403 5.78 -23.91 64.36
C LEU F 403 5.50 -22.43 64.25
N GLU F 404 6.27 -21.58 64.92
CA GLU F 404 5.99 -20.15 64.93
C GLU F 404 6.46 -19.51 63.62
N LYS F 405 5.61 -18.67 63.05
CA LYS F 405 5.95 -17.98 61.81
C LYS F 405 6.79 -16.74 62.09
N GLN F 406 7.53 -16.31 61.07
CA GLN F 406 8.39 -15.14 61.21
C GLN F 406 8.29 -14.15 60.05
N SER F 407 7.49 -14.43 59.02
CA SER F 407 7.38 -13.50 57.90
C SER F 407 6.80 -12.16 58.34
N LEU F 408 5.85 -12.19 59.28
CA LEU F 408 5.18 -10.97 59.71
C LEU F 408 6.16 -9.99 60.36
N ALA F 409 7.07 -10.50 61.19
CA ALA F 409 8.04 -9.63 61.85
C ALA F 409 8.94 -8.94 60.82
N ILE F 410 9.42 -9.71 59.84
CA ILE F 410 10.27 -9.14 58.81
C ILE F 410 9.49 -8.12 57.98
N ARG F 411 8.22 -8.41 57.70
CA ARG F 411 7.40 -7.46 56.98
C ARG F 411 7.23 -6.16 57.74
N GLU F 412 7.02 -6.25 59.07
CA GLU F 412 6.93 -5.04 59.89
C GLU F 412 8.22 -4.25 59.86
N LYS F 413 9.36 -4.95 59.97
CA LYS F 413 10.65 -4.28 59.92
C LYS F 413 10.85 -3.57 58.58
N VAL F 414 10.50 -4.26 57.48
CA VAL F 414 10.66 -3.67 56.16
C VAL F 414 9.74 -2.46 55.99
N THR F 415 8.52 -2.55 56.52
CA THR F 415 7.59 -1.43 56.42
C THR F 415 8.13 -0.21 57.16
N LYS F 416 8.64 -0.42 58.38
CA LYS F 416 9.24 0.69 59.13
C LYS F 416 10.42 1.28 58.37
N MET F 417 11.30 0.42 57.84
CA MET F 417 12.48 0.88 57.13
C MET F 417 12.09 1.69 55.91
N HIS F 418 11.13 1.19 55.12
CA HIS F 418 10.69 1.90 53.92
C HIS F 418 10.06 3.23 54.27
N GLU F 419 9.25 3.27 55.33
CA GLU F 419 8.66 4.55 55.72
C GLU F 419 9.72 5.55 56.13
N ILE F 420 10.72 5.11 56.90
CA ILE F 420 11.78 6.02 57.32
C ILE F 420 12.58 6.52 56.13
N GLN F 421 12.92 5.61 55.21
CA GLN F 421 13.68 5.99 54.02
C GLN F 421 12.89 6.97 53.16
N MET F 422 11.59 6.70 52.95
CA MET F 422 10.74 7.62 52.21
C MET F 422 10.66 8.97 52.90
N ALA F 423 10.69 8.99 54.23
CA ALA F 423 10.77 10.26 54.94
C ALA F 423 12.08 10.98 54.66
N ARG F 424 13.19 10.24 54.57
CA ARG F 424 14.46 10.88 54.24
C ARG F 424 14.45 11.43 52.82
N GLN F 425 14.07 10.61 51.85
CA GLN F 425 13.86 11.05 50.48
C GLN F 425 12.97 10.05 49.78
N ASP F 426 12.36 10.48 48.68
CA ASP F 426 11.47 9.60 47.93
C ASP F 426 12.21 8.38 47.40
N SER F 427 13.47 8.54 47.00
CA SER F 427 14.24 7.44 46.44
C SER F 427 14.67 6.48 47.54
N LEU F 428 14.51 5.18 47.27
CA LEU F 428 15.06 4.16 48.16
C LEU F 428 16.56 4.02 47.93
N ASN F 429 17.22 3.31 48.84
CA ASN F 429 18.68 3.20 48.80
C ASN F 429 19.17 2.60 47.49
N ALA F 430 18.36 1.77 46.83
CA ALA F 430 18.81 1.09 45.62
C ALA F 430 19.04 2.08 44.47
N ASN F 431 18.19 3.10 44.35
CA ASN F 431 18.22 4.00 43.19
C ASN F 431 18.71 5.40 43.55
N LEU F 432 19.60 5.52 44.53
CA LEU F 432 20.16 6.81 44.88
C LEU F 432 21.20 7.26 43.86
N ASN F 433 21.19 8.55 43.54
CA ASN F 433 22.22 9.11 42.68
C ASN F 433 23.52 9.29 43.46
N SER F 434 24.62 9.46 42.72
CA SER F 434 25.94 9.38 43.33
C SER F 434 26.16 10.46 44.39
N LYS F 435 25.87 11.72 44.06
CA LYS F 435 26.14 12.80 45.00
C LYS F 435 25.27 12.68 46.25
N THR F 436 23.98 12.37 46.07
CA THR F 436 23.10 12.21 47.22
C THR F 436 23.54 11.05 48.08
N CYS F 437 23.94 9.93 47.47
CA CYS F 437 24.37 8.77 48.23
C CYS F 437 25.63 9.09 49.04
N GLU F 438 26.62 9.72 48.41
CA GLU F 438 27.82 10.09 49.16
C GLU F 438 27.53 11.15 50.22
N MET F 439 26.48 11.95 50.03
CA MET F 439 26.08 12.90 51.06
C MET F 439 25.47 12.18 52.26
N VAL F 440 24.62 11.19 52.01
CA VAL F 440 23.91 10.52 53.11
C VAL F 440 24.83 9.67 53.97
N CYS F 441 25.80 8.98 53.38
CA CYS F 441 26.74 8.17 54.15
C CYS F 441 27.86 9.06 54.65
N GLU F 442 28.09 9.02 55.97
CA GLU F 442 29.11 9.87 56.57
C GLU F 442 30.49 9.55 56.01
N LEU F 443 30.85 8.27 55.96
CA LEU F 443 32.12 7.81 55.42
C LEU F 443 33.29 8.58 56.02
N GLY F 444 33.45 8.42 57.34
CA GLY F 444 34.53 9.11 58.03
C GLY F 444 35.90 8.65 57.58
N SER F 445 36.90 9.46 57.93
CA SER F 445 38.27 9.17 57.52
C SER F 445 38.73 7.81 58.03
N GLU F 446 38.27 7.42 59.22
CA GLU F 446 38.57 6.08 59.73
C GLU F 446 37.94 5.00 58.86
N GLU F 447 36.71 5.22 58.40
CA GLU F 447 36.10 4.29 57.44
C GLU F 447 36.70 4.46 56.05
N GLN F 448 37.05 5.71 55.69
CA GLN F 448 37.58 5.98 54.36
C GLN F 448 38.92 5.29 54.14
N LEU F 449 39.76 5.23 55.17
CA LEU F 449 41.06 4.58 55.01
C LEU F 449 40.89 3.07 54.79
N PHE F 450 39.97 2.44 55.52
CA PHE F 450 39.71 1.02 55.32
C PHE F 450 39.13 0.76 53.94
N LEU F 451 38.24 1.65 53.48
CA LEU F 451 37.69 1.54 52.13
C LEU F 451 38.77 1.68 51.07
N ARG F 452 39.68 2.64 51.24
CA ARG F 452 40.80 2.77 50.32
C ARG F 452 41.68 1.52 50.36
N GLU F 453 41.86 0.95 51.55
CA GLU F 453 42.66 -0.26 51.68
C GLU F 453 42.04 -1.43 50.94
N VAL F 454 40.71 -1.59 51.06
CA VAL F 454 40.06 -2.73 50.41
C VAL F 454 40.08 -2.57 48.90
N MET F 455 39.94 -1.34 48.38
CA MET F 455 40.17 -1.25 46.94
C MET F 455 41.65 -1.28 46.57
N SER F 456 42.56 -1.12 47.54
CA SER F 456 43.95 -1.37 47.25
C SER F 456 44.21 -2.86 47.05
N LYS F 457 43.52 -3.70 47.82
CA LYS F 457 43.67 -5.15 47.62
C LYS F 457 43.13 -5.60 46.27
N LEU F 458 41.98 -5.08 45.84
CA LEU F 458 41.36 -5.53 44.60
C LEU F 458 40.73 -4.34 43.88
N LYS F 459 40.75 -4.41 42.55
CA LYS F 459 40.24 -3.33 41.72
C LYS F 459 38.71 -3.33 41.75
N LEU F 460 38.14 -2.17 42.00
CA LEU F 460 36.69 -1.98 42.00
C LEU F 460 36.30 -1.03 40.88
N SER F 461 35.31 -1.41 40.08
CA SER F 461 34.69 -0.48 39.16
C SER F 461 33.97 0.60 39.95
N ALA F 462 33.86 1.79 39.35
CA ALA F 462 33.21 2.90 40.04
C ALA F 462 31.77 2.58 40.39
N ARG F 463 31.03 1.99 39.45
CA ARG F 463 29.64 1.61 39.72
C ARG F 463 29.57 0.51 40.78
N GLY F 464 30.50 -0.44 40.74
CA GLY F 464 30.53 -1.46 41.78
C GLY F 464 30.81 -0.87 43.15
N TYR F 465 31.71 0.10 43.22
CA TYR F 465 32.00 0.77 44.48
C TYR F 465 30.78 1.53 44.99
N HIS F 466 30.05 2.19 44.08
CA HIS F 466 28.83 2.88 44.51
C HIS F 466 27.77 1.90 44.99
N ARG F 467 27.66 0.74 44.31
CA ARG F 467 26.74 -0.30 44.77
C ARG F 467 27.12 -0.77 46.18
N LEU F 468 28.42 -0.94 46.41
CA LEU F 468 28.91 -1.30 47.75
C LEU F 468 28.49 -0.25 48.76
N LEU F 469 28.62 1.03 48.40
CA LEU F 469 28.23 2.12 49.31
C LEU F 469 26.75 2.05 49.65
N LYS F 470 25.90 1.88 48.65
CA LYS F 470 24.46 1.88 48.94
C LYS F 470 24.06 0.64 49.72
N VAL F 471 24.69 -0.50 49.47
CA VAL F 471 24.43 -1.70 50.26
C VAL F 471 24.84 -1.48 51.71
N SER F 472 25.99 -0.85 51.93
CA SER F 472 26.43 -0.53 53.29
C SER F 472 25.44 0.40 53.98
N ARG F 473 24.95 1.41 53.27
CA ARG F 473 23.95 2.31 53.84
C ARG F 473 22.68 1.56 54.17
N THR F 474 22.29 0.58 53.35
CA THR F 474 21.10 -0.22 53.62
C THR F 474 21.26 -1.03 54.90
N ILE F 475 22.36 -1.76 55.04
CA ILE F 475 22.53 -2.60 56.23
C ILE F 475 22.68 -1.70 57.45
N ALA F 476 23.27 -0.51 57.29
CA ALA F 476 23.28 0.46 58.38
C ALA F 476 21.87 0.84 58.78
N ASP F 477 21.01 1.09 57.80
CA ASP F 477 19.63 1.47 58.09
C ASP F 477 18.91 0.38 58.85
N MET F 478 19.10 -0.88 58.45
CA MET F 478 18.43 -1.97 59.14
C MET F 478 18.80 -2.02 60.62
N ASN F 479 20.08 -1.80 60.93
CA ASN F 479 20.53 -1.81 62.32
C ASN F 479 20.19 -0.52 63.07
N SER F 480 19.32 0.31 62.50
CA SER F 480 18.81 1.53 63.13
C SER F 480 19.89 2.56 63.44
N SER F 481 21.09 2.38 62.90
CA SER F 481 22.15 3.36 63.12
C SER F 481 21.88 4.61 62.28
N LYS F 482 22.01 5.78 62.91
CA LYS F 482 21.80 7.03 62.19
C LYS F 482 22.88 7.29 61.14
N LYS F 483 24.08 6.77 61.34
CA LYS F 483 25.19 6.94 60.40
C LYS F 483 25.93 5.61 60.27
N VAL F 484 26.73 5.52 59.19
CA VAL F 484 27.37 4.25 58.85
C VAL F 484 28.57 4.00 59.75
N LEU F 485 29.03 2.74 59.74
CA LEU F 485 30.18 2.30 60.51
C LEU F 485 30.92 1.23 59.73
N LEU F 486 32.19 1.04 60.08
CA LEU F 486 33.02 0.04 59.42
C LEU F 486 32.41 -1.36 59.48
N ASN F 487 31.64 -1.65 60.53
CA ASN F 487 30.91 -2.90 60.59
C ASN F 487 30.02 -3.07 59.37
N HIS F 488 29.28 -2.01 59.03
CA HIS F 488 28.46 -2.02 57.83
C HIS F 488 29.31 -2.20 56.59
N LEU F 489 30.55 -1.71 56.61
CA LEU F 489 31.39 -1.83 55.43
C LEU F 489 31.84 -3.27 55.18
N GLN F 490 32.32 -3.97 56.21
CA GLN F 490 32.68 -5.37 55.94
C GLN F 490 31.44 -6.22 55.74
N GLN F 491 30.30 -5.80 56.31
CA GLN F 491 29.04 -6.45 55.94
C GLN F 491 28.79 -6.34 54.44
N ALA F 492 28.94 -5.13 53.90
CA ALA F 492 28.75 -4.94 52.46
C ALA F 492 29.74 -5.77 51.66
N LEU F 493 31.00 -5.82 52.10
CA LEU F 493 31.98 -6.65 51.43
C LEU F 493 31.57 -8.12 51.44
N SER F 494 30.95 -8.58 52.53
CA SER F 494 30.51 -9.96 52.60
C SER F 494 29.45 -10.26 51.54
N TYR F 495 28.57 -9.32 51.28
CA TYR F 495 27.58 -9.44 50.22
C TYR F 495 28.11 -9.02 48.86
N LYS F 496 29.43 -8.97 48.71
CA LYS F 496 30.05 -8.45 47.50
C LYS F 496 31.05 -9.48 46.99
N GLN F 497 31.91 -9.06 46.06
CA GLN F 497 32.75 -9.91 45.21
C GLN F 497 31.86 -10.64 44.22
N ASN F 498 32.27 -10.65 42.95
CA ASN F 498 31.42 -11.15 41.87
C ASN F 498 32.22 -12.07 40.97
N LEU F 499 31.52 -13.03 40.37
CA LEU F 499 32.10 -13.98 39.43
C LEU F 499 33.25 -14.76 40.03
N HIS F 500 33.96 -15.53 39.21
CA HIS F 500 35.09 -16.32 39.69
C HIS F 500 36.04 -16.66 38.54
PG ANP G . 6.81 -32.29 -4.64
O1G ANP G . 6.62 -33.50 -5.50
O2G ANP G . 5.53 -32.06 -3.75
O3G ANP G . 7.04 -31.03 -5.57
PB ANP G . 9.43 -33.12 -4.58
O1B ANP G . 9.47 -32.42 -5.90
O2B ANP G . 10.78 -32.89 -3.84
N3B ANP G . 8.17 -32.51 -3.66
PA ANP G . 8.78 -35.54 -3.59
O1A ANP G . 9.06 -34.87 -2.30
O2A ANP G . 9.50 -36.88 -3.76
O3A ANP G . 9.23 -34.64 -4.80
O5' ANP G . 7.21 -35.68 -3.74
C5' ANP G . 6.61 -36.96 -4.04
C4' ANP G . 6.84 -37.29 -5.49
O4' ANP G . 8.03 -38.10 -5.61
C3' ANP G . 5.73 -38.09 -6.16
O3' ANP G . 5.68 -37.83 -7.55
C2' ANP G . 6.15 -39.53 -5.87
O2' ANP G . 5.65 -40.43 -6.85
C1' ANP G . 7.67 -39.43 -5.96
N9 ANP G . 8.39 -40.33 -5.06
C8 ANP G . 9.27 -39.99 -4.08
N7 ANP G . 9.76 -41.00 -3.41
C5 ANP G . 9.15 -42.10 -3.98
C6 ANP G . 9.23 -43.48 -3.73
N6 ANP G . 10.01 -44.01 -2.79
N1 ANP G . 8.48 -44.31 -4.49
C2 ANP G . 7.71 -43.79 -5.44
N3 ANP G . 7.54 -42.50 -5.77
C4 ANP G . 8.29 -41.70 -5.00
PG ANP H . 11.25 -19.20 -32.68
O1G ANP H . 11.16 -19.17 -31.18
O2G ANP H . 12.67 -19.72 -33.11
O3G ANP H . 11.04 -17.74 -33.25
PB ANP H . 9.69 -19.76 -34.86
O1B ANP H . 10.94 -19.44 -35.59
O2B ANP H . 8.78 -18.48 -34.81
N3B ANP H . 10.06 -20.23 -33.29
PA ANP H . 9.69 -22.23 -35.95
O1A ANP H . 11.01 -22.28 -35.31
O2A ANP H . 8.75 -23.39 -35.60
O3A ANP H . 8.92 -20.89 -35.60
O5' ANP H . 9.92 -22.13 -37.52
C5' ANP H . 8.83 -21.78 -38.39
C4' ANP H . 9.33 -21.65 -39.81
O4' ANP H . 10.30 -22.70 -40.08
C3' ANP H . 8.26 -21.78 -40.88
O3' ANP H . 8.56 -20.96 -42.01
C2' ANP H . 8.33 -23.27 -41.25
O2' ANP H . 7.88 -23.49 -42.57
C1' ANP H . 9.83 -23.53 -41.12
N9 ANP H . 10.18 -24.91 -40.81
C8 ANP H . 11.01 -25.33 -39.81
N7 ANP H . 11.15 -26.63 -39.74
C5 ANP H . 10.35 -27.11 -40.77
C6 ANP H . 10.06 -28.41 -41.24
N6 ANP H . 10.57 -29.51 -40.69
N1 ANP H . 9.22 -28.53 -42.29
C2 ANP H . 8.71 -27.42 -42.83
N3 ANP H . 8.91 -26.15 -42.49
C4 ANP H . 9.74 -26.06 -41.44
PG ANP I . 25.30 3.66 30.23
O1G ANP I . 25.94 2.38 29.78
O2G ANP I . 23.73 3.52 30.12
O3G ANP I . 25.78 4.86 29.31
PB ANP I . 27.32 3.49 32.09
O1B ANP I . 27.37 2.04 32.38
O2B ANP I . 28.17 3.78 30.80
N3B ANP I . 25.73 3.97 31.83
PA ANP I . 27.61 5.84 33.36
O1A ANP I . 27.84 6.50 32.04
O2A ANP I . 26.20 6.01 33.93
O3A ANP I . 27.90 4.30 33.28
O5' ANP I . 28.70 6.39 34.35
C5' ANP I . 29.57 5.46 35.01
C4' ANP I . 29.14 5.31 36.44
O4' ANP I . 30.30 5.10 37.27
C3' ANP I . 28.41 6.52 37.02
O3' ANP I . 27.00 6.35 36.94
C2' ANP I . 28.90 6.57 38.46
O2' ANP I . 28.16 5.70 39.30
C1' ANP I . 30.34 6.06 38.30
N9 ANP I . 31.29 7.09 37.94
C8 ANP I . 32.08 7.12 36.81
N7 ANP I . 32.86 8.17 36.72
C5 ANP I . 32.57 8.88 37.89
C6 ANP I . 33.07 10.09 38.39
N6 ANP I . 34.00 10.84 37.78
N1 ANP I . 32.58 10.52 39.57
C2 ANP I . 31.66 9.78 40.20
N3 ANP I . 31.11 8.63 39.81
C4 ANP I . 31.62 8.23 38.63
PG ANP J . 25.63 16.94 1.61
O1G ANP J . 24.44 17.68 1.07
O2G ANP J . 26.30 16.14 0.43
O3G ANP J . 25.14 15.92 2.72
PB ANP J . 28.22 17.34 2.61
O1B ANP J . 28.36 16.08 1.82
O2B ANP J . 28.27 17.00 4.13
N3B ANP J . 26.73 18.05 2.26
PA ANP J . 30.66 17.72 1.49
O1A ANP J . 31.58 17.02 2.40
O2A ANP J . 30.08 16.77 0.44
O3A ANP J . 29.39 18.31 2.26
O5' ANP J . 31.43 18.91 0.76
C5' ANP J . 32.12 20.01 1.41
C4' ANP J . 33.54 19.62 1.74
O4' ANP J . 34.44 20.41 0.96
C3' ANP J . 33.92 19.85 3.21
O3' ANP J . 34.03 18.61 3.90
C2' ANP J . 35.27 20.60 3.16
O2' ANP J . 36.29 19.93 3.90
C1' ANP J . 35.63 20.64 1.67
N9 ANP J . 36.12 21.96 1.29
C8 ANP J . 35.81 23.14 1.89
N7 ANP J . 36.37 24.19 1.35
C5 ANP J . 37.10 23.66 0.30
C6 ANP J . 37.94 24.26 -0.66
N6 ANP J . 38.16 25.57 -0.73
N1 ANP J . 38.52 23.45 -1.57
C2 ANP J . 38.29 22.13 -1.50
N3 ANP J . 37.54 21.46 -0.64
C4 ANP J . 36.96 22.29 0.25
#